data_7BQR
#
_entry.id   7BQR
#
_entity_poly.entity_id   1
_entity_poly.type   'polypeptide(L)'
_entity_poly.pdbx_seq_one_letter_code
;GDEDKEKLKREAERALSEALSEFEKQGKITPETLKRLAEEIAEAALAQQQGDSERLEKAARRFAETLLRALKESGASAEE
IEEAIERIRKALSKAPSPQLQKLANSPQWQTALQEAIKKARQEKKEKGSLEHHHHHH
;
_entity_poly.pdbx_strand_id   A
#
# COMPACT_ATOMS: atom_id res chain seq x y z
N GLY A 1 -21.33 -9.22 16.01
CA GLY A 1 -21.20 -8.20 14.95
C GLY A 1 -20.11 -8.57 13.96
N ASP A 2 -20.48 -8.88 12.72
CA ASP A 2 -19.58 -9.30 11.63
C ASP A 2 -20.11 -8.88 10.25
N GLU A 3 -19.22 -8.83 9.24
CA GLU A 3 -19.53 -8.43 7.86
C GLU A 3 -18.65 -9.20 6.84
N ASP A 4 -19.13 -9.39 5.61
CA ASP A 4 -18.55 -10.23 4.56
C ASP A 4 -17.31 -9.61 3.85
N LYS A 5 -16.48 -8.87 4.60
CA LYS A 5 -15.27 -8.18 4.11
C LYS A 5 -14.23 -9.11 3.48
N GLU A 6 -14.32 -10.41 3.78
CA GLU A 6 -13.55 -11.49 3.14
C GLU A 6 -13.57 -11.41 1.60
N LYS A 7 -14.67 -10.94 0.99
CA LYS A 7 -14.81 -10.80 -0.47
C LYS A 7 -13.82 -9.81 -1.07
N LEU A 8 -13.52 -8.76 -0.31
CA LEU A 8 -12.58 -7.71 -0.70
C LEU A 8 -11.14 -8.11 -0.32
N LYS A 9 -10.96 -8.82 0.80
CA LYS A 9 -9.64 -9.33 1.24
C LYS A 9 -9.00 -10.25 0.19
N ARG A 10 -9.78 -11.21 -0.36
CA ARG A 10 -9.32 -12.15 -1.40
C ARG A 10 -9.01 -11.49 -2.76
N GLU A 11 -9.68 -10.38 -3.05
CA GLU A 11 -9.40 -9.54 -4.21
C GLU A 11 -8.15 -8.65 -3.99
N ALA A 12 -7.99 -8.10 -2.79
CA ALA A 12 -6.87 -7.23 -2.42
C ALA A 12 -5.54 -7.99 -2.29
N GLU A 13 -5.52 -9.22 -1.76
CA GLU A 13 -4.25 -9.96 -1.54
C GLU A 13 -3.47 -10.16 -2.85
N ARG A 14 -4.19 -10.25 -3.97
CA ARG A 14 -3.62 -10.30 -5.32
C ARG A 14 -3.02 -8.96 -5.74
N ALA A 15 -3.63 -7.85 -5.33
CA ALA A 15 -3.13 -6.50 -5.65
C ALA A 15 -1.68 -6.30 -5.22
N LEU A 16 -1.35 -6.68 -3.97
CA LEU A 16 0.01 -6.64 -3.45
C LEU A 16 0.93 -7.68 -4.09
N SER A 17 0.38 -8.87 -4.37
CA SER A 17 1.09 -10.00 -5.00
C SER A 17 1.62 -9.65 -6.38
N GLU A 18 0.82 -8.94 -7.19
CA GLU A 18 1.20 -8.45 -8.51
C GLU A 18 2.04 -7.15 -8.46
N ALA A 19 1.71 -6.23 -7.56
CA ALA A 19 2.47 -4.98 -7.38
C ALA A 19 3.91 -5.22 -6.90
N LEU A 20 4.06 -5.90 -5.78
CA LEU A 20 5.37 -6.18 -5.16
C LEU A 20 5.95 -7.53 -5.64
N SER A 21 5.48 -8.01 -6.79
CA SER A 21 5.94 -9.24 -7.45
C SER A 21 7.46 -9.33 -7.56
N GLU A 22 8.14 -8.24 -7.96
CA GLU A 22 9.60 -8.19 -8.03
C GLU A 22 10.28 -8.19 -6.65
N PHE A 23 9.65 -7.65 -5.61
CA PHE A 23 10.20 -7.62 -4.26
C PHE A 23 10.16 -9.03 -3.64
N GLU A 24 9.09 -9.79 -3.89
CA GLU A 24 9.00 -11.20 -3.51
C GLU A 24 9.97 -12.08 -4.32
N LYS A 25 10.10 -11.84 -5.64
CA LYS A 25 11.05 -12.52 -6.54
C LYS A 25 12.51 -12.33 -6.10
N GLN A 26 12.83 -11.14 -5.60
CA GLN A 26 14.13 -10.76 -5.04
C GLN A 26 14.36 -11.26 -3.60
N GLY A 27 13.32 -11.77 -2.93
CA GLY A 27 13.38 -12.17 -1.51
C GLY A 27 13.42 -10.99 -0.55
N LYS A 28 13.01 -9.78 -0.99
CA LYS A 28 12.80 -8.62 -0.12
C LYS A 28 11.57 -8.80 0.77
N ILE A 29 10.50 -9.38 0.21
CA ILE A 29 9.19 -9.48 0.87
C ILE A 29 8.61 -10.90 0.88
N THR A 30 7.65 -11.18 1.78
CA THR A 30 6.96 -12.47 1.92
C THR A 30 5.49 -12.41 1.45
N PRO A 31 4.91 -13.50 0.93
CA PRO A 31 3.50 -13.53 0.52
C PRO A 31 2.53 -13.35 1.70
N GLU A 32 2.92 -13.76 2.91
CA GLU A 32 2.13 -13.50 4.13
C GLU A 32 2.04 -11.99 4.41
N THR A 33 3.14 -11.25 4.25
CA THR A 33 3.15 -9.79 4.44
C THR A 33 2.39 -9.09 3.32
N LEU A 34 2.50 -9.55 2.07
CA LEU A 34 1.70 -9.03 0.96
C LEU A 34 0.19 -9.18 1.22
N LYS A 35 -0.24 -10.30 1.80
CA LYS A 35 -1.62 -10.50 2.27
C LYS A 35 -1.97 -9.57 3.45
N ARG A 36 -1.05 -9.35 4.40
CA ARG A 36 -1.26 -8.52 5.61
C ARG A 36 -1.49 -7.04 5.28
N LEU A 37 -0.81 -6.55 4.24
CA LEU A 37 -0.94 -5.23 3.67
C LEU A 37 -2.28 -5.07 2.93
N ALA A 38 -2.64 -6.05 2.11
CA ALA A 38 -3.91 -6.09 1.39
C ALA A 38 -5.15 -6.24 2.27
N GLU A 39 -5.06 -6.92 3.42
CA GLU A 39 -6.14 -6.92 4.42
C GLU A 39 -6.56 -5.51 4.88
N GLU A 40 -5.64 -4.53 4.91
CA GLU A 40 -5.98 -3.11 5.17
C GLU A 40 -6.62 -2.42 3.95
N ILE A 41 -6.26 -2.82 2.74
CA ILE A 41 -6.89 -2.36 1.48
C ILE A 41 -8.35 -2.80 1.39
N ALA A 42 -8.66 -4.02 1.83
CA ALA A 42 -10.01 -4.57 1.82
C ALA A 42 -10.99 -3.66 2.57
N GLU A 43 -10.59 -3.23 3.77
CA GLU A 43 -11.32 -2.24 4.59
C GLU A 43 -11.50 -0.90 3.87
N ALA A 44 -10.45 -0.39 3.22
CA ALA A 44 -10.45 0.90 2.53
C ALA A 44 -11.34 0.90 1.27
N ALA A 45 -11.35 -0.21 0.53
CA ALA A 45 -12.16 -0.38 -0.67
C ALA A 45 -13.64 -0.60 -0.34
N LEU A 46 -13.96 -1.40 0.69
CA LEU A 46 -15.32 -1.51 1.24
C LEU A 46 -15.83 -0.13 1.74
N ALA A 47 -14.97 0.67 2.37
CA ALA A 47 -15.30 2.02 2.80
C ALA A 47 -15.66 2.96 1.63
N GLN A 48 -15.08 2.76 0.44
CA GLN A 48 -15.40 3.55 -0.75
C GLN A 48 -16.85 3.35 -1.22
N GLN A 49 -17.37 2.11 -1.22
CA GLN A 49 -18.79 1.88 -1.56
C GLN A 49 -19.75 2.33 -0.45
N GLN A 50 -19.28 2.37 0.79
CA GLN A 50 -20.01 2.96 1.93
C GLN A 50 -19.90 4.50 2.02
N GLY A 51 -18.98 5.13 1.26
CA GLY A 51 -18.74 6.57 1.27
C GLY A 51 -18.09 7.10 2.57
N ASP A 52 -17.37 6.25 3.33
CA ASP A 52 -16.80 6.58 4.63
C ASP A 52 -15.37 7.15 4.48
N SER A 53 -15.25 8.46 4.25
CA SER A 53 -13.95 9.13 4.01
C SER A 53 -12.94 8.96 5.15
N GLU A 54 -13.39 8.91 6.40
CA GLU A 54 -12.50 8.78 7.57
C GLU A 54 -11.78 7.43 7.59
N ARG A 55 -12.45 6.37 7.12
CA ARG A 55 -11.87 5.03 6.99
C ARG A 55 -10.75 4.98 5.96
N LEU A 56 -10.91 5.68 4.83
CA LEU A 56 -9.93 5.69 3.74
C LEU A 56 -8.60 6.22 4.25
N GLU A 57 -8.62 7.31 5.02
CA GLU A 57 -7.42 7.94 5.55
C GLU A 57 -6.71 7.04 6.57
N LYS A 58 -7.47 6.51 7.54
CA LYS A 58 -6.94 5.67 8.62
C LYS A 58 -6.39 4.34 8.10
N ALA A 59 -7.14 3.64 7.23
CA ALA A 59 -6.72 2.35 6.67
C ALA A 59 -5.53 2.50 5.71
N ALA A 60 -5.51 3.55 4.87
CA ALA A 60 -4.39 3.83 3.97
C ALA A 60 -3.10 4.18 4.74
N ARG A 61 -3.22 4.97 5.82
CA ARG A 61 -2.09 5.30 6.70
C ARG A 61 -1.55 4.06 7.39
N ARG A 62 -2.42 3.21 7.96
CA ARG A 62 -2.03 1.96 8.64
C ARG A 62 -1.32 1.00 7.67
N PHE A 63 -1.84 0.86 6.45
CA PHE A 63 -1.21 0.11 5.36
C PHE A 63 0.18 0.64 5.02
N ALA A 64 0.30 1.95 4.78
CA ALA A 64 1.55 2.56 4.34
C ALA A 64 2.62 2.56 5.44
N GLU A 65 2.21 2.66 6.72
CA GLU A 65 3.09 2.50 7.88
C GLU A 65 3.65 1.06 7.97
N THR A 66 2.79 0.05 7.85
CA THR A 66 3.20 -1.37 7.85
C THR A 66 4.11 -1.71 6.67
N LEU A 67 3.76 -1.24 5.48
CA LEU A 67 4.49 -1.52 4.24
C LEU A 67 5.95 -1.04 4.33
N LEU A 68 6.15 0.18 4.82
CA LEU A 68 7.46 0.75 5.10
C LEU A 68 8.34 -0.16 5.96
N ARG A 69 7.80 -0.82 7.00
CA ARG A 69 8.57 -1.80 7.79
C ARG A 69 8.96 -2.98 6.92
N ALA A 70 8.03 -3.58 6.18
CA ALA A 70 8.29 -4.79 5.39
C ALA A 70 9.39 -4.57 4.35
N LEU A 71 9.43 -3.38 3.75
CA LEU A 71 10.46 -2.98 2.80
C LEU A 71 11.80 -2.68 3.51
N LYS A 72 11.78 -1.92 4.60
CA LYS A 72 12.99 -1.49 5.33
C LYS A 72 13.71 -2.66 6.01
N GLU A 73 12.94 -3.67 6.44
CA GLU A 73 13.44 -4.98 6.93
C GLU A 73 14.38 -5.66 5.91
N SER A 74 14.12 -5.45 4.61
CA SER A 74 14.95 -5.98 3.52
C SER A 74 16.18 -5.12 3.18
N GLY A 75 16.35 -3.99 3.87
CA GLY A 75 17.38 -2.98 3.59
C GLY A 75 17.00 -1.99 2.48
N ALA A 76 15.71 -1.78 2.21
CA ALA A 76 15.25 -0.82 1.22
C ALA A 76 15.56 0.66 1.60
N SER A 77 15.76 1.49 0.59
CA SER A 77 15.95 2.95 0.68
C SER A 77 14.72 3.70 0.13
N ALA A 78 14.67 5.02 0.27
CA ALA A 78 13.55 5.85 -0.20
C ALA A 78 13.17 5.59 -1.68
N GLU A 79 14.17 5.33 -2.53
CA GLU A 79 14.05 4.95 -3.94
C GLU A 79 13.31 3.62 -4.20
N GLU A 80 13.45 2.64 -3.30
CA GLU A 80 12.74 1.36 -3.35
C GLU A 80 11.35 1.47 -2.73
N ILE A 81 11.19 2.21 -1.62
CA ILE A 81 9.89 2.49 -1.01
C ILE A 81 8.98 3.21 -2.02
N GLU A 82 9.46 4.29 -2.64
CA GLU A 82 8.66 5.11 -3.56
C GLU A 82 8.27 4.36 -4.85
N GLU A 83 9.08 3.38 -5.28
CA GLU A 83 8.72 2.44 -6.35
C GLU A 83 7.68 1.41 -5.89
N ALA A 84 7.75 0.91 -4.65
CA ALA A 84 6.89 -0.16 -4.15
C ALA A 84 5.44 0.31 -4.03
N ILE A 85 5.18 1.44 -3.37
CA ILE A 85 3.81 1.95 -3.15
C ILE A 85 3.13 2.27 -4.49
N GLU A 86 3.91 2.80 -5.44
CA GLU A 86 3.47 3.10 -6.80
C GLU A 86 2.90 1.88 -7.54
N ARG A 87 3.44 0.67 -7.26
CA ARG A 87 2.96 -0.58 -7.84
C ARG A 87 1.56 -0.94 -7.32
N ILE A 88 1.28 -0.72 -6.03
CA ILE A 88 -0.09 -0.89 -5.48
C ILE A 88 -1.04 0.09 -6.18
N ARG A 89 -0.62 1.33 -6.46
CA ARG A 89 -1.46 2.30 -7.18
C ARG A 89 -1.89 1.75 -8.56
N LYS A 90 -0.98 1.07 -9.30
CA LYS A 90 -1.30 0.45 -10.60
C LYS A 90 -2.20 -0.76 -10.41
N ALA A 91 -1.87 -1.63 -9.44
CA ALA A 91 -2.62 -2.87 -9.18
C ALA A 91 -4.05 -2.61 -8.73
N LEU A 92 -4.28 -1.55 -7.95
CA LEU A 92 -5.60 -1.10 -7.55
C LEU A 92 -6.35 -0.47 -8.74
N SER A 93 -5.67 0.37 -9.55
CA SER A 93 -6.26 1.03 -10.73
C SER A 93 -6.63 0.04 -11.85
N LYS A 94 -5.91 -1.09 -11.90
CA LYS A 94 -6.11 -2.21 -12.84
C LYS A 94 -6.84 -3.41 -12.19
N ALA A 95 -7.36 -3.25 -10.96
CA ALA A 95 -7.91 -4.35 -10.18
C ALA A 95 -9.17 -5.00 -10.80
N PRO A 96 -9.48 -6.26 -10.45
CA PRO A 96 -10.73 -6.93 -10.87
C PRO A 96 -12.00 -6.31 -10.26
N SER A 97 -11.89 -5.70 -9.08
CA SER A 97 -13.00 -5.08 -8.33
C SER A 97 -13.16 -3.59 -8.65
N PRO A 98 -14.40 -3.08 -8.79
CA PRO A 98 -14.68 -1.65 -8.90
C PRO A 98 -14.41 -0.90 -7.58
N GLN A 99 -14.54 -1.54 -6.42
CA GLN A 99 -14.17 -0.93 -5.14
C GLN A 99 -12.66 -0.65 -5.05
N LEU A 100 -11.84 -1.57 -5.58
CA LEU A 100 -10.38 -1.43 -5.63
C LEU A 100 -9.94 -0.40 -6.68
N GLN A 101 -10.66 -0.30 -7.81
CA GLN A 101 -10.44 0.76 -8.81
C GLN A 101 -10.77 2.15 -8.25
N LYS A 102 -11.88 2.30 -7.50
CA LYS A 102 -12.23 3.55 -6.81
C LYS A 102 -11.24 3.92 -5.70
N LEU A 103 -10.69 2.92 -5.00
CA LEU A 103 -9.65 3.12 -3.98
C LEU A 103 -8.37 3.73 -4.58
N ALA A 104 -7.88 3.21 -5.71
CA ALA A 104 -6.69 3.75 -6.39
C ALA A 104 -6.86 5.23 -6.80
N ASN A 105 -8.10 5.64 -7.08
CA ASN A 105 -8.48 7.00 -7.48
C ASN A 105 -8.89 7.89 -6.28
N SER A 106 -8.88 7.37 -5.04
CA SER A 106 -9.41 8.07 -3.87
C SER A 106 -8.37 9.03 -3.27
N PRO A 107 -8.67 10.32 -3.08
CA PRO A 107 -7.73 11.29 -2.51
C PRO A 107 -7.42 10.99 -1.04
N GLN A 108 -8.38 10.49 -0.26
CA GLN A 108 -8.17 10.20 1.16
C GLN A 108 -7.15 9.06 1.36
N TRP A 109 -7.22 8.04 0.49
CA TRP A 109 -6.22 6.97 0.43
C TRP A 109 -4.89 7.48 -0.15
N GLN A 110 -4.91 8.15 -1.31
CA GLN A 110 -3.69 8.60 -2.00
C GLN A 110 -2.88 9.62 -1.20
N THR A 111 -3.51 10.47 -0.40
CA THR A 111 -2.83 11.44 0.49
C THR A 111 -2.01 10.73 1.57
N ALA A 112 -2.56 9.68 2.19
CA ALA A 112 -1.87 8.89 3.22
C ALA A 112 -0.58 8.24 2.69
N LEU A 113 -0.56 7.89 1.39
CA LEU A 113 0.62 7.34 0.73
C LEU A 113 1.76 8.36 0.66
N GLN A 114 1.48 9.64 0.43
CA GLN A 114 2.51 10.68 0.36
C GLN A 114 3.30 10.78 1.67
N GLU A 115 2.62 10.58 2.81
CA GLU A 115 3.23 10.62 4.14
C GLU A 115 4.26 9.50 4.34
N ALA A 116 4.07 8.38 3.64
CA ALA A 116 4.97 7.24 3.70
C ALA A 116 6.20 7.41 2.78
N ILE A 117 6.03 7.94 1.57
CA ILE A 117 7.17 8.27 0.70
C ILE A 117 8.04 9.36 1.34
N LYS A 118 7.44 10.44 1.86
CA LYS A 118 8.20 11.51 2.51
C LYS A 118 8.87 11.04 3.81
N LYS A 119 8.26 10.14 4.58
CA LYS A 119 8.90 9.47 5.73
C LYS A 119 10.17 8.72 5.32
N ALA A 120 10.10 7.90 4.26
CA ALA A 120 11.25 7.16 3.76
C ALA A 120 12.33 8.10 3.21
N ARG A 121 11.97 9.20 2.53
CA ARG A 121 12.91 10.23 2.06
C ARG A 121 13.59 11.01 3.19
N GLN A 122 12.93 11.20 4.34
CA GLN A 122 13.56 11.80 5.54
C GLN A 122 14.65 10.90 6.16
N GLU A 123 14.48 9.56 6.11
CA GLU A 123 15.51 8.61 6.54
C GLU A 123 16.57 8.35 5.44
N LYS A 124 16.15 8.41 4.16
CA LYS A 124 16.89 8.19 2.91
C LYS A 124 17.47 6.78 2.73
N LYS A 125 18.35 6.34 3.64
CA LYS A 125 19.20 5.13 3.55
C LYS A 125 19.01 4.19 4.74
N GLU A 126 19.18 2.89 4.53
CA GLU A 126 19.09 1.86 5.58
C GLU A 126 20.22 1.93 6.64
N LYS A 127 19.96 1.40 7.84
CA LYS A 127 20.97 1.28 8.92
C LYS A 127 21.98 0.15 8.65
N GLY A 128 21.53 -0.92 7.99
CA GLY A 128 22.35 -2.05 7.52
C GLY A 128 21.49 -3.24 7.09
N SER A 129 20.56 -3.65 7.94
CA SER A 129 19.49 -4.64 7.69
C SER A 129 19.97 -6.01 7.17
N LEU A 130 21.17 -6.44 7.54
CA LEU A 130 21.71 -7.78 7.24
C LEU A 130 21.29 -8.81 8.31
N GLU A 131 21.35 -10.10 7.95
CA GLU A 131 21.03 -11.23 8.83
C GLU A 131 22.13 -12.30 8.77
N HIS A 132 22.35 -13.00 9.90
CA HIS A 132 23.46 -13.94 10.11
C HIS A 132 23.00 -15.33 10.61
N HIS A 133 21.71 -15.65 10.44
CA HIS A 133 21.06 -16.90 10.87
C HIS A 133 20.03 -17.39 9.85
N HIS A 134 19.78 -18.70 9.78
CA HIS A 134 18.88 -19.34 8.81
C HIS A 134 17.40 -19.01 9.06
N HIS A 135 16.97 -18.95 10.33
CA HIS A 135 15.58 -18.71 10.76
C HIS A 135 14.57 -19.65 10.06
N HIS A 136 14.87 -20.95 10.04
CA HIS A 136 14.16 -21.97 9.25
C HIS A 136 12.69 -22.21 9.67
N HIS A 137 12.33 -21.83 10.90
CA HIS A 137 10.97 -21.97 11.48
C HIS A 137 10.15 -20.67 11.28
N GLY A 1 -27.40 -8.29 -0.52
CA GLY A 1 -26.25 -7.48 -0.98
C GLY A 1 -24.93 -8.10 -0.54
N ASP A 2 -23.84 -7.77 -1.23
CA ASP A 2 -22.46 -8.22 -0.95
C ASP A 2 -21.81 -7.44 0.20
N GLU A 3 -22.40 -7.55 1.39
CA GLU A 3 -22.01 -6.81 2.61
C GLU A 3 -20.86 -7.48 3.41
N ASP A 4 -20.43 -8.68 3.03
CA ASP A 4 -19.28 -9.36 3.64
C ASP A 4 -17.92 -8.71 3.26
N LYS A 5 -16.89 -8.99 4.06
CA LYS A 5 -15.53 -8.43 3.88
C LYS A 5 -14.61 -9.33 3.05
N GLU A 6 -14.77 -10.66 3.13
CA GLU A 6 -13.90 -11.65 2.49
C GLU A 6 -13.83 -11.46 0.97
N LYS A 7 -14.96 -11.09 0.33
CA LYS A 7 -15.07 -10.82 -1.11
C LYS A 7 -14.09 -9.78 -1.63
N LEU A 8 -13.75 -8.79 -0.81
CA LEU A 8 -12.70 -7.81 -1.10
C LEU A 8 -11.32 -8.26 -0.60
N LYS A 9 -11.27 -8.89 0.58
CA LYS A 9 -10.03 -9.37 1.22
C LYS A 9 -9.18 -10.26 0.29
N ARG A 10 -9.85 -11.21 -0.38
CA ARG A 10 -9.27 -12.16 -1.35
C ARG A 10 -8.90 -11.55 -2.70
N GLU A 11 -9.56 -10.45 -3.07
CA GLU A 11 -9.21 -9.65 -4.26
C GLU A 11 -8.01 -8.73 -4.00
N ALA A 12 -7.88 -8.20 -2.77
CA ALA A 12 -6.76 -7.37 -2.37
C ALA A 12 -5.46 -8.16 -2.18
N GLU A 13 -5.47 -9.38 -1.61
CA GLU A 13 -4.23 -10.14 -1.38
C GLU A 13 -3.42 -10.38 -2.67
N ARG A 14 -4.12 -10.46 -3.81
CA ARG A 14 -3.55 -10.51 -5.16
C ARG A 14 -2.93 -9.19 -5.59
N ALA A 15 -3.54 -8.07 -5.20
CA ALA A 15 -3.10 -6.72 -5.57
C ALA A 15 -1.65 -6.46 -5.14
N LEU A 16 -1.30 -6.79 -3.90
CA LEU A 16 0.07 -6.71 -3.40
C LEU A 16 1.00 -7.74 -4.04
N SER A 17 0.49 -8.95 -4.30
CA SER A 17 1.24 -10.05 -4.92
C SER A 17 1.75 -9.70 -6.32
N GLU A 18 0.92 -9.02 -7.12
CA GLU A 18 1.27 -8.52 -8.46
C GLU A 18 2.06 -7.19 -8.45
N ALA A 19 1.70 -6.25 -7.58
CA ALA A 19 2.42 -4.98 -7.40
C ALA A 19 3.88 -5.20 -6.96
N LEU A 20 4.06 -5.90 -5.85
CA LEU A 20 5.36 -6.14 -5.21
C LEU A 20 6.00 -7.46 -5.67
N SER A 21 5.56 -7.98 -6.83
CA SER A 21 6.06 -9.22 -7.44
C SER A 21 7.59 -9.26 -7.54
N GLU A 22 8.22 -8.16 -7.98
CA GLU A 22 9.68 -8.03 -8.06
C GLU A 22 10.36 -8.09 -6.69
N PHE A 23 9.75 -7.48 -5.67
CA PHE A 23 10.30 -7.43 -4.33
C PHE A 23 10.28 -8.83 -3.69
N GLU A 24 9.21 -9.59 -3.92
CA GLU A 24 9.12 -10.99 -3.49
C GLU A 24 10.08 -11.91 -4.27
N LYS A 25 10.21 -11.72 -5.58
CA LYS A 25 11.18 -12.44 -6.44
C LYS A 25 12.62 -12.27 -5.96
N GLN A 26 12.96 -11.07 -5.54
CA GLN A 26 14.26 -10.69 -4.97
C GLN A 26 14.43 -11.08 -3.49
N GLY A 27 13.36 -11.50 -2.80
CA GLY A 27 13.38 -11.78 -1.36
C GLY A 27 13.45 -10.51 -0.47
N LYS A 28 13.10 -9.35 -1.05
CA LYS A 28 12.92 -8.09 -0.30
C LYS A 28 11.61 -8.07 0.47
N ILE A 29 10.62 -8.84 0.02
CA ILE A 29 9.34 -9.01 0.73
C ILE A 29 8.84 -10.46 0.77
N THR A 30 7.88 -10.77 1.63
CA THR A 30 7.30 -12.12 1.84
C THR A 30 5.80 -12.19 1.51
N PRO A 31 5.27 -13.33 1.02
CA PRO A 31 3.86 -13.44 0.61
C PRO A 31 2.88 -13.30 1.78
N GLU A 32 3.25 -13.73 2.98
CA GLU A 32 2.47 -13.53 4.21
C GLU A 32 2.38 -12.05 4.59
N THR A 33 3.42 -11.26 4.33
CA THR A 33 3.38 -9.80 4.52
C THR A 33 2.56 -9.12 3.42
N LEU A 34 2.71 -9.53 2.16
CA LEU A 34 1.88 -9.01 1.06
C LEU A 34 0.37 -9.21 1.32
N LYS A 35 0.00 -10.33 1.94
CA LYS A 35 -1.36 -10.56 2.44
C LYS A 35 -1.73 -9.57 3.55
N ARG A 36 -0.87 -9.39 4.57
CA ARG A 36 -1.10 -8.45 5.69
C ARG A 36 -1.35 -7.01 5.26
N LEU A 37 -0.61 -6.54 4.25
CA LEU A 37 -0.75 -5.21 3.64
C LEU A 37 -2.10 -5.08 2.91
N ALA A 38 -2.48 -6.08 2.12
CA ALA A 38 -3.74 -6.14 1.40
C ALA A 38 -4.98 -6.34 2.31
N GLU A 39 -4.83 -7.01 3.45
CA GLU A 39 -5.92 -7.16 4.44
C GLU A 39 -6.54 -5.81 4.86
N GLU A 40 -5.73 -4.75 4.90
CA GLU A 40 -6.17 -3.37 5.19
C GLU A 40 -6.69 -2.61 3.95
N ILE A 41 -6.31 -3.02 2.74
CA ILE A 41 -6.85 -2.46 1.48
C ILE A 41 -8.34 -2.80 1.32
N ALA A 42 -8.74 -4.03 1.65
CA ALA A 42 -10.14 -4.44 1.58
C ALA A 42 -11.04 -3.58 2.48
N GLU A 43 -10.54 -3.19 3.67
CA GLU A 43 -11.23 -2.24 4.56
C GLU A 43 -11.42 -0.86 3.90
N ALA A 44 -10.38 -0.33 3.25
CA ALA A 44 -10.41 0.97 2.58
C ALA A 44 -11.31 0.96 1.32
N ALA A 45 -11.32 -0.16 0.60
CA ALA A 45 -12.15 -0.35 -0.58
C ALA A 45 -13.64 -0.56 -0.22
N LEU A 46 -13.95 -1.25 0.88
CA LEU A 46 -15.33 -1.37 1.40
C LEU A 46 -15.86 0.00 1.87
N ALA A 47 -14.99 0.85 2.42
CA ALA A 47 -15.31 2.24 2.77
C ALA A 47 -15.68 3.09 1.55
N GLN A 48 -15.13 2.83 0.36
CA GLN A 48 -15.46 3.58 -0.85
C GLN A 48 -16.89 3.35 -1.34
N GLN A 49 -17.41 2.11 -1.27
CA GLN A 49 -18.82 1.85 -1.64
C GLN A 49 -19.83 2.42 -0.62
N GLN A 50 -19.40 2.57 0.64
CA GLN A 50 -20.19 3.21 1.71
C GLN A 50 -19.97 4.74 1.81
N GLY A 51 -18.96 5.30 1.13
CA GLY A 51 -18.64 6.74 1.10
C GLY A 51 -18.04 7.29 2.40
N ASP A 52 -17.32 6.47 3.18
CA ASP A 52 -16.81 6.83 4.51
C ASP A 52 -15.36 7.36 4.43
N SER A 53 -15.19 8.67 4.26
CA SER A 53 -13.88 9.32 4.04
C SER A 53 -12.87 9.09 5.16
N GLU A 54 -13.30 9.07 6.43
CA GLU A 54 -12.41 8.92 7.59
C GLU A 54 -11.71 7.55 7.61
N ARG A 55 -12.41 6.51 7.12
CA ARG A 55 -11.88 5.15 7.04
C ARG A 55 -10.73 5.01 6.05
N LEU A 56 -10.84 5.68 4.91
CA LEU A 56 -9.81 5.68 3.86
C LEU A 56 -8.49 6.18 4.41
N GLU A 57 -8.53 7.30 5.13
CA GLU A 57 -7.32 7.96 5.65
C GLU A 57 -6.63 7.09 6.70
N LYS A 58 -7.42 6.50 7.62
CA LYS A 58 -6.92 5.62 8.68
C LYS A 58 -6.31 4.33 8.11
N ALA A 59 -7.02 3.64 7.22
CA ALA A 59 -6.59 2.37 6.65
C ALA A 59 -5.41 2.52 5.68
N ALA A 60 -5.41 3.56 4.84
CA ALA A 60 -4.32 3.85 3.90
C ALA A 60 -3.02 4.21 4.62
N ARG A 61 -3.11 5.01 5.70
CA ARG A 61 -1.99 5.30 6.61
C ARG A 61 -1.45 4.01 7.21
N ARG A 62 -2.29 3.18 7.82
CA ARG A 62 -1.83 1.97 8.51
C ARG A 62 -1.16 0.99 7.54
N PHE A 63 -1.65 0.94 6.31
CA PHE A 63 -1.13 0.11 5.21
C PHE A 63 0.25 0.58 4.80
N ALA A 64 0.38 1.88 4.48
CA ALA A 64 1.64 2.44 4.00
C ALA A 64 2.71 2.43 5.11
N GLU A 65 2.29 2.59 6.37
CA GLU A 65 3.20 2.58 7.52
C GLU A 65 3.74 1.17 7.83
N THR A 66 2.94 0.11 7.68
CA THR A 66 3.43 -1.27 7.81
C THR A 66 4.23 -1.72 6.58
N LEU A 67 3.85 -1.27 5.38
CA LEU A 67 4.55 -1.59 4.16
C LEU A 67 6.01 -1.08 4.21
N LEU A 68 6.18 0.17 4.68
CA LEU A 68 7.48 0.76 4.98
C LEU A 68 8.37 -0.15 5.84
N ARG A 69 7.82 -0.78 6.90
CA ARG A 69 8.59 -1.70 7.75
C ARG A 69 9.09 -2.90 6.95
N ALA A 70 8.20 -3.52 6.17
CA ALA A 70 8.51 -4.72 5.38
C ALA A 70 9.62 -4.47 4.35
N LEU A 71 9.62 -3.29 3.74
CA LEU A 71 10.65 -2.87 2.81
C LEU A 71 11.97 -2.54 3.52
N LYS A 72 11.93 -1.78 4.62
CA LYS A 72 13.12 -1.36 5.38
C LYS A 72 13.83 -2.57 6.03
N GLU A 73 13.11 -3.62 6.41
CA GLU A 73 13.68 -4.91 6.86
C GLU A 73 14.65 -5.51 5.83
N SER A 74 14.41 -5.26 4.54
CA SER A 74 15.27 -5.70 3.44
C SER A 74 16.42 -4.73 3.09
N GLY A 75 16.58 -3.65 3.86
CA GLY A 75 17.53 -2.58 3.60
C GLY A 75 17.11 -1.60 2.51
N ALA A 76 15.81 -1.50 2.20
CA ALA A 76 15.30 -0.59 1.16
C ALA A 76 15.54 0.90 1.51
N SER A 77 15.71 1.71 0.46
CA SER A 77 15.84 3.17 0.54
C SER A 77 14.58 3.86 0.01
N ALA A 78 14.49 5.19 0.14
CA ALA A 78 13.37 5.99 -0.36
C ALA A 78 13.07 5.74 -1.85
N GLU A 79 14.07 5.39 -2.66
CA GLU A 79 13.87 5.03 -4.08
C GLU A 79 13.11 3.71 -4.30
N GLU A 80 13.33 2.71 -3.45
CA GLU A 80 12.62 1.43 -3.46
C GLU A 80 11.22 1.58 -2.83
N ILE A 81 11.11 2.33 -1.74
CA ILE A 81 9.81 2.61 -1.10
C ILE A 81 8.90 3.35 -2.08
N GLU A 82 9.38 4.43 -2.70
CA GLU A 82 8.60 5.26 -3.62
C GLU A 82 8.18 4.47 -4.88
N GLU A 83 9.00 3.52 -5.34
CA GLU A 83 8.59 2.56 -6.35
C GLU A 83 7.50 1.61 -5.84
N ALA A 84 7.69 0.96 -4.68
CA ALA A 84 6.83 -0.11 -4.18
C ALA A 84 5.38 0.35 -4.02
N ILE A 85 5.16 1.49 -3.35
CA ILE A 85 3.80 1.97 -3.08
C ILE A 85 3.03 2.25 -4.39
N GLU A 86 3.74 2.75 -5.39
CA GLU A 86 3.19 3.09 -6.71
C GLU A 86 2.66 1.84 -7.44
N ARG A 87 3.28 0.67 -7.22
CA ARG A 87 2.84 -0.62 -7.78
C ARG A 87 1.47 -1.02 -7.24
N ILE A 88 1.20 -0.84 -5.95
CA ILE A 88 -0.13 -1.06 -5.36
C ILE A 88 -1.14 -0.09 -6.00
N ARG A 89 -0.76 1.17 -6.21
CA ARG A 89 -1.61 2.17 -6.86
C ARG A 89 -2.05 1.71 -8.26
N LYS A 90 -1.17 1.08 -9.04
CA LYS A 90 -1.51 0.51 -10.35
C LYS A 90 -2.36 -0.75 -10.23
N ALA A 91 -2.01 -1.65 -9.32
CA ALA A 91 -2.76 -2.88 -9.08
C ALA A 91 -4.22 -2.61 -8.65
N LEU A 92 -4.44 -1.56 -7.86
CA LEU A 92 -5.77 -1.11 -7.48
C LEU A 92 -6.48 -0.43 -8.67
N SER A 93 -5.77 0.44 -9.42
CA SER A 93 -6.32 1.16 -10.58
C SER A 93 -6.72 0.22 -11.73
N LYS A 94 -6.07 -0.94 -11.81
CA LYS A 94 -6.30 -2.02 -12.77
C LYS A 94 -7.01 -3.24 -12.15
N ALA A 95 -7.51 -3.11 -10.92
CA ALA A 95 -8.07 -4.24 -10.17
C ALA A 95 -9.30 -4.87 -10.84
N PRO A 96 -9.56 -6.18 -10.62
CA PRO A 96 -10.82 -6.82 -11.03
C PRO A 96 -12.04 -6.32 -10.21
N SER A 97 -11.82 -5.87 -8.97
CA SER A 97 -12.83 -5.25 -8.12
C SER A 97 -13.08 -3.78 -8.51
N PRO A 98 -14.34 -3.32 -8.57
CA PRO A 98 -14.68 -1.91 -8.72
C PRO A 98 -14.40 -1.09 -7.45
N GLN A 99 -14.54 -1.69 -6.26
CA GLN A 99 -14.21 -1.00 -4.99
C GLN A 99 -12.71 -0.67 -4.91
N LEU A 100 -11.84 -1.57 -5.40
CA LEU A 100 -10.38 -1.32 -5.45
C LEU A 100 -10.01 -0.30 -6.55
N GLN A 101 -10.74 -0.27 -7.67
CA GLN A 101 -10.57 0.79 -8.68
C GLN A 101 -10.93 2.18 -8.13
N LYS A 102 -12.03 2.31 -7.37
CA LYS A 102 -12.38 3.55 -6.66
C LYS A 102 -11.36 3.91 -5.58
N LEU A 103 -10.73 2.93 -4.93
CA LEU A 103 -9.68 3.15 -3.94
C LEU A 103 -8.40 3.75 -4.55
N ALA A 104 -7.90 3.23 -5.68
CA ALA A 104 -6.77 3.88 -6.39
C ALA A 104 -7.12 5.31 -6.84
N ASN A 105 -8.38 5.58 -7.17
CA ASN A 105 -8.90 6.91 -7.53
C ASN A 105 -9.26 7.78 -6.31
N SER A 106 -9.01 7.35 -5.07
CA SER A 106 -9.41 8.08 -3.86
C SER A 106 -8.31 9.06 -3.43
N PRO A 107 -8.62 10.35 -3.19
CA PRO A 107 -7.67 11.30 -2.60
C PRO A 107 -7.35 10.96 -1.15
N GLN A 108 -8.33 10.47 -0.38
CA GLN A 108 -8.13 10.16 1.03
C GLN A 108 -7.08 9.06 1.23
N TRP A 109 -7.15 8.04 0.38
CA TRP A 109 -6.14 6.97 0.29
C TRP A 109 -4.81 7.50 -0.29
N GLN A 110 -4.83 8.16 -1.46
CA GLN A 110 -3.61 8.62 -2.13
C GLN A 110 -2.81 9.65 -1.30
N THR A 111 -3.47 10.47 -0.48
CA THR A 111 -2.82 11.41 0.44
C THR A 111 -1.99 10.69 1.50
N ALA A 112 -2.54 9.65 2.14
CA ALA A 112 -1.84 8.86 3.16
C ALA A 112 -0.55 8.22 2.63
N LEU A 113 -0.54 7.86 1.34
CA LEU A 113 0.65 7.31 0.67
C LEU A 113 1.79 8.33 0.65
N GLN A 114 1.50 9.63 0.40
CA GLN A 114 2.54 10.67 0.37
C GLN A 114 3.32 10.75 1.69
N GLU A 115 2.61 10.54 2.82
CA GLU A 115 3.16 10.58 4.16
C GLU A 115 4.17 9.46 4.41
N ALA A 116 4.00 8.33 3.71
CA ALA A 116 4.92 7.20 3.76
C ALA A 116 6.16 7.42 2.89
N ILE A 117 6.01 7.98 1.67
CA ILE A 117 7.16 8.30 0.80
C ILE A 117 8.03 9.39 1.45
N LYS A 118 7.43 10.46 1.98
CA LYS A 118 8.18 11.54 2.64
C LYS A 118 8.87 11.08 3.94
N LYS A 119 8.28 10.10 4.67
CA LYS A 119 8.93 9.44 5.81
C LYS A 119 10.19 8.67 5.41
N ALA A 120 10.16 7.90 4.32
CA ALA A 120 11.35 7.21 3.84
C ALA A 120 12.43 8.20 3.34
N ARG A 121 12.03 9.26 2.62
CA ARG A 121 12.92 10.34 2.17
C ARG A 121 13.56 11.12 3.32
N GLN A 122 12.88 11.27 4.46
CA GLN A 122 13.42 11.90 5.68
C GLN A 122 14.63 11.10 6.23
N GLU A 123 14.54 9.77 6.25
CA GLU A 123 15.61 8.90 6.78
C GLU A 123 16.74 8.67 5.76
N LYS A 124 16.42 8.57 4.46
CA LYS A 124 17.38 8.44 3.35
C LYS A 124 17.00 9.36 2.18
N LYS A 125 17.62 10.53 2.10
CA LYS A 125 17.41 11.54 1.03
C LYS A 125 18.19 11.15 -0.23
N GLU A 126 17.67 10.16 -0.95
CA GLU A 126 18.30 9.52 -2.12
C GLU A 126 17.50 9.70 -3.42
N LYS A 127 18.15 9.37 -4.55
CA LYS A 127 17.68 9.55 -5.95
C LYS A 127 17.41 11.01 -6.35
N GLY A 128 16.34 11.62 -5.82
CA GLY A 128 15.89 12.97 -6.18
C GLY A 128 15.58 13.15 -7.69
N SER A 129 15.76 14.38 -8.19
CA SER A 129 15.65 14.76 -9.61
C SER A 129 14.34 14.34 -10.31
N LEU A 130 13.23 14.30 -9.57
CA LEU A 130 11.91 13.82 -10.02
C LEU A 130 10.73 14.67 -9.50
N GLU A 131 11.01 15.64 -8.64
CA GLU A 131 10.04 16.45 -7.89
C GLU A 131 9.35 17.53 -8.76
N HIS A 132 8.11 17.88 -8.40
CA HIS A 132 7.29 18.92 -9.05
C HIS A 132 7.15 18.72 -10.58
N HIS A 133 7.15 19.80 -11.37
CA HIS A 133 6.87 19.84 -12.81
C HIS A 133 5.56 19.12 -13.20
N HIS A 134 4.43 19.60 -12.66
CA HIS A 134 3.08 19.20 -13.08
C HIS A 134 2.78 19.62 -14.54
N HIS A 135 3.39 20.73 -14.98
CA HIS A 135 3.12 21.45 -16.23
C HIS A 135 1.69 22.05 -16.30
N HIS A 136 1.45 22.94 -17.26
CA HIS A 136 0.18 23.69 -17.40
C HIS A 136 -0.22 23.90 -18.86
N HIS A 137 -1.54 23.93 -19.12
CA HIS A 137 -2.19 24.11 -20.42
C HIS A 137 -1.61 23.20 -21.54
N GLY A 1 -22.18 -15.38 -1.48
CA GLY A 1 -21.31 -15.08 -0.31
C GLY A 1 -20.92 -13.61 -0.32
N ASP A 2 -21.62 -12.79 0.47
CA ASP A 2 -21.55 -11.32 0.45
C ASP A 2 -21.61 -10.72 1.87
N GLU A 3 -21.28 -9.42 2.00
CA GLU A 3 -21.30 -8.65 3.26
C GLU A 3 -20.42 -9.26 4.38
N ASP A 4 -19.25 -9.79 3.99
CA ASP A 4 -18.23 -10.36 4.87
C ASP A 4 -16.82 -9.90 4.44
N LYS A 5 -15.88 -9.75 5.39
CA LYS A 5 -14.51 -9.29 5.16
C LYS A 5 -13.78 -10.05 4.04
N GLU A 6 -14.04 -11.36 3.89
CA GLU A 6 -13.38 -12.22 2.90
C GLU A 6 -13.62 -11.77 1.44
N LYS A 7 -14.79 -11.18 1.15
CA LYS A 7 -15.27 -10.90 -0.22
C LYS A 7 -14.34 -9.98 -1.02
N LEU A 8 -13.71 -9.03 -0.34
CA LEU A 8 -12.74 -8.07 -0.89
C LEU A 8 -11.31 -8.40 -0.47
N LYS A 9 -11.11 -9.05 0.68
CA LYS A 9 -9.77 -9.50 1.12
C LYS A 9 -9.12 -10.41 0.07
N ARG A 10 -9.89 -11.34 -0.49
CA ARG A 10 -9.46 -12.26 -1.57
C ARG A 10 -9.06 -11.57 -2.87
N GLU A 11 -9.67 -10.42 -3.16
CA GLU A 11 -9.32 -9.58 -4.31
C GLU A 11 -8.06 -8.74 -4.03
N ALA A 12 -7.94 -8.22 -2.81
CA ALA A 12 -6.83 -7.35 -2.40
C ALA A 12 -5.52 -8.13 -2.20
N GLU A 13 -5.55 -9.35 -1.66
CA GLU A 13 -4.33 -10.12 -1.35
C GLU A 13 -3.46 -10.33 -2.60
N ARG A 14 -4.12 -10.44 -3.76
CA ARG A 14 -3.49 -10.53 -5.08
C ARG A 14 -2.84 -9.23 -5.50
N ALA A 15 -3.46 -8.10 -5.17
CA ALA A 15 -3.00 -6.76 -5.57
C ALA A 15 -1.55 -6.50 -5.13
N LEU A 16 -1.22 -6.88 -3.89
CA LEU A 16 0.14 -6.80 -3.36
C LEU A 16 1.07 -7.86 -3.97
N SER A 17 0.58 -9.07 -4.23
CA SER A 17 1.35 -10.14 -4.87
C SER A 17 1.79 -9.81 -6.30
N GLU A 18 0.94 -9.12 -7.06
CA GLU A 18 1.26 -8.65 -8.42
C GLU A 18 2.07 -7.35 -8.43
N ALA A 19 1.76 -6.40 -7.54
CA ALA A 19 2.50 -5.14 -7.40
C ALA A 19 3.94 -5.36 -6.92
N LEU A 20 4.09 -6.00 -5.76
CA LEU A 20 5.38 -6.23 -5.11
C LEU A 20 6.00 -7.59 -5.54
N SER A 21 5.54 -8.10 -6.69
CA SER A 21 6.02 -9.37 -7.28
C SER A 21 7.55 -9.40 -7.38
N GLU A 22 8.17 -8.28 -7.75
CA GLU A 22 9.63 -8.15 -7.91
C GLU A 22 10.39 -8.29 -6.58
N PHE A 23 9.82 -7.78 -5.49
CA PHE A 23 10.41 -7.88 -4.15
C PHE A 23 10.27 -9.30 -3.59
N GLU A 24 9.13 -9.95 -3.82
CA GLU A 24 8.93 -11.36 -3.43
C GLU A 24 9.84 -12.31 -4.22
N LYS A 25 10.03 -12.07 -5.53
CA LYS A 25 10.89 -12.90 -6.37
C LYS A 25 12.35 -12.87 -5.92
N GLN A 26 12.77 -11.69 -5.46
CA GLN A 26 14.07 -11.39 -4.85
C GLN A 26 14.21 -11.82 -3.38
N GLY A 27 13.12 -12.28 -2.75
CA GLY A 27 13.10 -12.70 -1.35
C GLY A 27 13.18 -11.55 -0.34
N LYS A 28 12.87 -10.33 -0.77
CA LYS A 28 12.87 -9.12 0.07
C LYS A 28 11.59 -9.01 0.91
N ILE A 29 10.47 -9.45 0.33
CA ILE A 29 9.14 -9.46 0.99
C ILE A 29 8.52 -10.87 1.02
N THR A 30 7.59 -11.13 1.95
CA THR A 30 6.92 -12.44 2.12
C THR A 30 5.45 -12.42 1.67
N PRO A 31 4.88 -13.53 1.15
CA PRO A 31 3.49 -13.56 0.70
C PRO A 31 2.49 -13.39 1.86
N GLU A 32 2.83 -13.82 3.07
CA GLU A 32 2.04 -13.56 4.28
C GLU A 32 2.01 -12.08 4.65
N THR A 33 3.11 -11.33 4.44
CA THR A 33 3.09 -9.88 4.61
C THR A 33 2.30 -9.19 3.49
N LEU A 34 2.47 -9.60 2.23
CA LEU A 34 1.70 -9.05 1.11
C LEU A 34 0.18 -9.20 1.33
N LYS A 35 -0.27 -10.32 1.91
CA LYS A 35 -1.65 -10.53 2.35
C LYS A 35 -2.04 -9.55 3.47
N ARG A 36 -1.20 -9.40 4.51
CA ARG A 36 -1.43 -8.50 5.65
C ARG A 36 -1.60 -7.03 5.25
N LEU A 37 -0.81 -6.55 4.28
CA LEU A 37 -0.92 -5.22 3.69
C LEU A 37 -2.26 -5.05 2.95
N ALA A 38 -2.66 -6.05 2.17
CA ALA A 38 -3.91 -6.08 1.43
C ALA A 38 -5.18 -6.19 2.30
N GLU A 39 -5.11 -6.80 3.48
CA GLU A 39 -6.23 -6.75 4.45
C GLU A 39 -6.70 -5.31 4.77
N GLU A 40 -5.81 -4.32 4.78
CA GLU A 40 -6.19 -2.90 4.93
C GLU A 40 -6.80 -2.31 3.65
N ILE A 41 -6.38 -2.80 2.46
CA ILE A 41 -6.96 -2.40 1.17
C ILE A 41 -8.41 -2.85 1.05
N ALA A 42 -8.73 -4.10 1.42
CA ALA A 42 -10.10 -4.59 1.46
C ALA A 42 -11.00 -3.72 2.36
N GLU A 43 -10.50 -3.34 3.53
CA GLU A 43 -11.20 -2.45 4.47
C GLU A 43 -11.42 -1.04 3.87
N ALA A 44 -10.43 -0.51 3.15
CA ALA A 44 -10.49 0.82 2.53
C ALA A 44 -11.39 0.84 1.28
N ALA A 45 -11.34 -0.19 0.46
CA ALA A 45 -12.16 -0.31 -0.74
C ALA A 45 -13.66 -0.47 -0.39
N LEU A 46 -13.97 -1.16 0.71
CA LEU A 46 -15.32 -1.22 1.30
C LEU A 46 -15.78 0.16 1.79
N ALA A 47 -14.88 0.94 2.41
CA ALA A 47 -15.15 2.32 2.81
C ALA A 47 -15.51 3.25 1.64
N GLN A 48 -14.93 3.01 0.45
CA GLN A 48 -15.21 3.81 -0.75
C GLN A 48 -16.63 3.59 -1.30
N GLN A 49 -17.14 2.35 -1.33
CA GLN A 49 -18.54 2.11 -1.72
C GLN A 49 -19.55 2.62 -0.67
N GLN A 50 -19.14 2.66 0.60
CA GLN A 50 -19.95 3.21 1.70
C GLN A 50 -19.79 4.74 1.87
N GLY A 51 -18.81 5.37 1.21
CA GLY A 51 -18.57 6.82 1.22
C GLY A 51 -17.98 7.37 2.54
N ASP A 52 -17.26 6.55 3.31
CA ASP A 52 -16.74 6.91 4.64
C ASP A 52 -15.30 7.43 4.57
N SER A 53 -15.12 8.75 4.46
CA SER A 53 -13.81 9.41 4.31
C SER A 53 -12.79 9.04 5.38
N GLU A 54 -13.20 9.01 6.65
CA GLU A 54 -12.30 8.81 7.80
C GLU A 54 -11.65 7.41 7.79
N ARG A 55 -12.41 6.41 7.30
CA ARG A 55 -11.93 5.02 7.16
C ARG A 55 -10.79 4.90 6.16
N LEU A 56 -10.87 5.64 5.04
CA LEU A 56 -9.84 5.61 4.00
C LEU A 56 -8.52 6.12 4.54
N GLU A 57 -8.53 7.23 5.26
CA GLU A 57 -7.32 7.83 5.83
C GLU A 57 -6.69 6.91 6.87
N LYS A 58 -7.51 6.33 7.78
CA LYS A 58 -7.05 5.41 8.83
C LYS A 58 -6.43 4.14 8.24
N ALA A 59 -7.12 3.48 7.31
CA ALA A 59 -6.67 2.22 6.71
C ALA A 59 -5.47 2.43 5.77
N ALA A 60 -5.45 3.49 4.95
CA ALA A 60 -4.35 3.79 4.04
C ALA A 60 -3.07 4.16 4.78
N ARG A 61 -3.17 4.96 5.86
CA ARG A 61 -2.02 5.31 6.71
C ARG A 61 -1.47 4.06 7.40
N ARG A 62 -2.34 3.22 7.97
CA ARG A 62 -1.92 1.96 8.61
C ARG A 62 -1.24 1.01 7.62
N PHE A 63 -1.77 0.90 6.40
CA PHE A 63 -1.18 0.11 5.31
C PHE A 63 0.21 0.62 4.94
N ALA A 64 0.35 1.91 4.67
CA ALA A 64 1.62 2.51 4.27
C ALA A 64 2.66 2.42 5.40
N GLU A 65 2.25 2.64 6.64
CA GLU A 65 3.15 2.53 7.81
C GLU A 65 3.68 1.11 7.98
N THR A 66 2.81 0.10 7.84
CA THR A 66 3.18 -1.32 7.90
C THR A 66 4.05 -1.74 6.71
N LEU A 67 3.69 -1.31 5.50
CA LEU A 67 4.40 -1.62 4.25
C LEU A 67 5.85 -1.10 4.31
N LEU A 68 6.03 0.15 4.76
CA LEU A 68 7.36 0.73 4.98
C LEU A 68 8.24 -0.15 5.88
N ARG A 69 7.69 -0.79 6.92
CA ARG A 69 8.47 -1.71 7.77
C ARG A 69 8.97 -2.91 6.96
N ALA A 70 8.09 -3.53 6.17
CA ALA A 70 8.40 -4.71 5.37
C ALA A 70 9.47 -4.43 4.31
N LEU A 71 9.40 -3.26 3.68
CA LEU A 71 10.38 -2.83 2.68
C LEU A 71 11.72 -2.44 3.32
N LYS A 72 11.70 -1.62 4.37
CA LYS A 72 12.93 -1.06 4.95
C LYS A 72 13.72 -2.12 5.69
N GLU A 73 13.04 -3.11 6.29
CA GLU A 73 13.74 -4.20 6.99
C GLU A 73 14.47 -5.14 6.01
N SER A 74 14.13 -5.09 4.71
CA SER A 74 14.88 -5.76 3.64
C SER A 74 16.08 -4.94 3.14
N GLY A 75 16.24 -3.70 3.62
CA GLY A 75 17.26 -2.72 3.25
C GLY A 75 16.84 -1.66 2.22
N ALA A 76 15.56 -1.58 1.83
CA ALA A 76 15.09 -0.69 0.76
C ALA A 76 15.24 0.81 1.10
N SER A 77 15.51 1.62 0.07
CA SER A 77 15.67 3.08 0.17
C SER A 77 14.46 3.83 -0.42
N ALA A 78 14.41 5.16 -0.26
CA ALA A 78 13.28 5.99 -0.69
C ALA A 78 12.85 5.78 -2.15
N GLU A 79 13.81 5.52 -3.03
CA GLU A 79 13.65 5.17 -4.44
C GLU A 79 12.94 3.82 -4.70
N GLU A 80 13.13 2.84 -3.81
CA GLU A 80 12.50 1.53 -3.85
C GLU A 80 11.14 1.56 -3.14
N ILE A 81 11.01 2.31 -2.05
CA ILE A 81 9.74 2.59 -1.36
C ILE A 81 8.77 3.31 -2.31
N GLU A 82 9.20 4.40 -2.97
CA GLU A 82 8.31 5.16 -3.86
C GLU A 82 7.85 4.34 -5.06
N GLU A 83 8.68 3.42 -5.55
CA GLU A 83 8.30 2.45 -6.58
C GLU A 83 7.32 1.40 -6.05
N ALA A 84 7.54 0.90 -4.83
CA ALA A 84 6.74 -0.19 -4.27
C ALA A 84 5.27 0.24 -4.10
N ILE A 85 5.03 1.39 -3.47
CA ILE A 85 3.66 1.89 -3.23
C ILE A 85 2.94 2.21 -4.56
N GLU A 86 3.69 2.70 -5.54
CA GLU A 86 3.20 2.98 -6.89
C GLU A 86 2.73 1.71 -7.61
N ARG A 87 3.35 0.54 -7.37
CA ARG A 87 2.91 -0.74 -7.92
C ARG A 87 1.52 -1.12 -7.38
N ILE A 88 1.25 -0.92 -6.08
CA ILE A 88 -0.10 -1.10 -5.51
C ILE A 88 -1.09 -0.14 -6.17
N ARG A 89 -0.70 1.12 -6.40
CA ARG A 89 -1.54 2.12 -7.09
C ARG A 89 -1.95 1.64 -8.49
N LYS A 90 -1.04 0.99 -9.24
CA LYS A 90 -1.38 0.39 -10.56
C LYS A 90 -2.27 -0.83 -10.40
N ALA A 91 -1.97 -1.71 -9.44
CA ALA A 91 -2.75 -2.92 -9.19
C ALA A 91 -4.19 -2.62 -8.80
N LEU A 92 -4.42 -1.56 -8.01
CA LEU A 92 -5.75 -1.09 -7.64
C LEU A 92 -6.44 -0.39 -8.83
N SER A 93 -5.71 0.46 -9.58
CA SER A 93 -6.24 1.19 -10.75
C SER A 93 -6.66 0.24 -11.89
N LYS A 94 -6.01 -0.93 -11.97
CA LYS A 94 -6.28 -2.02 -12.92
C LYS A 94 -7.02 -3.21 -12.29
N ALA A 95 -7.51 -3.08 -11.05
CA ALA A 95 -8.06 -4.20 -10.29
C ALA A 95 -9.32 -4.84 -10.93
N PRO A 96 -9.56 -6.16 -10.71
CA PRO A 96 -10.80 -6.82 -11.11
C PRO A 96 -12.03 -6.31 -10.34
N SER A 97 -11.84 -5.81 -9.11
CA SER A 97 -12.87 -5.12 -8.33
C SER A 97 -12.93 -3.63 -8.70
N PRO A 98 -14.13 -3.07 -8.94
CA PRO A 98 -14.32 -1.63 -9.12
C PRO A 98 -14.18 -0.83 -7.81
N GLN A 99 -14.38 -1.47 -6.65
CA GLN A 99 -14.11 -0.84 -5.35
C GLN A 99 -12.61 -0.62 -5.12
N LEU A 100 -11.75 -1.50 -5.65
CA LEU A 100 -10.30 -1.27 -5.66
C LEU A 100 -9.88 -0.22 -6.71
N GLN A 101 -10.58 -0.12 -7.85
CA GLN A 101 -10.38 1.00 -8.79
C GLN A 101 -10.77 2.35 -8.19
N LYS A 102 -11.92 2.40 -7.50
CA LYS A 102 -12.36 3.57 -6.69
C LYS A 102 -11.34 3.93 -5.60
N LEU A 103 -10.67 2.94 -5.01
CA LEU A 103 -9.62 3.15 -4.00
C LEU A 103 -8.33 3.74 -4.60
N ALA A 104 -7.83 3.23 -5.72
CA ALA A 104 -6.72 3.87 -6.45
C ALA A 104 -7.04 5.33 -6.86
N ASN A 105 -8.31 5.64 -7.09
CA ASN A 105 -8.80 7.00 -7.40
C ASN A 105 -9.21 7.83 -6.16
N SER A 106 -9.04 7.30 -4.94
CA SER A 106 -9.54 7.91 -3.70
C SER A 106 -8.50 8.90 -3.14
N PRO A 107 -8.84 10.18 -2.91
CA PRO A 107 -7.90 11.17 -2.37
C PRO A 107 -7.54 10.88 -0.91
N GLN A 108 -8.47 10.41 -0.09
CA GLN A 108 -8.19 10.13 1.32
C GLN A 108 -7.16 8.99 1.48
N TRP A 109 -7.24 7.97 0.63
CA TRP A 109 -6.24 6.89 0.54
C TRP A 109 -4.93 7.40 -0.07
N GLN A 110 -4.97 8.08 -1.22
CA GLN A 110 -3.78 8.56 -1.93
C GLN A 110 -2.96 9.58 -1.11
N THR A 111 -3.61 10.40 -0.29
CA THR A 111 -2.93 11.38 0.57
C THR A 111 -2.06 10.68 1.63
N ALA A 112 -2.56 9.62 2.27
CA ALA A 112 -1.83 8.84 3.27
C ALA A 112 -0.55 8.21 2.67
N LEU A 113 -0.58 7.85 1.38
CA LEU A 113 0.59 7.32 0.68
C LEU A 113 1.72 8.37 0.60
N GLN A 114 1.39 9.65 0.37
CA GLN A 114 2.41 10.72 0.29
C GLN A 114 3.27 10.78 1.56
N GLU A 115 2.66 10.56 2.72
CA GLU A 115 3.32 10.59 4.02
C GLU A 115 4.36 9.48 4.18
N ALA A 116 4.14 8.36 3.50
CA ALA A 116 5.05 7.23 3.48
C ALA A 116 6.24 7.42 2.52
N ILE A 117 6.00 7.99 1.33
CA ILE A 117 7.09 8.31 0.39
C ILE A 117 8.02 9.37 0.98
N LYS A 118 7.47 10.44 1.57
CA LYS A 118 8.28 11.50 2.18
C LYS A 118 9.02 11.04 3.45
N LYS A 119 8.44 10.12 4.25
CA LYS A 119 9.11 9.49 5.41
C LYS A 119 10.45 8.84 5.04
N ALA A 120 10.51 8.15 3.90
CA ALA A 120 11.70 7.42 3.51
C ALA A 120 12.90 8.35 3.24
N ARG A 121 12.71 9.51 2.58
CA ARG A 121 13.76 10.55 2.47
C ARG A 121 13.94 11.45 3.69
N GLN A 122 12.92 11.58 4.54
CA GLN A 122 13.05 12.22 5.86
C GLN A 122 14.07 11.45 6.73
N GLU A 123 14.11 10.12 6.61
CA GLU A 123 15.18 9.28 7.21
C GLU A 123 16.48 9.31 6.39
N LYS A 124 16.43 9.01 5.07
CA LYS A 124 17.59 8.90 4.17
C LYS A 124 17.72 10.14 3.28
N LYS A 125 18.64 11.04 3.63
CA LYS A 125 18.89 12.30 2.87
C LYS A 125 19.44 11.98 1.47
N GLU A 126 19.03 12.77 0.49
CA GLU A 126 19.24 12.51 -0.96
C GLU A 126 20.65 12.86 -1.48
N LYS A 127 21.69 12.68 -0.65
CA LYS A 127 23.10 13.04 -0.91
C LYS A 127 23.84 11.98 -1.76
N GLY A 128 23.23 11.59 -2.88
CA GLY A 128 23.75 10.56 -3.81
C GLY A 128 23.48 9.10 -3.39
N SER A 129 22.96 8.87 -2.18
CA SER A 129 22.60 7.56 -1.61
C SER A 129 23.75 6.54 -1.48
N LEU A 130 23.47 5.37 -0.91
CA LEU A 130 24.48 4.36 -0.54
C LEU A 130 25.01 3.49 -1.70
N GLU A 131 24.30 3.43 -2.83
CA GLU A 131 24.62 2.72 -4.09
C GLU A 131 24.85 1.18 -4.02
N HIS A 132 25.08 0.61 -2.85
CA HIS A 132 25.46 -0.80 -2.66
C HIS A 132 24.39 -1.68 -1.98
N HIS A 133 23.14 -1.22 -1.87
CA HIS A 133 22.02 -2.06 -1.43
C HIS A 133 21.81 -3.23 -2.42
N HIS A 134 22.00 -4.47 -1.95
CA HIS A 134 22.00 -5.70 -2.76
C HIS A 134 22.85 -5.58 -4.05
N HIS A 135 24.10 -5.12 -3.90
CA HIS A 135 25.06 -4.88 -4.99
C HIS A 135 25.36 -6.12 -5.85
N HIS A 136 25.27 -7.32 -5.26
CA HIS A 136 25.58 -8.61 -5.90
C HIS A 136 24.33 -9.28 -6.52
N HIS A 137 23.54 -8.50 -7.27
CA HIS A 137 22.36 -8.94 -8.05
C HIS A 137 22.46 -8.48 -9.51
N GLY A 1 -25.72 -11.76 3.01
CA GLY A 1 -25.85 -11.77 4.48
C GLY A 1 -24.49 -11.65 5.14
N ASP A 2 -24.02 -12.73 5.79
CA ASP A 2 -22.77 -12.78 6.54
C ASP A 2 -21.50 -12.96 5.67
N GLU A 3 -21.66 -13.13 4.35
CA GLU A 3 -20.60 -13.40 3.36
C GLU A 3 -19.80 -12.14 2.94
N ASP A 4 -19.94 -11.02 3.67
CA ASP A 4 -19.37 -9.72 3.33
C ASP A 4 -17.88 -9.54 3.74
N LYS A 5 -17.24 -8.49 3.22
CA LYS A 5 -15.81 -8.12 3.29
C LYS A 5 -14.82 -9.12 2.70
N GLU A 6 -14.96 -10.42 2.97
CA GLU A 6 -14.04 -11.47 2.50
C GLU A 6 -13.85 -11.47 0.98
N LYS A 7 -14.90 -11.07 0.23
CA LYS A 7 -14.88 -10.92 -1.24
C LYS A 7 -13.81 -9.95 -1.75
N LEU A 8 -13.57 -8.89 -0.99
CA LEU A 8 -12.57 -7.86 -1.27
C LEU A 8 -11.22 -8.26 -0.70
N LYS A 9 -11.21 -8.94 0.45
CA LYS A 9 -9.97 -9.42 1.08
C LYS A 9 -9.20 -10.38 0.15
N ARG A 10 -9.90 -11.37 -0.44
CA ARG A 10 -9.33 -12.32 -1.42
C ARG A 10 -8.99 -11.70 -2.78
N GLU A 11 -9.57 -10.55 -3.10
CA GLU A 11 -9.24 -9.77 -4.30
C GLU A 11 -8.06 -8.81 -4.08
N ALA A 12 -7.93 -8.24 -2.87
CA ALA A 12 -6.83 -7.36 -2.49
C ALA A 12 -5.52 -8.13 -2.30
N GLU A 13 -5.53 -9.34 -1.75
CA GLU A 13 -4.28 -10.11 -1.49
C GLU A 13 -3.47 -10.34 -2.78
N ARG A 14 -4.18 -10.42 -3.93
CA ARG A 14 -3.58 -10.48 -5.26
C ARG A 14 -2.94 -9.17 -5.66
N ALA A 15 -3.55 -8.03 -5.31
CA ALA A 15 -3.06 -6.70 -5.67
C ALA A 15 -1.62 -6.46 -5.20
N LEU A 16 -1.32 -6.78 -3.94
CA LEU A 16 0.03 -6.70 -3.37
C LEU A 16 0.98 -7.73 -3.98
N SER A 17 0.47 -8.94 -4.25
CA SER A 17 1.24 -10.05 -4.82
C SER A 17 1.77 -9.74 -6.21
N GLU A 18 0.96 -9.10 -7.06
CA GLU A 18 1.37 -8.63 -8.39
C GLU A 18 2.17 -7.32 -8.37
N ALA A 19 1.81 -6.37 -7.50
CA ALA A 19 2.54 -5.11 -7.32
C ALA A 19 3.98 -5.34 -6.83
N LEU A 20 4.13 -6.00 -5.69
CA LEU A 20 5.43 -6.26 -5.06
C LEU A 20 6.02 -7.61 -5.52
N SER A 21 5.58 -8.10 -6.68
CA SER A 21 6.08 -9.34 -7.30
C SER A 21 7.60 -9.37 -7.42
N GLU A 22 8.24 -8.27 -7.84
CA GLU A 22 9.71 -8.17 -7.89
C GLU A 22 10.37 -8.17 -6.52
N PHE A 23 9.71 -7.73 -5.45
CA PHE A 23 10.24 -7.74 -4.10
C PHE A 23 10.19 -9.15 -3.51
N GLU A 24 9.09 -9.88 -3.72
CA GLU A 24 8.96 -11.29 -3.30
C GLU A 24 9.90 -12.21 -4.08
N LYS A 25 10.01 -12.01 -5.40
CA LYS A 25 10.94 -12.73 -6.29
C LYS A 25 12.42 -12.56 -5.90
N GLN A 26 12.77 -11.37 -5.41
CA GLN A 26 14.10 -11.04 -4.85
C GLN A 26 14.30 -11.52 -3.40
N GLY A 27 13.25 -11.98 -2.71
CA GLY A 27 13.30 -12.37 -1.29
C GLY A 27 13.33 -11.19 -0.32
N LYS A 28 12.95 -9.99 -0.78
CA LYS A 28 12.79 -8.79 0.05
C LYS A 28 11.56 -8.89 0.94
N ILE A 29 10.48 -9.45 0.39
CA ILE A 29 9.17 -9.52 1.05
C ILE A 29 8.56 -10.95 1.07
N THR A 30 7.59 -11.18 1.97
CA THR A 30 6.91 -12.48 2.16
C THR A 30 5.45 -12.44 1.70
N PRO A 31 4.85 -13.57 1.25
CA PRO A 31 3.44 -13.60 0.81
C PRO A 31 2.46 -13.34 1.97
N GLU A 32 2.83 -13.73 3.19
CA GLU A 32 2.04 -13.45 4.40
C GLU A 32 2.02 -11.96 4.75
N THR A 33 3.10 -11.22 4.50
CA THR A 33 3.11 -9.76 4.65
C THR A 33 2.33 -9.08 3.53
N LEU A 34 2.47 -9.54 2.28
CA LEU A 34 1.68 -9.02 1.15
C LEU A 34 0.17 -9.19 1.37
N LYS A 35 -0.24 -10.30 1.97
CA LYS A 35 -1.62 -10.53 2.43
C LYS A 35 -2.02 -9.52 3.51
N ARG A 36 -1.17 -9.29 4.52
CA ARG A 36 -1.47 -8.42 5.68
C ARG A 36 -1.68 -6.95 5.28
N LEU A 37 -0.94 -6.51 4.27
CA LEU A 37 -1.05 -5.19 3.64
C LEU A 37 -2.36 -5.05 2.86
N ALA A 38 -2.69 -6.06 2.05
CA ALA A 38 -3.94 -6.13 1.30
C ALA A 38 -5.22 -6.27 2.16
N GLU A 39 -5.15 -6.92 3.32
CA GLU A 39 -6.26 -6.95 4.28
C GLU A 39 -6.73 -5.52 4.70
N GLU A 40 -5.82 -4.54 4.75
CA GLU A 40 -6.16 -3.13 5.00
C GLU A 40 -6.77 -2.45 3.76
N ILE A 41 -6.36 -2.86 2.55
CA ILE A 41 -6.94 -2.38 1.29
C ILE A 41 -8.41 -2.78 1.17
N ALA A 42 -8.75 -4.03 1.47
CA ALA A 42 -10.13 -4.51 1.38
C ALA A 42 -11.08 -3.67 2.26
N GLU A 43 -10.65 -3.32 3.47
CA GLU A 43 -11.39 -2.42 4.38
C GLU A 43 -11.50 -0.99 3.84
N ALA A 44 -10.46 -0.46 3.20
CA ALA A 44 -10.48 0.88 2.61
C ALA A 44 -11.39 0.94 1.37
N ALA A 45 -11.37 -0.10 0.54
CA ALA A 45 -12.26 -0.23 -0.62
C ALA A 45 -13.73 -0.40 -0.18
N LEU A 46 -13.98 -1.14 0.90
CA LEU A 46 -15.28 -1.21 1.58
C LEU A 46 -15.73 0.16 2.12
N ALA A 47 -14.80 0.97 2.67
CA ALA A 47 -15.10 2.34 3.11
C ALA A 47 -15.48 3.26 1.94
N GLN A 48 -14.87 3.08 0.76
CA GLN A 48 -15.29 3.76 -0.46
C GLN A 48 -16.71 3.34 -0.89
N GLN A 49 -17.05 2.05 -0.74
CA GLN A 49 -18.40 1.51 -0.89
C GLN A 49 -19.43 2.18 0.06
N GLN A 50 -19.01 2.49 1.29
CA GLN A 50 -19.82 3.18 2.32
C GLN A 50 -19.80 4.72 2.23
N GLY A 51 -18.87 5.30 1.45
CA GLY A 51 -18.64 6.75 1.37
C GLY A 51 -18.04 7.38 2.64
N ASP A 52 -17.29 6.60 3.45
CA ASP A 52 -16.77 7.03 4.76
C ASP A 52 -15.32 7.55 4.64
N SER A 53 -15.15 8.86 4.46
CA SER A 53 -13.84 9.49 4.20
C SER A 53 -12.79 9.23 5.29
N GLU A 54 -13.16 9.30 6.56
CA GLU A 54 -12.22 9.14 7.69
C GLU A 54 -11.60 7.74 7.74
N ARG A 55 -12.36 6.73 7.32
CA ARG A 55 -11.91 5.33 7.27
C ARG A 55 -10.81 5.09 6.24
N LEU A 56 -10.91 5.74 5.08
CA LEU A 56 -9.90 5.69 4.02
C LEU A 56 -8.57 6.21 4.55
N GLU A 57 -8.59 7.33 5.25
CA GLU A 57 -7.37 7.97 5.78
C GLU A 57 -6.72 7.07 6.84
N LYS A 58 -7.51 6.51 7.76
CA LYS A 58 -7.04 5.60 8.81
C LYS A 58 -6.45 4.30 8.24
N ALA A 59 -7.18 3.63 7.34
CA ALA A 59 -6.78 2.36 6.75
C ALA A 59 -5.57 2.52 5.80
N ALA A 60 -5.55 3.57 4.98
CA ALA A 60 -4.44 3.85 4.06
C ALA A 60 -3.15 4.22 4.80
N ARG A 61 -3.25 5.02 5.87
CA ARG A 61 -2.12 5.32 6.77
C ARG A 61 -1.60 4.04 7.39
N ARG A 62 -2.48 3.23 7.99
CA ARG A 62 -2.08 1.98 8.68
C ARG A 62 -1.42 0.98 7.72
N PHE A 63 -1.92 0.88 6.49
CA PHE A 63 -1.30 0.14 5.39
C PHE A 63 0.10 0.67 5.06
N ALA A 64 0.21 1.97 4.80
CA ALA A 64 1.46 2.58 4.33
C ALA A 64 2.53 2.61 5.43
N GLU A 65 2.13 2.73 6.70
CA GLU A 65 3.01 2.60 7.86
C GLU A 65 3.55 1.17 8.01
N THR A 66 2.67 0.16 7.87
CA THR A 66 3.05 -1.27 7.92
C THR A 66 3.98 -1.64 6.76
N LEU A 67 3.63 -1.21 5.55
CA LEU A 67 4.36 -1.50 4.32
C LEU A 67 5.81 -1.02 4.41
N LEU A 68 6.01 0.21 4.90
CA LEU A 68 7.33 0.80 5.12
C LEU A 68 8.25 -0.11 5.92
N ARG A 69 7.77 -0.71 7.03
CA ARG A 69 8.59 -1.64 7.83
C ARG A 69 8.95 -2.88 7.02
N ALA A 70 8.00 -3.49 6.31
CA ALA A 70 8.26 -4.70 5.53
C ALA A 70 9.33 -4.50 4.45
N LEU A 71 9.34 -3.31 3.84
CA LEU A 71 10.35 -2.91 2.88
C LEU A 71 11.69 -2.61 3.56
N LYS A 72 11.70 -1.84 4.65
CA LYS A 72 12.93 -1.45 5.36
C LYS A 72 13.64 -2.66 5.99
N GLU A 73 12.91 -3.68 6.41
CA GLU A 73 13.45 -4.98 6.87
C GLU A 73 14.34 -5.65 5.82
N SER A 74 14.05 -5.41 4.54
CA SER A 74 14.84 -5.90 3.39
C SER A 74 16.07 -5.04 3.05
N GLY A 75 16.30 -3.95 3.81
CA GLY A 75 17.33 -2.95 3.55
C GLY A 75 16.92 -1.90 2.51
N ALA A 76 15.63 -1.73 2.20
CA ALA A 76 15.15 -0.79 1.18
C ALA A 76 15.41 0.69 1.54
N SER A 77 15.61 1.52 0.52
CA SER A 77 15.79 2.98 0.61
C SER A 77 14.58 3.72 0.03
N ALA A 78 14.55 5.06 0.15
CA ALA A 78 13.45 5.90 -0.32
C ALA A 78 13.05 5.64 -1.78
N GLU A 79 14.01 5.32 -2.65
CA GLU A 79 13.80 4.97 -4.05
C GLU A 79 12.99 3.67 -4.26
N GLU A 80 13.24 2.65 -3.43
CA GLU A 80 12.57 1.36 -3.43
C GLU A 80 11.19 1.46 -2.76
N ILE A 81 11.07 2.22 -1.67
CA ILE A 81 9.78 2.52 -1.04
C ILE A 81 8.87 3.25 -2.04
N GLU A 82 9.36 4.33 -2.67
CA GLU A 82 8.59 5.14 -3.61
C GLU A 82 8.17 4.34 -4.87
N GLU A 83 8.99 3.39 -5.31
CA GLU A 83 8.60 2.44 -6.36
C GLU A 83 7.56 1.42 -5.88
N ALA A 84 7.68 0.90 -4.65
CA ALA A 84 6.82 -0.17 -4.14
C ALA A 84 5.36 0.31 -4.01
N ILE A 85 5.12 1.45 -3.36
CA ILE A 85 3.75 1.97 -3.16
C ILE A 85 3.05 2.24 -4.49
N GLU A 86 3.80 2.73 -5.47
CA GLU A 86 3.33 3.01 -6.83
C GLU A 86 2.87 1.74 -7.56
N ARG A 87 3.45 0.57 -7.26
CA ARG A 87 3.01 -0.72 -7.81
C ARG A 87 1.61 -1.09 -7.29
N ILE A 88 1.32 -0.87 -6.00
CA ILE A 88 -0.05 -1.05 -5.45
C ILE A 88 -1.01 -0.10 -6.16
N ARG A 89 -0.62 1.16 -6.40
CA ARG A 89 -1.44 2.14 -7.12
C ARG A 89 -1.83 1.66 -8.52
N LYS A 90 -0.92 0.99 -9.25
CA LYS A 90 -1.23 0.40 -10.58
C LYS A 90 -2.11 -0.84 -10.41
N ALA A 91 -1.80 -1.71 -9.46
CA ALA A 91 -2.55 -2.95 -9.23
C ALA A 91 -3.99 -2.68 -8.81
N LEU A 92 -4.23 -1.63 -8.02
CA LEU A 92 -5.55 -1.16 -7.64
C LEU A 92 -6.25 -0.48 -8.82
N SER A 93 -5.57 0.40 -9.56
CA SER A 93 -6.13 1.14 -10.70
C SER A 93 -6.52 0.22 -11.87
N LYS A 94 -5.83 -0.92 -11.99
CA LYS A 94 -6.06 -1.99 -12.97
C LYS A 94 -6.78 -3.21 -12.37
N ALA A 95 -7.28 -3.11 -11.14
CA ALA A 95 -7.85 -4.25 -10.41
C ALA A 95 -9.10 -4.86 -11.10
N PRO A 96 -9.39 -6.16 -10.88
CA PRO A 96 -10.63 -6.80 -11.34
C PRO A 96 -11.89 -6.30 -10.62
N SER A 97 -11.76 -5.84 -9.36
CA SER A 97 -12.84 -5.26 -8.56
C SER A 97 -13.02 -3.76 -8.86
N PRO A 98 -14.28 -3.26 -8.95
CA PRO A 98 -14.57 -1.84 -9.06
C PRO A 98 -14.31 -1.07 -7.76
N GLN A 99 -14.44 -1.70 -6.58
CA GLN A 99 -14.13 -1.05 -5.30
C GLN A 99 -12.61 -0.83 -5.16
N LEU A 100 -11.79 -1.77 -5.66
CA LEU A 100 -10.34 -1.63 -5.69
C LEU A 100 -9.88 -0.57 -6.72
N GLN A 101 -10.57 -0.45 -7.86
CA GLN A 101 -10.35 0.65 -8.82
C GLN A 101 -10.72 2.02 -8.23
N LYS A 102 -11.84 2.13 -7.52
CA LYS A 102 -12.24 3.36 -6.82
C LYS A 102 -11.28 3.73 -5.67
N LEU A 103 -10.64 2.74 -5.03
CA LEU A 103 -9.61 2.98 -4.02
C LEU A 103 -8.34 3.64 -4.59
N ALA A 104 -7.81 3.14 -5.72
CA ALA A 104 -6.69 3.80 -6.43
C ALA A 104 -7.01 5.24 -6.86
N ASN A 105 -8.29 5.56 -7.07
CA ASN A 105 -8.78 6.89 -7.42
C ASN A 105 -9.21 7.76 -6.21
N SER A 106 -9.13 7.24 -4.99
CA SER A 106 -9.60 7.89 -3.76
C SER A 106 -8.55 8.87 -3.23
N PRO A 107 -8.88 10.16 -3.01
CA PRO A 107 -7.93 11.13 -2.48
C PRO A 107 -7.56 10.86 -1.03
N GLN A 108 -8.50 10.40 -0.19
CA GLN A 108 -8.21 10.13 1.22
C GLN A 108 -7.20 8.99 1.40
N TRP A 109 -7.30 7.96 0.55
CA TRP A 109 -6.31 6.88 0.47
C TRP A 109 -4.98 7.38 -0.12
N GLN A 110 -5.02 8.06 -1.28
CA GLN A 110 -3.83 8.53 -1.99
C GLN A 110 -3.01 9.55 -1.18
N THR A 111 -3.66 10.39 -0.36
CA THR A 111 -2.98 11.37 0.50
C THR A 111 -2.12 10.68 1.55
N ALA A 112 -2.63 9.63 2.21
CA ALA A 112 -1.90 8.88 3.24
C ALA A 112 -0.61 8.25 2.69
N LEU A 113 -0.59 7.88 1.40
CA LEU A 113 0.59 7.35 0.73
C LEU A 113 1.73 8.38 0.71
N GLN A 114 1.42 9.67 0.47
CA GLN A 114 2.44 10.73 0.45
C GLN A 114 3.22 10.81 1.77
N GLU A 115 2.53 10.57 2.89
CA GLU A 115 3.10 10.62 4.24
C GLU A 115 4.10 9.50 4.49
N ALA A 116 3.93 8.37 3.78
CA ALA A 116 4.85 7.24 3.83
C ALA A 116 6.10 7.47 2.97
N ILE A 117 5.94 7.98 1.74
CA ILE A 117 7.07 8.29 0.86
C ILE A 117 7.94 9.41 1.42
N LYS A 118 7.34 10.49 1.95
CA LYS A 118 8.11 11.59 2.58
C LYS A 118 8.85 11.14 3.85
N LYS A 119 8.31 10.16 4.60
CA LYS A 119 8.99 9.53 5.75
C LYS A 119 10.24 8.73 5.34
N ALA A 120 10.19 7.96 4.25
CA ALA A 120 11.36 7.24 3.76
C ALA A 120 12.42 8.19 3.17
N ARG A 121 12.00 9.22 2.43
CA ARG A 121 12.88 10.28 1.88
C ARG A 121 13.62 11.08 2.95
N GLN A 122 13.07 11.17 4.17
CA GLN A 122 13.68 11.83 5.33
C GLN A 122 15.03 11.23 5.78
N GLU A 123 15.35 9.98 5.40
CA GLU A 123 16.62 9.31 5.75
C GLU A 123 17.86 9.85 4.98
N LYS A 124 17.64 10.72 3.99
CA LYS A 124 18.68 11.38 3.17
C LYS A 124 19.77 12.10 3.99
N LYS A 125 20.92 12.35 3.35
CA LYS A 125 22.09 13.12 3.82
C LYS A 125 22.85 12.54 5.03
N GLU A 126 22.17 12.11 6.08
CA GLU A 126 22.80 11.67 7.34
C GLU A 126 23.44 10.27 7.19
N LYS A 127 22.68 9.30 6.64
CA LYS A 127 23.14 7.94 6.32
C LYS A 127 22.54 7.39 5.02
N GLY A 128 21.30 7.78 4.67
CA GLY A 128 20.69 7.45 3.37
C GLY A 128 21.34 8.20 2.20
N SER A 129 21.09 7.69 0.98
CA SER A 129 21.74 8.18 -0.25
C SER A 129 21.40 9.63 -0.61
N LEU A 130 22.32 10.27 -1.35
CA LEU A 130 22.13 11.59 -1.98
C LEU A 130 21.45 11.48 -3.36
N GLU A 131 21.38 10.28 -3.94
CA GLU A 131 20.80 10.01 -5.27
C GLU A 131 19.26 9.91 -5.26
N HIS A 132 18.66 9.76 -6.45
CA HIS A 132 17.20 9.67 -6.66
C HIS A 132 16.40 10.92 -6.19
N HIS A 133 17.05 12.09 -6.17
CA HIS A 133 16.38 13.38 -5.96
C HIS A 133 15.76 13.90 -7.26
N HIS A 134 14.60 14.58 -7.17
CA HIS A 134 13.91 15.20 -8.30
C HIS A 134 13.01 16.37 -7.86
N HIS A 135 12.90 17.40 -8.70
CA HIS A 135 11.97 18.51 -8.58
C HIS A 135 11.62 19.09 -9.97
N HIS A 136 10.42 19.68 -10.10
CA HIS A 136 9.96 20.37 -11.31
C HIS A 136 9.06 21.57 -10.96
N HIS A 137 9.11 22.62 -11.79
CA HIS A 137 8.25 23.81 -11.71
C HIS A 137 6.77 23.50 -12.02
N GLY A 1 -21.88 -7.84 -4.88
CA GLY A 1 -22.34 -7.02 -3.74
C GLY A 1 -21.35 -7.06 -2.58
N ASP A 2 -21.84 -7.21 -1.36
CA ASP A 2 -21.04 -7.34 -0.13
C ASP A 2 -21.79 -8.11 0.98
N GLU A 3 -21.03 -8.67 1.94
CA GLU A 3 -21.55 -9.37 3.13
C GLU A 3 -20.54 -9.28 4.31
N ASP A 4 -19.26 -9.51 4.02
CA ASP A 4 -18.11 -9.36 4.94
C ASP A 4 -16.88 -8.91 4.13
N LYS A 5 -15.93 -8.20 4.74
CA LYS A 5 -14.71 -7.69 4.08
C LYS A 5 -13.85 -8.76 3.40
N GLU A 6 -14.00 -10.05 3.75
CA GLU A 6 -13.31 -11.16 3.07
C GLU A 6 -13.59 -11.18 1.55
N LYS A 7 -14.77 -10.72 1.10
CA LYS A 7 -15.14 -10.60 -0.33
C LYS A 7 -14.18 -9.73 -1.13
N LEU A 8 -13.60 -8.74 -0.46
CA LEU A 8 -12.61 -7.79 -0.98
C LEU A 8 -11.19 -8.18 -0.58
N LYS A 9 -10.99 -8.86 0.56
CA LYS A 9 -9.69 -9.37 1.01
C LYS A 9 -9.06 -10.28 -0.03
N ARG A 10 -9.85 -11.21 -0.59
CA ARG A 10 -9.41 -12.17 -1.62
C ARG A 10 -9.02 -11.51 -2.95
N GLU A 11 -9.61 -10.35 -3.24
CA GLU A 11 -9.26 -9.50 -4.40
C GLU A 11 -8.03 -8.62 -4.11
N ALA A 12 -7.89 -8.11 -2.88
CA ALA A 12 -6.78 -7.25 -2.47
C ALA A 12 -5.47 -8.04 -2.26
N GLU A 13 -5.49 -9.26 -1.73
CA GLU A 13 -4.27 -10.04 -1.45
C GLU A 13 -3.43 -10.25 -2.73
N ARG A 14 -4.14 -10.35 -3.86
CA ARG A 14 -3.57 -10.42 -5.21
C ARG A 14 -2.87 -9.14 -5.61
N ALA A 15 -3.48 -8.00 -5.26
CA ALA A 15 -3.00 -6.66 -5.61
C ALA A 15 -1.56 -6.44 -5.15
N LEU A 16 -1.24 -6.84 -3.91
CA LEU A 16 0.12 -6.79 -3.38
C LEU A 16 1.04 -7.82 -4.03
N SER A 17 0.55 -9.02 -4.32
CA SER A 17 1.35 -10.08 -4.95
C SER A 17 1.81 -9.72 -6.36
N GLU A 18 0.96 -9.07 -7.16
CA GLU A 18 1.31 -8.58 -8.50
C GLU A 18 2.09 -7.25 -8.50
N ALA A 19 1.76 -6.32 -7.60
CA ALA A 19 2.50 -5.07 -7.40
C ALA A 19 3.94 -5.31 -6.93
N LEU A 20 4.09 -5.98 -5.79
CA LEU A 20 5.37 -6.23 -5.15
C LEU A 20 5.99 -7.56 -5.61
N SER A 21 5.56 -8.06 -6.78
CA SER A 21 6.07 -9.28 -7.43
C SER A 21 7.59 -9.26 -7.60
N GLU A 22 8.18 -8.08 -7.85
CA GLU A 22 9.62 -7.90 -7.93
C GLU A 22 10.31 -8.17 -6.59
N PHE A 23 9.75 -7.65 -5.49
CA PHE A 23 10.35 -7.73 -4.16
C PHE A 23 10.26 -9.15 -3.58
N GLU A 24 9.15 -9.86 -3.80
CA GLU A 24 9.02 -11.27 -3.38
C GLU A 24 9.96 -12.19 -4.17
N LYS A 25 10.09 -11.96 -5.49
CA LYS A 25 11.02 -12.68 -6.39
C LYS A 25 12.49 -12.45 -6.03
N GLN A 26 12.79 -11.25 -5.53
CA GLN A 26 14.08 -10.84 -4.95
C GLN A 26 14.31 -11.34 -3.52
N GLY A 27 13.29 -11.93 -2.87
CA GLY A 27 13.35 -12.41 -1.49
C GLY A 27 13.31 -11.33 -0.42
N LYS A 28 12.92 -10.10 -0.78
CA LYS A 28 12.82 -8.95 0.13
C LYS A 28 11.57 -9.00 0.98
N ILE A 29 10.46 -9.42 0.37
CA ILE A 29 9.14 -9.45 1.01
C ILE A 29 8.52 -10.86 1.07
N THR A 30 7.64 -11.11 2.04
CA THR A 30 7.00 -12.43 2.27
C THR A 30 5.53 -12.46 1.82
N PRO A 31 5.00 -13.62 1.38
CA PRO A 31 3.60 -13.72 0.94
C PRO A 31 2.59 -13.45 2.06
N GLU A 32 2.94 -13.78 3.32
CA GLU A 32 2.12 -13.45 4.49
C GLU A 32 2.06 -11.94 4.73
N THR A 33 3.16 -11.20 4.53
CA THR A 33 3.14 -9.74 4.64
C THR A 33 2.38 -9.10 3.48
N LEU A 34 2.55 -9.61 2.25
CA LEU A 34 1.77 -9.17 1.10
C LEU A 34 0.26 -9.31 1.32
N LYS A 35 -0.18 -10.41 1.96
CA LYS A 35 -1.57 -10.58 2.38
C LYS A 35 -1.96 -9.57 3.46
N ARG A 36 -1.11 -9.34 4.46
CA ARG A 36 -1.41 -8.50 5.65
C ARG A 36 -1.60 -7.02 5.30
N LEU A 37 -0.85 -6.55 4.30
CA LEU A 37 -0.98 -5.24 3.68
C LEU A 37 -2.34 -5.08 2.97
N ALA A 38 -2.72 -6.09 2.18
CA ALA A 38 -3.98 -6.14 1.46
C ALA A 38 -5.23 -6.31 2.36
N GLU A 39 -5.13 -6.98 3.50
CA GLU A 39 -6.20 -7.01 4.53
C GLU A 39 -6.69 -5.61 4.96
N GLU A 40 -5.81 -4.62 4.95
CA GLU A 40 -6.14 -3.21 5.21
C GLU A 40 -6.69 -2.49 3.96
N ILE A 41 -6.25 -2.89 2.75
CA ILE A 41 -6.79 -2.38 1.48
C ILE A 41 -8.24 -2.79 1.29
N ALA A 42 -8.56 -4.06 1.60
CA ALA A 42 -9.93 -4.56 1.57
C ALA A 42 -10.86 -3.70 2.43
N GLU A 43 -10.39 -3.32 3.62
CA GLU A 43 -11.11 -2.42 4.53
C GLU A 43 -11.31 -1.01 3.96
N ALA A 44 -10.28 -0.44 3.31
CA ALA A 44 -10.35 0.85 2.64
C ALA A 44 -11.30 0.81 1.42
N ALA A 45 -11.28 -0.26 0.64
CA ALA A 45 -12.13 -0.42 -0.54
C ALA A 45 -13.61 -0.64 -0.17
N LEU A 46 -13.85 -1.38 0.92
CA LEU A 46 -15.18 -1.49 1.55
C LEU A 46 -15.67 -0.12 2.05
N ALA A 47 -14.78 0.69 2.62
CA ALA A 47 -15.07 2.07 2.99
C ALA A 47 -15.36 2.98 1.77
N GLN A 48 -14.74 2.69 0.62
CA GLN A 48 -14.95 3.45 -0.62
C GLN A 48 -16.40 3.33 -1.13
N GLN A 49 -16.98 2.11 -1.13
CA GLN A 49 -18.40 1.93 -1.50
C GLN A 49 -19.37 2.52 -0.47
N GLN A 50 -18.94 2.63 0.79
CA GLN A 50 -19.64 3.34 1.87
C GLN A 50 -19.41 4.88 1.84
N GLY A 51 -18.43 5.37 1.08
CA GLY A 51 -18.04 6.79 0.99
C GLY A 51 -17.45 7.37 2.28
N ASP A 52 -16.80 6.56 3.12
CA ASP A 52 -16.41 6.95 4.49
C ASP A 52 -15.01 7.57 4.60
N SER A 53 -14.92 8.91 4.51
CA SER A 53 -13.65 9.64 4.46
C SER A 53 -12.66 9.24 5.57
N GLU A 54 -13.09 9.17 6.83
CA GLU A 54 -12.20 8.85 7.95
C GLU A 54 -11.65 7.42 7.92
N ARG A 55 -12.41 6.44 7.40
CA ARG A 55 -11.93 5.07 7.21
C ARG A 55 -10.86 4.98 6.13
N LEU A 56 -11.03 5.71 5.03
CA LEU A 56 -10.04 5.71 3.94
C LEU A 56 -8.67 6.20 4.45
N GLU A 57 -8.67 7.26 5.25
CA GLU A 57 -7.43 7.80 5.81
C GLU A 57 -6.82 6.86 6.86
N LYS A 58 -7.64 6.28 7.75
CA LYS A 58 -7.18 5.31 8.78
C LYS A 58 -6.49 4.13 8.12
N ALA A 59 -7.14 3.52 7.12
CA ALA A 59 -6.69 2.29 6.50
C ALA A 59 -5.49 2.54 5.57
N ALA A 60 -5.51 3.62 4.79
CA ALA A 60 -4.40 3.95 3.89
C ALA A 60 -3.12 4.33 4.65
N ARG A 61 -3.24 5.07 5.77
CA ARG A 61 -2.13 5.37 6.69
C ARG A 61 -1.55 4.07 7.21
N ARG A 62 -2.40 3.21 7.79
CA ARG A 62 -1.97 1.98 8.45
C ARG A 62 -1.32 0.98 7.49
N PHE A 63 -1.84 0.90 6.27
CA PHE A 63 -1.25 0.13 5.16
C PHE A 63 0.12 0.68 4.78
N ALA A 64 0.22 1.99 4.52
CA ALA A 64 1.45 2.59 4.02
C ALA A 64 2.55 2.56 5.08
N GLU A 65 2.20 2.66 6.37
CA GLU A 65 3.14 2.49 7.48
C GLU A 65 3.61 1.04 7.63
N THR A 66 2.68 0.08 7.58
CA THR A 66 3.00 -1.35 7.63
C THR A 66 3.94 -1.74 6.49
N LEU A 67 3.65 -1.22 5.28
CA LEU A 67 4.41 -1.49 4.08
C LEU A 67 5.83 -0.93 4.21
N LEU A 68 5.98 0.31 4.67
CA LEU A 68 7.27 0.93 4.99
C LEU A 68 8.13 0.04 5.90
N ARG A 69 7.55 -0.53 6.96
CA ARG A 69 8.28 -1.47 7.84
C ARG A 69 8.70 -2.72 7.05
N ALA A 70 7.81 -3.33 6.28
CA ALA A 70 8.08 -4.56 5.52
C ALA A 70 9.20 -4.39 4.48
N LEU A 71 9.24 -3.23 3.83
CA LEU A 71 10.27 -2.87 2.86
C LEU A 71 11.61 -2.57 3.55
N LYS A 72 11.59 -1.80 4.64
CA LYS A 72 12.81 -1.41 5.36
C LYS A 72 13.49 -2.61 6.02
N GLU A 73 12.73 -3.61 6.46
CA GLU A 73 13.23 -4.91 6.94
C GLU A 73 14.15 -5.60 5.91
N SER A 74 13.89 -5.39 4.61
CA SER A 74 14.72 -5.90 3.51
C SER A 74 15.95 -5.04 3.17
N GLY A 75 16.10 -3.89 3.84
CA GLY A 75 17.12 -2.87 3.54
C GLY A 75 16.73 -1.88 2.44
N ALA A 76 15.44 -1.71 2.13
CA ALA A 76 14.98 -0.79 1.09
C ALA A 76 15.25 0.70 1.42
N SER A 77 15.45 1.52 0.39
CA SER A 77 15.66 2.98 0.50
C SER A 77 14.47 3.77 -0.04
N ALA A 78 14.47 5.10 0.10
CA ALA A 78 13.36 5.96 -0.31
C ALA A 78 12.89 5.72 -1.75
N GLU A 79 13.82 5.41 -2.66
CA GLU A 79 13.55 5.05 -4.06
C GLU A 79 12.77 3.74 -4.24
N GLU A 80 13.09 2.71 -3.45
CA GLU A 80 12.43 1.41 -3.48
C GLU A 80 11.06 1.47 -2.78
N ILE A 81 10.94 2.23 -1.70
CA ILE A 81 9.64 2.54 -1.08
C ILE A 81 8.76 3.29 -2.10
N GLU A 82 9.27 4.35 -2.74
CA GLU A 82 8.51 5.14 -3.71
C GLU A 82 8.05 4.32 -4.91
N GLU A 83 8.88 3.40 -5.40
CA GLU A 83 8.49 2.44 -6.44
C GLU A 83 7.43 1.44 -5.93
N ALA A 84 7.58 0.92 -4.71
CA ALA A 84 6.72 -0.14 -4.19
C ALA A 84 5.27 0.32 -4.02
N ILE A 85 5.05 1.48 -3.39
CA ILE A 85 3.68 1.99 -3.14
C ILE A 85 2.94 2.27 -4.47
N GLU A 86 3.69 2.76 -5.46
CA GLU A 86 3.18 3.02 -6.80
C GLU A 86 2.69 1.74 -7.49
N ARG A 87 3.33 0.60 -7.26
CA ARG A 87 2.91 -0.71 -7.79
C ARG A 87 1.53 -1.09 -7.26
N ILE A 88 1.26 -0.91 -5.96
CA ILE A 88 -0.09 -1.11 -5.39
C ILE A 88 -1.09 -0.16 -6.06
N ARG A 89 -0.72 1.12 -6.23
CA ARG A 89 -1.58 2.11 -6.88
C ARG A 89 -1.95 1.69 -8.32
N LYS A 90 -1.05 1.07 -9.08
CA LYS A 90 -1.35 0.52 -10.41
C LYS A 90 -2.21 -0.74 -10.31
N ALA A 91 -1.90 -1.64 -9.37
CA ALA A 91 -2.67 -2.87 -9.16
C ALA A 91 -4.11 -2.61 -8.76
N LEU A 92 -4.35 -1.59 -7.92
CA LEU A 92 -5.69 -1.13 -7.57
C LEU A 92 -6.37 -0.43 -8.76
N SER A 93 -5.66 0.44 -9.48
CA SER A 93 -6.18 1.20 -10.63
C SER A 93 -6.62 0.26 -11.77
N LYS A 94 -5.90 -0.85 -11.93
CA LYS A 94 -6.14 -1.92 -12.93
C LYS A 94 -6.88 -3.13 -12.35
N ALA A 95 -7.40 -3.04 -11.12
CA ALA A 95 -7.93 -4.19 -10.38
C ALA A 95 -9.17 -4.85 -11.05
N PRO A 96 -9.43 -6.16 -10.78
CA PRO A 96 -10.67 -6.82 -11.17
C PRO A 96 -11.90 -6.33 -10.39
N SER A 97 -11.72 -5.83 -9.16
CA SER A 97 -12.77 -5.25 -8.33
C SER A 97 -12.98 -3.75 -8.60
N PRO A 98 -14.24 -3.29 -8.76
CA PRO A 98 -14.57 -1.87 -8.90
C PRO A 98 -14.33 -1.08 -7.60
N GLN A 99 -14.43 -1.70 -6.43
CA GLN A 99 -14.09 -1.04 -5.16
C GLN A 99 -12.59 -0.74 -5.08
N LEU A 100 -11.74 -1.65 -5.58
CA LEU A 100 -10.28 -1.44 -5.65
C LEU A 100 -9.91 -0.39 -6.72
N GLN A 101 -10.61 -0.38 -7.86
CA GLN A 101 -10.45 0.64 -8.89
C GLN A 101 -10.79 2.05 -8.37
N LYS A 102 -11.87 2.19 -7.59
CA LYS A 102 -12.24 3.45 -6.93
C LYS A 102 -11.26 3.83 -5.82
N LEU A 103 -10.70 2.87 -5.09
CA LEU A 103 -9.70 3.12 -4.03
C LEU A 103 -8.41 3.75 -4.59
N ALA A 104 -7.86 3.24 -5.69
CA ALA A 104 -6.72 3.87 -6.39
C ALA A 104 -6.98 5.32 -6.80
N ASN A 105 -8.25 5.67 -7.08
CA ASN A 105 -8.68 7.02 -7.46
C ASN A 105 -9.12 7.88 -6.25
N SER A 106 -9.05 7.36 -5.02
CA SER A 106 -9.58 8.06 -3.83
C SER A 106 -8.53 9.01 -3.25
N PRO A 107 -8.86 10.29 -2.99
CA PRO A 107 -7.92 11.26 -2.42
C PRO A 107 -7.55 10.95 -0.97
N GLN A 108 -8.49 10.47 -0.16
CA GLN A 108 -8.21 10.17 1.25
C GLN A 108 -7.18 9.02 1.39
N TRP A 109 -7.31 8.02 0.52
CA TRP A 109 -6.30 6.95 0.38
C TRP A 109 -4.97 7.49 -0.19
N GLN A 110 -5.02 8.17 -1.34
CA GLN A 110 -3.82 8.67 -2.03
C GLN A 110 -3.00 9.68 -1.19
N THR A 111 -3.66 10.48 -0.34
CA THR A 111 -2.98 11.43 0.56
C THR A 111 -2.12 10.70 1.60
N ALA A 112 -2.62 9.64 2.23
CA ALA A 112 -1.87 8.86 3.22
C ALA A 112 -0.60 8.23 2.63
N LEU A 113 -0.64 7.88 1.34
CA LEU A 113 0.53 7.35 0.63
C LEU A 113 1.66 8.40 0.56
N GLN A 114 1.33 9.67 0.34
CA GLN A 114 2.36 10.73 0.23
C GLN A 114 3.18 10.86 1.52
N GLU A 115 2.53 10.69 2.68
CA GLU A 115 3.16 10.74 4.00
C GLU A 115 4.17 9.61 4.18
N ALA A 116 3.95 8.47 3.52
CA ALA A 116 4.82 7.31 3.62
C ALA A 116 6.06 7.42 2.72
N ILE A 117 5.90 7.90 1.48
CA ILE A 117 7.08 8.18 0.62
C ILE A 117 7.96 9.25 1.27
N LYS A 118 7.39 10.38 1.71
CA LYS A 118 8.18 11.45 2.32
C LYS A 118 8.81 11.04 3.66
N LYS A 119 8.16 10.16 4.44
CA LYS A 119 8.78 9.52 5.63
C LYS A 119 10.07 8.78 5.25
N ALA A 120 10.03 7.97 4.19
CA ALA A 120 11.20 7.22 3.74
C ALA A 120 12.30 8.14 3.17
N ARG A 121 11.96 9.22 2.45
CA ARG A 121 12.93 10.27 2.04
C ARG A 121 13.63 10.89 3.26
N GLN A 122 12.86 11.27 4.29
CA GLN A 122 13.37 11.88 5.52
C GLN A 122 14.19 10.91 6.38
N GLU A 123 13.87 9.60 6.35
CA GLU A 123 14.65 8.57 7.03
C GLU A 123 15.97 8.26 6.30
N LYS A 124 16.00 8.34 4.96
CA LYS A 124 17.22 8.23 4.16
C LYS A 124 18.14 9.44 4.34
N LYS A 125 17.61 10.65 4.17
CA LYS A 125 18.35 11.92 4.25
C LYS A 125 18.68 12.29 5.71
N GLU A 126 19.95 12.15 6.08
CA GLU A 126 20.50 12.57 7.38
C GLU A 126 19.80 11.93 8.61
N LYS A 127 19.19 10.74 8.40
CA LYS A 127 18.52 9.90 9.42
C LYS A 127 17.49 10.65 10.29
N GLY A 128 16.67 11.49 9.65
CA GLY A 128 15.53 12.19 10.27
C GLY A 128 14.29 11.30 10.47
N SER A 129 13.23 11.88 11.05
CA SER A 129 11.88 11.29 11.19
C SER A 129 11.84 9.85 11.73
N LEU A 130 12.68 9.56 12.75
CA LEU A 130 12.76 8.25 13.41
C LEU A 130 11.52 7.95 14.27
N GLU A 131 11.17 6.67 14.40
CA GLU A 131 9.97 6.20 15.13
C GLU A 131 10.23 4.93 15.96
N HIS A 132 9.39 4.71 16.99
CA HIS A 132 9.28 3.47 17.75
C HIS A 132 7.84 3.26 18.23
N HIS A 133 7.42 1.99 18.32
CA HIS A 133 6.11 1.55 18.80
C HIS A 133 6.17 0.15 19.42
N HIS A 134 5.42 -0.09 20.49
CA HIS A 134 5.39 -1.36 21.23
C HIS A 134 4.50 -2.41 20.54
N HIS A 135 4.94 -2.90 19.38
CA HIS A 135 4.32 -3.99 18.59
C HIS A 135 2.88 -3.72 18.08
N HIS A 136 2.42 -2.46 18.07
CA HIS A 136 1.07 -2.04 17.65
C HIS A 136 1.12 -0.83 16.71
N HIS A 137 0.15 -0.74 15.78
CA HIS A 137 0.03 0.27 14.73
C HIS A 137 -1.43 0.46 14.27
N GLY A 1 -26.97 -10.15 4.65
CA GLY A 1 -25.99 -9.06 4.45
C GLY A 1 -25.06 -8.95 5.65
N ASP A 2 -25.18 -7.86 6.43
CA ASP A 2 -24.45 -7.54 7.67
C ASP A 2 -22.92 -7.33 7.55
N GLU A 3 -22.20 -8.17 6.79
CA GLU A 3 -20.76 -8.07 6.51
C GLU A 3 -20.47 -8.35 5.03
N ASP A 4 -19.55 -7.59 4.43
CA ASP A 4 -19.27 -7.59 2.97
C ASP A 4 -17.77 -7.54 2.61
N LYS A 5 -16.88 -7.46 3.61
CA LYS A 5 -15.44 -7.18 3.43
C LYS A 5 -14.61 -8.40 3.01
N GLU A 6 -14.98 -9.61 3.42
CA GLU A 6 -14.20 -10.83 3.14
C GLU A 6 -14.10 -11.14 1.63
N LYS A 7 -15.08 -10.71 0.85
CA LYS A 7 -15.05 -10.72 -0.63
C LYS A 7 -13.88 -9.87 -1.16
N LEU A 8 -13.71 -8.66 -0.63
CA LEU A 8 -12.69 -7.72 -1.10
C LEU A 8 -11.29 -8.12 -0.64
N LYS A 9 -11.23 -8.95 0.40
CA LYS A 9 -9.98 -9.44 1.02
C LYS A 9 -9.22 -10.38 0.07
N ARG A 10 -9.93 -11.36 -0.51
CA ARG A 10 -9.38 -12.29 -1.51
C ARG A 10 -8.92 -11.62 -2.80
N GLU A 11 -9.58 -10.52 -3.19
CA GLU A 11 -9.19 -9.71 -4.34
C GLU A 11 -7.99 -8.81 -4.04
N ALA A 12 -7.91 -8.23 -2.82
CA ALA A 12 -6.81 -7.37 -2.41
C ALA A 12 -5.51 -8.15 -2.20
N GLU A 13 -5.54 -9.36 -1.63
CA GLU A 13 -4.30 -10.11 -1.30
C GLU A 13 -3.41 -10.35 -2.54
N ARG A 14 -4.05 -10.46 -3.71
CA ARG A 14 -3.37 -10.59 -5.02
C ARG A 14 -2.81 -9.27 -5.52
N ALA A 15 -3.45 -8.15 -5.19
CA ALA A 15 -3.01 -6.80 -5.60
C ALA A 15 -1.57 -6.52 -5.15
N LEU A 16 -1.24 -6.89 -3.90
CA LEU A 16 0.12 -6.80 -3.37
C LEU A 16 1.07 -7.83 -4.01
N SER A 17 0.58 -9.05 -4.27
CA SER A 17 1.35 -10.12 -4.92
C SER A 17 1.82 -9.76 -6.33
N GLU A 18 0.97 -9.09 -7.12
CA GLU A 18 1.33 -8.59 -8.45
C GLU A 18 2.13 -7.29 -8.42
N ALA A 19 1.81 -6.36 -7.51
CA ALA A 19 2.55 -5.11 -7.32
C ALA A 19 4.00 -5.35 -6.86
N LEU A 20 4.17 -6.00 -5.71
CA LEU A 20 5.47 -6.26 -5.10
C LEU A 20 6.09 -7.59 -5.58
N SER A 21 5.64 -8.08 -6.74
CA SER A 21 6.10 -9.34 -7.36
C SER A 21 7.64 -9.43 -7.42
N GLU A 22 8.32 -8.35 -7.79
CA GLU A 22 9.79 -8.30 -7.84
C GLU A 22 10.46 -8.27 -6.47
N PHE A 23 9.81 -7.75 -5.43
CA PHE A 23 10.34 -7.75 -4.08
C PHE A 23 10.27 -9.16 -3.48
N GLU A 24 9.19 -9.89 -3.74
CA GLU A 24 9.05 -11.29 -3.34
C GLU A 24 10.02 -12.20 -4.15
N LYS A 25 10.19 -11.96 -5.45
CA LYS A 25 11.16 -12.65 -6.31
C LYS A 25 12.60 -12.51 -5.81
N GLN A 26 12.94 -11.33 -5.31
CA GLN A 26 14.23 -11.00 -4.68
C GLN A 26 14.38 -11.51 -3.24
N GLY A 27 13.29 -11.99 -2.61
CA GLY A 27 13.26 -12.40 -1.20
C GLY A 27 13.30 -11.24 -0.21
N LYS A 28 12.99 -10.02 -0.66
CA LYS A 28 12.82 -8.84 0.19
C LYS A 28 11.53 -8.89 0.99
N ILE A 29 10.46 -9.41 0.37
CA ILE A 29 9.13 -9.52 0.99
C ILE A 29 8.55 -10.94 0.96
N THR A 30 7.57 -11.22 1.82
CA THR A 30 6.90 -12.54 1.95
C THR A 30 5.43 -12.49 1.50
N PRO A 31 4.85 -13.59 1.01
CA PRO A 31 3.44 -13.62 0.57
C PRO A 31 2.47 -13.41 1.75
N GLU A 32 2.84 -13.83 2.95
CA GLU A 32 2.07 -13.60 4.18
C GLU A 32 2.06 -12.11 4.58
N THR A 33 3.16 -11.38 4.36
CA THR A 33 3.16 -9.92 4.55
C THR A 33 2.35 -9.22 3.46
N LEU A 34 2.51 -9.62 2.20
CA LEU A 34 1.72 -9.06 1.09
C LEU A 34 0.20 -9.23 1.31
N LYS A 35 -0.22 -10.35 1.91
CA LYS A 35 -1.60 -10.57 2.37
C LYS A 35 -2.00 -9.60 3.49
N ARG A 36 -1.13 -9.41 4.50
CA ARG A 36 -1.38 -8.55 5.66
C ARG A 36 -1.52 -7.07 5.30
N LEU A 37 -0.77 -6.59 4.31
CA LEU A 37 -0.88 -5.26 3.72
C LEU A 37 -2.23 -5.09 3.00
N ALA A 38 -2.63 -6.08 2.19
CA ALA A 38 -3.89 -6.11 1.46
C ALA A 38 -5.16 -6.26 2.33
N GLU A 39 -5.06 -6.92 3.49
CA GLU A 39 -6.17 -6.95 4.48
C GLU A 39 -6.66 -5.54 4.88
N GLU A 40 -5.78 -4.54 4.91
CA GLU A 40 -6.14 -3.13 5.13
C GLU A 40 -6.79 -2.50 3.88
N ILE A 41 -6.37 -2.91 2.67
CA ILE A 41 -6.92 -2.44 1.39
C ILE A 41 -8.38 -2.89 1.23
N ALA A 42 -8.70 -4.13 1.60
CA ALA A 42 -10.07 -4.65 1.54
C ALA A 42 -11.04 -3.76 2.35
N GLU A 43 -10.65 -3.37 3.55
CA GLU A 43 -11.41 -2.46 4.42
C GLU A 43 -11.50 -1.04 3.85
N ALA A 44 -10.44 -0.52 3.22
CA ALA A 44 -10.44 0.79 2.58
C ALA A 44 -11.35 0.84 1.32
N ALA A 45 -11.35 -0.22 0.52
CA ALA A 45 -12.23 -0.34 -0.64
C ALA A 45 -13.71 -0.52 -0.22
N LEU A 46 -13.95 -1.27 0.86
CA LEU A 46 -15.28 -1.33 1.50
C LEU A 46 -15.74 0.02 2.06
N ALA A 47 -14.82 0.87 2.53
CA ALA A 47 -15.13 2.25 2.88
C ALA A 47 -15.52 3.10 1.66
N GLN A 48 -14.96 2.82 0.48
CA GLN A 48 -15.27 3.54 -0.76
C GLN A 48 -16.71 3.29 -1.26
N GLN A 49 -17.24 2.05 -1.18
CA GLN A 49 -18.66 1.80 -1.48
C GLN A 49 -19.62 2.42 -0.44
N GLN A 50 -19.16 2.63 0.80
CA GLN A 50 -19.90 3.36 1.84
C GLN A 50 -19.72 4.90 1.80
N GLY A 51 -18.72 5.41 1.05
CA GLY A 51 -18.35 6.83 1.01
C GLY A 51 -17.75 7.38 2.32
N ASP A 52 -17.14 6.53 3.14
CA ASP A 52 -16.67 6.88 4.50
C ASP A 52 -15.22 7.40 4.49
N SER A 53 -15.04 8.70 4.22
CA SER A 53 -13.73 9.35 4.09
C SER A 53 -12.76 9.11 5.26
N GLU A 54 -13.26 9.10 6.50
CA GLU A 54 -12.43 8.94 7.70
C GLU A 54 -11.77 7.56 7.80
N ARG A 55 -12.43 6.53 7.26
CA ARG A 55 -11.92 5.16 7.23
C ARG A 55 -10.77 5.00 6.23
N LEU A 56 -10.88 5.64 5.07
CA LEU A 56 -9.87 5.60 4.01
C LEU A 56 -8.53 6.09 4.55
N GLU A 57 -8.55 7.20 5.29
CA GLU A 57 -7.34 7.82 5.83
C GLU A 57 -6.65 6.91 6.85
N LYS A 58 -7.42 6.36 7.81
CA LYS A 58 -6.89 5.47 8.84
C LYS A 58 -6.36 4.16 8.29
N ALA A 59 -7.10 3.50 7.39
CA ALA A 59 -6.69 2.23 6.78
C ALA A 59 -5.51 2.40 5.81
N ALA A 60 -5.50 3.46 4.99
CA ALA A 60 -4.40 3.74 4.07
C ALA A 60 -3.11 4.13 4.81
N ARG A 61 -3.22 4.90 5.92
CA ARG A 61 -2.09 5.23 6.78
C ARG A 61 -1.51 3.98 7.43
N ARG A 62 -2.36 3.12 8.01
CA ARG A 62 -1.91 1.86 8.61
C ARG A 62 -1.25 0.93 7.60
N PHE A 63 -1.81 0.83 6.40
CA PHE A 63 -1.20 0.08 5.29
C PHE A 63 0.18 0.62 4.93
N ALA A 64 0.29 1.92 4.66
CA ALA A 64 1.52 2.51 4.16
C ALA A 64 2.63 2.54 5.23
N GLU A 65 2.26 2.68 6.51
CA GLU A 65 3.17 2.55 7.66
C GLU A 65 3.71 1.12 7.78
N THR A 66 2.82 0.14 7.69
CA THR A 66 3.14 -1.29 7.82
C THR A 66 3.99 -1.78 6.65
N LEU A 67 3.64 -1.37 5.43
CA LEU A 67 4.41 -1.66 4.21
C LEU A 67 5.84 -1.12 4.31
N LEU A 68 6.00 0.12 4.77
CA LEU A 68 7.32 0.69 5.11
C LEU A 68 8.14 -0.22 6.03
N ARG A 69 7.54 -0.85 7.04
CA ARG A 69 8.26 -1.78 7.93
C ARG A 69 8.81 -2.97 7.15
N ALA A 70 7.99 -3.57 6.29
CA ALA A 70 8.34 -4.75 5.50
C ALA A 70 9.46 -4.46 4.48
N LEU A 71 9.40 -3.28 3.86
CA LEU A 71 10.40 -2.84 2.89
C LEU A 71 11.73 -2.46 3.57
N LYS A 72 11.68 -1.66 4.63
CA LYS A 72 12.89 -1.11 5.28
C LYS A 72 13.67 -2.20 6.01
N GLU A 73 12.99 -3.21 6.56
CA GLU A 73 13.68 -4.36 7.19
C GLU A 73 14.39 -5.27 6.18
N SER A 74 14.05 -5.14 4.88
CA SER A 74 14.73 -5.80 3.77
C SER A 74 15.91 -4.98 3.19
N GLY A 75 16.16 -3.79 3.75
CA GLY A 75 17.22 -2.86 3.34
C GLY A 75 16.81 -1.87 2.24
N ALA A 76 15.51 -1.64 2.00
CA ALA A 76 15.05 -0.72 0.94
C ALA A 76 15.25 0.77 1.31
N SER A 77 15.49 1.62 0.30
CA SER A 77 15.66 3.07 0.44
C SER A 77 14.47 3.84 -0.13
N ALA A 78 14.44 5.17 0.03
CA ALA A 78 13.33 6.04 -0.38
C ALA A 78 12.86 5.81 -1.82
N GLU A 79 13.80 5.53 -2.73
CA GLU A 79 13.52 5.18 -4.13
C GLU A 79 12.72 3.88 -4.32
N GLU A 80 13.06 2.85 -3.57
CA GLU A 80 12.45 1.53 -3.60
C GLU A 80 11.10 1.53 -2.87
N ILE A 81 10.99 2.29 -1.76
CA ILE A 81 9.71 2.55 -1.10
C ILE A 81 8.77 3.28 -2.07
N GLU A 82 9.21 4.37 -2.68
CA GLU A 82 8.39 5.16 -3.61
C GLU A 82 7.93 4.34 -4.81
N GLU A 83 8.79 3.46 -5.35
CA GLU A 83 8.40 2.52 -6.40
C GLU A 83 7.43 1.44 -5.90
N ALA A 84 7.60 0.91 -4.68
CA ALA A 84 6.78 -0.18 -4.16
C ALA A 84 5.32 0.26 -3.98
N ILE A 85 5.07 1.40 -3.32
CA ILE A 85 3.70 1.88 -3.07
C ILE A 85 2.96 2.19 -4.40
N GLU A 86 3.71 2.71 -5.37
CA GLU A 86 3.23 3.02 -6.71
C GLU A 86 2.77 1.75 -7.46
N ARG A 87 3.36 0.57 -7.20
CA ARG A 87 2.92 -0.70 -7.76
C ARG A 87 1.53 -1.10 -7.24
N ILE A 88 1.24 -0.90 -5.94
CA ILE A 88 -0.12 -1.09 -5.40
C ILE A 88 -1.10 -0.12 -6.07
N ARG A 89 -0.70 1.15 -6.28
CA ARG A 89 -1.51 2.16 -6.97
C ARG A 89 -1.92 1.69 -8.38
N LYS A 90 -1.01 1.03 -9.13
CA LYS A 90 -1.33 0.46 -10.46
C LYS A 90 -2.22 -0.78 -10.33
N ALA A 91 -1.90 -1.67 -9.39
CA ALA A 91 -2.67 -2.90 -9.15
C ALA A 91 -4.13 -2.63 -8.77
N LEU A 92 -4.37 -1.59 -7.97
CA LEU A 92 -5.71 -1.12 -7.62
C LEU A 92 -6.36 -0.42 -8.82
N SER A 93 -5.65 0.46 -9.52
CA SER A 93 -6.17 1.23 -10.66
C SER A 93 -6.62 0.32 -11.82
N LYS A 94 -5.89 -0.78 -12.02
CA LYS A 94 -6.13 -1.82 -13.04
C LYS A 94 -6.86 -3.06 -12.47
N ALA A 95 -7.37 -2.97 -11.24
CA ALA A 95 -7.96 -4.13 -10.54
C ALA A 95 -9.20 -4.72 -11.25
N PRO A 96 -9.51 -6.02 -11.04
CA PRO A 96 -10.77 -6.62 -11.47
C PRO A 96 -11.98 -6.14 -10.64
N SER A 97 -11.75 -5.73 -9.38
CA SER A 97 -12.77 -5.16 -8.50
C SER A 97 -13.00 -3.66 -8.76
N PRO A 98 -14.26 -3.19 -8.86
CA PRO A 98 -14.58 -1.78 -8.98
C PRO A 98 -14.23 -0.98 -7.72
N GLN A 99 -14.31 -1.58 -6.53
CA GLN A 99 -13.97 -0.88 -5.29
C GLN A 99 -12.45 -0.69 -5.12
N LEU A 100 -11.65 -1.65 -5.60
CA LEU A 100 -10.19 -1.47 -5.67
C LEU A 100 -9.81 -0.40 -6.71
N GLN A 101 -10.53 -0.33 -7.83
CA GLN A 101 -10.35 0.72 -8.84
C GLN A 101 -10.75 2.12 -8.32
N LYS A 102 -11.87 2.23 -7.59
CA LYS A 102 -12.25 3.46 -6.86
C LYS A 102 -11.22 3.85 -5.79
N LEU A 103 -10.62 2.87 -5.10
CA LEU A 103 -9.63 3.10 -4.05
C LEU A 103 -8.32 3.72 -4.59
N ALA A 104 -7.79 3.21 -5.72
CA ALA A 104 -6.66 3.85 -6.41
C ALA A 104 -6.95 5.32 -6.81
N ASN A 105 -8.22 5.64 -7.10
CA ASN A 105 -8.68 7.00 -7.43
C ASN A 105 -9.14 7.81 -6.20
N SER A 106 -9.00 7.29 -4.97
CA SER A 106 -9.53 7.91 -3.75
C SER A 106 -8.52 8.89 -3.14
N PRO A 107 -8.86 10.18 -2.93
CA PRO A 107 -7.93 11.16 -2.37
C PRO A 107 -7.56 10.88 -0.92
N GLN A 108 -8.50 10.40 -0.10
CA GLN A 108 -8.23 10.12 1.31
C GLN A 108 -7.21 8.97 1.49
N TRP A 109 -7.29 7.95 0.64
CA TRP A 109 -6.29 6.88 0.54
C TRP A 109 -4.96 7.39 -0.05
N GLN A 110 -5.01 8.08 -1.20
CA GLN A 110 -3.80 8.58 -1.90
C GLN A 110 -3.00 9.59 -1.06
N THR A 111 -3.67 10.40 -0.23
CA THR A 111 -3.01 11.37 0.66
C THR A 111 -2.16 10.64 1.72
N ALA A 112 -2.67 9.57 2.33
CA ALA A 112 -1.95 8.78 3.32
C ALA A 112 -0.67 8.15 2.75
N LEU A 113 -0.67 7.82 1.46
CA LEU A 113 0.52 7.31 0.77
C LEU A 113 1.64 8.36 0.74
N GLN A 114 1.33 9.64 0.52
CA GLN A 114 2.33 10.71 0.47
C GLN A 114 3.15 10.77 1.78
N GLU A 115 2.50 10.50 2.92
CA GLU A 115 3.09 10.54 4.25
C GLU A 115 4.14 9.43 4.44
N ALA A 116 3.97 8.32 3.74
CA ALA A 116 4.90 7.19 3.74
C ALA A 116 6.13 7.45 2.84
N ILE A 117 5.93 8.03 1.65
CA ILE A 117 7.03 8.38 0.74
C ILE A 117 7.93 9.46 1.37
N LYS A 118 7.35 10.54 1.90
CA LYS A 118 8.12 11.61 2.56
C LYS A 118 8.83 11.13 3.84
N LYS A 119 8.26 10.16 4.56
CA LYS A 119 8.92 9.50 5.71
C LYS A 119 10.20 8.77 5.31
N ALA A 120 10.17 8.01 4.21
CA ALA A 120 11.36 7.32 3.71
C ALA A 120 12.41 8.29 3.11
N ARG A 121 11.95 9.32 2.38
CA ARG A 121 12.81 10.40 1.84
C ARG A 121 13.54 11.20 2.94
N GLN A 122 12.91 11.41 4.10
CA GLN A 122 13.51 12.14 5.24
C GLN A 122 14.85 11.52 5.68
N GLU A 123 15.01 10.20 5.59
CA GLU A 123 16.23 9.48 5.98
C GLU A 123 17.41 9.66 4.99
N LYS A 124 17.17 10.32 3.85
CA LYS A 124 18.18 10.73 2.85
C LYS A 124 18.34 12.25 2.76
N LYS A 125 17.22 12.98 2.82
CA LYS A 125 17.16 14.45 2.62
C LYS A 125 17.48 15.26 3.89
N GLU A 126 16.93 14.86 5.04
CA GLU A 126 16.95 15.67 6.27
C GLU A 126 17.75 15.02 7.41
N LYS A 127 17.86 13.69 7.39
CA LYS A 127 18.60 12.85 8.35
C LYS A 127 19.67 11.99 7.64
N GLY A 128 20.44 11.21 8.41
CA GLY A 128 21.60 10.44 7.94
C GLY A 128 22.88 10.66 8.76
N SER A 129 22.77 11.19 9.98
CA SER A 129 23.90 11.52 10.87
C SER A 129 23.57 11.53 12.38
N LEU A 130 22.29 11.49 12.76
CA LEU A 130 21.78 11.61 14.13
C LEU A 130 20.60 10.63 14.34
N GLU A 131 20.87 9.33 14.26
CA GLU A 131 19.88 8.25 14.38
C GLU A 131 20.24 7.23 15.48
N HIS A 132 19.25 6.46 15.93
CA HIS A 132 19.36 5.40 16.95
C HIS A 132 18.58 4.14 16.52
N HIS A 133 18.92 2.98 17.10
CA HIS A 133 18.18 1.73 16.93
C HIS A 133 16.73 1.82 17.43
N HIS A 134 15.84 0.98 16.90
CA HIS A 134 14.42 0.92 17.30
C HIS A 134 14.23 0.35 18.73
N HIS A 135 15.19 -0.45 19.21
CA HIS A 135 15.16 -1.09 20.55
C HIS A 135 15.23 -0.08 21.71
N HIS A 136 14.88 -0.55 22.91
CA HIS A 136 14.87 0.23 24.17
C HIS A 136 13.91 1.45 24.16
N HIS A 137 12.70 1.24 23.63
CA HIS A 137 11.57 2.19 23.63
C HIS A 137 10.29 1.55 24.21
N GLY A 1 -20.13 -8.96 12.32
CA GLY A 1 -21.04 -7.81 12.10
C GLY A 1 -22.04 -8.08 10.97
N ASP A 2 -22.82 -7.05 10.60
CA ASP A 2 -23.88 -7.15 9.59
C ASP A 2 -23.37 -7.10 8.13
N GLU A 3 -22.13 -6.65 7.92
CA GLU A 3 -21.44 -6.54 6.62
C GLU A 3 -19.95 -6.90 6.76
N ASP A 4 -19.35 -7.49 5.72
CA ASP A 4 -17.96 -7.95 5.69
C ASP A 4 -17.12 -7.30 4.57
N LYS A 5 -15.79 -7.34 4.74
CA LYS A 5 -14.80 -6.99 3.70
C LYS A 5 -13.98 -8.19 3.22
N GLU A 6 -14.14 -9.36 3.84
CA GLU A 6 -13.50 -10.63 3.50
C GLU A 6 -13.75 -11.05 2.04
N LYS A 7 -14.94 -10.75 1.49
CA LYS A 7 -15.29 -10.92 0.06
C LYS A 7 -14.40 -10.15 -0.91
N LEU A 8 -13.85 -9.03 -0.42
CA LEU A 8 -12.93 -8.12 -1.12
C LEU A 8 -11.47 -8.44 -0.78
N LYS A 9 -11.22 -9.03 0.38
CA LYS A 9 -9.88 -9.37 0.90
C LYS A 9 -9.17 -10.42 0.03
N ARG A 10 -9.96 -11.38 -0.48
CA ARG A 10 -9.54 -12.36 -1.50
C ARG A 10 -9.14 -11.74 -2.85
N GLU A 11 -9.68 -10.56 -3.18
CA GLU A 11 -9.29 -9.77 -4.36
C GLU A 11 -8.06 -8.90 -4.07
N ALA A 12 -7.94 -8.35 -2.85
CA ALA A 12 -6.83 -7.50 -2.47
C ALA A 12 -5.52 -8.26 -2.29
N GLU A 13 -5.53 -9.49 -1.75
CA GLU A 13 -4.31 -10.26 -1.47
C GLU A 13 -3.43 -10.44 -2.72
N ARG A 14 -4.07 -10.53 -3.89
CA ARG A 14 -3.44 -10.58 -5.20
C ARG A 14 -2.80 -9.26 -5.60
N ALA A 15 -3.45 -8.15 -5.26
CA ALA A 15 -3.02 -6.79 -5.65
C ALA A 15 -1.58 -6.51 -5.20
N LEU A 16 -1.24 -6.85 -3.95
CA LEU A 16 0.13 -6.75 -3.44
C LEU A 16 1.08 -7.75 -4.09
N SER A 17 0.61 -8.97 -4.38
CA SER A 17 1.42 -10.02 -5.01
C SER A 17 1.84 -9.66 -6.44
N GLU A 18 0.96 -9.04 -7.22
CA GLU A 18 1.27 -8.56 -8.57
C GLU A 18 2.04 -7.23 -8.59
N ALA A 19 1.72 -6.31 -7.67
CA ALA A 19 2.45 -5.05 -7.47
C ALA A 19 3.89 -5.27 -7.01
N LEU A 20 4.08 -5.90 -5.86
CA LEU A 20 5.38 -6.13 -5.23
C LEU A 20 6.01 -7.45 -5.71
N SER A 21 5.56 -7.95 -6.87
CA SER A 21 6.11 -9.13 -7.55
C SER A 21 7.64 -9.07 -7.65
N GLU A 22 8.19 -7.91 -8.00
CA GLU A 22 9.64 -7.68 -8.10
C GLU A 22 10.37 -7.80 -6.77
N PHE A 23 9.74 -7.41 -5.65
CA PHE A 23 10.31 -7.49 -4.31
C PHE A 23 10.29 -8.92 -3.77
N GLU A 24 9.22 -9.68 -4.02
CA GLU A 24 9.15 -11.11 -3.68
C GLU A 24 10.12 -11.94 -4.56
N LYS A 25 10.24 -11.63 -5.86
CA LYS A 25 11.20 -12.23 -6.80
C LYS A 25 12.65 -12.07 -6.33
N GLN A 26 12.96 -10.89 -5.78
CA GLN A 26 14.26 -10.56 -5.19
C GLN A 26 14.47 -11.12 -3.78
N GLY A 27 13.41 -11.67 -3.15
CA GLY A 27 13.45 -12.14 -1.75
C GLY A 27 13.49 -11.01 -0.71
N LYS A 28 13.10 -9.79 -1.10
CA LYS A 28 12.94 -8.65 -0.17
C LYS A 28 11.71 -8.83 0.71
N ILE A 29 10.62 -9.36 0.14
CA ILE A 29 9.31 -9.44 0.79
C ILE A 29 8.71 -10.86 0.79
N THR A 30 7.79 -11.15 1.73
CA THR A 30 7.16 -12.48 1.91
C THR A 30 5.69 -12.48 1.47
N PRO A 31 5.15 -13.62 0.97
CA PRO A 31 3.75 -13.71 0.55
C PRO A 31 2.77 -13.50 1.73
N GLU A 32 3.15 -13.88 2.95
CA GLU A 32 2.35 -13.66 4.16
C GLU A 32 2.25 -12.15 4.48
N THR A 33 3.34 -11.39 4.31
CA THR A 33 3.30 -9.93 4.49
C THR A 33 2.51 -9.24 3.37
N LEU A 34 2.66 -9.70 2.12
CA LEU A 34 1.86 -9.17 1.00
C LEU A 34 0.35 -9.36 1.23
N LYS A 35 -0.07 -10.47 1.84
CA LYS A 35 -1.45 -10.66 2.31
C LYS A 35 -1.79 -9.68 3.43
N ARG A 36 -0.93 -9.51 4.45
CA ARG A 36 -1.15 -8.61 5.60
C ARG A 36 -1.38 -7.15 5.19
N LEU A 37 -0.65 -6.69 4.18
CA LEU A 37 -0.77 -5.37 3.57
C LEU A 37 -2.12 -5.22 2.84
N ALA A 38 -2.53 -6.22 2.06
CA ALA A 38 -3.82 -6.26 1.37
C ALA A 38 -5.05 -6.47 2.28
N GLU A 39 -4.89 -7.10 3.44
CA GLU A 39 -5.96 -7.22 4.45
C GLU A 39 -6.58 -5.86 4.84
N GLU A 40 -5.78 -4.77 4.82
CA GLU A 40 -6.28 -3.40 5.01
C GLU A 40 -7.01 -2.86 3.76
N ILE A 41 -6.53 -3.19 2.56
CA ILE A 41 -7.03 -2.62 1.29
C ILE A 41 -8.50 -2.94 1.07
N ALA A 42 -8.92 -4.16 1.36
CA ALA A 42 -10.32 -4.56 1.34
C ALA A 42 -11.18 -3.67 2.25
N GLU A 43 -10.71 -3.37 3.46
CA GLU A 43 -11.41 -2.48 4.39
C GLU A 43 -11.52 -1.04 3.89
N ALA A 44 -10.48 -0.52 3.23
CA ALA A 44 -10.51 0.82 2.62
C ALA A 44 -11.40 0.86 1.36
N ALA A 45 -11.34 -0.17 0.52
CA ALA A 45 -12.14 -0.29 -0.68
C ALA A 45 -13.66 -0.43 -0.37
N LEU A 46 -14.00 -1.13 0.71
CA LEU A 46 -15.36 -1.17 1.26
C LEU A 46 -15.81 0.21 1.79
N ALA A 47 -14.92 0.95 2.46
CA ALA A 47 -15.18 2.33 2.87
C ALA A 47 -15.45 3.27 1.68
N GLN A 48 -14.83 3.03 0.53
CA GLN A 48 -15.03 3.83 -0.68
C GLN A 48 -16.44 3.67 -1.27
N GLN A 49 -17.00 2.46 -1.31
CA GLN A 49 -18.40 2.28 -1.74
C GLN A 49 -19.42 2.79 -0.71
N GLN A 50 -19.04 2.81 0.57
CA GLN A 50 -19.81 3.43 1.65
C GLN A 50 -19.62 4.96 1.75
N GLY A 51 -18.63 5.54 1.05
CA GLY A 51 -18.34 6.98 1.05
C GLY A 51 -17.78 7.52 2.38
N ASP A 52 -17.13 6.68 3.19
CA ASP A 52 -16.67 7.00 4.55
C ASP A 52 -15.22 7.52 4.53
N SER A 53 -15.03 8.81 4.25
CA SER A 53 -13.72 9.44 4.05
C SER A 53 -12.72 9.20 5.18
N GLU A 54 -13.16 9.24 6.44
CA GLU A 54 -12.28 9.10 7.61
C GLU A 54 -11.65 7.70 7.68
N ARG A 55 -12.38 6.67 7.25
CA ARG A 55 -11.89 5.28 7.23
C ARG A 55 -10.72 5.09 6.27
N LEU A 56 -10.80 5.73 5.09
CA LEU A 56 -9.76 5.64 4.07
C LEU A 56 -8.44 6.17 4.61
N GLU A 57 -8.47 7.30 5.31
CA GLU A 57 -7.26 7.94 5.84
C GLU A 57 -6.60 7.09 6.93
N LYS A 58 -7.40 6.54 7.86
CA LYS A 58 -6.90 5.68 8.95
C LYS A 58 -6.37 4.35 8.41
N ALA A 59 -7.12 3.69 7.52
CA ALA A 59 -6.72 2.42 6.92
C ALA A 59 -5.46 2.60 6.04
N ALA A 60 -5.45 3.57 5.12
CA ALA A 60 -4.35 3.76 4.18
C ALA A 60 -3.02 4.10 4.88
N ARG A 61 -3.08 4.90 5.96
CA ARG A 61 -1.94 5.17 6.85
C ARG A 61 -1.45 3.88 7.49
N ARG A 62 -2.36 3.09 8.09
CA ARG A 62 -2.02 1.82 8.77
C ARG A 62 -1.43 0.77 7.83
N PHE A 63 -1.76 0.80 6.55
CA PHE A 63 -1.13 0.00 5.49
C PHE A 63 0.27 0.50 5.17
N ALA A 64 0.41 1.80 4.88
CA ALA A 64 1.68 2.36 4.49
C ALA A 64 2.73 2.25 5.62
N GLU A 65 2.28 2.31 6.88
CA GLU A 65 3.13 2.19 8.07
C GLU A 65 3.71 0.77 8.27
N THR A 66 2.96 -0.29 7.94
CA THR A 66 3.50 -1.66 7.92
C THR A 66 4.28 -1.96 6.63
N LEU A 67 3.85 -1.40 5.50
CA LEU A 67 4.51 -1.63 4.23
C LEU A 67 5.96 -1.11 4.27
N LEU A 68 6.16 0.13 4.74
CA LEU A 68 7.48 0.71 4.95
C LEU A 68 8.37 -0.17 5.85
N ARG A 69 7.82 -0.79 6.89
CA ARG A 69 8.56 -1.72 7.76
C ARG A 69 8.98 -2.98 7.00
N ALA A 70 8.10 -3.56 6.18
CA ALA A 70 8.39 -4.73 5.36
C ALA A 70 9.47 -4.46 4.30
N LEU A 71 9.46 -3.27 3.72
CA LEU A 71 10.45 -2.83 2.76
C LEU A 71 11.79 -2.50 3.43
N LYS A 72 11.77 -1.72 4.51
CA LYS A 72 12.99 -1.23 5.17
C LYS A 72 13.80 -2.35 5.82
N GLU A 73 13.11 -3.39 6.32
CA GLU A 73 13.78 -4.58 6.87
C GLU A 73 14.51 -5.42 5.78
N SER A 74 14.22 -5.16 4.50
CA SER A 74 14.95 -5.70 3.34
C SER A 74 16.12 -4.80 2.88
N GLY A 75 16.43 -3.75 3.65
CA GLY A 75 17.44 -2.74 3.34
C GLY A 75 16.97 -1.64 2.37
N ALA A 76 15.66 -1.52 2.11
CA ALA A 76 15.13 -0.55 1.14
C ALA A 76 15.30 0.92 1.58
N SER A 77 15.52 1.79 0.59
CA SER A 77 15.60 3.27 0.73
C SER A 77 14.41 3.96 0.06
N ALA A 78 14.33 5.29 0.14
CA ALA A 78 13.25 6.08 -0.47
C ALA A 78 13.01 5.76 -1.96
N GLU A 79 14.08 5.47 -2.71
CA GLU A 79 14.06 5.05 -4.12
C GLU A 79 13.32 3.71 -4.38
N GLU A 80 13.38 2.78 -3.43
CA GLU A 80 12.67 1.49 -3.46
C GLU A 80 11.26 1.62 -2.88
N ILE A 81 11.08 2.37 -1.79
CA ILE A 81 9.76 2.62 -1.19
C ILE A 81 8.85 3.35 -2.19
N GLU A 82 9.32 4.44 -2.80
CA GLU A 82 8.52 5.26 -3.73
C GLU A 82 8.14 4.51 -5.01
N GLU A 83 8.96 3.54 -5.43
CA GLU A 83 8.63 2.58 -6.48
C GLU A 83 7.60 1.54 -6.02
N ALA A 84 7.73 1.00 -4.80
CA ALA A 84 6.88 -0.07 -4.29
C ALA A 84 5.43 0.38 -4.11
N ILE A 85 5.18 1.53 -3.47
CA ILE A 85 3.81 2.02 -3.23
C ILE A 85 3.07 2.28 -4.55
N GLU A 86 3.79 2.79 -5.54
CA GLU A 86 3.28 3.06 -6.88
C GLU A 86 2.71 1.80 -7.54
N ARG A 87 3.34 0.63 -7.33
CA ARG A 87 2.90 -0.66 -7.85
C ARG A 87 1.51 -1.02 -7.32
N ILE A 88 1.25 -0.85 -6.02
CA ILE A 88 -0.08 -1.07 -5.43
C ILE A 88 -1.10 -0.13 -6.07
N ARG A 89 -0.76 1.14 -6.26
CA ARG A 89 -1.65 2.12 -6.90
C ARG A 89 -2.05 1.68 -8.31
N LYS A 90 -1.14 1.09 -9.10
CA LYS A 90 -1.45 0.55 -10.43
C LYS A 90 -2.28 -0.72 -10.35
N ALA A 91 -1.95 -1.62 -9.42
CA ALA A 91 -2.71 -2.85 -9.19
C ALA A 91 -4.15 -2.59 -8.77
N LEU A 92 -4.38 -1.55 -7.96
CA LEU A 92 -5.71 -1.12 -7.57
C LEU A 92 -6.43 -0.43 -8.75
N SER A 93 -5.74 0.44 -9.50
CA SER A 93 -6.29 1.16 -10.66
C SER A 93 -6.72 0.21 -11.78
N LYS A 94 -5.98 -0.90 -11.94
CA LYS A 94 -6.21 -1.98 -12.91
C LYS A 94 -6.92 -3.20 -12.30
N ALA A 95 -7.44 -3.08 -11.07
CA ALA A 95 -7.98 -4.22 -10.31
C ALA A 95 -9.21 -4.89 -10.99
N PRO A 96 -9.44 -6.20 -10.73
CA PRO A 96 -10.67 -6.88 -11.12
C PRO A 96 -11.90 -6.37 -10.33
N SER A 97 -11.69 -5.85 -9.11
CA SER A 97 -12.70 -5.22 -8.27
C SER A 97 -12.87 -3.72 -8.61
N PRO A 98 -14.11 -3.24 -8.85
CA PRO A 98 -14.40 -1.82 -8.99
C PRO A 98 -14.23 -1.03 -7.68
N GLN A 99 -14.39 -1.67 -6.51
CA GLN A 99 -14.11 -1.02 -5.22
C GLN A 99 -12.61 -0.69 -5.09
N LEU A 100 -11.73 -1.59 -5.55
CA LEU A 100 -10.29 -1.33 -5.59
C LEU A 100 -9.91 -0.28 -6.65
N GLN A 101 -10.64 -0.24 -7.78
CA GLN A 101 -10.47 0.82 -8.79
C GLN A 101 -10.87 2.20 -8.24
N LYS A 102 -11.95 2.30 -7.47
CA LYS A 102 -12.33 3.51 -6.72
C LYS A 102 -11.29 3.90 -5.66
N LEU A 103 -10.64 2.91 -5.02
CA LEU A 103 -9.61 3.14 -4.01
C LEU A 103 -8.32 3.74 -4.60
N ALA A 104 -7.81 3.23 -5.72
CA ALA A 104 -6.71 3.87 -6.46
C ALA A 104 -7.03 5.32 -6.88
N ASN A 105 -8.31 5.61 -7.16
CA ASN A 105 -8.80 6.94 -7.52
C ASN A 105 -9.20 7.79 -6.29
N SER A 106 -8.99 7.31 -5.06
CA SER A 106 -9.43 7.99 -3.83
C SER A 106 -8.36 8.97 -3.35
N PRO A 107 -8.69 10.25 -3.06
CA PRO A 107 -7.75 11.20 -2.49
C PRO A 107 -7.40 10.87 -1.04
N GLN A 108 -8.33 10.32 -0.27
CA GLN A 108 -8.14 10.06 1.15
C GLN A 108 -7.09 8.96 1.39
N TRP A 109 -7.14 7.93 0.54
CA TRP A 109 -6.13 6.88 0.44
C TRP A 109 -4.82 7.42 -0.14
N GLN A 110 -4.85 8.09 -1.30
CA GLN A 110 -3.64 8.61 -1.97
C GLN A 110 -2.88 9.64 -1.11
N THR A 111 -3.57 10.42 -0.28
CA THR A 111 -2.94 11.35 0.68
C THR A 111 -2.11 10.60 1.72
N ALA A 112 -2.63 9.53 2.32
CA ALA A 112 -1.90 8.74 3.31
C ALA A 112 -0.63 8.11 2.74
N LEU A 113 -0.65 7.76 1.44
CA LEU A 113 0.52 7.24 0.73
C LEU A 113 1.64 8.31 0.65
N GLN A 114 1.30 9.59 0.41
CA GLN A 114 2.31 10.66 0.30
C GLN A 114 3.15 10.79 1.58
N GLU A 115 2.51 10.59 2.74
CA GLU A 115 3.15 10.69 4.06
C GLU A 115 4.18 9.59 4.26
N ALA A 116 3.97 8.43 3.64
CA ALA A 116 4.93 7.33 3.67
C ALA A 116 6.13 7.53 2.73
N ILE A 117 5.90 8.00 1.49
CA ILE A 117 7.02 8.35 0.59
C ILE A 117 7.87 9.49 1.18
N LYS A 118 7.25 10.56 1.67
CA LYS A 118 7.99 11.68 2.28
C LYS A 118 8.70 11.27 3.57
N LYS A 119 8.14 10.33 4.37
CA LYS A 119 8.84 9.73 5.52
C LYS A 119 10.12 9.00 5.10
N ALA A 120 10.06 8.15 4.07
CA ALA A 120 11.26 7.44 3.59
C ALA A 120 12.33 8.42 3.06
N ARG A 121 11.92 9.47 2.34
CA ARG A 121 12.80 10.57 1.87
C ARG A 121 13.41 11.41 3.01
N GLN A 122 12.71 11.54 4.14
CA GLN A 122 13.19 12.23 5.35
C GLN A 122 14.11 11.35 6.21
N GLU A 123 13.85 10.05 6.32
CA GLU A 123 14.62 9.10 7.15
C GLU A 123 15.93 8.63 6.46
N LYS A 124 15.93 8.52 5.12
CA LYS A 124 17.09 8.23 4.26
C LYS A 124 17.82 6.91 4.60
N LYS A 125 19.01 6.71 4.01
CA LYS A 125 19.94 5.60 4.29
C LYS A 125 20.58 5.67 5.68
N GLU A 126 20.45 6.81 6.37
CA GLU A 126 21.05 7.07 7.69
C GLU A 126 20.29 6.40 8.86
N LYS A 127 19.04 5.96 8.66
CA LYS A 127 18.20 5.33 9.68
C LYS A 127 18.68 3.90 10.00
N GLY A 128 19.35 3.73 11.15
CA GLY A 128 19.80 2.43 11.66
C GLY A 128 18.64 1.45 11.95
N SER A 129 18.95 0.16 12.01
CA SER A 129 17.98 -0.92 12.21
C SER A 129 18.04 -1.52 13.63
N LEU A 130 16.88 -1.93 14.16
CA LEU A 130 16.75 -2.50 15.51
C LEU A 130 15.82 -3.74 15.60
N GLU A 131 14.70 -3.75 14.88
CA GLU A 131 13.79 -4.92 14.80
C GLU A 131 12.87 -4.83 13.56
N HIS A 132 12.05 -3.77 13.47
CA HIS A 132 11.14 -3.44 12.38
C HIS A 132 10.07 -4.51 11.98
N HIS A 133 9.93 -5.60 12.75
CA HIS A 133 8.94 -6.66 12.47
C HIS A 133 7.53 -6.27 12.96
N HIS A 134 6.49 -6.80 12.30
CA HIS A 134 5.09 -6.65 12.71
C HIS A 134 4.71 -7.60 13.87
N HIS A 135 3.59 -7.33 14.56
CA HIS A 135 3.14 -8.06 15.75
C HIS A 135 1.65 -8.44 15.70
N HIS A 136 1.29 -9.55 16.35
CA HIS A 136 -0.06 -10.13 16.42
C HIS A 136 -0.70 -10.43 15.04
N HIS A 137 -1.91 -11.01 15.05
CA HIS A 137 -2.79 -11.17 13.88
C HIS A 137 -3.93 -10.12 13.90
N GLY A 1 -25.28 -0.79 11.19
CA GLY A 1 -24.11 -1.69 11.32
C GLY A 1 -23.17 -1.57 10.13
N ASP A 2 -22.41 -2.62 9.84
CA ASP A 2 -21.47 -2.71 8.71
C ASP A 2 -21.44 -4.12 8.08
N GLU A 3 -21.03 -4.22 6.81
CA GLU A 3 -20.90 -5.48 6.09
C GLU A 3 -19.78 -6.39 6.62
N ASP A 4 -18.61 -5.83 6.96
CA ASP A 4 -17.42 -6.55 7.45
C ASP A 4 -17.01 -7.80 6.63
N LYS A 5 -17.22 -7.77 5.31
CA LYS A 5 -17.05 -8.93 4.40
C LYS A 5 -15.59 -9.19 4.01
N GLU A 6 -15.26 -10.47 3.86
CA GLU A 6 -13.99 -10.98 3.32
C GLU A 6 -13.89 -10.90 1.79
N LYS A 7 -14.99 -10.61 1.09
CA LYS A 7 -15.11 -10.58 -0.39
C LYS A 7 -14.07 -9.74 -1.11
N LEU A 8 -13.61 -8.68 -0.45
CA LEU A 8 -12.60 -7.74 -0.95
C LEU A 8 -11.17 -8.12 -0.53
N LYS A 9 -10.99 -8.78 0.62
CA LYS A 9 -9.67 -9.23 1.11
C LYS A 9 -9.02 -10.22 0.12
N ARG A 10 -9.81 -11.16 -0.40
CA ARG A 10 -9.40 -12.12 -1.43
C ARG A 10 -8.99 -11.49 -2.77
N GLU A 11 -9.57 -10.34 -3.11
CA GLU A 11 -9.22 -9.56 -4.31
C GLU A 11 -7.99 -8.66 -4.06
N ALA A 12 -7.86 -8.11 -2.85
CA ALA A 12 -6.74 -7.24 -2.49
C ALA A 12 -5.43 -8.00 -2.27
N GLU A 13 -5.45 -9.22 -1.71
CA GLU A 13 -4.21 -9.99 -1.42
C GLU A 13 -3.38 -10.22 -2.68
N ARG A 14 -4.09 -10.35 -3.82
CA ARG A 14 -3.52 -10.43 -5.16
C ARG A 14 -2.84 -9.15 -5.58
N ALA A 15 -3.47 -8.03 -5.28
CA ALA A 15 -3.01 -6.68 -5.65
C ALA A 15 -1.58 -6.42 -5.16
N LEU A 16 -1.27 -6.81 -3.91
CA LEU A 16 0.09 -6.73 -3.37
C LEU A 16 1.03 -7.76 -4.00
N SER A 17 0.55 -8.97 -4.25
CA SER A 17 1.34 -10.05 -4.86
C SER A 17 1.82 -9.71 -6.27
N GLU A 18 0.98 -9.07 -7.09
CA GLU A 18 1.34 -8.60 -8.43
C GLU A 18 2.12 -7.28 -8.42
N ALA A 19 1.78 -6.35 -7.53
CA ALA A 19 2.51 -5.09 -7.35
C ALA A 19 3.95 -5.31 -6.86
N LEU A 20 4.12 -5.95 -5.71
CA LEU A 20 5.41 -6.23 -5.09
C LEU A 20 6.00 -7.57 -5.57
N SER A 21 5.56 -8.05 -6.74
CA SER A 21 6.14 -9.21 -7.45
C SER A 21 7.66 -9.10 -7.53
N GLU A 22 8.21 -7.93 -7.91
CA GLU A 22 9.66 -7.70 -7.96
C GLU A 22 10.36 -7.81 -6.60
N PHE A 23 9.68 -7.50 -5.49
CA PHE A 23 10.24 -7.53 -4.14
C PHE A 23 10.23 -8.96 -3.58
N GLU A 24 9.16 -9.71 -3.80
CA GLU A 24 9.07 -11.14 -3.45
C GLU A 24 10.04 -11.99 -4.30
N LYS A 25 10.15 -11.70 -5.61
CA LYS A 25 11.12 -12.31 -6.55
C LYS A 25 12.57 -12.09 -6.12
N GLN A 26 12.88 -10.93 -5.57
CA GLN A 26 14.18 -10.58 -4.99
C GLN A 26 14.42 -11.15 -3.59
N GLY A 27 13.38 -11.70 -2.93
CA GLY A 27 13.44 -12.14 -1.53
C GLY A 27 13.47 -11.00 -0.52
N LYS A 28 13.04 -9.79 -0.91
CA LYS A 28 12.87 -8.65 0.00
C LYS A 28 11.65 -8.84 0.91
N ILE A 29 10.56 -9.39 0.35
CA ILE A 29 9.25 -9.47 1.03
C ILE A 29 8.65 -10.89 1.07
N THR A 30 7.74 -11.14 2.02
CA THR A 30 7.06 -12.43 2.21
C THR A 30 5.60 -12.41 1.72
N PRO A 31 5.03 -13.53 1.25
CA PRO A 31 3.63 -13.59 0.80
C PRO A 31 2.63 -13.37 1.95
N GLU A 32 2.99 -13.78 3.17
CA GLU A 32 2.21 -13.54 4.39
C GLU A 32 2.10 -12.04 4.71
N THR A 33 3.18 -11.27 4.49
CA THR A 33 3.15 -9.81 4.64
C THR A 33 2.35 -9.15 3.51
N LEU A 34 2.52 -9.59 2.26
CA LEU A 34 1.75 -9.04 1.13
C LEU A 34 0.23 -9.19 1.34
N LYS A 35 -0.22 -10.30 1.97
CA LYS A 35 -1.61 -10.46 2.42
C LYS A 35 -1.96 -9.44 3.51
N ARG A 36 -1.13 -9.31 4.56
CA ARG A 36 -1.37 -8.42 5.71
C ARG A 36 -1.52 -6.94 5.32
N LEU A 37 -0.78 -6.49 4.30
CA LEU A 37 -0.88 -5.15 3.70
C LEU A 37 -2.23 -4.97 2.97
N ALA A 38 -2.60 -5.94 2.13
CA ALA A 38 -3.84 -5.97 1.36
C ALA A 38 -5.11 -6.10 2.22
N GLU A 39 -5.03 -6.77 3.36
CA GLU A 39 -6.15 -6.86 4.31
C GLU A 39 -6.71 -5.49 4.73
N GLU A 40 -5.89 -4.43 4.80
CA GLU A 40 -6.38 -3.05 5.01
C GLU A 40 -6.81 -2.33 3.73
N ILE A 41 -6.30 -2.71 2.55
CA ILE A 41 -6.80 -2.23 1.26
C ILE A 41 -8.27 -2.64 1.08
N ALA A 42 -8.61 -3.88 1.45
CA ALA A 42 -9.98 -4.37 1.43
C ALA A 42 -10.92 -3.51 2.28
N GLU A 43 -10.49 -3.12 3.47
CA GLU A 43 -11.24 -2.19 4.35
C GLU A 43 -11.43 -0.82 3.67
N ALA A 44 -10.41 -0.28 3.02
CA ALA A 44 -10.45 1.02 2.36
C ALA A 44 -11.32 1.01 1.09
N ALA A 45 -11.40 -0.11 0.38
CA ALA A 45 -12.27 -0.32 -0.76
C ALA A 45 -13.75 -0.47 -0.34
N LEU A 46 -14.00 -1.23 0.74
CA LEU A 46 -15.30 -1.31 1.41
C LEU A 46 -15.77 0.07 1.93
N ALA A 47 -14.84 0.91 2.40
CA ALA A 47 -15.14 2.29 2.82
C ALA A 47 -15.76 3.14 1.71
N GLN A 48 -15.34 2.91 0.46
CA GLN A 48 -15.89 3.59 -0.73
C GLN A 48 -17.29 3.09 -1.07
N GLN A 49 -17.59 1.81 -0.79
CA GLN A 49 -18.95 1.25 -0.84
C GLN A 49 -19.86 1.88 0.24
N GLN A 50 -19.31 2.15 1.43
CA GLN A 50 -20.03 2.76 2.57
C GLN A 50 -20.04 4.30 2.57
N GLY A 51 -19.23 4.95 1.72
CA GLY A 51 -19.08 6.41 1.65
C GLY A 51 -18.36 7.05 2.85
N ASP A 52 -17.51 6.30 3.57
CA ASP A 52 -16.86 6.72 4.81
C ASP A 52 -15.43 7.25 4.56
N SER A 53 -15.27 8.58 4.48
CA SER A 53 -13.97 9.23 4.24
C SER A 53 -12.90 8.91 5.29
N GLU A 54 -13.27 8.84 6.56
CA GLU A 54 -12.30 8.67 7.66
C GLU A 54 -11.60 7.30 7.61
N ARG A 55 -12.32 6.27 7.14
CA ARG A 55 -11.79 4.92 6.93
C ARG A 55 -10.66 4.88 5.90
N LEU A 56 -10.81 5.62 4.80
CA LEU A 56 -9.82 5.68 3.72
C LEU A 56 -8.49 6.16 4.29
N GLU A 57 -8.52 7.26 5.05
CA GLU A 57 -7.33 7.88 5.62
C GLU A 57 -6.68 6.97 6.69
N LYS A 58 -7.49 6.37 7.58
CA LYS A 58 -7.00 5.43 8.61
C LYS A 58 -6.30 4.24 7.96
N ALA A 59 -7.01 3.53 7.09
CA ALA A 59 -6.54 2.26 6.53
C ALA A 59 -5.38 2.47 5.56
N ALA A 60 -5.39 3.54 4.75
CA ALA A 60 -4.28 3.88 3.86
C ALA A 60 -3.01 4.27 4.62
N ARG A 61 -3.13 5.07 5.70
CA ARG A 61 -2.00 5.43 6.57
C ARG A 61 -1.43 4.18 7.23
N ARG A 62 -2.28 3.37 7.86
CA ARG A 62 -1.84 2.18 8.60
C ARG A 62 -1.23 1.11 7.66
N PHE A 63 -1.79 0.97 6.46
CA PHE A 63 -1.20 0.16 5.36
C PHE A 63 0.21 0.66 5.00
N ALA A 64 0.35 1.96 4.70
CA ALA A 64 1.60 2.51 4.20
C ALA A 64 2.69 2.54 5.29
N GLU A 65 2.29 2.72 6.55
CA GLU A 65 3.19 2.63 7.71
C GLU A 65 3.70 1.20 7.91
N THR A 66 2.82 0.19 7.82
CA THR A 66 3.18 -1.23 7.91
C THR A 66 4.05 -1.67 6.73
N LEU A 67 3.68 -1.29 5.51
CA LEU A 67 4.42 -1.56 4.29
C LEU A 67 5.87 -1.03 4.39
N LEU A 68 6.04 0.19 4.92
CA LEU A 68 7.36 0.78 5.17
C LEU A 68 8.26 -0.13 6.02
N ARG A 69 7.75 -0.77 7.08
CA ARG A 69 8.54 -1.72 7.89
C ARG A 69 8.91 -2.97 7.08
N ALA A 70 7.99 -3.49 6.27
CA ALA A 70 8.22 -4.66 5.42
C ALA A 70 9.28 -4.43 4.33
N LEU A 71 9.34 -3.21 3.81
CA LEU A 71 10.34 -2.81 2.85
C LEU A 71 11.68 -2.50 3.52
N LYS A 72 11.67 -1.72 4.61
CA LYS A 72 12.89 -1.25 5.29
C LYS A 72 13.66 -2.41 5.91
N GLU A 73 12.98 -3.44 6.40
CA GLU A 73 13.63 -4.66 6.92
C GLU A 73 14.37 -5.47 5.83
N SER A 74 14.13 -5.17 4.55
CA SER A 74 14.88 -5.70 3.41
C SER A 74 16.07 -4.81 2.98
N GLY A 75 16.38 -3.78 3.76
CA GLY A 75 17.39 -2.76 3.47
C GLY A 75 16.93 -1.67 2.49
N ALA A 76 15.62 -1.53 2.24
CA ALA A 76 15.11 -0.56 1.27
C ALA A 76 15.33 0.90 1.68
N SER A 77 15.58 1.78 0.70
CA SER A 77 15.65 3.24 0.86
C SER A 77 14.42 3.93 0.24
N ALA A 78 14.36 5.26 0.33
CA ALA A 78 13.27 6.09 -0.21
C ALA A 78 12.96 5.81 -1.69
N GLU A 79 13.97 5.40 -2.49
CA GLU A 79 13.79 5.05 -3.91
C GLU A 79 13.06 3.71 -4.12
N GLU A 80 13.33 2.71 -3.27
CA GLU A 80 12.68 1.41 -3.28
C GLU A 80 11.28 1.47 -2.66
N ILE A 81 11.09 2.29 -1.61
CA ILE A 81 9.77 2.60 -1.06
C ILE A 81 8.90 3.28 -2.12
N GLU A 82 9.40 4.33 -2.78
CA GLU A 82 8.66 5.05 -3.83
C GLU A 82 8.25 4.13 -4.97
N GLU A 83 9.16 3.27 -5.44
CA GLU A 83 8.85 2.25 -6.46
C GLU A 83 7.83 1.20 -5.98
N ALA A 84 7.81 0.83 -4.69
CA ALA A 84 6.89 -0.18 -4.18
C ALA A 84 5.45 0.34 -4.11
N ILE A 85 5.21 1.50 -3.47
CA ILE A 85 3.84 2.02 -3.27
C ILE A 85 3.15 2.28 -4.61
N GLU A 86 3.92 2.75 -5.59
CA GLU A 86 3.46 3.02 -6.95
C GLU A 86 2.92 1.77 -7.65
N ARG A 87 3.43 0.57 -7.31
CA ARG A 87 2.97 -0.71 -7.86
C ARG A 87 1.56 -1.05 -7.35
N ILE A 88 1.27 -0.81 -6.06
CA ILE A 88 -0.09 -0.98 -5.51
C ILE A 88 -1.06 -0.02 -6.21
N ARG A 89 -0.63 1.23 -6.45
CA ARG A 89 -1.41 2.25 -7.19
C ARG A 89 -1.84 1.73 -8.57
N LYS A 90 -0.94 1.04 -9.31
CA LYS A 90 -1.29 0.45 -10.61
C LYS A 90 -2.18 -0.78 -10.45
N ALA A 91 -1.88 -1.64 -9.48
CA ALA A 91 -2.65 -2.88 -9.23
C ALA A 91 -4.11 -2.59 -8.85
N LEU A 92 -4.35 -1.53 -8.06
CA LEU A 92 -5.69 -1.08 -7.70
C LEU A 92 -6.37 -0.38 -8.89
N SER A 93 -5.64 0.46 -9.63
CA SER A 93 -6.17 1.19 -10.80
C SER A 93 -6.58 0.23 -11.95
N LYS A 94 -5.89 -0.91 -12.03
CA LYS A 94 -6.12 -2.00 -13.00
C LYS A 94 -6.87 -3.20 -12.40
N ALA A 95 -7.39 -3.08 -11.17
CA ALA A 95 -7.94 -4.20 -10.42
C ALA A 95 -9.16 -4.88 -11.09
N PRO A 96 -9.42 -6.18 -10.82
CA PRO A 96 -10.64 -6.86 -11.25
C PRO A 96 -11.90 -6.36 -10.50
N SER A 97 -11.75 -5.86 -9.27
CA SER A 97 -12.82 -5.25 -8.47
C SER A 97 -13.02 -3.76 -8.82
N PRO A 98 -14.27 -3.28 -8.92
CA PRO A 98 -14.57 -1.86 -9.05
C PRO A 98 -14.34 -1.08 -7.74
N GLN A 99 -14.48 -1.70 -6.57
CA GLN A 99 -14.17 -1.04 -5.30
C GLN A 99 -12.66 -0.76 -5.16
N LEU A 100 -11.82 -1.67 -5.66
CA LEU A 100 -10.36 -1.46 -5.69
C LEU A 100 -9.96 -0.36 -6.70
N GLN A 101 -10.70 -0.21 -7.80
CA GLN A 101 -10.52 0.90 -8.75
C GLN A 101 -10.93 2.25 -8.13
N LYS A 102 -12.07 2.31 -7.42
CA LYS A 102 -12.48 3.50 -6.64
C LYS A 102 -11.51 3.84 -5.50
N LEU A 103 -10.74 2.86 -5.00
CA LEU A 103 -9.68 3.08 -4.02
C LEU A 103 -8.41 3.70 -4.63
N ALA A 104 -7.90 3.18 -5.76
CA ALA A 104 -6.80 3.86 -6.48
C ALA A 104 -7.18 5.30 -6.93
N ASN A 105 -8.47 5.54 -7.18
CA ASN A 105 -9.03 6.86 -7.50
C ASN A 105 -9.36 7.73 -6.26
N SER A 106 -9.14 7.24 -5.03
CA SER A 106 -9.54 7.90 -3.79
C SER A 106 -8.44 8.83 -3.27
N PRO A 107 -8.68 10.14 -3.11
CA PRO A 107 -7.68 11.07 -2.59
C PRO A 107 -7.40 10.88 -1.11
N GLN A 108 -8.39 10.45 -0.32
CA GLN A 108 -8.18 10.20 1.11
C GLN A 108 -7.16 9.06 1.32
N TRP A 109 -7.22 8.05 0.46
CA TRP A 109 -6.20 6.99 0.38
C TRP A 109 -4.88 7.52 -0.20
N GLN A 110 -4.89 8.13 -1.39
CA GLN A 110 -3.64 8.49 -2.08
C GLN A 110 -2.84 9.62 -1.40
N THR A 111 -3.48 10.45 -0.59
CA THR A 111 -2.81 11.44 0.29
C THR A 111 -2.01 10.75 1.40
N ALA A 112 -2.57 9.72 2.06
CA ALA A 112 -1.88 8.94 3.08
C ALA A 112 -0.59 8.28 2.54
N LEU A 113 -0.59 7.92 1.26
CA LEU A 113 0.58 7.34 0.60
C LEU A 113 1.75 8.34 0.57
N GLN A 114 1.49 9.63 0.32
CA GLN A 114 2.54 10.67 0.27
C GLN A 114 3.31 10.76 1.60
N GLU A 115 2.60 10.58 2.72
CA GLU A 115 3.15 10.64 4.08
C GLU A 115 4.16 9.52 4.34
N ALA A 116 3.99 8.38 3.66
CA ALA A 116 4.89 7.25 3.74
C ALA A 116 6.19 7.46 2.95
N ILE A 117 6.09 7.97 1.72
CA ILE A 117 7.26 8.21 0.86
C ILE A 117 8.14 9.35 1.41
N LYS A 118 7.53 10.42 1.93
CA LYS A 118 8.29 11.52 2.58
C LYS A 118 8.93 11.08 3.91
N LYS A 119 8.29 10.16 4.65
CA LYS A 119 8.89 9.50 5.84
C LYS A 119 10.13 8.69 5.48
N ALA A 120 10.10 7.95 4.36
CA ALA A 120 11.26 7.20 3.88
C ALA A 120 12.40 8.14 3.43
N ARG A 121 12.09 9.26 2.74
CA ARG A 121 13.05 10.32 2.38
C ARG A 121 13.73 10.99 3.58
N GLN A 122 13.05 11.06 4.73
CA GLN A 122 13.61 11.63 5.97
C GLN A 122 14.80 10.80 6.51
N GLU A 123 14.79 9.47 6.32
CA GLU A 123 15.92 8.60 6.68
C GLU A 123 16.89 8.36 5.50
N LYS A 124 16.36 7.99 4.33
CA LYS A 124 17.09 7.68 3.07
C LYS A 124 18.37 6.83 3.24
N LYS A 125 18.31 5.85 4.16
CA LYS A 125 19.41 4.96 4.56
C LYS A 125 18.90 3.56 4.91
N GLU A 126 19.68 2.53 4.56
CA GLU A 126 19.32 1.12 4.78
C GLU A 126 19.32 0.71 6.26
N LYS A 127 20.37 1.09 7.02
CA LYS A 127 20.71 0.64 8.39
C LYS A 127 21.02 -0.86 8.50
N GLY A 128 21.92 -1.22 9.43
CA GLY A 128 22.18 -2.61 9.84
C GLY A 128 21.15 -3.11 10.87
N SER A 129 21.33 -4.35 11.36
CA SER A 129 20.53 -4.97 12.43
C SER A 129 19.01 -4.86 12.21
N LEU A 130 18.54 -5.40 11.08
CA LEU A 130 17.16 -5.26 10.59
C LEU A 130 16.17 -6.34 11.09
N GLU A 131 16.67 -7.38 11.75
CA GLU A 131 15.94 -8.58 12.23
C GLU A 131 15.31 -9.45 11.11
N HIS A 132 15.11 -10.74 11.39
CA HIS A 132 14.58 -11.75 10.46
C HIS A 132 13.04 -11.65 10.32
N HIS A 133 12.58 -10.55 9.73
CA HIS A 133 11.18 -10.17 9.49
C HIS A 133 10.30 -9.95 10.74
N HIS A 134 9.17 -9.26 10.56
CA HIS A 134 8.13 -9.11 11.59
C HIS A 134 7.36 -10.42 11.84
N HIS A 135 6.91 -10.61 13.09
CA HIS A 135 6.23 -11.84 13.54
C HIS A 135 4.79 -11.95 13.02
N HIS A 136 4.37 -13.19 12.76
CA HIS A 136 3.03 -13.58 12.29
C HIS A 136 2.58 -14.89 12.99
N HIS A 137 1.29 -14.97 13.34
CA HIS A 137 0.66 -16.13 14.00
C HIS A 137 -0.80 -16.30 13.55
N GLY A 1 -26.21 -3.26 5.10
CA GLY A 1 -24.79 -3.44 4.73
C GLY A 1 -24.37 -4.89 4.88
N ASP A 2 -23.45 -5.18 5.80
CA ASP A 2 -22.95 -6.52 6.15
C ASP A 2 -22.44 -7.35 4.94
N GLU A 3 -21.67 -6.71 4.06
CA GLU A 3 -21.07 -7.35 2.86
C GLU A 3 -19.85 -8.25 3.18
N ASP A 4 -19.33 -8.15 4.42
CA ASP A 4 -18.05 -8.74 4.88
C ASP A 4 -16.80 -8.17 4.16
N LYS A 5 -15.63 -8.33 4.78
CA LYS A 5 -14.32 -7.92 4.24
C LYS A 5 -13.72 -8.98 3.31
N GLU A 6 -14.06 -10.26 3.48
CA GLU A 6 -13.42 -11.38 2.79
C GLU A 6 -13.54 -11.34 1.26
N LYS A 7 -14.68 -10.84 0.75
CA LYS A 7 -14.97 -10.69 -0.69
C LYS A 7 -14.00 -9.75 -1.41
N LEU A 8 -13.52 -8.74 -0.69
CA LEU A 8 -12.50 -7.79 -1.14
C LEU A 8 -11.08 -8.17 -0.72
N LYS A 9 -10.91 -8.86 0.42
CA LYS A 9 -9.61 -9.36 0.90
C LYS A 9 -8.93 -10.25 -0.15
N ARG A 10 -9.70 -11.16 -0.76
CA ARG A 10 -9.20 -12.06 -1.83
C ARG A 10 -8.77 -11.35 -3.11
N GLU A 11 -9.39 -10.20 -3.41
CA GLU A 11 -9.04 -9.35 -4.54
C GLU A 11 -7.80 -8.51 -4.22
N ALA A 12 -7.69 -8.00 -2.99
CA ALA A 12 -6.58 -7.18 -2.53
C ALA A 12 -5.30 -7.99 -2.29
N GLU A 13 -5.36 -9.21 -1.75
CA GLU A 13 -4.15 -9.99 -1.43
C GLU A 13 -3.32 -10.27 -2.70
N ARG A 14 -4.03 -10.39 -3.84
CA ARG A 14 -3.44 -10.46 -5.18
C ARG A 14 -2.84 -9.13 -5.63
N ALA A 15 -3.46 -8.01 -5.27
CA ALA A 15 -2.98 -6.67 -5.62
C ALA A 15 -1.54 -6.44 -5.13
N LEU A 16 -1.26 -6.81 -3.88
CA LEU A 16 0.10 -6.76 -3.31
C LEU A 16 1.02 -7.82 -3.92
N SER A 17 0.50 -9.01 -4.19
CA SER A 17 1.24 -10.13 -4.78
C SER A 17 1.79 -9.82 -6.18
N GLU A 18 0.99 -9.13 -7.00
CA GLU A 18 1.41 -8.64 -8.32
C GLU A 18 2.23 -7.34 -8.25
N ALA A 19 1.89 -6.40 -7.36
CA ALA A 19 2.60 -5.14 -7.19
C ALA A 19 4.04 -5.34 -6.70
N LEU A 20 4.19 -6.02 -5.57
CA LEU A 20 5.47 -6.31 -4.94
C LEU A 20 6.05 -7.67 -5.39
N SER A 21 5.62 -8.15 -6.56
CA SER A 21 6.13 -9.39 -7.19
C SER A 21 7.66 -9.41 -7.26
N GLU A 22 8.30 -8.26 -7.52
CA GLU A 22 9.76 -8.16 -7.58
C GLU A 22 10.41 -8.25 -6.19
N PHE A 23 9.77 -7.74 -5.15
CA PHE A 23 10.27 -7.74 -3.77
C PHE A 23 10.18 -9.14 -3.16
N GLU A 24 9.11 -9.88 -3.43
CA GLU A 24 8.99 -11.29 -3.02
C GLU A 24 9.99 -12.19 -3.77
N LYS A 25 10.14 -11.99 -5.08
CA LYS A 25 11.09 -12.72 -5.94
C LYS A 25 12.55 -12.53 -5.50
N GLN A 26 12.87 -11.32 -5.03
CA GLN A 26 14.16 -10.96 -4.43
C GLN A 26 14.33 -11.41 -2.98
N GLY A 27 13.28 -11.90 -2.31
CA GLY A 27 13.29 -12.27 -0.90
C GLY A 27 13.31 -11.08 0.08
N LYS A 28 12.92 -9.88 -0.40
CA LYS A 28 12.73 -8.69 0.44
C LYS A 28 11.46 -8.80 1.28
N ILE A 29 10.40 -9.38 0.69
CA ILE A 29 9.07 -9.48 1.31
C ILE A 29 8.50 -10.91 1.31
N THR A 30 7.50 -11.18 2.15
CA THR A 30 6.82 -12.49 2.29
C THR A 30 5.36 -12.44 1.79
N PRO A 31 4.78 -13.55 1.28
CA PRO A 31 3.40 -13.58 0.81
C PRO A 31 2.38 -13.35 1.94
N GLU A 32 2.71 -13.77 3.16
CA GLU A 32 1.89 -13.52 4.35
C GLU A 32 1.89 -12.03 4.75
N THR A 33 3.00 -11.31 4.54
CA THR A 33 3.01 -9.85 4.70
C THR A 33 2.23 -9.17 3.59
N LEU A 34 2.40 -9.58 2.33
CA LEU A 34 1.62 -9.03 1.20
C LEU A 34 0.10 -9.19 1.42
N LYS A 35 -0.34 -10.31 2.02
CA LYS A 35 -1.72 -10.50 2.47
C LYS A 35 -2.11 -9.53 3.59
N ARG A 36 -1.25 -9.36 4.61
CA ARG A 36 -1.48 -8.46 5.76
C ARG A 36 -1.63 -6.98 5.36
N LEU A 37 -0.87 -6.53 4.36
CA LEU A 37 -0.98 -5.21 3.75
C LEU A 37 -2.31 -5.05 3.01
N ALA A 38 -2.66 -6.03 2.17
CA ALA A 38 -3.90 -6.05 1.41
C ALA A 38 -5.19 -6.18 2.24
N GLU A 39 -5.14 -6.85 3.39
CA GLU A 39 -6.26 -6.86 4.37
C GLU A 39 -6.71 -5.44 4.77
N GLU A 40 -5.79 -4.48 4.86
CA GLU A 40 -6.11 -3.06 5.12
C GLU A 40 -6.69 -2.36 3.88
N ILE A 41 -6.29 -2.78 2.68
CA ILE A 41 -6.82 -2.28 1.40
C ILE A 41 -8.27 -2.72 1.20
N ALA A 42 -8.59 -3.98 1.50
CA ALA A 42 -9.97 -4.48 1.46
C ALA A 42 -10.90 -3.65 2.35
N GLU A 43 -10.45 -3.31 3.55
CA GLU A 43 -11.17 -2.44 4.50
C GLU A 43 -11.38 -1.02 3.97
N ALA A 44 -10.41 -0.46 3.25
CA ALA A 44 -10.47 0.85 2.61
C ALA A 44 -11.37 0.85 1.35
N ALA A 45 -11.37 -0.22 0.56
CA ALA A 45 -12.23 -0.35 -0.62
C ALA A 45 -13.71 -0.54 -0.22
N LEU A 46 -13.95 -1.31 0.84
CA LEU A 46 -15.26 -1.39 1.53
C LEU A 46 -15.67 -0.03 2.12
N ALA A 47 -14.72 0.77 2.61
CA ALA A 47 -14.98 2.17 3.01
C ALA A 47 -15.39 3.07 1.85
N GLN A 48 -14.84 2.85 0.66
CA GLN A 48 -15.29 3.54 -0.57
C GLN A 48 -16.73 3.13 -0.95
N GLN A 49 -17.11 1.87 -0.66
CA GLN A 49 -18.51 1.39 -0.74
C GLN A 49 -19.44 2.13 0.24
N GLN A 50 -18.95 2.47 1.44
CA GLN A 50 -19.67 3.27 2.45
C GLN A 50 -19.62 4.79 2.18
N GLY A 51 -18.63 5.26 1.42
CA GLY A 51 -18.32 6.69 1.22
C GLY A 51 -17.68 7.36 2.45
N ASP A 52 -16.97 6.60 3.29
CA ASP A 52 -16.48 7.07 4.61
C ASP A 52 -15.08 7.70 4.55
N SER A 53 -14.99 9.04 4.57
CA SER A 53 -13.71 9.74 4.51
C SER A 53 -12.72 9.29 5.59
N GLU A 54 -13.15 9.16 6.84
CA GLU A 54 -12.25 8.81 7.96
C GLU A 54 -11.64 7.41 7.81
N ARG A 55 -12.46 6.42 7.41
CA ARG A 55 -11.98 5.05 7.20
C ARG A 55 -10.88 4.98 6.15
N LEU A 56 -11.04 5.71 5.04
CA LEU A 56 -10.03 5.69 3.97
C LEU A 56 -8.68 6.18 4.48
N GLU A 57 -8.66 7.28 5.21
CA GLU A 57 -7.43 7.88 5.73
C GLU A 57 -6.75 6.97 6.75
N LYS A 58 -7.53 6.45 7.71
CA LYS A 58 -7.04 5.59 8.80
C LYS A 58 -6.52 4.25 8.27
N ALA A 59 -7.26 3.59 7.38
CA ALA A 59 -6.86 2.31 6.79
C ALA A 59 -5.66 2.47 5.83
N ALA A 60 -5.63 3.54 5.01
CA ALA A 60 -4.50 3.80 4.11
C ALA A 60 -3.22 4.17 4.86
N ARG A 61 -3.30 4.94 5.97
CA ARG A 61 -2.14 5.25 6.81
C ARG A 61 -1.64 4.01 7.53
N ARG A 62 -2.54 3.17 8.08
CA ARG A 62 -2.18 1.89 8.70
C ARG A 62 -1.46 0.96 7.71
N PHE A 63 -1.97 0.89 6.48
CA PHE A 63 -1.34 0.15 5.37
C PHE A 63 0.05 0.69 5.03
N ALA A 64 0.17 2.00 4.80
CA ALA A 64 1.42 2.63 4.41
C ALA A 64 2.49 2.51 5.51
N GLU A 65 2.10 2.66 6.78
CA GLU A 65 3.01 2.47 7.92
C GLU A 65 3.55 1.05 7.96
N THR A 66 2.67 0.06 7.85
CA THR A 66 3.03 -1.37 7.93
C THR A 66 3.85 -1.81 6.72
N LEU A 67 3.49 -1.34 5.52
CA LEU A 67 4.23 -1.59 4.29
C LEU A 67 5.64 -1.02 4.38
N LEU A 68 5.79 0.23 4.83
CA LEU A 68 7.11 0.81 5.11
C LEU A 68 7.91 -0.05 6.09
N ARG A 69 7.28 -0.65 7.12
CA ARG A 69 7.99 -1.53 8.06
C ARG A 69 8.53 -2.76 7.30
N ALA A 70 7.70 -3.41 6.49
CA ALA A 70 8.08 -4.61 5.75
C ALA A 70 9.18 -4.36 4.72
N LEU A 71 9.17 -3.20 4.08
CA LEU A 71 10.20 -2.80 3.13
C LEU A 71 11.51 -2.44 3.84
N LYS A 72 11.44 -1.64 4.91
CA LYS A 72 12.63 -1.19 5.66
C LYS A 72 13.32 -2.35 6.40
N GLU A 73 12.56 -3.36 6.83
CA GLU A 73 13.09 -4.65 7.35
C GLU A 73 14.04 -5.34 6.36
N SER A 74 13.77 -5.18 5.06
CA SER A 74 14.60 -5.69 3.96
C SER A 74 15.81 -4.81 3.61
N GLY A 75 16.00 -3.71 4.34
CA GLY A 75 17.02 -2.69 4.08
C GLY A 75 16.68 -1.71 2.95
N ALA A 76 15.40 -1.57 2.58
CA ALA A 76 14.99 -0.71 1.46
C ALA A 76 15.18 0.80 1.73
N SER A 77 15.46 1.56 0.67
CA SER A 77 15.65 3.03 0.71
C SER A 77 14.50 3.78 0.02
N ALA A 78 14.51 5.12 0.06
CA ALA A 78 13.43 5.96 -0.46
C ALA A 78 13.03 5.62 -1.91
N GLU A 79 14.00 5.23 -2.74
CA GLU A 79 13.79 4.78 -4.13
C GLU A 79 12.98 3.49 -4.25
N GLU A 80 13.24 2.51 -3.38
CA GLU A 80 12.56 1.22 -3.33
C GLU A 80 11.16 1.36 -2.73
N ILE A 81 11.01 2.19 -1.68
CA ILE A 81 9.71 2.50 -1.09
C ILE A 81 8.81 3.22 -2.12
N GLU A 82 9.32 4.27 -2.77
CA GLU A 82 8.55 5.05 -3.74
C GLU A 82 8.14 4.21 -4.97
N GLU A 83 8.99 3.28 -5.41
CA GLU A 83 8.64 2.29 -6.41
C GLU A 83 7.56 1.30 -5.93
N ALA A 84 7.64 0.80 -4.69
CA ALA A 84 6.76 -0.25 -4.20
C ALA A 84 5.31 0.25 -4.08
N ILE A 85 5.06 1.40 -3.47
CA ILE A 85 3.70 1.92 -3.27
C ILE A 85 3.01 2.21 -4.62
N GLU A 86 3.78 2.69 -5.59
CA GLU A 86 3.32 2.96 -6.94
C GLU A 86 2.80 1.70 -7.64
N ARG A 87 3.38 0.52 -7.35
CA ARG A 87 2.94 -0.78 -7.87
C ARG A 87 1.56 -1.17 -7.30
N ILE A 88 1.30 -0.95 -6.00
CA ILE A 88 -0.05 -1.12 -5.44
C ILE A 88 -1.03 -0.19 -6.17
N ARG A 89 -0.64 1.05 -6.45
CA ARG A 89 -1.53 2.00 -7.14
C ARG A 89 -1.89 1.52 -8.56
N LYS A 90 -0.95 0.90 -9.30
CA LYS A 90 -1.27 0.27 -10.61
C LYS A 90 -2.19 -0.92 -10.41
N ALA A 91 -1.90 -1.76 -9.41
CA ALA A 91 -2.68 -2.97 -9.16
C ALA A 91 -4.14 -2.67 -8.77
N LEU A 92 -4.37 -1.60 -8.02
CA LEU A 92 -5.71 -1.13 -7.66
C LEU A 92 -6.39 -0.44 -8.86
N SER A 93 -5.67 0.43 -9.58
CA SER A 93 -6.20 1.18 -10.73
C SER A 93 -6.59 0.26 -11.90
N LYS A 94 -5.91 -0.88 -12.02
CA LYS A 94 -6.15 -1.95 -13.01
C LYS A 94 -6.86 -3.18 -12.41
N ALA A 95 -7.37 -3.08 -11.17
CA ALA A 95 -7.94 -4.22 -10.45
C ALA A 95 -9.20 -4.83 -11.14
N PRO A 96 -9.49 -6.13 -10.90
CA PRO A 96 -10.76 -6.74 -11.32
C PRO A 96 -11.96 -6.21 -10.51
N SER A 97 -11.75 -5.77 -9.26
CA SER A 97 -12.77 -5.14 -8.42
C SER A 97 -12.98 -3.67 -8.80
N PRO A 98 -14.24 -3.18 -8.90
CA PRO A 98 -14.55 -1.77 -9.05
C PRO A 98 -14.27 -0.96 -7.77
N GLN A 99 -14.40 -1.55 -6.58
CA GLN A 99 -14.07 -0.87 -5.32
C GLN A 99 -12.56 -0.61 -5.21
N LEU A 100 -11.72 -1.53 -5.71
CA LEU A 100 -10.26 -1.31 -5.77
C LEU A 100 -9.88 -0.27 -6.83
N GLN A 101 -10.59 -0.23 -7.96
CA GLN A 101 -10.41 0.84 -8.97
C GLN A 101 -10.79 2.23 -8.41
N LYS A 102 -11.89 2.31 -7.64
CA LYS A 102 -12.27 3.54 -6.90
C LYS A 102 -11.24 3.89 -5.81
N LEU A 103 -10.65 2.91 -5.14
CA LEU A 103 -9.63 3.14 -4.10
C LEU A 103 -8.33 3.75 -4.67
N ALA A 104 -7.79 3.25 -5.78
CA ALA A 104 -6.64 3.88 -6.47
C ALA A 104 -6.89 5.35 -6.87
N ASN A 105 -8.15 5.74 -7.08
CA ASN A 105 -8.60 7.09 -7.40
C ASN A 105 -9.07 7.91 -6.18
N SER A 106 -9.02 7.34 -4.98
CA SER A 106 -9.56 7.91 -3.74
C SER A 106 -8.52 8.85 -3.10
N PRO A 107 -8.82 10.16 -2.92
CA PRO A 107 -7.85 11.10 -2.40
C PRO A 107 -7.54 10.87 -0.93
N GLN A 108 -8.52 10.43 -0.15
CA GLN A 108 -8.32 10.14 1.27
C GLN A 108 -7.27 9.03 1.48
N TRP A 109 -7.33 8.01 0.62
CA TRP A 109 -6.32 6.94 0.54
C TRP A 109 -4.99 7.45 -0.03
N GLN A 110 -5.00 8.09 -1.20
CA GLN A 110 -3.75 8.45 -1.90
C GLN A 110 -2.95 9.57 -1.19
N THR A 111 -3.60 10.40 -0.37
CA THR A 111 -2.93 11.37 0.50
C THR A 111 -2.11 10.67 1.59
N ALA A 112 -2.64 9.62 2.23
CA ALA A 112 -1.93 8.84 3.23
C ALA A 112 -0.66 8.16 2.65
N LEU A 113 -0.70 7.81 1.36
CA LEU A 113 0.46 7.27 0.65
C LEU A 113 1.60 8.30 0.53
N GLN A 114 1.27 9.57 0.28
CA GLN A 114 2.29 10.63 0.14
C GLN A 114 3.16 10.77 1.40
N GLU A 115 2.55 10.59 2.58
CA GLU A 115 3.22 10.65 3.88
C GLU A 115 4.28 9.55 4.01
N ALA A 116 4.08 8.41 3.35
CA ALA A 116 5.02 7.29 3.38
C ALA A 116 6.21 7.49 2.44
N ILE A 117 6.01 8.11 1.26
CA ILE A 117 7.11 8.43 0.35
C ILE A 117 8.02 9.50 0.97
N LYS A 118 7.45 10.60 1.48
CA LYS A 118 8.24 11.62 2.20
C LYS A 118 8.90 11.06 3.47
N LYS A 119 8.30 10.08 4.16
CA LYS A 119 8.88 9.47 5.35
C LYS A 119 10.15 8.68 5.03
N ALA A 120 10.17 7.89 3.95
CA ALA A 120 11.38 7.19 3.52
C ALA A 120 12.46 8.16 3.01
N ARG A 121 12.08 9.23 2.30
CA ARG A 121 13.00 10.34 1.92
C ARG A 121 13.54 11.10 3.15
N GLN A 122 12.76 11.23 4.22
CA GLN A 122 13.14 11.84 5.50
C GLN A 122 14.11 10.96 6.31
N GLU A 123 13.96 9.63 6.24
CA GLU A 123 14.89 8.66 6.85
C GLU A 123 16.23 8.56 6.08
N LYS A 124 16.21 8.71 4.76
CA LYS A 124 17.41 8.80 3.89
C LYS A 124 18.11 10.17 4.01
N LYS A 125 19.40 10.24 3.64
CA LYS A 125 20.16 11.50 3.46
C LYS A 125 19.80 12.21 2.14
N GLU A 126 18.49 12.39 1.93
CA GLU A 126 17.89 12.90 0.69
C GLU A 126 17.94 14.45 0.63
N LYS A 127 17.97 15.03 -0.59
CA LYS A 127 18.10 16.48 -0.83
C LYS A 127 16.77 17.19 -1.07
N GLY A 128 15.71 16.48 -1.46
CA GLY A 128 14.34 16.99 -1.55
C GLY A 128 13.78 17.45 -0.20
N SER A 129 12.88 18.44 -0.23
CA SER A 129 12.36 19.12 0.97
C SER A 129 11.45 18.21 1.83
N LEU A 130 11.82 18.03 3.10
CA LEU A 130 10.99 17.37 4.12
C LEU A 130 9.86 18.28 4.63
N GLU A 131 8.79 17.67 5.14
CA GLU A 131 7.64 18.31 5.79
C GLU A 131 6.98 19.45 4.98
N HIS A 132 6.98 19.31 3.65
CA HIS A 132 6.52 20.35 2.71
C HIS A 132 5.01 20.64 2.79
N HIS A 133 4.21 19.67 3.25
CA HIS A 133 2.77 19.81 3.54
C HIS A 133 2.49 19.87 5.04
N HIS A 134 1.49 20.67 5.44
CA HIS A 134 1.00 20.84 6.81
C HIS A 134 -0.54 20.76 6.84
N HIS A 135 -1.12 20.43 8.00
CA HIS A 135 -2.55 20.20 8.20
C HIS A 135 -3.09 20.92 9.45
N HIS A 136 -4.36 21.33 9.41
CA HIS A 136 -5.04 22.06 10.49
C HIS A 136 -5.63 21.12 11.55
N HIS A 137 -5.78 21.62 12.79
CA HIS A 137 -6.49 20.95 13.89
C HIS A 137 -8.02 20.93 13.68
N GLY A 1 -18.50 -7.16 11.20
CA GLY A 1 -17.33 -7.61 11.98
C GLY A 1 -16.06 -7.45 11.17
N ASP A 2 -15.30 -8.54 10.98
CA ASP A 2 -14.09 -8.57 10.15
C ASP A 2 -14.04 -9.74 9.14
N GLU A 3 -14.66 -10.87 9.45
CA GLU A 3 -14.74 -12.04 8.55
C GLU A 3 -15.60 -11.77 7.30
N ASP A 4 -16.60 -10.89 7.40
CA ASP A 4 -17.48 -10.49 6.29
C ASP A 4 -16.78 -9.65 5.19
N LYS A 5 -15.55 -9.19 5.46
CA LYS A 5 -14.68 -8.49 4.49
C LYS A 5 -13.96 -9.46 3.52
N GLU A 6 -14.08 -10.78 3.74
CA GLU A 6 -13.33 -11.82 3.00
C GLU A 6 -13.41 -11.68 1.47
N LYS A 7 -14.57 -11.26 0.94
CA LYS A 7 -14.83 -11.06 -0.49
C LYS A 7 -13.85 -10.10 -1.18
N LEU A 8 -13.42 -9.08 -0.45
CA LEU A 8 -12.45 -8.08 -0.90
C LEU A 8 -11.03 -8.40 -0.43
N LYS A 9 -10.87 -9.03 0.73
CA LYS A 9 -9.55 -9.47 1.24
C LYS A 9 -8.84 -10.36 0.22
N ARG A 10 -9.57 -11.32 -0.39
CA ARG A 10 -9.06 -12.24 -1.42
C ARG A 10 -8.65 -11.56 -2.73
N GLU A 11 -9.29 -10.45 -3.08
CA GLU A 11 -8.95 -9.65 -4.26
C GLU A 11 -7.77 -8.70 -3.97
N ALA A 12 -7.72 -8.12 -2.77
CA ALA A 12 -6.68 -7.20 -2.35
C ALA A 12 -5.33 -7.92 -2.16
N GLU A 13 -5.30 -9.10 -1.52
CA GLU A 13 -4.05 -9.85 -1.29
C GLU A 13 -3.29 -10.13 -2.60
N ARG A 14 -4.05 -10.30 -3.69
CA ARG A 14 -3.51 -10.42 -5.05
C ARG A 14 -3.01 -9.11 -5.62
N ALA A 15 -3.67 -8.00 -5.31
CA ALA A 15 -3.21 -6.66 -5.71
C ALA A 15 -1.78 -6.37 -5.23
N LEU A 16 -1.47 -6.72 -3.97
CA LEU A 16 -0.11 -6.66 -3.41
C LEU A 16 0.83 -7.69 -4.04
N SER A 17 0.33 -8.90 -4.28
CA SER A 17 1.09 -10.01 -4.84
C SER A 17 1.65 -9.69 -6.23
N GLU A 18 0.85 -9.06 -7.09
CA GLU A 18 1.25 -8.59 -8.42
C GLU A 18 2.03 -7.26 -8.39
N ALA A 19 1.66 -6.33 -7.51
CA ALA A 19 2.38 -5.06 -7.35
C ALA A 19 3.81 -5.26 -6.86
N LEU A 20 3.97 -5.90 -5.70
CA LEU A 20 5.26 -6.16 -5.07
C LEU A 20 5.87 -7.50 -5.53
N SER A 21 5.42 -8.00 -6.68
CA SER A 21 6.00 -9.16 -7.36
C SER A 21 7.52 -9.03 -7.54
N GLU A 22 8.00 -7.82 -7.83
CA GLU A 22 9.43 -7.47 -7.95
C GLU A 22 10.21 -7.69 -6.64
N PHE A 23 9.57 -7.43 -5.50
CA PHE A 23 10.16 -7.51 -4.16
C PHE A 23 10.17 -8.94 -3.64
N GLU A 24 9.09 -9.69 -3.89
CA GLU A 24 9.01 -11.12 -3.56
C GLU A 24 9.96 -11.96 -4.44
N LYS A 25 10.11 -11.62 -5.74
CA LYS A 25 11.09 -12.21 -6.67
C LYS A 25 12.53 -12.05 -6.17
N GLN A 26 12.83 -10.87 -5.62
CA GLN A 26 14.13 -10.53 -5.01
C GLN A 26 14.32 -11.13 -3.60
N GLY A 27 13.28 -11.68 -2.98
CA GLY A 27 13.30 -12.13 -1.59
C GLY A 27 13.34 -10.99 -0.56
N LYS A 28 12.95 -9.77 -0.96
CA LYS A 28 12.77 -8.63 -0.06
C LYS A 28 11.54 -8.81 0.84
N ILE A 29 10.47 -9.35 0.26
CA ILE A 29 9.15 -9.47 0.93
C ILE A 29 8.58 -10.89 0.92
N THR A 30 7.64 -11.17 1.84
CA THR A 30 6.97 -12.47 2.00
C THR A 30 5.52 -12.43 1.51
N PRO A 31 4.94 -13.54 1.02
CA PRO A 31 3.53 -13.60 0.63
C PRO A 31 2.58 -13.37 1.81
N GLU A 32 2.98 -13.76 3.03
CA GLU A 32 2.22 -13.50 4.26
C GLU A 32 2.06 -11.99 4.52
N THR A 33 3.14 -11.21 4.39
CA THR A 33 3.08 -9.76 4.59
C THR A 33 2.39 -9.06 3.43
N LEU A 34 2.53 -9.53 2.18
CA LEU A 34 1.73 -9.01 1.07
C LEU A 34 0.21 -9.17 1.31
N LYS A 35 -0.22 -10.29 1.91
CA LYS A 35 -1.60 -10.46 2.39
C LYS A 35 -1.91 -9.51 3.55
N ARG A 36 -1.01 -9.36 4.53
CA ARG A 36 -1.17 -8.49 5.72
C ARG A 36 -1.42 -7.02 5.35
N LEU A 37 -0.72 -6.52 4.34
CA LEU A 37 -0.87 -5.17 3.79
C LEU A 37 -2.25 -5.00 3.14
N ALA A 38 -2.63 -5.95 2.29
CA ALA A 38 -3.87 -5.88 1.53
C ALA A 38 -5.14 -6.15 2.36
N GLU A 39 -5.05 -6.86 3.48
CA GLU A 39 -6.17 -6.99 4.43
C GLU A 39 -6.71 -5.62 4.90
N GLU A 40 -5.86 -4.59 4.98
CA GLU A 40 -6.30 -3.21 5.28
C GLU A 40 -6.82 -2.47 4.03
N ILE A 41 -6.35 -2.83 2.83
CA ILE A 41 -6.92 -2.34 1.56
C ILE A 41 -8.35 -2.83 1.37
N ALA A 42 -8.64 -4.10 1.69
CA ALA A 42 -10.00 -4.63 1.65
C ALA A 42 -10.97 -3.82 2.51
N GLU A 43 -10.54 -3.37 3.68
CA GLU A 43 -11.32 -2.43 4.52
C GLU A 43 -11.48 -1.05 3.85
N ALA A 44 -10.38 -0.47 3.33
CA ALA A 44 -10.38 0.86 2.71
C ALA A 44 -11.22 0.90 1.42
N ALA A 45 -11.10 -0.10 0.56
CA ALA A 45 -11.81 -0.19 -0.70
C ALA A 45 -13.34 -0.33 -0.46
N LEU A 46 -13.74 -1.08 0.59
CA LEU A 46 -15.12 -1.16 1.06
C LEU A 46 -15.64 0.20 1.59
N ALA A 47 -14.80 0.95 2.33
CA ALA A 47 -15.12 2.30 2.79
C ALA A 47 -15.39 3.27 1.63
N GLN A 48 -14.73 3.08 0.47
CA GLN A 48 -14.93 3.90 -0.72
C GLN A 48 -16.36 3.75 -1.30
N GLN A 49 -16.88 2.51 -1.41
CA GLN A 49 -18.26 2.32 -1.88
C GLN A 49 -19.31 2.81 -0.86
N GLN A 50 -18.95 2.80 0.43
CA GLN A 50 -19.76 3.33 1.54
C GLN A 50 -19.62 4.87 1.72
N GLY A 51 -18.63 5.51 1.07
CA GLY A 51 -18.39 6.95 1.17
C GLY A 51 -17.82 7.42 2.51
N ASP A 52 -17.15 6.55 3.27
CA ASP A 52 -16.61 6.84 4.60
C ASP A 52 -15.19 7.43 4.52
N SER A 53 -15.07 8.73 4.26
CA SER A 53 -13.77 9.39 4.04
C SER A 53 -12.75 9.19 5.18
N GLU A 54 -13.21 9.21 6.43
CA GLU A 54 -12.34 9.07 7.62
C GLU A 54 -11.69 7.68 7.71
N ARG A 55 -12.40 6.64 7.24
CA ARG A 55 -11.88 5.27 7.18
C ARG A 55 -10.74 5.14 6.19
N LEU A 56 -10.84 5.78 5.02
CA LEU A 56 -9.80 5.71 3.99
C LEU A 56 -8.47 6.26 4.52
N GLU A 57 -8.50 7.38 5.22
CA GLU A 57 -7.29 8.02 5.75
C GLU A 57 -6.61 7.12 6.80
N LYS A 58 -7.39 6.58 7.73
CA LYS A 58 -6.90 5.69 8.80
C LYS A 58 -6.38 4.35 8.24
N ALA A 59 -7.15 3.70 7.35
CA ALA A 59 -6.79 2.41 6.75
C ALA A 59 -5.61 2.52 5.77
N ALA A 60 -5.51 3.61 5.00
CA ALA A 60 -4.39 3.86 4.10
C ALA A 60 -3.09 4.16 4.87
N ARG A 61 -3.16 4.94 5.96
CA ARG A 61 -2.02 5.18 6.86
C ARG A 61 -1.59 3.87 7.51
N ARG A 62 -2.53 3.10 8.07
CA ARG A 62 -2.29 1.77 8.67
C ARG A 62 -1.60 0.79 7.73
N PHE A 63 -1.87 0.90 6.43
CA PHE A 63 -1.30 0.09 5.35
C PHE A 63 0.12 0.56 5.05
N ALA A 64 0.29 1.86 4.80
CA ALA A 64 1.57 2.43 4.41
C ALA A 64 2.60 2.35 5.56
N GLU A 65 2.13 2.39 6.82
CA GLU A 65 2.99 2.34 8.01
C GLU A 65 3.57 0.92 8.26
N THR A 66 2.82 -0.15 7.98
CA THR A 66 3.38 -1.52 8.00
C THR A 66 4.16 -1.84 6.73
N LEU A 67 3.73 -1.29 5.58
CA LEU A 67 4.40 -1.50 4.31
C LEU A 67 5.85 -0.99 4.39
N LEU A 68 6.05 0.23 4.91
CA LEU A 68 7.39 0.80 5.14
C LEU A 68 8.26 -0.10 6.01
N ARG A 69 7.72 -0.73 7.05
CA ARG A 69 8.47 -1.67 7.90
C ARG A 69 8.89 -2.91 7.10
N ALA A 70 8.00 -3.48 6.29
CA ALA A 70 8.29 -4.67 5.47
C ALA A 70 9.37 -4.40 4.41
N LEU A 71 9.34 -3.21 3.81
CA LEU A 71 10.33 -2.79 2.82
C LEU A 71 11.67 -2.42 3.47
N LYS A 72 11.65 -1.63 4.54
CA LYS A 72 12.88 -1.12 5.19
C LYS A 72 13.66 -2.24 5.85
N GLU A 73 12.99 -3.25 6.40
CA GLU A 73 13.67 -4.43 6.99
C GLU A 73 14.36 -5.31 5.94
N SER A 74 14.04 -5.14 4.65
CA SER A 74 14.78 -5.74 3.52
C SER A 74 15.99 -4.91 3.06
N GLY A 75 16.21 -3.73 3.68
CA GLY A 75 17.24 -2.77 3.33
C GLY A 75 16.82 -1.73 2.28
N ALA A 76 15.52 -1.55 2.02
CA ALA A 76 15.04 -0.64 0.98
C ALA A 76 15.26 0.85 1.31
N SER A 77 15.46 1.68 0.27
CA SER A 77 15.63 3.13 0.35
C SER A 77 14.42 3.88 -0.19
N ALA A 78 14.38 5.21 -0.06
CA ALA A 78 13.25 6.05 -0.49
C ALA A 78 12.78 5.77 -1.93
N GLU A 79 13.72 5.51 -2.83
CA GLU A 79 13.47 5.14 -4.23
C GLU A 79 12.69 3.82 -4.39
N GLU A 80 13.02 2.82 -3.59
CA GLU A 80 12.40 1.50 -3.59
C GLU A 80 11.03 1.53 -2.88
N ILE A 81 10.90 2.30 -1.79
CA ILE A 81 9.61 2.58 -1.15
C ILE A 81 8.68 3.28 -2.16
N GLU A 82 9.14 4.33 -2.83
CA GLU A 82 8.34 5.09 -3.79
C GLU A 82 7.91 4.24 -5.01
N GLU A 83 8.79 3.34 -5.49
CA GLU A 83 8.40 2.32 -6.48
C GLU A 83 7.35 1.34 -5.95
N ALA A 84 7.44 0.92 -4.68
CA ALA A 84 6.57 -0.13 -4.13
C ALA A 84 5.12 0.33 -4.03
N ILE A 85 4.88 1.49 -3.41
CA ILE A 85 3.51 2.00 -3.22
C ILE A 85 2.83 2.29 -4.57
N GLU A 86 3.60 2.76 -5.55
CA GLU A 86 3.11 3.05 -6.90
C GLU A 86 2.63 1.77 -7.61
N ARG A 87 3.19 0.59 -7.30
CA ARG A 87 2.75 -0.68 -7.86
C ARG A 87 1.36 -1.07 -7.33
N ILE A 88 1.05 -0.85 -6.04
CA ILE A 88 -0.32 -1.02 -5.52
C ILE A 88 -1.25 -0.05 -6.26
N ARG A 89 -0.84 1.20 -6.47
CA ARG A 89 -1.63 2.21 -7.20
C ARG A 89 -2.01 1.73 -8.61
N LYS A 90 -1.11 1.06 -9.33
CA LYS A 90 -1.40 0.48 -10.66
C LYS A 90 -2.29 -0.76 -10.55
N ALA A 91 -1.97 -1.66 -9.62
CA ALA A 91 -2.71 -2.91 -9.41
C ALA A 91 -4.17 -2.67 -9.03
N LEU A 92 -4.40 -1.62 -8.23
CA LEU A 92 -5.72 -1.13 -7.85
C LEU A 92 -6.42 -0.45 -9.03
N SER A 93 -5.73 0.46 -9.74
CA SER A 93 -6.28 1.22 -10.87
C SER A 93 -6.69 0.31 -12.03
N LYS A 94 -5.98 -0.82 -12.19
CA LYS A 94 -6.20 -1.87 -13.19
C LYS A 94 -6.91 -3.11 -12.60
N ALA A 95 -7.41 -3.03 -11.37
CA ALA A 95 -7.99 -4.18 -10.67
C ALA A 95 -9.26 -4.74 -11.36
N PRO A 96 -9.57 -6.04 -11.19
CA PRO A 96 -10.85 -6.60 -11.63
C PRO A 96 -12.04 -6.13 -10.77
N SER A 97 -11.81 -5.79 -9.50
CA SER A 97 -12.82 -5.26 -8.57
C SER A 97 -13.09 -3.77 -8.80
N PRO A 98 -14.36 -3.33 -8.79
CA PRO A 98 -14.73 -1.92 -8.85
C PRO A 98 -14.43 -1.15 -7.54
N GLN A 99 -14.45 -1.82 -6.39
CA GLN A 99 -14.06 -1.20 -5.11
C GLN A 99 -12.55 -0.90 -5.10
N LEU A 100 -11.73 -1.81 -5.66
CA LEU A 100 -10.28 -1.62 -5.74
C LEU A 100 -9.90 -0.53 -6.76
N GLN A 101 -10.65 -0.42 -7.87
CA GLN A 101 -10.51 0.70 -8.81
C GLN A 101 -10.87 2.06 -8.16
N LYS A 102 -11.96 2.12 -7.37
CA LYS A 102 -12.31 3.31 -6.57
C LYS A 102 -11.25 3.64 -5.51
N LEU A 103 -10.58 2.63 -4.94
CA LEU A 103 -9.52 2.79 -3.94
C LEU A 103 -8.26 3.44 -4.54
N ALA A 104 -7.84 3.06 -5.75
CA ALA A 104 -6.78 3.77 -6.48
C ALA A 104 -7.15 5.23 -6.80
N ASN A 105 -8.42 5.50 -7.08
CA ASN A 105 -8.94 6.83 -7.40
C ASN A 105 -9.29 7.69 -6.15
N SER A 106 -9.03 7.19 -4.94
CA SER A 106 -9.47 7.81 -3.69
C SER A 106 -8.44 8.83 -3.18
N PRO A 107 -8.80 10.12 -2.98
CA PRO A 107 -7.87 11.12 -2.47
C PRO A 107 -7.51 10.90 -1.00
N GLN A 108 -8.45 10.44 -0.18
CA GLN A 108 -8.18 10.19 1.25
C GLN A 108 -7.17 9.05 1.45
N TRP A 109 -7.25 8.01 0.61
CA TRP A 109 -6.23 6.95 0.55
C TRP A 109 -4.91 7.47 -0.04
N GLN A 110 -4.96 8.13 -1.21
CA GLN A 110 -3.76 8.63 -1.91
C GLN A 110 -2.98 9.66 -1.08
N THR A 111 -3.65 10.45 -0.24
CA THR A 111 -3.00 11.41 0.67
C THR A 111 -2.15 10.71 1.72
N ALA A 112 -2.65 9.65 2.36
CA ALA A 112 -1.91 8.88 3.36
C ALA A 112 -0.63 8.25 2.78
N LEU A 113 -0.65 7.89 1.50
CA LEU A 113 0.53 7.38 0.80
C LEU A 113 1.65 8.42 0.75
N GLN A 114 1.34 9.70 0.53
CA GLN A 114 2.34 10.78 0.47
C GLN A 114 3.17 10.85 1.77
N GLU A 115 2.52 10.61 2.90
CA GLU A 115 3.12 10.65 4.24
C GLU A 115 4.15 9.54 4.42
N ALA A 116 3.95 8.40 3.74
CA ALA A 116 4.89 7.29 3.76
C ALA A 116 6.13 7.53 2.88
N ILE A 117 5.95 8.06 1.67
CA ILE A 117 7.06 8.38 0.76
C ILE A 117 7.95 9.50 1.31
N LYS A 118 7.36 10.58 1.86
CA LYS A 118 8.14 11.66 2.49
C LYS A 118 8.87 11.19 3.76
N LYS A 119 8.30 10.25 4.53
CA LYS A 119 8.98 9.60 5.66
C LYS A 119 10.22 8.81 5.21
N ALA A 120 10.09 8.00 4.17
CA ALA A 120 11.24 7.26 3.62
C ALA A 120 12.32 8.19 3.02
N ARG A 121 11.91 9.29 2.36
CA ARG A 121 12.82 10.35 1.87
C ARG A 121 13.57 11.09 2.99
N GLN A 122 12.99 11.20 4.19
CA GLN A 122 13.67 11.71 5.39
C GLN A 122 14.63 10.67 6.03
N GLU A 123 14.33 9.37 5.93
CA GLU A 123 15.22 8.30 6.41
C GLU A 123 16.44 8.07 5.48
N LYS A 124 16.27 8.22 4.17
CA LYS A 124 17.33 8.05 3.16
C LYS A 124 18.40 9.14 3.26
N LYS A 125 19.68 8.73 3.30
CA LYS A 125 20.85 9.64 3.35
C LYS A 125 22.01 9.12 2.50
N GLU A 126 22.82 8.20 3.03
CA GLU A 126 24.01 7.66 2.36
C GLU A 126 23.71 6.40 1.52
N LYS A 127 22.76 5.56 1.98
CA LYS A 127 22.32 4.34 1.30
C LYS A 127 21.32 4.65 0.17
N GLY A 128 21.32 3.83 -0.88
CA GLY A 128 20.44 3.95 -2.04
C GLY A 128 20.43 2.67 -2.90
N SER A 129 19.60 2.66 -3.95
CA SER A 129 19.50 1.52 -4.90
C SER A 129 20.70 1.48 -5.87
N LEU A 130 21.03 0.28 -6.34
CA LEU A 130 22.19 -0.01 -7.20
C LEU A 130 21.91 0.16 -8.71
N GLU A 131 22.95 0.47 -9.48
CA GLU A 131 22.90 0.44 -10.95
C GLU A 131 22.93 -1.02 -11.45
N HIS A 132 21.94 -1.42 -12.25
CA HIS A 132 21.74 -2.81 -12.68
C HIS A 132 20.92 -2.92 -13.99
N HIS A 133 20.86 -4.14 -14.54
CA HIS A 133 20.02 -4.52 -15.69
C HIS A 133 19.25 -5.83 -15.38
N HIS A 134 18.08 -6.00 -16.00
CA HIS A 134 17.21 -7.19 -15.84
C HIS A 134 16.49 -7.55 -17.15
N HIS A 135 16.17 -8.83 -17.33
CA HIS A 135 15.54 -9.33 -18.56
C HIS A 135 14.11 -8.79 -18.74
N HIS A 136 13.72 -8.53 -20.00
CA HIS A 136 12.47 -7.83 -20.33
C HIS A 136 11.24 -8.76 -20.40
N HIS A 137 11.43 -10.08 -20.36
CA HIS A 137 10.40 -11.12 -20.50
C HIS A 137 10.54 -12.22 -19.42
N GLY A 1 -25.89 -9.38 0.38
CA GLY A 1 -24.52 -9.92 0.54
C GLY A 1 -24.04 -9.86 2.00
N ASP A 2 -22.82 -10.34 2.25
CA ASP A 2 -22.19 -10.33 3.58
C ASP A 2 -21.71 -8.91 4.00
N GLU A 3 -21.67 -8.66 5.31
CA GLU A 3 -21.33 -7.34 5.87
C GLU A 3 -19.82 -7.10 6.08
N ASP A 4 -19.00 -8.16 6.03
CA ASP A 4 -17.55 -8.10 6.25
C ASP A 4 -16.73 -8.05 4.94
N LYS A 5 -15.53 -7.46 4.99
CA LYS A 5 -14.64 -7.24 3.83
C LYS A 5 -13.95 -8.48 3.27
N GLU A 6 -14.18 -9.68 3.80
CA GLU A 6 -13.51 -10.93 3.35
C GLU A 6 -13.67 -11.22 1.84
N LYS A 7 -14.79 -10.80 1.24
CA LYS A 7 -15.05 -10.85 -0.22
C LYS A 7 -14.09 -9.98 -1.05
N LEU A 8 -13.64 -8.89 -0.46
CA LEU A 8 -12.67 -7.94 -1.00
C LEU A 8 -11.23 -8.28 -0.61
N LYS A 9 -11.01 -8.90 0.57
CA LYS A 9 -9.68 -9.36 1.02
C LYS A 9 -9.02 -10.25 -0.03
N ARG A 10 -9.76 -11.24 -0.54
CA ARG A 10 -9.26 -12.19 -1.55
C ARG A 10 -8.83 -11.54 -2.86
N GLU A 11 -9.45 -10.41 -3.22
CA GLU A 11 -9.08 -9.61 -4.38
C GLU A 11 -7.88 -8.70 -4.09
N ALA A 12 -7.82 -8.13 -2.87
CA ALA A 12 -6.72 -7.25 -2.44
C ALA A 12 -5.42 -8.02 -2.21
N GLU A 13 -5.45 -9.22 -1.61
CA GLU A 13 -4.23 -9.97 -1.25
C GLU A 13 -3.39 -10.33 -2.47
N ARG A 14 -4.05 -10.49 -3.63
CA ARG A 14 -3.39 -10.65 -4.93
C ARG A 14 -2.85 -9.33 -5.49
N ALA A 15 -3.50 -8.20 -5.18
CA ALA A 15 -3.06 -6.86 -5.63
C ALA A 15 -1.62 -6.57 -5.18
N LEU A 16 -1.30 -6.88 -3.92
CA LEU A 16 0.07 -6.76 -3.38
C LEU A 16 1.02 -7.78 -4.00
N SER A 17 0.55 -9.00 -4.23
CA SER A 17 1.34 -10.09 -4.83
C SER A 17 1.81 -9.78 -6.25
N GLU A 18 0.95 -9.15 -7.07
CA GLU A 18 1.32 -8.71 -8.42
C GLU A 18 2.09 -7.37 -8.43
N ALA A 19 1.76 -6.44 -7.54
CA ALA A 19 2.49 -5.18 -7.39
C ALA A 19 3.93 -5.39 -6.90
N LEU A 20 4.10 -5.99 -5.73
CA LEU A 20 5.41 -6.24 -5.12
C LEU A 20 6.02 -7.57 -5.58
N SER A 21 5.56 -8.07 -6.74
CA SER A 21 6.15 -9.21 -7.46
C SER A 21 7.67 -9.09 -7.61
N GLU A 22 8.19 -7.87 -7.81
CA GLU A 22 9.64 -7.62 -7.92
C GLU A 22 10.39 -7.82 -6.59
N PHE A 23 9.76 -7.47 -5.47
CA PHE A 23 10.33 -7.59 -4.13
C PHE A 23 10.29 -9.04 -3.62
N GLU A 24 9.20 -9.76 -3.85
CA GLU A 24 9.08 -11.18 -3.48
C GLU A 24 10.01 -12.07 -4.33
N LYS A 25 10.13 -11.78 -5.64
CA LYS A 25 11.07 -12.44 -6.58
C LYS A 25 12.53 -12.29 -6.16
N GLN A 26 12.87 -11.12 -5.61
CA GLN A 26 14.18 -10.80 -5.02
C GLN A 26 14.38 -11.35 -3.60
N GLY A 27 13.34 -11.85 -2.94
CA GLY A 27 13.37 -12.29 -1.55
C GLY A 27 13.41 -11.15 -0.52
N LYS A 28 13.06 -9.93 -0.94
CA LYS A 28 12.93 -8.76 -0.06
C LYS A 28 11.68 -8.83 0.81
N ILE A 29 10.59 -9.33 0.25
CA ILE A 29 9.28 -9.42 0.93
C ILE A 29 8.68 -10.83 0.99
N THR A 30 7.79 -11.07 1.96
CA THR A 30 7.13 -12.36 2.22
C THR A 30 5.65 -12.35 1.78
N PRO A 31 5.06 -13.50 1.39
CA PRO A 31 3.67 -13.54 0.93
C PRO A 31 2.67 -13.25 2.06
N GLU A 32 3.04 -13.61 3.30
CA GLU A 32 2.24 -13.32 4.49
C GLU A 32 2.20 -11.82 4.83
N THR A 33 3.28 -11.07 4.58
CA THR A 33 3.28 -9.61 4.70
C THR A 33 2.48 -8.96 3.57
N LEU A 34 2.62 -9.45 2.33
CA LEU A 34 1.83 -8.97 1.19
C LEU A 34 0.31 -9.11 1.42
N LYS A 35 -0.12 -10.20 2.07
CA LYS A 35 -1.52 -10.40 2.49
C LYS A 35 -1.91 -9.43 3.61
N ARG A 36 -1.03 -9.14 4.58
CA ARG A 36 -1.31 -8.27 5.73
C ARG A 36 -1.48 -6.80 5.32
N LEU A 37 -0.76 -6.39 4.28
CA LEU A 37 -0.87 -5.08 3.64
C LEU A 37 -2.22 -4.92 2.93
N ALA A 38 -2.61 -5.93 2.15
CA ALA A 38 -3.89 -5.97 1.44
C ALA A 38 -5.14 -6.12 2.32
N GLU A 39 -5.04 -6.75 3.49
CA GLU A 39 -6.13 -6.77 4.50
C GLU A 39 -6.62 -5.35 4.88
N GLU A 40 -5.74 -4.34 4.85
CA GLU A 40 -6.14 -2.92 5.02
C GLU A 40 -6.82 -2.36 3.77
N ILE A 41 -6.36 -2.74 2.57
CA ILE A 41 -6.93 -2.31 1.28
C ILE A 41 -8.38 -2.77 1.15
N ALA A 42 -8.68 -4.02 1.51
CA ALA A 42 -10.02 -4.56 1.45
C ALA A 42 -11.02 -3.71 2.25
N GLU A 43 -10.62 -3.30 3.46
CA GLU A 43 -11.43 -2.42 4.32
C GLU A 43 -11.51 -0.98 3.77
N ALA A 44 -10.46 -0.47 3.13
CA ALA A 44 -10.49 0.85 2.49
C ALA A 44 -11.39 0.87 1.25
N ALA A 45 -11.43 -0.22 0.48
CA ALA A 45 -12.30 -0.37 -0.68
C ALA A 45 -13.78 -0.53 -0.25
N LEU A 46 -14.03 -1.27 0.83
CA LEU A 46 -15.33 -1.34 1.52
C LEU A 46 -15.75 0.05 2.06
N ALA A 47 -14.81 0.85 2.56
CA ALA A 47 -15.08 2.24 2.97
C ALA A 47 -15.47 3.13 1.79
N GLN A 48 -14.86 2.94 0.62
CA GLN A 48 -15.25 3.63 -0.62
C GLN A 48 -16.68 3.22 -1.06
N GLN A 49 -17.06 1.96 -0.87
CA GLN A 49 -18.42 1.45 -1.02
C GLN A 49 -19.44 2.20 -0.13
N GLN A 50 -19.03 2.65 1.06
CA GLN A 50 -19.86 3.38 2.03
C GLN A 50 -19.69 4.92 1.97
N GLY A 51 -18.68 5.44 1.25
CA GLY A 51 -18.32 6.86 1.23
C GLY A 51 -17.68 7.38 2.53
N ASP A 52 -17.04 6.52 3.32
CA ASP A 52 -16.51 6.84 4.66
C ASP A 52 -15.09 7.43 4.60
N SER A 53 -14.96 8.74 4.37
CA SER A 53 -13.66 9.42 4.21
C SER A 53 -12.66 9.17 5.34
N GLU A 54 -13.13 9.14 6.60
CA GLU A 54 -12.26 8.88 7.77
C GLU A 54 -11.57 7.51 7.68
N ARG A 55 -12.32 6.49 7.27
CA ARG A 55 -11.82 5.11 7.16
C ARG A 55 -10.72 4.97 6.12
N LEU A 56 -10.82 5.70 5.01
CA LEU A 56 -9.82 5.68 3.94
C LEU A 56 -8.48 6.18 4.45
N GLU A 57 -8.47 7.28 5.21
CA GLU A 57 -7.24 7.87 5.74
C GLU A 57 -6.57 6.94 6.76
N LYS A 58 -7.34 6.40 7.71
CA LYS A 58 -6.82 5.51 8.76
C LYS A 58 -6.33 4.17 8.18
N ALA A 59 -7.09 3.54 7.29
CA ALA A 59 -6.70 2.27 6.65
C ALA A 59 -5.49 2.45 5.71
N ALA A 60 -5.46 3.50 4.90
CA ALA A 60 -4.35 3.79 3.99
C ALA A 60 -3.05 4.13 4.74
N ARG A 61 -3.14 4.88 5.84
CA ARG A 61 -2.01 5.13 6.74
C ARG A 61 -1.52 3.83 7.37
N ARG A 62 -2.41 3.01 7.93
CA ARG A 62 -2.03 1.74 8.59
C ARG A 62 -1.43 0.71 7.62
N PHE A 63 -1.77 0.82 6.35
CA PHE A 63 -1.16 0.08 5.23
C PHE A 63 0.25 0.61 4.96
N ALA A 64 0.37 1.90 4.68
CA ALA A 64 1.61 2.51 4.27
C ALA A 64 2.67 2.52 5.41
N GLU A 65 2.22 2.55 6.67
CA GLU A 65 3.13 2.55 7.83
C GLU A 65 3.86 1.21 8.00
N THR A 66 3.14 0.09 7.87
CA THR A 66 3.70 -1.26 7.96
C THR A 66 4.38 -1.67 6.66
N LEU A 67 3.90 -1.14 5.53
CA LEU A 67 4.53 -1.33 4.22
C LEU A 67 6.00 -0.85 4.26
N LEU A 68 6.20 0.38 4.75
CA LEU A 68 7.53 0.97 4.93
C LEU A 68 8.44 0.07 5.76
N ARG A 69 7.94 -0.53 6.85
CA ARG A 69 8.77 -1.40 7.70
C ARG A 69 9.17 -2.67 6.95
N ALA A 70 8.25 -3.28 6.20
CA ALA A 70 8.51 -4.49 5.41
C ALA A 70 9.56 -4.25 4.31
N LEU A 71 9.51 -3.09 3.67
CA LEU A 71 10.46 -2.69 2.64
C LEU A 71 11.82 -2.30 3.24
N LYS A 72 11.84 -1.48 4.29
CA LYS A 72 13.07 -0.93 4.88
C LYS A 72 13.89 -2.01 5.58
N GLU A 73 13.23 -3.01 6.18
CA GLU A 73 13.93 -4.14 6.79
C GLU A 73 14.61 -5.07 5.77
N SER A 74 14.25 -4.95 4.48
CA SER A 74 14.91 -5.62 3.35
C SER A 74 16.09 -4.82 2.76
N GLY A 75 16.36 -3.63 3.32
CA GLY A 75 17.40 -2.69 2.89
C GLY A 75 16.93 -1.60 1.90
N ALA A 76 15.62 -1.41 1.70
CA ALA A 76 15.09 -0.43 0.75
C ALA A 76 15.27 1.04 1.20
N SER A 77 15.46 1.95 0.24
CA SER A 77 15.55 3.40 0.45
C SER A 77 14.33 4.12 -0.13
N ALA A 78 14.22 5.45 0.06
CA ALA A 78 13.05 6.25 -0.34
C ALA A 78 12.63 6.06 -1.80
N GLU A 79 13.60 5.87 -2.70
CA GLU A 79 13.41 5.57 -4.12
C GLU A 79 12.71 4.23 -4.38
N GLU A 80 13.07 3.20 -3.61
CA GLU A 80 12.51 1.86 -3.70
C GLU A 80 11.14 1.76 -3.01
N ILE A 81 10.96 2.48 -1.90
CA ILE A 81 9.65 2.69 -1.26
C ILE A 81 8.68 3.35 -2.25
N GLU A 82 9.10 4.45 -2.90
CA GLU A 82 8.27 5.14 -3.90
C GLU A 82 7.89 4.22 -5.07
N GLU A 83 8.82 3.41 -5.57
CA GLU A 83 8.54 2.39 -6.59
C GLU A 83 7.55 1.32 -6.10
N ALA A 84 7.61 0.91 -4.83
CA ALA A 84 6.73 -0.12 -4.29
C ALA A 84 5.26 0.35 -4.22
N ILE A 85 5.00 1.53 -3.64
CA ILE A 85 3.62 2.04 -3.47
C ILE A 85 2.96 2.28 -4.83
N GLU A 86 3.73 2.74 -5.80
CA GLU A 86 3.29 2.96 -7.18
C GLU A 86 2.83 1.67 -7.87
N ARG A 87 3.37 0.50 -7.49
CA ARG A 87 2.91 -0.80 -8.00
C ARG A 87 1.52 -1.15 -7.46
N ILE A 88 1.23 -0.90 -6.18
CA ILE A 88 -0.13 -1.06 -5.62
C ILE A 88 -1.09 -0.11 -6.35
N ARG A 89 -0.68 1.14 -6.63
CA ARG A 89 -1.46 2.12 -7.38
C ARG A 89 -1.87 1.58 -8.75
N LYS A 90 -0.98 0.87 -9.47
CA LYS A 90 -1.33 0.22 -10.76
C LYS A 90 -2.25 -0.98 -10.55
N ALA A 91 -1.95 -1.81 -9.55
CA ALA A 91 -2.70 -3.04 -9.28
C ALA A 91 -4.15 -2.76 -8.87
N LEU A 92 -4.35 -1.69 -8.10
CA LEU A 92 -5.67 -1.22 -7.71
C LEU A 92 -6.37 -0.52 -8.89
N SER A 93 -5.67 0.34 -9.64
CA SER A 93 -6.25 1.11 -10.76
C SER A 93 -6.66 0.21 -11.94
N LYS A 94 -5.97 -0.92 -12.09
CA LYS A 94 -6.23 -1.97 -13.09
C LYS A 94 -6.88 -3.23 -12.49
N ALA A 95 -7.39 -3.16 -11.24
CA ALA A 95 -8.00 -4.29 -10.55
C ALA A 95 -9.27 -4.80 -11.25
N PRO A 96 -9.67 -6.08 -11.06
CA PRO A 96 -10.95 -6.60 -11.52
C PRO A 96 -12.16 -6.06 -10.72
N SER A 97 -11.96 -5.70 -9.44
CA SER A 97 -12.97 -5.11 -8.58
C SER A 97 -13.16 -3.61 -8.87
N PRO A 98 -14.41 -3.11 -8.96
CA PRO A 98 -14.69 -1.69 -9.07
C PRO A 98 -14.40 -0.92 -7.76
N GLN A 99 -14.53 -1.56 -6.60
CA GLN A 99 -14.18 -0.94 -5.32
C GLN A 99 -12.67 -0.73 -5.19
N LEU A 100 -11.86 -1.66 -5.71
CA LEU A 100 -10.39 -1.50 -5.76
C LEU A 100 -9.98 -0.43 -6.78
N GLN A 101 -10.66 -0.34 -7.93
CA GLN A 101 -10.44 0.74 -8.92
C GLN A 101 -10.76 2.13 -8.35
N LYS A 102 -11.89 2.26 -7.62
CA LYS A 102 -12.26 3.51 -6.93
C LYS A 102 -11.31 3.85 -5.78
N LEU A 103 -10.76 2.86 -5.09
CA LEU A 103 -9.74 3.07 -4.05
C LEU A 103 -8.44 3.65 -4.63
N ALA A 104 -7.94 3.15 -5.76
CA ALA A 104 -6.73 3.69 -6.42
C ALA A 104 -6.88 5.18 -6.79
N ASN A 105 -8.11 5.64 -7.03
CA ASN A 105 -8.48 7.02 -7.36
C ASN A 105 -9.09 7.78 -6.14
N SER A 106 -8.99 7.23 -4.93
CA SER A 106 -9.56 7.83 -3.72
C SER A 106 -8.56 8.82 -3.08
N PRO A 107 -8.90 10.12 -2.95
CA PRO A 107 -7.97 11.13 -2.43
C PRO A 107 -7.59 10.91 -0.97
N GLN A 108 -8.50 10.39 -0.14
CA GLN A 108 -8.20 10.17 1.28
C GLN A 108 -7.18 9.03 1.47
N TRP A 109 -7.27 7.99 0.62
CA TRP A 109 -6.27 6.93 0.53
C TRP A 109 -4.95 7.44 -0.09
N GLN A 110 -5.03 8.12 -1.24
CA GLN A 110 -3.86 8.66 -1.96
C GLN A 110 -3.07 9.68 -1.12
N THR A 111 -3.73 10.46 -0.27
CA THR A 111 -3.06 11.43 0.62
C THR A 111 -2.18 10.71 1.65
N ALA A 112 -2.67 9.63 2.27
CA ALA A 112 -1.91 8.83 3.23
C ALA A 112 -0.64 8.21 2.61
N LEU A 113 -0.67 7.91 1.30
CA LEU A 113 0.50 7.43 0.58
C LEU A 113 1.62 8.49 0.53
N GLN A 114 1.29 9.78 0.35
CA GLN A 114 2.30 10.85 0.33
C GLN A 114 3.13 10.89 1.62
N GLU A 115 2.47 10.62 2.76
CA GLU A 115 3.08 10.61 4.09
C GLU A 115 4.13 9.52 4.23
N ALA A 116 3.97 8.42 3.49
CA ALA A 116 4.91 7.31 3.48
C ALA A 116 6.17 7.60 2.64
N ILE A 117 6.04 8.23 1.47
CA ILE A 117 7.23 8.60 0.67
C ILE A 117 8.05 9.66 1.40
N LYS A 118 7.41 10.71 1.93
CA LYS A 118 8.13 11.76 2.69
C LYS A 118 8.74 11.23 4.00
N LYS A 119 8.12 10.22 4.65
CA LYS A 119 8.72 9.50 5.78
C LYS A 119 10.00 8.74 5.37
N ALA A 120 9.95 7.95 4.30
CA ALA A 120 11.12 7.22 3.81
C ALA A 120 12.23 8.18 3.33
N ARG A 121 11.88 9.30 2.70
CA ARG A 121 12.79 10.40 2.31
C ARG A 121 13.54 11.00 3.51
N GLN A 122 12.89 11.12 4.66
CA GLN A 122 13.51 11.58 5.92
C GLN A 122 14.31 10.48 6.64
N GLU A 123 13.98 9.19 6.48
CA GLU A 123 14.81 8.07 6.96
C GLU A 123 16.09 7.89 6.11
N LYS A 124 16.00 8.15 4.80
CA LYS A 124 17.13 8.26 3.86
C LYS A 124 17.94 9.56 4.09
N LYS A 125 17.30 10.57 4.70
CA LYS A 125 17.79 11.95 4.87
C LYS A 125 18.28 12.55 3.54
N GLU A 126 17.41 12.47 2.53
CA GLU A 126 17.70 12.85 1.15
C GLU A 126 18.03 14.36 1.00
N LYS A 127 18.93 14.68 0.06
CA LYS A 127 19.45 16.04 -0.21
C LYS A 127 18.67 16.78 -1.30
N GLY A 128 18.91 18.10 -1.40
CA GLY A 128 18.25 18.99 -2.38
C GLY A 128 16.85 19.48 -1.96
N SER A 129 16.39 19.16 -0.74
CA SER A 129 15.11 19.59 -0.18
C SER A 129 15.02 21.11 0.01
N LEU A 130 13.83 21.67 -0.20
CA LEU A 130 13.55 23.12 -0.14
C LEU A 130 12.37 23.46 0.78
N GLU A 131 11.49 22.49 1.05
CA GLU A 131 10.23 22.65 1.78
C GLU A 131 10.44 23.04 3.26
N HIS A 132 11.56 22.60 3.86
CA HIS A 132 12.00 23.00 5.20
C HIS A 132 12.46 24.48 5.27
N HIS A 133 12.88 25.05 4.12
CA HIS A 133 13.46 26.39 4.01
C HIS A 133 12.44 27.47 3.59
N HIS A 134 11.17 27.10 3.33
CA HIS A 134 10.11 28.04 2.91
C HIS A 134 9.80 29.13 3.95
N HIS A 135 10.01 28.86 5.24
CA HIS A 135 9.85 29.84 6.32
C HIS A 135 11.00 30.86 6.38
N HIS A 136 12.21 30.45 5.97
CA HIS A 136 13.49 31.16 6.14
C HIS A 136 13.88 31.41 7.61
N HIS A 137 15.16 31.77 7.83
CA HIS A 137 15.69 32.22 9.12
C HIS A 137 15.58 33.75 9.30
N GLY A 1 -16.97 -18.10 5.14
CA GLY A 1 -16.97 -17.61 6.52
C GLY A 1 -18.00 -16.52 6.73
N ASP A 2 -17.58 -15.26 6.68
CA ASP A 2 -18.44 -14.08 6.82
C ASP A 2 -19.19 -13.67 5.53
N GLU A 3 -18.66 -14.03 4.35
CA GLU A 3 -19.19 -13.71 3.01
C GLU A 3 -19.48 -12.21 2.75
N ASP A 4 -18.82 -11.30 3.48
CA ASP A 4 -19.11 -9.84 3.46
C ASP A 4 -17.84 -8.97 3.49
N LYS A 5 -16.82 -9.40 4.24
CA LYS A 5 -15.46 -8.81 4.30
C LYS A 5 -14.50 -9.61 3.43
N GLU A 6 -14.56 -10.95 3.52
CA GLU A 6 -13.64 -11.86 2.83
C GLU A 6 -13.65 -11.69 1.30
N LYS A 7 -14.81 -11.30 0.75
CA LYS A 7 -15.06 -11.11 -0.70
C LYS A 7 -14.11 -10.13 -1.36
N LEU A 8 -13.69 -9.09 -0.64
CA LEU A 8 -12.74 -8.07 -1.09
C LEU A 8 -11.31 -8.36 -0.66
N LYS A 9 -11.13 -9.01 0.50
CA LYS A 9 -9.81 -9.41 1.02
C LYS A 9 -9.07 -10.34 0.03
N ARG A 10 -9.79 -11.28 -0.60
CA ARG A 10 -9.25 -12.17 -1.66
C ARG A 10 -8.82 -11.43 -2.94
N GLU A 11 -9.48 -10.31 -3.26
CA GLU A 11 -9.13 -9.46 -4.41
C GLU A 11 -7.93 -8.55 -4.08
N ALA A 12 -7.83 -8.10 -2.83
CA ALA A 12 -6.76 -7.23 -2.36
C ALA A 12 -5.43 -7.98 -2.17
N GLU A 13 -5.41 -9.17 -1.56
CA GLU A 13 -4.17 -9.93 -1.32
C GLU A 13 -3.38 -10.16 -2.62
N ARG A 14 -4.12 -10.28 -3.73
CA ARG A 14 -3.61 -10.34 -5.10
C ARG A 14 -2.96 -9.06 -5.55
N ALA A 15 -3.62 -7.94 -5.29
CA ALA A 15 -3.16 -6.59 -5.67
C ALA A 15 -1.74 -6.31 -5.14
N LEU A 16 -1.45 -6.67 -3.89
CA LEU A 16 -0.09 -6.59 -3.32
C LEU A 16 0.85 -7.63 -3.93
N SER A 17 0.37 -8.84 -4.15
CA SER A 17 1.15 -9.95 -4.73
C SER A 17 1.70 -9.64 -6.13
N GLU A 18 0.87 -9.02 -6.97
CA GLU A 18 1.24 -8.58 -8.32
C GLU A 18 2.02 -7.25 -8.33
N ALA A 19 1.67 -6.30 -7.47
CA ALA A 19 2.42 -5.06 -7.27
C ALA A 19 3.86 -5.31 -6.79
N LEU A 20 4.02 -5.93 -5.63
CA LEU A 20 5.32 -6.20 -5.01
C LEU A 20 5.91 -7.54 -5.46
N SER A 21 5.47 -8.05 -6.62
CA SER A 21 6.01 -9.26 -7.26
C SER A 21 7.53 -9.22 -7.37
N GLU A 22 8.10 -8.06 -7.74
CA GLU A 22 9.56 -7.84 -7.82
C GLU A 22 10.26 -7.93 -6.47
N PHE A 23 9.61 -7.55 -5.37
CA PHE A 23 10.17 -7.57 -4.02
C PHE A 23 10.14 -8.99 -3.45
N GLU A 24 9.07 -9.75 -3.69
CA GLU A 24 8.98 -11.17 -3.32
C GLU A 24 9.95 -12.02 -4.17
N LYS A 25 10.10 -11.72 -5.47
CA LYS A 25 11.07 -12.36 -6.39
C LYS A 25 12.53 -12.18 -5.93
N GLN A 26 12.83 -11.01 -5.39
CA GLN A 26 14.13 -10.65 -4.79
C GLN A 26 14.32 -11.20 -3.37
N GLY A 27 13.27 -11.74 -2.74
CA GLY A 27 13.29 -12.15 -1.33
C GLY A 27 13.32 -10.99 -0.33
N LYS A 28 12.93 -9.78 -0.75
CA LYS A 28 12.75 -8.63 0.14
C LYS A 28 11.50 -8.80 1.02
N ILE A 29 10.43 -9.35 0.44
CA ILE A 29 9.11 -9.45 1.09
C ILE A 29 8.52 -10.88 1.06
N THR A 30 7.54 -11.16 1.92
CA THR A 30 6.85 -12.46 2.05
C THR A 30 5.39 -12.41 1.57
N PRO A 31 4.81 -13.51 1.06
CA PRO A 31 3.41 -13.54 0.63
C PRO A 31 2.42 -13.32 1.80
N GLU A 32 2.78 -13.78 3.00
CA GLU A 32 2.00 -13.54 4.22
C GLU A 32 1.96 -12.06 4.61
N THR A 33 3.06 -11.31 4.40
CA THR A 33 3.05 -9.86 4.61
C THR A 33 2.27 -9.15 3.50
N LEU A 34 2.42 -9.54 2.24
CA LEU A 34 1.66 -8.97 1.13
C LEU A 34 0.14 -9.14 1.33
N LYS A 35 -0.29 -10.26 1.92
CA LYS A 35 -1.68 -10.47 2.37
C LYS A 35 -2.05 -9.47 3.48
N ARG A 36 -1.22 -9.36 4.53
CA ARG A 36 -1.45 -8.49 5.70
C ARG A 36 -1.62 -7.01 5.34
N LEU A 37 -0.86 -6.51 4.37
CA LEU A 37 -0.97 -5.17 3.80
C LEU A 37 -2.31 -4.99 3.08
N ALA A 38 -2.71 -5.96 2.25
CA ALA A 38 -3.95 -5.88 1.48
C ALA A 38 -5.24 -6.09 2.29
N GLU A 39 -5.17 -6.74 3.46
CA GLU A 39 -6.30 -6.79 4.40
C GLU A 39 -6.83 -5.37 4.74
N GLU A 40 -5.96 -4.35 4.77
CA GLU A 40 -6.35 -2.94 4.95
C GLU A 40 -6.98 -2.32 3.69
N ILE A 41 -6.57 -2.77 2.50
CA ILE A 41 -7.13 -2.34 1.21
C ILE A 41 -8.59 -2.77 1.07
N ALA A 42 -8.93 -4.01 1.43
CA ALA A 42 -10.30 -4.50 1.42
C ALA A 42 -11.21 -3.61 2.29
N GLU A 43 -10.76 -3.26 3.48
CA GLU A 43 -11.47 -2.32 4.37
C GLU A 43 -11.64 -0.92 3.74
N ALA A 44 -10.60 -0.41 3.08
CA ALA A 44 -10.62 0.91 2.46
C ALA A 44 -11.51 0.97 1.20
N ALA A 45 -11.50 -0.10 0.40
CA ALA A 45 -12.30 -0.22 -0.81
C ALA A 45 -13.80 -0.40 -0.50
N LEU A 46 -14.13 -1.13 0.57
CA LEU A 46 -15.50 -1.22 1.13
C LEU A 46 -15.94 0.12 1.75
N ALA A 47 -15.03 0.85 2.41
CA ALA A 47 -15.30 2.19 2.93
C ALA A 47 -15.74 3.21 1.86
N GLN A 48 -15.18 3.11 0.64
CA GLN A 48 -15.63 3.91 -0.50
C GLN A 48 -17.08 3.59 -0.89
N GLN A 49 -17.47 2.31 -0.86
CA GLN A 49 -18.85 1.87 -1.08
C GLN A 49 -19.80 2.28 0.06
N GLN A 50 -19.29 2.42 1.29
CA GLN A 50 -20.04 2.92 2.45
C GLN A 50 -20.03 4.47 2.57
N GLY A 51 -19.19 5.16 1.80
CA GLY A 51 -19.05 6.63 1.84
C GLY A 51 -18.31 7.18 3.08
N ASP A 52 -17.49 6.36 3.73
CA ASP A 52 -16.82 6.68 5.01
C ASP A 52 -15.40 7.25 4.77
N SER A 53 -15.27 8.57 4.63
CA SER A 53 -13.99 9.23 4.32
C SER A 53 -12.90 9.00 5.38
N GLU A 54 -13.27 8.98 6.67
CA GLU A 54 -12.31 8.79 7.77
C GLU A 54 -11.65 7.40 7.76
N ARG A 55 -12.37 6.37 7.30
CA ARG A 55 -11.84 5.00 7.13
C ARG A 55 -10.74 4.94 6.09
N LEU A 56 -10.90 5.65 4.98
CA LEU A 56 -9.92 5.67 3.88
C LEU A 56 -8.58 6.20 4.40
N GLU A 57 -8.62 7.31 5.14
CA GLU A 57 -7.41 7.94 5.67
C GLU A 57 -6.73 7.05 6.73
N LYS A 58 -7.53 6.48 7.66
CA LYS A 58 -7.04 5.59 8.72
C LYS A 58 -6.42 4.31 8.16
N ALA A 59 -7.13 3.62 7.27
CA ALA A 59 -6.69 2.35 6.68
C ALA A 59 -5.51 2.54 5.72
N ALA A 60 -5.51 3.58 4.90
CA ALA A 60 -4.41 3.88 3.98
C ALA A 60 -3.13 4.26 4.72
N ARG A 61 -3.22 5.07 5.78
CA ARG A 61 -2.06 5.44 6.61
C ARG A 61 -1.51 4.22 7.33
N ARG A 62 -2.38 3.40 7.93
CA ARG A 62 -1.99 2.16 8.64
C ARG A 62 -1.35 1.13 7.70
N PHE A 63 -1.88 1.00 6.49
CA PHE A 63 -1.28 0.21 5.40
C PHE A 63 0.11 0.72 5.04
N ALA A 64 0.24 2.01 4.75
CA ALA A 64 1.49 2.58 4.24
C ALA A 64 2.58 2.60 5.32
N GLU A 65 2.21 2.77 6.60
CA GLU A 65 3.12 2.64 7.75
C GLU A 65 3.60 1.19 7.92
N THR A 66 2.68 0.22 7.83
CA THR A 66 2.98 -1.21 7.94
C THR A 66 3.86 -1.71 6.79
N LEU A 67 3.55 -1.29 5.56
CA LEU A 67 4.33 -1.60 4.36
C LEU A 67 5.76 -1.07 4.48
N LEU A 68 5.93 0.17 4.94
CA LEU A 68 7.25 0.75 5.25
C LEU A 68 8.09 -0.14 6.17
N ARG A 69 7.48 -0.78 7.18
CA ARG A 69 8.19 -1.74 8.04
C ARG A 69 8.73 -2.89 7.21
N ALA A 70 7.88 -3.53 6.41
CA ALA A 70 8.22 -4.72 5.64
C ALA A 70 9.31 -4.46 4.59
N LEU A 71 9.29 -3.27 3.98
CA LEU A 71 10.30 -2.85 3.03
C LEU A 71 11.62 -2.52 3.75
N LYS A 72 11.59 -1.74 4.82
CA LYS A 72 12.79 -1.32 5.56
C LYS A 72 13.49 -2.49 6.27
N GLU A 73 12.74 -3.49 6.70
CA GLU A 73 13.24 -4.79 7.21
C GLU A 73 14.18 -5.48 6.20
N SER A 74 13.91 -5.30 4.91
CA SER A 74 14.73 -5.84 3.81
C SER A 74 15.96 -4.97 3.45
N GLY A 75 16.14 -3.85 4.15
CA GLY A 75 17.18 -2.85 3.88
C GLY A 75 16.82 -1.84 2.78
N ALA A 76 15.53 -1.68 2.45
CA ALA A 76 15.09 -0.76 1.39
C ALA A 76 15.34 0.72 1.75
N SER A 77 15.58 1.53 0.72
CA SER A 77 15.74 3.00 0.80
C SER A 77 14.52 3.70 0.20
N ALA A 78 14.45 5.03 0.30
CA ALA A 78 13.37 5.86 -0.26
C ALA A 78 13.10 5.56 -1.73
N GLU A 79 14.13 5.20 -2.51
CA GLU A 79 14.03 4.84 -3.93
C GLU A 79 13.28 3.51 -4.19
N GLU A 80 13.39 2.55 -3.27
CA GLU A 80 12.64 1.30 -3.30
C GLU A 80 11.24 1.46 -2.71
N ILE A 81 11.09 2.23 -1.62
CA ILE A 81 9.79 2.54 -1.02
C ILE A 81 8.90 3.28 -2.04
N GLU A 82 9.41 4.34 -2.68
CA GLU A 82 8.64 5.15 -3.62
C GLU A 82 8.24 4.38 -4.88
N GLU A 83 9.04 3.39 -5.29
CA GLU A 83 8.71 2.45 -6.36
C GLU A 83 7.65 1.43 -5.92
N ALA A 84 7.72 0.91 -4.68
CA ALA A 84 6.82 -0.13 -4.19
C ALA A 84 5.39 0.37 -4.03
N ILE A 85 5.16 1.53 -3.41
CA ILE A 85 3.78 2.06 -3.20
C ILE A 85 3.09 2.33 -4.54
N GLU A 86 3.86 2.81 -5.52
CA GLU A 86 3.39 3.06 -6.89
C GLU A 86 2.83 1.78 -7.53
N ARG A 87 3.43 0.62 -7.27
CA ARG A 87 2.97 -0.68 -7.77
C ARG A 87 1.58 -1.02 -7.23
N ILE A 88 1.30 -0.80 -5.95
CA ILE A 88 -0.05 -0.98 -5.39
C ILE A 88 -1.02 -0.04 -6.11
N ARG A 89 -0.66 1.23 -6.31
CA ARG A 89 -1.53 2.20 -6.99
C ARG A 89 -1.89 1.77 -8.42
N LYS A 90 -0.95 1.16 -9.16
CA LYS A 90 -1.22 0.62 -10.50
C LYS A 90 -2.05 -0.66 -10.43
N ALA A 91 -1.75 -1.55 -9.48
CA ALA A 91 -2.49 -2.81 -9.27
C ALA A 91 -3.95 -2.55 -8.87
N LEU A 92 -4.18 -1.53 -8.05
CA LEU A 92 -5.51 -1.08 -7.66
C LEU A 92 -6.24 -0.42 -8.85
N SER A 93 -5.56 0.44 -9.60
CA SER A 93 -6.10 1.15 -10.76
C SER A 93 -6.47 0.21 -11.92
N LYS A 94 -5.77 -0.93 -12.01
CA LYS A 94 -5.97 -2.02 -12.99
C LYS A 94 -6.66 -3.25 -12.39
N ALA A 95 -7.21 -3.15 -11.17
CA ALA A 95 -7.71 -4.29 -10.41
C ALA A 95 -8.91 -5.01 -11.08
N PRO A 96 -9.10 -6.31 -10.83
CA PRO A 96 -10.31 -7.04 -11.25
C PRO A 96 -11.57 -6.59 -10.50
N SER A 97 -11.43 -6.09 -9.26
CA SER A 97 -12.52 -5.50 -8.48
C SER A 97 -12.78 -4.03 -8.87
N PRO A 98 -14.04 -3.60 -8.97
CA PRO A 98 -14.42 -2.20 -9.15
C PRO A 98 -14.20 -1.36 -7.89
N GLN A 99 -14.36 -1.93 -6.68
CA GLN A 99 -14.10 -1.20 -5.44
C GLN A 99 -12.62 -0.85 -5.28
N LEU A 100 -11.72 -1.74 -5.72
CA LEU A 100 -10.27 -1.48 -5.72
C LEU A 100 -9.87 -0.42 -6.78
N GLN A 101 -10.58 -0.37 -7.92
CA GLN A 101 -10.40 0.70 -8.91
C GLN A 101 -10.83 2.08 -8.37
N LYS A 102 -11.93 2.16 -7.61
CA LYS A 102 -12.33 3.40 -6.89
C LYS A 102 -11.32 3.79 -5.81
N LEU A 103 -10.71 2.82 -5.12
CA LEU A 103 -9.69 3.07 -4.09
C LEU A 103 -8.42 3.70 -4.68
N ALA A 104 -7.91 3.20 -5.82
CA ALA A 104 -6.76 3.80 -6.49
C ALA A 104 -6.99 5.28 -6.89
N ASN A 105 -8.24 5.66 -7.13
CA ASN A 105 -8.67 7.03 -7.46
C ASN A 105 -9.13 7.86 -6.24
N SER A 106 -9.06 7.31 -5.02
CA SER A 106 -9.55 7.93 -3.79
C SER A 106 -8.50 8.91 -3.25
N PRO A 107 -8.82 10.21 -3.04
CA PRO A 107 -7.88 11.18 -2.50
C PRO A 107 -7.54 10.92 -1.04
N GLN A 108 -8.49 10.45 -0.24
CA GLN A 108 -8.25 10.16 1.18
C GLN A 108 -7.22 9.04 1.36
N TRP A 109 -7.28 8.02 0.50
CA TRP A 109 -6.27 6.95 0.42
C TRP A 109 -4.96 7.46 -0.19
N GLN A 110 -4.99 8.12 -1.35
CA GLN A 110 -3.79 8.58 -2.06
C GLN A 110 -2.97 9.62 -1.26
N THR A 111 -3.62 10.46 -0.45
CA THR A 111 -2.93 11.43 0.42
C THR A 111 -2.08 10.73 1.49
N ALA A 112 -2.61 9.69 2.14
CA ALA A 112 -1.91 8.93 3.17
C ALA A 112 -0.62 8.28 2.65
N LEU A 113 -0.60 7.92 1.37
CA LEU A 113 0.58 7.36 0.71
C LEU A 113 1.74 8.37 0.69
N GLN A 114 1.46 9.66 0.48
CA GLN A 114 2.49 10.71 0.46
C GLN A 114 3.26 10.77 1.79
N GLU A 115 2.56 10.54 2.90
CA GLU A 115 3.14 10.56 4.25
C GLU A 115 4.17 9.45 4.46
N ALA A 116 4.03 8.35 3.72
CA ALA A 116 4.95 7.23 3.75
C ALA A 116 6.23 7.47 2.92
N ILE A 117 6.10 8.03 1.72
CA ILE A 117 7.26 8.36 0.87
C ILE A 117 8.12 9.48 1.48
N LYS A 118 7.50 10.56 1.97
CA LYS A 118 8.23 11.65 2.65
C LYS A 118 8.94 11.19 3.92
N LYS A 119 8.38 10.20 4.64
CA LYS A 119 9.05 9.53 5.79
C LYS A 119 10.34 8.83 5.37
N ALA A 120 10.31 8.01 4.31
CA ALA A 120 11.49 7.28 3.84
C ALA A 120 12.58 8.20 3.27
N ARG A 121 12.19 9.28 2.59
CA ARG A 121 13.11 10.29 2.02
C ARG A 121 13.97 11.03 3.07
N GLN A 122 13.54 11.07 4.34
CA GLN A 122 14.36 11.60 5.44
C GLN A 122 15.56 10.71 5.79
N GLU A 123 15.56 9.42 5.43
CA GLU A 123 16.72 8.52 5.58
C GLU A 123 17.68 8.61 4.38
N LYS A 124 17.13 8.76 3.15
CA LYS A 124 17.92 9.04 1.93
C LYS A 124 18.26 10.53 1.82
N LYS A 125 19.08 11.03 2.75
CA LYS A 125 19.43 12.46 2.90
C LYS A 125 20.12 13.08 1.68
N GLU A 126 20.75 12.28 0.83
CA GLU A 126 21.34 12.72 -0.45
C GLU A 126 20.26 13.11 -1.49
N LYS A 127 19.02 12.63 -1.34
CA LYS A 127 17.83 13.05 -2.10
C LYS A 127 16.99 14.05 -1.29
N GLY A 128 16.64 13.69 -0.06
CA GLY A 128 15.82 14.50 0.85
C GLY A 128 14.43 14.83 0.30
N SER A 129 13.77 15.85 0.87
CA SER A 129 12.53 16.44 0.35
C SER A 129 12.47 17.94 0.66
N LEU A 130 12.21 18.76 -0.37
CA LEU A 130 12.17 20.23 -0.33
C LEU A 130 11.09 20.80 -1.26
N GLU A 131 10.56 21.97 -0.93
CA GLU A 131 9.64 22.73 -1.80
C GLU A 131 10.37 23.48 -2.92
N HIS A 132 9.71 23.66 -4.07
CA HIS A 132 10.30 24.31 -5.26
C HIS A 132 10.35 25.85 -5.17
N HIS A 133 9.60 26.45 -4.22
CA HIS A 133 9.61 27.88 -3.89
C HIS A 133 9.33 28.83 -5.09
N HIS A 134 8.44 28.42 -6.00
CA HIS A 134 7.94 29.26 -7.09
C HIS A 134 6.89 30.29 -6.60
N HIS A 135 6.73 31.39 -7.33
CA HIS A 135 5.75 32.45 -7.05
C HIS A 135 5.17 33.05 -8.36
N HIS A 136 3.96 33.61 -8.28
CA HIS A 136 3.25 34.25 -9.41
C HIS A 136 2.36 35.42 -8.94
N HIS A 137 1.55 35.19 -7.90
CA HIS A 137 0.63 36.16 -7.28
C HIS A 137 0.36 35.81 -5.80
N GLY A 1 -23.23 -10.21 7.78
CA GLY A 1 -22.38 -11.42 7.65
C GLY A 1 -20.92 -11.04 7.50
N ASP A 2 -20.02 -11.64 8.30
CA ASP A 2 -18.59 -11.30 8.35
C ASP A 2 -17.84 -11.57 7.02
N GLU A 3 -18.35 -12.50 6.20
CA GLU A 3 -17.82 -12.78 4.85
C GLU A 3 -17.90 -11.58 3.89
N ASP A 4 -18.67 -10.54 4.21
CA ASP A 4 -18.74 -9.29 3.43
C ASP A 4 -17.43 -8.47 3.48
N LYS A 5 -16.52 -8.81 4.41
CA LYS A 5 -15.12 -8.32 4.45
C LYS A 5 -14.19 -9.24 3.66
N GLU A 6 -14.34 -10.55 3.87
CA GLU A 6 -13.53 -11.61 3.24
C GLU A 6 -13.62 -11.60 1.71
N LYS A 7 -14.80 -11.25 1.16
CA LYS A 7 -15.07 -11.13 -0.28
C LYS A 7 -14.12 -10.19 -1.03
N LEU A 8 -13.68 -9.13 -0.35
CA LEU A 8 -12.75 -8.13 -0.89
C LEU A 8 -11.31 -8.42 -0.50
N LYS A 9 -11.09 -9.03 0.67
CA LYS A 9 -9.74 -9.45 1.11
C LYS A 9 -9.07 -10.39 0.10
N ARG A 10 -9.82 -11.36 -0.44
CA ARG A 10 -9.34 -12.30 -1.47
C ARG A 10 -8.99 -11.66 -2.82
N GLU A 11 -9.64 -10.54 -3.16
CA GLU A 11 -9.33 -9.73 -4.34
C GLU A 11 -8.10 -8.84 -4.09
N ALA A 12 -7.99 -8.29 -2.88
CA ALA A 12 -6.88 -7.43 -2.48
C ALA A 12 -5.55 -8.18 -2.30
N GLU A 13 -5.53 -9.40 -1.75
CA GLU A 13 -4.27 -10.12 -1.50
C GLU A 13 -3.46 -10.32 -2.80
N ARG A 14 -4.18 -10.45 -3.93
CA ARG A 14 -3.61 -10.53 -5.28
C ARG A 14 -3.04 -9.20 -5.76
N ALA A 15 -3.65 -8.08 -5.35
CA ALA A 15 -3.19 -6.73 -5.68
C ALA A 15 -1.74 -6.50 -5.23
N LEU A 16 -1.43 -6.88 -3.98
CA LEU A 16 -0.08 -6.82 -3.43
C LEU A 16 0.86 -7.84 -4.06
N SER A 17 0.36 -9.01 -4.43
CA SER A 17 1.14 -10.07 -5.07
C SER A 17 1.62 -9.69 -6.46
N GLU A 18 0.80 -8.99 -7.25
CA GLU A 18 1.20 -8.45 -8.55
C GLU A 18 2.03 -7.16 -8.45
N ALA A 19 1.69 -6.26 -7.52
CA ALA A 19 2.42 -5.02 -7.30
C ALA A 19 3.84 -5.27 -6.77
N LEU A 20 3.96 -5.95 -5.64
CA LEU A 20 5.23 -6.24 -4.98
C LEU A 20 5.84 -7.56 -5.47
N SER A 21 5.41 -8.03 -6.67
CA SER A 21 5.93 -9.21 -7.36
C SER A 21 7.47 -9.19 -7.42
N GLU A 22 8.06 -8.05 -7.78
CA GLU A 22 9.52 -7.88 -7.84
C GLU A 22 10.21 -8.02 -6.48
N PHE A 23 9.54 -7.63 -5.39
CA PHE A 23 10.08 -7.72 -4.04
C PHE A 23 10.00 -9.16 -3.50
N GLU A 24 8.92 -9.89 -3.78
CA GLU A 24 8.81 -11.31 -3.44
C GLU A 24 9.77 -12.18 -4.30
N LYS A 25 9.92 -11.85 -5.59
CA LYS A 25 10.89 -12.48 -6.53
C LYS A 25 12.34 -12.36 -6.04
N GLN A 26 12.68 -11.20 -5.48
CA GLN A 26 13.97 -10.91 -4.85
C GLN A 26 14.13 -11.51 -3.44
N GLY A 27 13.05 -12.01 -2.83
CA GLY A 27 13.04 -12.45 -1.43
C GLY A 27 13.10 -11.32 -0.41
N LYS A 28 12.76 -10.08 -0.82
CA LYS A 28 12.61 -8.93 0.09
C LYS A 28 11.38 -9.06 0.97
N ILE A 29 10.27 -9.55 0.39
CA ILE A 29 8.96 -9.59 1.06
C ILE A 29 8.36 -11.01 1.15
N THR A 30 7.52 -11.25 2.15
CA THR A 30 6.85 -12.55 2.38
C THR A 30 5.39 -12.53 1.88
N PRO A 31 4.83 -13.66 1.42
CA PRO A 31 3.43 -13.73 0.97
C PRO A 31 2.44 -13.46 2.12
N GLU A 32 2.84 -13.78 3.36
CA GLU A 32 2.09 -13.47 4.58
C GLU A 32 1.97 -11.96 4.82
N THR A 33 3.05 -11.20 4.59
CA THR A 33 3.03 -9.73 4.67
C THR A 33 2.25 -9.12 3.51
N LEU A 34 2.36 -9.66 2.29
CA LEU A 34 1.56 -9.22 1.14
C LEU A 34 0.04 -9.32 1.43
N LYS A 35 -0.39 -10.35 2.15
CA LYS A 35 -1.78 -10.48 2.61
C LYS A 35 -2.14 -9.45 3.69
N ARG A 36 -1.24 -9.11 4.62
CA ARG A 36 -1.51 -8.13 5.71
C ARG A 36 -1.74 -6.73 5.15
N LEU A 37 -0.95 -6.39 4.15
CA LEU A 37 -1.02 -5.13 3.42
C LEU A 37 -2.36 -5.00 2.67
N ALA A 38 -2.76 -6.06 1.97
CA ALA A 38 -4.03 -6.15 1.26
C ALA A 38 -5.28 -6.25 2.17
N GLU A 39 -5.18 -6.84 3.35
CA GLU A 39 -6.26 -6.80 4.36
C GLU A 39 -6.70 -5.36 4.71
N GLU A 40 -5.79 -4.39 4.70
CA GLU A 40 -6.13 -2.97 4.88
C GLU A 40 -6.78 -2.35 3.63
N ILE A 41 -6.41 -2.82 2.43
CA ILE A 41 -7.03 -2.42 1.16
C ILE A 41 -8.49 -2.83 1.09
N ALA A 42 -8.84 -4.06 1.47
CA ALA A 42 -10.22 -4.53 1.52
C ALA A 42 -11.08 -3.61 2.41
N GLU A 43 -10.58 -3.26 3.60
CA GLU A 43 -11.24 -2.33 4.52
C GLU A 43 -11.43 -0.93 3.92
N ALA A 44 -10.45 -0.45 3.15
CA ALA A 44 -10.48 0.87 2.51
C ALA A 44 -11.41 0.89 1.28
N ALA A 45 -11.37 -0.14 0.45
CA ALA A 45 -12.19 -0.26 -0.75
C ALA A 45 -13.68 -0.43 -0.43
N LEU A 46 -14.01 -1.15 0.65
CA LEU A 46 -15.38 -1.24 1.20
C LEU A 46 -15.86 0.13 1.71
N ALA A 47 -14.97 0.92 2.32
CA ALA A 47 -15.25 2.28 2.78
C ALA A 47 -15.54 3.24 1.62
N GLN A 48 -14.88 3.07 0.46
CA GLN A 48 -15.08 3.92 -0.71
C GLN A 48 -16.49 3.81 -1.29
N GLN A 49 -17.04 2.60 -1.41
CA GLN A 49 -18.42 2.43 -1.90
C GLN A 49 -19.48 2.91 -0.88
N GLN A 50 -19.13 2.89 0.40
CA GLN A 50 -19.96 3.40 1.50
C GLN A 50 -19.75 4.92 1.75
N GLY A 51 -18.74 5.54 1.13
CA GLY A 51 -18.45 6.99 1.25
C GLY A 51 -17.82 7.42 2.59
N ASP A 52 -17.19 6.51 3.33
CA ASP A 52 -16.64 6.76 4.67
C ASP A 52 -15.19 7.28 4.61
N SER A 53 -15.01 8.58 4.33
CA SER A 53 -13.68 9.21 4.14
C SER A 53 -12.71 8.99 5.30
N GLU A 54 -13.19 8.94 6.55
CA GLU A 54 -12.34 8.74 7.73
C GLU A 54 -11.66 7.37 7.75
N ARG A 55 -12.35 6.34 7.23
CA ARG A 55 -11.80 4.98 7.08
C ARG A 55 -10.68 4.92 6.05
N LEU A 56 -10.79 5.70 4.97
CA LEU A 56 -9.79 5.70 3.89
C LEU A 56 -8.46 6.22 4.40
N GLU A 57 -8.46 7.29 5.18
CA GLU A 57 -7.24 7.86 5.76
C GLU A 57 -6.62 6.91 6.79
N LYS A 58 -7.44 6.32 7.67
CA LYS A 58 -7.01 5.39 8.72
C LYS A 58 -6.40 4.10 8.13
N ALA A 59 -7.11 3.46 7.21
CA ALA A 59 -6.68 2.20 6.60
C ALA A 59 -5.47 2.39 5.66
N ALA A 60 -5.44 3.46 4.87
CA ALA A 60 -4.30 3.77 4.00
C ALA A 60 -3.03 4.11 4.79
N ARG A 61 -3.16 4.82 5.92
CA ARG A 61 -2.06 5.03 6.87
C ARG A 61 -1.58 3.71 7.44
N ARG A 62 -2.49 2.89 7.98
CA ARG A 62 -2.17 1.59 8.60
C ARG A 62 -1.45 0.64 7.62
N PHE A 63 -1.81 0.74 6.34
CA PHE A 63 -1.23 0.00 5.21
C PHE A 63 0.18 0.49 4.93
N ALA A 64 0.34 1.80 4.72
CA ALA A 64 1.61 2.39 4.35
C ALA A 64 2.64 2.28 5.49
N GLU A 65 2.19 2.28 6.74
CA GLU A 65 3.06 2.18 7.91
C GLU A 65 3.65 0.77 8.12
N THR A 66 2.87 -0.30 7.88
CA THR A 66 3.41 -1.67 7.91
C THR A 66 4.18 -1.98 6.63
N LEU A 67 3.79 -1.35 5.51
CA LEU A 67 4.49 -1.51 4.25
C LEU A 67 5.95 -1.06 4.36
N LEU A 68 6.16 0.15 4.90
CA LEU A 68 7.50 0.68 5.18
C LEU A 68 8.34 -0.27 6.05
N ARG A 69 7.77 -0.89 7.09
CA ARG A 69 8.50 -1.88 7.91
C ARG A 69 8.83 -3.14 7.10
N ALA A 70 7.92 -3.62 6.25
CA ALA A 70 8.13 -4.79 5.40
C ALA A 70 9.25 -4.59 4.37
N LEU A 71 9.34 -3.39 3.82
CA LEU A 71 10.36 -3.01 2.86
C LEU A 71 11.70 -2.74 3.54
N LYS A 72 11.72 -1.97 4.63
CA LYS A 72 12.96 -1.55 5.30
C LYS A 72 13.63 -2.72 6.02
N GLU A 73 12.87 -3.72 6.50
CA GLU A 73 13.48 -4.94 7.07
C GLU A 73 14.19 -5.80 6.01
N SER A 74 13.98 -5.53 4.71
CA SER A 74 14.73 -6.10 3.59
C SER A 74 15.98 -5.30 3.18
N GLY A 75 16.24 -4.19 3.87
CA GLY A 75 17.32 -3.23 3.56
C GLY A 75 16.93 -2.11 2.58
N ALA A 76 15.64 -1.92 2.28
CA ALA A 76 15.19 -0.89 1.33
C ALA A 76 15.48 0.56 1.77
N SER A 77 15.66 1.44 0.78
CA SER A 77 15.84 2.90 0.91
C SER A 77 14.65 3.64 0.27
N ALA A 78 14.60 4.97 0.38
CA ALA A 78 13.50 5.79 -0.16
C ALA A 78 13.17 5.52 -1.64
N GLU A 79 14.17 5.17 -2.45
CA GLU A 79 13.99 4.79 -3.86
C GLU A 79 13.20 3.48 -4.07
N GLU A 80 13.40 2.48 -3.21
CA GLU A 80 12.65 1.23 -3.22
C GLU A 80 11.25 1.40 -2.62
N ILE A 81 11.12 2.19 -1.54
CA ILE A 81 9.81 2.49 -0.93
C ILE A 81 8.92 3.22 -1.94
N GLU A 82 9.41 4.30 -2.56
CA GLU A 82 8.66 5.10 -3.53
C GLU A 82 8.26 4.28 -4.77
N GLU A 83 9.11 3.35 -5.23
CA GLU A 83 8.77 2.41 -6.31
C GLU A 83 7.71 1.40 -5.89
N ALA A 84 7.76 0.89 -4.64
CA ALA A 84 6.86 -0.16 -4.15
C ALA A 84 5.41 0.34 -4.00
N ILE A 85 5.19 1.52 -3.39
CA ILE A 85 3.83 2.04 -3.19
C ILE A 85 3.15 2.33 -4.55
N GLU A 86 3.92 2.79 -5.52
CA GLU A 86 3.48 3.06 -6.89
C GLU A 86 2.87 1.81 -7.54
N ARG A 87 3.45 0.62 -7.28
CA ARG A 87 2.98 -0.66 -7.79
C ARG A 87 1.58 -0.99 -7.28
N ILE A 88 1.30 -0.77 -5.99
CA ILE A 88 -0.05 -0.97 -5.43
C ILE A 88 -1.04 -0.01 -6.10
N ARG A 89 -0.67 1.26 -6.31
CA ARG A 89 -1.52 2.24 -7.00
C ARG A 89 -1.90 1.75 -8.41
N LYS A 90 -1.00 1.09 -9.14
CA LYS A 90 -1.31 0.48 -10.44
C LYS A 90 -2.17 -0.77 -10.28
N ALA A 91 -1.85 -1.65 -9.34
CA ALA A 91 -2.61 -2.88 -9.11
C ALA A 91 -4.06 -2.60 -8.72
N LEU A 92 -4.27 -1.54 -7.94
CA LEU A 92 -5.59 -1.04 -7.57
C LEU A 92 -6.30 -0.37 -8.77
N SER A 93 -5.58 0.45 -9.55
CA SER A 93 -6.12 1.14 -10.74
C SER A 93 -6.50 0.15 -11.87
N LYS A 94 -5.79 -0.98 -11.93
CA LYS A 94 -6.01 -2.11 -12.86
C LYS A 94 -6.81 -3.27 -12.24
N ALA A 95 -7.33 -3.10 -11.02
CA ALA A 95 -7.90 -4.21 -10.26
C ALA A 95 -9.13 -4.87 -10.94
N PRO A 96 -9.38 -6.17 -10.69
CA PRO A 96 -10.61 -6.85 -11.14
C PRO A 96 -11.86 -6.34 -10.42
N SER A 97 -11.72 -5.85 -9.19
CA SER A 97 -12.79 -5.22 -8.40
C SER A 97 -12.95 -3.74 -8.74
N PRO A 98 -14.19 -3.23 -8.90
CA PRO A 98 -14.47 -1.79 -9.02
C PRO A 98 -14.26 -1.04 -7.71
N GLN A 99 -14.43 -1.68 -6.54
CA GLN A 99 -14.15 -1.06 -5.23
C GLN A 99 -12.65 -0.75 -5.10
N LEU A 100 -11.79 -1.63 -5.62
CA LEU A 100 -10.33 -1.42 -5.62
C LEU A 100 -9.91 -0.38 -6.68
N GLN A 101 -10.63 -0.27 -7.80
CA GLN A 101 -10.43 0.82 -8.76
C GLN A 101 -10.82 2.18 -8.17
N LYS A 102 -11.94 2.26 -7.44
CA LYS A 102 -12.34 3.45 -6.66
C LYS A 102 -11.32 3.80 -5.57
N LEU A 103 -10.63 2.81 -5.00
CA LEU A 103 -9.58 3.03 -4.00
C LEU A 103 -8.32 3.66 -4.60
N ALA A 104 -7.82 3.18 -5.74
CA ALA A 104 -6.73 3.86 -6.47
C ALA A 104 -7.11 5.30 -6.85
N ASN A 105 -8.39 5.57 -7.12
CA ASN A 105 -8.94 6.91 -7.40
C ASN A 105 -9.32 7.72 -6.14
N SER A 106 -9.05 7.24 -4.92
CA SER A 106 -9.49 7.86 -3.66
C SER A 106 -8.43 8.83 -3.12
N PRO A 107 -8.75 10.13 -2.94
CA PRO A 107 -7.82 11.12 -2.41
C PRO A 107 -7.46 10.88 -0.94
N GLN A 108 -8.39 10.38 -0.12
CA GLN A 108 -8.12 10.15 1.30
C GLN A 108 -7.12 8.99 1.49
N TRP A 109 -7.22 7.95 0.64
CA TRP A 109 -6.22 6.88 0.57
C TRP A 109 -4.90 7.39 -0.02
N GLN A 110 -4.93 8.08 -1.17
CA GLN A 110 -3.73 8.62 -1.84
C GLN A 110 -2.94 9.60 -0.95
N THR A 111 -3.62 10.38 -0.11
CA THR A 111 -2.97 11.34 0.80
C THR A 111 -2.10 10.63 1.83
N ALA A 112 -2.59 9.56 2.47
CA ALA A 112 -1.85 8.78 3.45
C ALA A 112 -0.56 8.17 2.87
N LEU A 113 -0.56 7.83 1.57
CA LEU A 113 0.62 7.34 0.87
C LEU A 113 1.73 8.40 0.83
N GLN A 114 1.39 9.68 0.61
CA GLN A 114 2.40 10.76 0.57
C GLN A 114 3.21 10.83 1.86
N GLU A 115 2.56 10.58 3.00
CA GLU A 115 3.16 10.62 4.33
C GLU A 115 4.22 9.52 4.52
N ALA A 116 4.03 8.38 3.84
CA ALA A 116 4.97 7.27 3.87
C ALA A 116 6.20 7.50 2.99
N ILE A 117 6.00 8.01 1.77
CA ILE A 117 7.12 8.31 0.86
C ILE A 117 7.98 9.46 1.39
N LYS A 118 7.38 10.54 1.91
CA LYS A 118 8.15 11.64 2.52
C LYS A 118 8.91 11.19 3.78
N LYS A 119 8.34 10.28 4.59
CA LYS A 119 9.04 9.67 5.74
C LYS A 119 10.30 8.92 5.33
N ALA A 120 10.25 8.13 4.26
CA ALA A 120 11.43 7.43 3.73
C ALA A 120 12.45 8.42 3.14
N ARG A 121 12.02 9.36 2.29
CA ARG A 121 12.88 10.36 1.62
C ARG A 121 13.62 11.27 2.60
N GLN A 122 12.95 11.75 3.66
CA GLN A 122 13.54 12.62 4.69
C GLN A 122 14.65 11.93 5.52
N GLU A 123 14.68 10.59 5.53
CA GLU A 123 15.69 9.77 6.21
C GLU A 123 16.63 9.01 5.23
N LYS A 124 16.49 9.28 3.91
CA LYS A 124 17.25 8.73 2.76
C LYS A 124 17.32 7.20 2.70
N LYS A 125 18.22 6.59 3.48
CA LYS A 125 18.32 5.13 3.65
C LYS A 125 17.22 4.57 4.54
N GLU A 126 16.68 5.39 5.45
CA GLU A 126 15.75 5.05 6.53
C GLU A 126 16.32 4.05 7.57
N LYS A 127 16.04 4.32 8.85
CA LYS A 127 16.26 3.43 10.01
C LYS A 127 14.94 3.15 10.74
N GLY A 128 14.04 4.14 10.78
CA GLY A 128 12.68 4.02 11.29
C GLY A 128 12.55 3.84 12.82
N SER A 129 11.31 3.74 13.31
CA SER A 129 10.98 3.51 14.72
C SER A 129 11.06 2.04 15.15
N LEU A 130 11.10 1.11 14.17
CA LEU A 130 11.32 -0.33 14.34
C LEU A 130 12.28 -0.84 13.25
N GLU A 131 13.19 -1.74 13.61
CA GLU A 131 14.23 -2.28 12.72
C GLU A 131 14.35 -3.82 12.76
N HIS A 132 13.78 -4.50 13.77
CA HIS A 132 13.82 -5.96 13.93
C HIS A 132 12.56 -6.51 14.63
N HIS A 133 12.38 -7.84 14.55
CA HIS A 133 11.34 -8.61 15.27
C HIS A 133 9.91 -8.05 15.11
N HIS A 134 9.54 -7.75 13.85
CA HIS A 134 8.26 -7.13 13.49
C HIS A 134 7.06 -8.09 13.61
N HIS A 135 5.84 -7.52 13.57
CA HIS A 135 4.57 -8.27 13.66
C HIS A 135 4.45 -9.33 12.54
N HIS A 136 4.09 -10.57 12.92
CA HIS A 136 3.97 -11.71 12.02
C HIS A 136 2.54 -11.87 11.45
N HIS A 137 2.42 -12.63 10.34
CA HIS A 137 1.20 -12.79 9.52
C HIS A 137 0.60 -11.44 9.06
N GLY A 1 -17.46 -7.93 11.66
CA GLY A 1 -15.98 -8.04 11.76
C GLY A 1 -15.35 -8.06 10.39
N ASP A 2 -14.68 -9.15 10.04
CA ASP A 2 -13.99 -9.36 8.76
C ASP A 2 -14.77 -10.25 7.76
N GLU A 3 -15.87 -10.87 8.19
CA GLU A 3 -16.65 -11.83 7.40
C GLU A 3 -17.28 -11.24 6.12
N ASP A 4 -17.60 -9.94 6.10
CA ASP A 4 -18.06 -9.20 4.91
C ASP A 4 -16.91 -8.45 4.18
N LYS A 5 -15.69 -8.49 4.72
CA LYS A 5 -14.48 -7.94 4.09
C LYS A 5 -13.74 -9.02 3.28
N GLU A 6 -13.91 -10.30 3.63
CA GLU A 6 -13.30 -11.47 2.98
C GLU A 6 -13.43 -11.46 1.44
N LYS A 7 -14.59 -11.08 0.92
CA LYS A 7 -14.90 -10.98 -0.53
C LYS A 7 -14.06 -9.96 -1.29
N LEU A 8 -13.67 -8.87 -0.62
CA LEU A 8 -12.69 -7.90 -1.13
C LEU A 8 -11.26 -8.30 -0.78
N LYS A 9 -11.04 -8.89 0.40
CA LYS A 9 -9.71 -9.31 0.89
C LYS A 9 -9.04 -10.29 -0.07
N ARG A 10 -9.79 -11.28 -0.59
CA ARG A 10 -9.32 -12.24 -1.60
C ARG A 10 -8.94 -11.61 -2.95
N GLU A 11 -9.54 -10.48 -3.28
CA GLU A 11 -9.19 -9.67 -4.46
C GLU A 11 -7.99 -8.74 -4.18
N ALA A 12 -7.88 -8.21 -2.96
CA ALA A 12 -6.79 -7.36 -2.52
C ALA A 12 -5.47 -8.13 -2.32
N GLU A 13 -5.50 -9.35 -1.77
CA GLU A 13 -4.26 -10.11 -1.49
C GLU A 13 -3.43 -10.34 -2.78
N ARG A 14 -4.13 -10.44 -3.92
CA ARG A 14 -3.53 -10.51 -5.26
C ARG A 14 -2.91 -9.19 -5.69
N ALA A 15 -3.52 -8.07 -5.32
CA ALA A 15 -3.05 -6.72 -5.68
C ALA A 15 -1.59 -6.48 -5.24
N LEU A 16 -1.28 -6.83 -3.98
CA LEU A 16 0.07 -6.73 -3.44
C LEU A 16 1.03 -7.75 -4.08
N SER A 17 0.55 -8.95 -4.38
CA SER A 17 1.35 -10.01 -4.98
C SER A 17 1.80 -9.68 -6.40
N GLU A 18 0.93 -9.05 -7.20
CA GLU A 18 1.30 -8.58 -8.55
C GLU A 18 2.11 -7.27 -8.51
N ALA A 19 1.81 -6.36 -7.58
CA ALA A 19 2.54 -5.11 -7.39
C ALA A 19 3.99 -5.35 -6.93
N LEU A 20 4.16 -5.99 -5.77
CA LEU A 20 5.45 -6.26 -5.14
C LEU A 20 6.06 -7.60 -5.61
N SER A 21 5.60 -8.11 -6.76
CA SER A 21 6.09 -9.35 -7.38
C SER A 21 7.61 -9.43 -7.43
N GLU A 22 8.28 -8.33 -7.82
CA GLU A 22 9.75 -8.24 -7.89
C GLU A 22 10.43 -8.36 -6.51
N PHE A 23 9.78 -7.88 -5.45
CA PHE A 23 10.30 -7.94 -4.08
C PHE A 23 10.18 -9.34 -3.50
N GLU A 24 9.06 -10.03 -3.72
CA GLU A 24 8.87 -11.43 -3.30
C GLU A 24 9.78 -12.39 -4.08
N LYS A 25 9.91 -12.19 -5.39
CA LYS A 25 10.85 -12.91 -6.29
C LYS A 25 12.31 -12.83 -5.80
N GLN A 26 12.70 -11.67 -5.30
CA GLN A 26 14.01 -11.40 -4.69
C GLN A 26 14.15 -11.88 -3.23
N GLY A 27 13.06 -12.27 -2.58
CA GLY A 27 13.04 -12.62 -1.15
C GLY A 27 13.16 -11.42 -0.21
N LYS A 28 12.87 -10.20 -0.70
CA LYS A 28 12.79 -8.98 0.12
C LYS A 28 11.51 -8.95 0.93
N ILE A 29 10.41 -9.44 0.35
CA ILE A 29 9.08 -9.50 1.01
C ILE A 29 8.48 -10.91 1.06
N THR A 30 7.53 -11.15 1.96
CA THR A 30 6.85 -12.45 2.18
C THR A 30 5.38 -12.42 1.75
N PRO A 31 4.79 -13.57 1.34
CA PRO A 31 3.37 -13.62 0.95
C PRO A 31 2.44 -13.33 2.13
N GLU A 32 2.86 -13.68 3.35
CA GLU A 32 2.13 -13.36 4.60
C GLU A 32 2.04 -11.85 4.83
N THR A 33 3.12 -11.10 4.56
CA THR A 33 3.12 -9.63 4.67
C THR A 33 2.33 -8.99 3.53
N LEU A 34 2.47 -9.49 2.29
CA LEU A 34 1.67 -9.03 1.15
C LEU A 34 0.16 -9.18 1.40
N LYS A 35 -0.27 -10.24 2.09
CA LYS A 35 -1.65 -10.43 2.52
C LYS A 35 -2.05 -9.44 3.62
N ARG A 36 -1.18 -9.13 4.58
CA ARG A 36 -1.46 -8.18 5.68
C ARG A 36 -1.65 -6.75 5.16
N LEU A 37 -0.87 -6.38 4.15
CA LEU A 37 -0.96 -5.11 3.44
C LEU A 37 -2.29 -4.99 2.69
N ALA A 38 -2.68 -6.04 1.98
CA ALA A 38 -3.95 -6.13 1.27
C ALA A 38 -5.22 -6.22 2.15
N GLU A 39 -5.13 -6.82 3.34
CA GLU A 39 -6.21 -6.77 4.35
C GLU A 39 -6.66 -5.33 4.69
N GLU A 40 -5.74 -4.35 4.68
CA GLU A 40 -6.07 -2.93 4.86
C GLU A 40 -6.70 -2.30 3.60
N ILE A 41 -6.30 -2.75 2.40
CA ILE A 41 -6.91 -2.33 1.13
C ILE A 41 -8.38 -2.73 1.09
N ALA A 42 -8.69 -3.98 1.44
CA ALA A 42 -10.06 -4.49 1.43
C ALA A 42 -10.97 -3.61 2.29
N GLU A 43 -10.51 -3.24 3.48
CA GLU A 43 -11.24 -2.36 4.41
C GLU A 43 -11.41 -0.93 3.85
N ALA A 44 -10.39 -0.40 3.16
CA ALA A 44 -10.42 0.94 2.58
C ALA A 44 -11.36 1.00 1.36
N ALA A 45 -11.32 -0.02 0.51
CA ALA A 45 -12.22 -0.18 -0.62
C ALA A 45 -13.68 -0.40 -0.15
N LEU A 46 -13.91 -1.11 0.97
CA LEU A 46 -15.22 -1.26 1.63
C LEU A 46 -15.78 0.08 2.15
N ALA A 47 -14.90 1.00 2.54
CA ALA A 47 -15.28 2.35 2.98
C ALA A 47 -15.95 3.17 1.86
N GLN A 48 -15.57 2.93 0.60
CA GLN A 48 -16.01 3.71 -0.56
C GLN A 48 -17.43 3.35 -1.03
N GLN A 49 -17.87 2.10 -0.87
CA GLN A 49 -19.28 1.73 -1.08
C GLN A 49 -20.20 2.22 0.07
N GLN A 50 -19.62 2.45 1.26
CA GLN A 50 -20.29 3.08 2.41
C GLN A 50 -20.23 4.63 2.40
N GLY A 51 -19.32 5.24 1.62
CA GLY A 51 -19.12 6.69 1.52
C GLY A 51 -18.39 7.34 2.70
N ASP A 52 -17.55 6.61 3.44
CA ASP A 52 -16.88 7.05 4.68
C ASP A 52 -15.45 7.53 4.40
N SER A 53 -15.23 8.84 4.32
CA SER A 53 -13.90 9.44 4.03
C SER A 53 -12.83 9.12 5.08
N GLU A 54 -13.17 9.20 6.37
CA GLU A 54 -12.22 9.05 7.47
C GLU A 54 -11.59 7.65 7.52
N ARG A 55 -12.36 6.63 7.09
CA ARG A 55 -11.92 5.24 7.00
C ARG A 55 -10.77 5.06 6.00
N LEU A 56 -10.82 5.75 4.85
CA LEU A 56 -9.77 5.67 3.83
C LEU A 56 -8.45 6.16 4.41
N GLU A 57 -8.47 7.30 5.09
CA GLU A 57 -7.28 7.94 5.64
C GLU A 57 -6.59 7.04 6.68
N LYS A 58 -7.38 6.48 7.61
CA LYS A 58 -6.88 5.58 8.66
C LYS A 58 -6.36 4.25 8.11
N ALA A 59 -7.11 3.60 7.22
CA ALA A 59 -6.72 2.32 6.62
C ALA A 59 -5.51 2.46 5.69
N ALA A 60 -5.48 3.50 4.86
CA ALA A 60 -4.35 3.78 3.96
C ALA A 60 -3.07 4.14 4.72
N ARG A 61 -3.17 4.88 5.83
CA ARG A 61 -2.02 5.16 6.71
C ARG A 61 -1.51 3.88 7.36
N ARG A 62 -2.41 3.04 7.89
CA ARG A 62 -2.03 1.77 8.54
C ARG A 62 -1.37 0.79 7.57
N PHE A 63 -1.87 0.74 6.33
CA PHE A 63 -1.24 0.04 5.20
C PHE A 63 0.16 0.58 4.93
N ALA A 64 0.28 1.90 4.71
CA ALA A 64 1.54 2.52 4.29
C ALA A 64 2.61 2.47 5.40
N GLU A 65 2.21 2.50 6.67
CA GLU A 65 3.11 2.27 7.82
C GLU A 65 3.69 0.85 7.79
N THR A 66 2.83 -0.18 7.70
CA THR A 66 3.27 -1.59 7.64
C THR A 66 4.11 -1.85 6.40
N LEU A 67 3.75 -1.25 5.26
CA LEU A 67 4.46 -1.41 3.99
C LEU A 67 5.90 -0.91 4.13
N LEU A 68 6.07 0.31 4.65
CA LEU A 68 7.40 0.85 5.01
C LEU A 68 8.16 -0.10 5.92
N ARG A 69 7.53 -0.69 6.94
CA ARG A 69 8.22 -1.62 7.86
C ARG A 69 8.74 -2.83 7.06
N ALA A 70 7.91 -3.44 6.22
CA ALA A 70 8.23 -4.63 5.45
C ALA A 70 9.36 -4.40 4.43
N LEU A 71 9.36 -3.23 3.78
CA LEU A 71 10.37 -2.84 2.82
C LEU A 71 11.70 -2.51 3.52
N LYS A 72 11.65 -1.75 4.61
CA LYS A 72 12.86 -1.35 5.36
C LYS A 72 13.53 -2.55 6.06
N GLU A 73 12.76 -3.56 6.47
CA GLU A 73 13.28 -4.86 6.97
C GLU A 73 14.20 -5.53 5.94
N SER A 74 13.93 -5.34 4.65
CA SER A 74 14.75 -5.85 3.53
C SER A 74 15.96 -4.97 3.17
N GLY A 75 16.11 -3.83 3.85
CA GLY A 75 17.15 -2.82 3.61
C GLY A 75 16.77 -1.72 2.60
N ALA A 76 15.49 -1.59 2.24
CA ALA A 76 15.04 -0.61 1.24
C ALA A 76 15.20 0.86 1.68
N SER A 77 15.49 1.76 0.73
CA SER A 77 15.57 3.21 0.93
C SER A 77 14.43 3.95 0.21
N ALA A 78 14.35 5.29 0.34
CA ALA A 78 13.26 6.12 -0.19
C ALA A 78 12.94 5.86 -1.68
N GLU A 79 13.96 5.54 -2.49
CA GLU A 79 13.83 5.21 -3.91
C GLU A 79 13.08 3.88 -4.17
N GLU A 80 13.33 2.86 -3.33
CA GLU A 80 12.71 1.54 -3.38
C GLU A 80 11.30 1.55 -2.76
N ILE A 81 11.11 2.32 -1.68
CA ILE A 81 9.77 2.60 -1.11
C ILE A 81 8.90 3.30 -2.16
N GLU A 82 9.40 4.36 -2.81
CA GLU A 82 8.64 5.10 -3.84
C GLU A 82 8.26 4.21 -5.03
N GLU A 83 9.15 3.31 -5.47
CA GLU A 83 8.82 2.29 -6.47
C GLU A 83 7.76 1.28 -5.98
N ALA A 84 7.80 0.86 -4.71
CA ALA A 84 6.91 -0.17 -4.19
C ALA A 84 5.45 0.34 -4.12
N ILE A 85 5.20 1.50 -3.53
CA ILE A 85 3.83 2.03 -3.36
C ILE A 85 3.16 2.26 -4.71
N GLU A 86 3.93 2.71 -5.71
CA GLU A 86 3.45 2.96 -7.07
C GLU A 86 2.86 1.70 -7.71
N ARG A 87 3.44 0.53 -7.43
CA ARG A 87 2.99 -0.76 -7.94
C ARG A 87 1.60 -1.12 -7.41
N ILE A 88 1.31 -0.83 -6.12
CA ILE A 88 -0.05 -0.99 -5.56
C ILE A 88 -1.02 -0.04 -6.27
N ARG A 89 -0.63 1.21 -6.56
CA ARG A 89 -1.49 2.15 -7.28
C ARG A 89 -1.89 1.62 -8.67
N LYS A 90 -0.98 0.93 -9.37
CA LYS A 90 -1.29 0.25 -10.65
C LYS A 90 -2.21 -0.94 -10.41
N ALA A 91 -1.89 -1.78 -9.43
CA ALA A 91 -2.67 -2.98 -9.14
C ALA A 91 -4.11 -2.68 -8.73
N LEU A 92 -4.31 -1.58 -8.00
CA LEU A 92 -5.62 -1.09 -7.62
C LEU A 92 -6.36 -0.44 -8.81
N SER A 93 -5.65 0.32 -9.66
CA SER A 93 -6.23 0.95 -10.87
C SER A 93 -6.62 -0.09 -11.93
N LYS A 94 -5.89 -1.20 -12.00
CA LYS A 94 -6.11 -2.38 -12.87
C LYS A 94 -6.92 -3.49 -12.19
N ALA A 95 -7.43 -3.26 -10.98
CA ALA A 95 -8.01 -4.31 -10.15
C ALA A 95 -9.26 -4.98 -10.78
N PRO A 96 -9.55 -6.26 -10.47
CA PRO A 96 -10.77 -6.94 -10.90
C PRO A 96 -12.04 -6.40 -10.18
N SER A 97 -11.89 -5.85 -8.97
CA SER A 97 -12.96 -5.22 -8.18
C SER A 97 -13.12 -3.73 -8.55
N PRO A 98 -14.37 -3.23 -8.66
CA PRO A 98 -14.65 -1.80 -8.77
C PRO A 98 -14.41 -1.03 -7.46
N GLN A 99 -14.57 -1.66 -6.29
CA GLN A 99 -14.24 -1.04 -4.99
C GLN A 99 -12.73 -0.77 -4.89
N LEU A 100 -11.88 -1.64 -5.45
CA LEU A 100 -10.43 -1.43 -5.52
C LEU A 100 -10.03 -0.38 -6.59
N GLN A 101 -10.80 -0.24 -7.67
CA GLN A 101 -10.61 0.85 -8.65
C GLN A 101 -10.97 2.23 -8.05
N LYS A 102 -12.04 2.31 -7.24
CA LYS A 102 -12.36 3.49 -6.41
C LYS A 102 -11.20 3.85 -5.48
N LEU A 103 -10.45 2.86 -5.00
CA LEU A 103 -9.36 3.06 -4.04
C LEU A 103 -8.11 3.67 -4.67
N ALA A 104 -7.66 3.16 -5.82
CA ALA A 104 -6.61 3.81 -6.62
C ALA A 104 -6.99 5.25 -7.05
N ASN A 105 -8.29 5.51 -7.26
CA ASN A 105 -8.83 6.83 -7.61
C ASN A 105 -9.13 7.73 -6.39
N SER A 106 -8.87 7.27 -5.16
CA SER A 106 -9.27 7.98 -3.94
C SER A 106 -8.21 9.01 -3.52
N PRO A 107 -8.57 10.27 -3.25
CA PRO A 107 -7.65 11.24 -2.66
C PRO A 107 -7.33 10.92 -1.20
N GLN A 108 -8.29 10.40 -0.44
CA GLN A 108 -8.11 10.17 1.00
C GLN A 108 -7.09 9.05 1.25
N TRP A 109 -7.15 7.99 0.43
CA TRP A 109 -6.15 6.92 0.41
C TRP A 109 -4.82 7.41 -0.18
N GLN A 110 -4.83 8.08 -1.34
CA GLN A 110 -3.59 8.56 -2.00
C GLN A 110 -2.83 9.61 -1.18
N THR A 111 -3.51 10.43 -0.36
CA THR A 111 -2.86 11.40 0.54
C THR A 111 -2.03 10.68 1.61
N ALA A 112 -2.56 9.63 2.23
CA ALA A 112 -1.85 8.83 3.23
C ALA A 112 -0.56 8.19 2.67
N LEU A 113 -0.54 7.87 1.37
CA LEU A 113 0.66 7.37 0.70
C LEU A 113 1.78 8.40 0.67
N GLN A 114 1.47 9.69 0.45
CA GLN A 114 2.48 10.76 0.41
C GLN A 114 3.27 10.83 1.72
N GLU A 115 2.58 10.61 2.85
CA GLU A 115 3.15 10.64 4.20
C GLU A 115 4.18 9.52 4.40
N ALA A 116 4.01 8.41 3.70
CA ALA A 116 4.93 7.28 3.73
C ALA A 116 6.21 7.53 2.91
N ILE A 117 6.10 8.05 1.69
CA ILE A 117 7.28 8.35 0.86
C ILE A 117 8.12 9.48 1.48
N LYS A 118 7.49 10.55 1.98
CA LYS A 118 8.21 11.64 2.67
C LYS A 118 8.86 11.18 3.98
N LYS A 119 8.28 10.20 4.68
CA LYS A 119 8.90 9.53 5.85
C LYS A 119 10.14 8.74 5.47
N ALA A 120 10.10 7.95 4.38
CA ALA A 120 11.29 7.25 3.89
C ALA A 120 12.41 8.22 3.46
N ARG A 121 12.05 9.35 2.81
CA ARG A 121 12.96 10.45 2.47
C ARG A 121 13.53 11.20 3.70
N GLN A 122 12.93 11.06 4.89
CA GLN A 122 13.40 11.70 6.12
C GLN A 122 14.70 11.05 6.66
N GLU A 123 14.95 9.76 6.39
CA GLU A 123 16.22 9.11 6.71
C GLU A 123 17.33 9.51 5.71
N LYS A 124 17.01 9.46 4.40
CA LYS A 124 17.94 9.76 3.30
C LYS A 124 17.34 10.85 2.41
N LYS A 125 17.82 12.09 2.60
CA LYS A 125 17.32 13.29 1.91
C LYS A 125 17.50 13.17 0.38
N GLU A 126 16.39 13.26 -0.33
CA GLU A 126 16.32 13.29 -1.80
C GLU A 126 15.32 14.35 -2.26
N LYS A 127 15.58 14.97 -3.42
CA LYS A 127 14.84 16.16 -3.92
C LYS A 127 13.37 15.92 -4.28
N GLY A 128 13.00 14.69 -4.63
CA GLY A 128 11.63 14.33 -5.06
C GLY A 128 11.18 15.11 -6.30
N SER A 129 9.91 15.54 -6.32
CA SER A 129 9.27 16.32 -7.40
C SER A 129 9.22 15.61 -8.77
N LEU A 130 8.60 16.27 -9.76
CA LEU A 130 8.39 15.78 -11.13
C LEU A 130 8.37 16.95 -12.13
N GLU A 131 9.07 16.78 -13.27
CA GLU A 131 9.32 17.80 -14.31
C GLU A 131 10.09 19.06 -13.81
N HIS A 132 10.60 19.86 -14.76
CA HIS A 132 11.47 21.01 -14.49
C HIS A 132 10.72 22.25 -13.96
N HIS A 133 9.45 22.41 -14.33
CA HIS A 133 8.59 23.54 -14.00
C HIS A 133 7.09 23.14 -14.06
N HIS A 134 6.19 24.04 -13.65
CA HIS A 134 4.72 23.87 -13.75
C HIS A 134 4.24 23.64 -15.20
N HIS A 135 4.93 24.23 -16.18
CA HIS A 135 4.60 24.25 -17.61
C HIS A 135 3.27 24.98 -17.93
N HIS A 136 3.03 25.23 -19.23
CA HIS A 136 1.92 26.01 -19.81
C HIS A 136 1.85 27.49 -19.33
N HIS A 137 0.87 28.23 -19.82
CA HIS A 137 0.61 29.65 -19.50
C HIS A 137 0.18 29.87 -18.03
N GLY A 1 -22.69 -12.74 2.06
CA GLY A 1 -23.17 -11.85 3.13
C GLY A 1 -22.61 -10.44 3.00
N ASP A 2 -22.59 -9.70 4.12
CA ASP A 2 -22.17 -8.29 4.21
C ASP A 2 -21.37 -7.97 5.49
N GLU A 3 -21.31 -8.91 6.44
CA GLU A 3 -20.79 -8.71 7.80
C GLU A 3 -19.25 -8.59 7.91
N ASP A 4 -18.51 -8.99 6.87
CA ASP A 4 -17.03 -9.00 6.85
C ASP A 4 -16.47 -8.70 5.44
N LYS A 5 -15.27 -8.09 5.37
CA LYS A 5 -14.59 -7.72 4.11
C LYS A 5 -13.93 -8.87 3.34
N GLU A 6 -14.09 -10.12 3.77
CA GLU A 6 -13.52 -11.33 3.14
C GLU A 6 -13.73 -11.44 1.62
N LYS A 7 -14.84 -10.89 1.10
CA LYS A 7 -15.17 -10.79 -0.34
C LYS A 7 -14.22 -9.90 -1.14
N LEU A 8 -13.71 -8.86 -0.50
CA LEU A 8 -12.71 -7.92 -1.03
C LEU A 8 -11.27 -8.34 -0.70
N LYS A 9 -11.04 -8.90 0.49
CA LYS A 9 -9.71 -9.37 0.96
C LYS A 9 -9.04 -10.30 -0.04
N ARG A 10 -9.78 -11.31 -0.51
CA ARG A 10 -9.32 -12.30 -1.50
C ARG A 10 -8.93 -11.67 -2.85
N GLU A 11 -9.51 -10.51 -3.17
CA GLU A 11 -9.17 -9.73 -4.37
C GLU A 11 -7.96 -8.82 -4.11
N ALA A 12 -7.85 -8.24 -2.91
CA ALA A 12 -6.76 -7.37 -2.50
C ALA A 12 -5.44 -8.11 -2.31
N GLU A 13 -5.44 -9.33 -1.77
CA GLU A 13 -4.19 -10.07 -1.50
C GLU A 13 -3.36 -10.29 -2.78
N ARG A 14 -4.03 -10.39 -3.93
CA ARG A 14 -3.41 -10.43 -5.25
C ARG A 14 -2.88 -9.09 -5.73
N ALA A 15 -3.52 -8.00 -5.33
CA ALA A 15 -3.07 -6.64 -5.69
C ALA A 15 -1.61 -6.40 -5.25
N LEU A 16 -1.27 -6.80 -4.03
CA LEU A 16 0.08 -6.71 -3.49
C LEU A 16 1.03 -7.72 -4.14
N SER A 17 0.54 -8.92 -4.46
CA SER A 17 1.29 -9.99 -5.11
C SER A 17 1.79 -9.59 -6.51
N GLU A 18 0.96 -8.88 -7.29
CA GLU A 18 1.35 -8.34 -8.59
C GLU A 18 2.18 -7.05 -8.49
N ALA A 19 1.82 -6.14 -7.57
CA ALA A 19 2.57 -4.90 -7.36
C ALA A 19 4.00 -5.16 -6.90
N LEU A 20 4.16 -5.87 -5.79
CA LEU A 20 5.45 -6.18 -5.17
C LEU A 20 6.03 -7.51 -5.67
N SER A 21 5.61 -7.95 -6.85
CA SER A 21 6.09 -9.17 -7.51
C SER A 21 7.63 -9.26 -7.55
N GLU A 22 8.31 -8.17 -7.93
CA GLU A 22 9.78 -8.13 -7.95
C GLU A 22 10.43 -8.15 -6.56
N PHE A 23 9.76 -7.63 -5.53
CA PHE A 23 10.27 -7.65 -4.16
C PHE A 23 10.19 -9.06 -3.57
N GLU A 24 9.10 -9.79 -3.83
CA GLU A 24 8.97 -11.19 -3.44
C GLU A 24 9.93 -12.10 -4.23
N LYS A 25 10.10 -11.86 -5.54
CA LYS A 25 11.06 -12.58 -6.41
C LYS A 25 12.51 -12.46 -5.93
N GLN A 26 12.87 -11.27 -5.44
CA GLN A 26 14.17 -10.96 -4.83
C GLN A 26 14.31 -11.46 -3.38
N GLY A 27 13.22 -11.90 -2.74
CA GLY A 27 13.21 -12.26 -1.32
C GLY A 27 13.29 -11.05 -0.38
N LYS A 28 12.96 -9.85 -0.86
CA LYS A 28 12.78 -8.64 -0.03
C LYS A 28 11.53 -8.74 0.82
N ILE A 29 10.46 -9.32 0.27
CA ILE A 29 9.14 -9.41 0.92
C ILE A 29 8.56 -10.84 0.92
N THR A 30 7.57 -11.10 1.79
CA THR A 30 6.91 -12.41 1.95
C THR A 30 5.43 -12.37 1.50
N PRO A 31 4.84 -13.49 1.03
CA PRO A 31 3.43 -13.54 0.63
C PRO A 31 2.47 -13.29 1.80
N GLU A 32 2.85 -13.72 3.01
CA GLU A 32 2.11 -13.42 4.25
C GLU A 32 2.07 -11.91 4.54
N THR A 33 3.16 -11.18 4.30
CA THR A 33 3.17 -9.71 4.45
C THR A 33 2.39 -9.03 3.34
N LEU A 34 2.49 -9.49 2.08
CA LEU A 34 1.69 -8.96 0.97
C LEU A 34 0.18 -9.12 1.25
N LYS A 35 -0.24 -10.23 1.86
CA LYS A 35 -1.61 -10.45 2.34
C LYS A 35 -1.97 -9.55 3.52
N ARG A 36 -1.04 -9.30 4.45
CA ARG A 36 -1.26 -8.42 5.63
C ARG A 36 -1.43 -6.94 5.24
N LEU A 37 -0.74 -6.50 4.19
CA LEU A 37 -0.89 -5.18 3.57
C LEU A 37 -2.25 -5.08 2.84
N ALA A 38 -2.63 -6.10 2.07
CA ALA A 38 -3.90 -6.16 1.36
C ALA A 38 -5.15 -6.32 2.26
N GLU A 39 -5.03 -6.98 3.41
CA GLU A 39 -6.07 -7.01 4.46
C GLU A 39 -6.57 -5.59 4.82
N GLU A 40 -5.69 -4.59 4.80
CA GLU A 40 -6.03 -3.18 5.05
C GLU A 40 -6.66 -2.49 3.82
N ILE A 41 -6.26 -2.89 2.60
CA ILE A 41 -6.86 -2.43 1.35
C ILE A 41 -8.33 -2.81 1.26
N ALA A 42 -8.67 -4.06 1.57
CA ALA A 42 -10.04 -4.54 1.48
C ALA A 42 -10.99 -3.73 2.36
N GLU A 43 -10.56 -3.37 3.57
CA GLU A 43 -11.33 -2.50 4.47
C GLU A 43 -11.47 -1.07 3.91
N ALA A 44 -10.42 -0.52 3.29
CA ALA A 44 -10.46 0.81 2.68
C ALA A 44 -11.37 0.83 1.43
N ALA A 45 -11.28 -0.20 0.59
CA ALA A 45 -12.10 -0.35 -0.60
C ALA A 45 -13.60 -0.57 -0.25
N LEU A 46 -13.90 -1.25 0.86
CA LEU A 46 -15.25 -1.37 1.41
C LEU A 46 -15.77 0.00 1.91
N ALA A 47 -14.92 0.81 2.55
CA ALA A 47 -15.24 2.18 2.94
C ALA A 47 -15.53 3.09 1.73
N GLN A 48 -14.90 2.85 0.58
CA GLN A 48 -15.13 3.62 -0.64
C GLN A 48 -16.55 3.44 -1.21
N GLN A 49 -17.09 2.20 -1.22
CA GLN A 49 -18.50 1.99 -1.63
C GLN A 49 -19.51 2.56 -0.62
N GLN A 50 -19.13 2.62 0.66
CA GLN A 50 -19.92 3.28 1.72
C GLN A 50 -19.73 4.82 1.77
N GLY A 51 -18.74 5.37 1.06
CA GLY A 51 -18.42 6.81 1.05
C GLY A 51 -17.83 7.35 2.36
N ASP A 52 -17.18 6.50 3.18
CA ASP A 52 -16.69 6.85 4.52
C ASP A 52 -15.28 7.45 4.46
N SER A 53 -15.17 8.78 4.30
CA SER A 53 -13.90 9.49 4.09
C SER A 53 -12.84 9.19 5.17
N GLU A 54 -13.21 9.27 6.44
CA GLU A 54 -12.27 9.07 7.55
C GLU A 54 -11.69 7.65 7.62
N ARG A 55 -12.44 6.64 7.16
CA ARG A 55 -11.99 5.24 7.11
C ARG A 55 -10.87 5.04 6.11
N LEU A 56 -10.95 5.71 4.96
CA LEU A 56 -9.91 5.65 3.93
C LEU A 56 -8.60 6.20 4.45
N GLU A 57 -8.65 7.34 5.14
CA GLU A 57 -7.45 7.98 5.68
C GLU A 57 -6.76 7.09 6.72
N LYS A 58 -7.52 6.54 7.68
CA LYS A 58 -7.01 5.65 8.72
C LYS A 58 -6.48 4.34 8.15
N ALA A 59 -7.24 3.65 7.28
CA ALA A 59 -6.83 2.37 6.72
C ALA A 59 -5.64 2.49 5.75
N ALA A 60 -5.59 3.55 4.94
CA ALA A 60 -4.47 3.84 4.05
C ALA A 60 -3.20 4.21 4.81
N ARG A 61 -3.31 4.99 5.90
CA ARG A 61 -2.17 5.31 6.78
C ARG A 61 -1.64 4.07 7.46
N ARG A 62 -2.52 3.24 8.03
CA ARG A 62 -2.17 1.95 8.66
C ARG A 62 -1.40 1.04 7.69
N PHE A 63 -1.91 0.92 6.46
CA PHE A 63 -1.28 0.17 5.37
C PHE A 63 0.11 0.71 5.04
N ALA A 64 0.21 2.02 4.76
CA ALA A 64 1.45 2.63 4.27
C ALA A 64 2.54 2.66 5.36
N GLU A 65 2.14 2.79 6.63
CA GLU A 65 3.05 2.69 7.79
C GLU A 65 3.63 1.27 7.93
N THR A 66 2.80 0.22 7.86
CA THR A 66 3.26 -1.17 8.03
C THR A 66 4.02 -1.68 6.80
N LEU A 67 3.63 -1.21 5.60
CA LEU A 67 4.34 -1.47 4.35
C LEU A 67 5.80 -0.98 4.44
N LEU A 68 5.98 0.24 4.95
CA LEU A 68 7.31 0.84 5.16
C LEU A 68 8.25 -0.05 5.98
N ARG A 69 7.75 -0.70 7.04
CA ARG A 69 8.56 -1.64 7.84
C ARG A 69 8.97 -2.86 7.01
N ALA A 70 8.03 -3.44 6.25
CA ALA A 70 8.29 -4.62 5.41
C ALA A 70 9.35 -4.37 4.33
N LEU A 71 9.34 -3.16 3.76
CA LEU A 71 10.31 -2.74 2.76
C LEU A 71 11.66 -2.40 3.40
N LYS A 72 11.66 -1.60 4.46
CA LYS A 72 12.89 -1.11 5.11
C LYS A 72 13.69 -2.23 5.74
N GLU A 73 13.02 -3.24 6.30
CA GLU A 73 13.70 -4.42 6.88
C GLU A 73 14.39 -5.30 5.82
N SER A 74 14.10 -5.08 4.53
CA SER A 74 14.81 -5.68 3.40
C SER A 74 16.03 -4.85 2.92
N GLY A 75 16.30 -3.72 3.57
CA GLY A 75 17.30 -2.74 3.17
C GLY A 75 16.83 -1.74 2.10
N ALA A 76 15.51 -1.55 1.91
CA ALA A 76 14.99 -0.60 0.92
C ALA A 76 15.30 0.87 1.27
N SER A 77 15.47 1.70 0.23
CA SER A 77 15.61 3.16 0.31
C SER A 77 14.35 3.86 -0.19
N ALA A 78 14.30 5.20 -0.09
CA ALA A 78 13.17 6.00 -0.57
C ALA A 78 12.78 5.72 -2.03
N GLU A 79 13.74 5.39 -2.90
CA GLU A 79 13.50 4.99 -4.30
C GLU A 79 12.75 3.65 -4.45
N GLU A 80 13.04 2.67 -3.59
CA GLU A 80 12.36 1.37 -3.55
C GLU A 80 10.98 1.49 -2.89
N ILE A 81 10.85 2.29 -1.82
CA ILE A 81 9.56 2.62 -1.23
C ILE A 81 8.66 3.32 -2.26
N GLU A 82 9.16 4.36 -2.95
CA GLU A 82 8.39 5.13 -3.93
C GLU A 82 7.95 4.26 -5.13
N GLU A 83 8.80 3.34 -5.61
CA GLU A 83 8.39 2.31 -6.57
C GLU A 83 7.31 1.39 -5.97
N ALA A 84 7.51 0.87 -4.74
CA ALA A 84 6.63 -0.12 -4.16
C ALA A 84 5.20 0.41 -3.99
N ILE A 85 5.03 1.59 -3.37
CA ILE A 85 3.70 2.18 -3.17
C ILE A 85 3.00 2.42 -4.51
N GLU A 86 3.75 2.89 -5.50
CA GLU A 86 3.24 3.20 -6.83
C GLU A 86 2.77 1.93 -7.56
N ARG A 87 3.40 0.77 -7.32
CA ARG A 87 2.95 -0.53 -7.84
C ARG A 87 1.58 -0.91 -7.27
N ILE A 88 1.30 -0.69 -5.98
CA ILE A 88 -0.05 -0.88 -5.42
C ILE A 88 -1.04 0.06 -6.11
N ARG A 89 -0.66 1.33 -6.36
CA ARG A 89 -1.54 2.28 -7.07
C ARG A 89 -1.91 1.78 -8.47
N LYS A 90 -0.98 1.14 -9.20
CA LYS A 90 -1.27 0.48 -10.49
C LYS A 90 -2.17 -0.73 -10.29
N ALA A 91 -1.85 -1.58 -9.32
CA ALA A 91 -2.58 -2.82 -9.07
C ALA A 91 -4.03 -2.57 -8.66
N LEU A 92 -4.27 -1.50 -7.90
CA LEU A 92 -5.58 -1.03 -7.51
C LEU A 92 -6.31 -0.39 -8.71
N SER A 93 -5.62 0.43 -9.52
CA SER A 93 -6.19 1.09 -10.71
C SER A 93 -6.57 0.08 -11.81
N LYS A 94 -5.84 -1.03 -11.87
CA LYS A 94 -6.05 -2.19 -12.78
C LYS A 94 -6.82 -3.34 -12.12
N ALA A 95 -7.33 -3.16 -10.90
CA ALA A 95 -7.87 -4.26 -10.10
C ALA A 95 -9.09 -4.96 -10.75
N PRO A 96 -9.33 -6.27 -10.45
CA PRO A 96 -10.53 -6.98 -10.88
C PRO A 96 -11.81 -6.48 -10.18
N SER A 97 -11.69 -5.93 -8.97
CA SER A 97 -12.78 -5.32 -8.20
C SER A 97 -13.00 -3.84 -8.57
N PRO A 98 -14.27 -3.38 -8.69
CA PRO A 98 -14.60 -1.97 -8.83
C PRO A 98 -14.35 -1.15 -7.56
N GLN A 99 -14.46 -1.76 -6.36
CA GLN A 99 -14.14 -1.09 -5.10
C GLN A 99 -12.63 -0.77 -5.01
N LEU A 100 -11.78 -1.66 -5.51
CA LEU A 100 -10.33 -1.45 -5.54
C LEU A 100 -9.92 -0.43 -6.63
N GLN A 101 -10.63 -0.39 -7.76
CA GLN A 101 -10.47 0.68 -8.76
C GLN A 101 -10.86 2.06 -8.20
N LYS A 102 -11.95 2.15 -7.43
CA LYS A 102 -12.33 3.38 -6.69
C LYS A 102 -11.32 3.76 -5.61
N LEU A 103 -10.64 2.79 -4.99
CA LEU A 103 -9.59 3.04 -4.00
C LEU A 103 -8.34 3.70 -4.61
N ALA A 104 -7.84 3.21 -5.75
CA ALA A 104 -6.75 3.90 -6.49
C ALA A 104 -7.13 5.32 -6.93
N ASN A 105 -8.43 5.59 -7.17
CA ASN A 105 -8.96 6.90 -7.53
C ASN A 105 -9.37 7.77 -6.30
N SER A 106 -9.16 7.29 -5.07
CA SER A 106 -9.60 7.96 -3.84
C SER A 106 -8.54 8.96 -3.35
N PRO A 107 -8.88 10.24 -3.09
CA PRO A 107 -7.94 11.21 -2.53
C PRO A 107 -7.59 10.90 -1.08
N GLN A 108 -8.54 10.37 -0.30
CA GLN A 108 -8.34 10.12 1.12
C GLN A 108 -7.30 9.01 1.37
N TRP A 109 -7.35 7.98 0.52
CA TRP A 109 -6.34 6.92 0.46
C TRP A 109 -5.02 7.43 -0.14
N GLN A 110 -5.06 8.11 -1.30
CA GLN A 110 -3.85 8.58 -1.99
C GLN A 110 -3.06 9.62 -1.18
N THR A 111 -3.72 10.44 -0.35
CA THR A 111 -3.04 11.42 0.53
C THR A 111 -2.20 10.71 1.60
N ALA A 112 -2.72 9.66 2.24
CA ALA A 112 -2.02 8.87 3.25
C ALA A 112 -0.73 8.23 2.71
N LEU A 113 -0.71 7.90 1.41
CA LEU A 113 0.47 7.38 0.73
C LEU A 113 1.61 8.40 0.71
N GLN A 114 1.32 9.69 0.51
CA GLN A 114 2.34 10.74 0.47
C GLN A 114 3.15 10.79 1.79
N GLU A 115 2.47 10.55 2.92
CA GLU A 115 3.06 10.58 4.26
C GLU A 115 4.09 9.46 4.45
N ALA A 116 3.93 8.36 3.73
CA ALA A 116 4.86 7.23 3.73
C ALA A 116 6.11 7.48 2.88
N ILE A 117 5.97 8.03 1.67
CA ILE A 117 7.13 8.33 0.81
C ILE A 117 8.01 9.44 1.42
N LYS A 118 7.40 10.52 1.95
CA LYS A 118 8.16 11.59 2.63
C LYS A 118 8.86 11.10 3.91
N LYS A 119 8.27 10.13 4.63
CA LYS A 119 8.92 9.43 5.75
C LYS A 119 10.14 8.62 5.30
N ALA A 120 10.05 7.92 4.17
CA ALA A 120 11.19 7.15 3.63
C ALA A 120 12.32 8.05 3.08
N ARG A 121 11.99 9.19 2.46
CA ARG A 121 12.97 10.21 2.01
C ARG A 121 13.82 10.77 3.16
N GLN A 122 13.26 10.82 4.38
CA GLN A 122 13.95 11.26 5.60
C GLN A 122 15.09 10.30 6.04
N GLU A 123 15.12 9.05 5.57
CA GLU A 123 16.06 8.02 6.05
C GLU A 123 17.51 8.23 5.58
N LYS A 124 17.72 9.00 4.50
CA LYS A 124 19.04 9.43 3.96
C LYS A 124 20.05 8.28 3.71
N LYS A 125 19.54 7.07 3.42
CA LYS A 125 20.23 5.77 3.32
C LYS A 125 21.02 5.35 4.57
N GLU A 126 20.75 4.13 5.06
CA GLU A 126 21.43 3.51 6.21
C GLU A 126 22.44 2.41 5.82
N LYS A 127 22.94 2.47 4.58
CA LYS A 127 24.08 1.70 4.04
C LYS A 127 23.89 0.17 4.16
N GLY A 128 22.89 -0.34 3.45
CA GLY A 128 22.59 -1.78 3.31
C GLY A 128 21.42 -2.27 4.18
N SER A 129 21.20 -3.59 4.17
CA SER A 129 20.11 -4.25 4.91
C SER A 129 20.37 -4.28 6.42
N LEU A 130 19.31 -4.09 7.22
CA LEU A 130 19.34 -4.05 8.68
C LEU A 130 17.99 -4.52 9.26
N GLU A 131 18.01 -5.20 10.40
CA GLU A 131 16.80 -5.75 11.06
C GLU A 131 15.91 -4.67 11.72
N HIS A 132 16.41 -3.44 11.87
CA HIS A 132 15.70 -2.27 12.38
C HIS A 132 15.03 -2.50 13.76
N HIS A 133 15.78 -3.13 14.67
CA HIS A 133 15.32 -3.55 16.00
C HIS A 133 14.99 -2.37 16.94
N HIS A 134 14.02 -2.59 17.83
CA HIS A 134 13.61 -1.69 18.92
C HIS A 134 13.12 -2.49 20.14
N HIS A 135 13.12 -1.89 21.32
CA HIS A 135 12.72 -2.55 22.59
C HIS A 135 11.78 -1.68 23.46
N HIS A 136 12.14 -0.41 23.72
CA HIS A 136 11.31 0.55 24.46
C HIS A 136 11.67 2.00 24.08
N HIS A 137 10.66 2.89 24.09
CA HIS A 137 10.82 4.34 23.88
C HIS A 137 11.63 5.00 25.00
N GLY A 1 -16.86 -15.20 8.38
CA GLY A 1 -17.16 -14.52 9.65
C GLY A 1 -18.39 -13.63 9.57
N ASP A 2 -18.62 -12.80 10.59
CA ASP A 2 -19.82 -11.96 10.72
C ASP A 2 -19.82 -10.72 9.79
N GLU A 3 -18.63 -10.15 9.52
CA GLU A 3 -18.43 -9.11 8.51
C GLU A 3 -18.17 -9.74 7.13
N ASP A 4 -18.82 -9.23 6.08
CA ASP A 4 -18.71 -9.81 4.73
C ASP A 4 -17.39 -9.49 4.00
N LYS A 5 -16.64 -8.47 4.48
CA LYS A 5 -15.46 -7.86 3.83
C LYS A 5 -14.33 -8.80 3.39
N GLU A 6 -14.33 -10.05 3.87
CA GLU A 6 -13.48 -11.14 3.36
C GLU A 6 -13.63 -11.33 1.84
N LYS A 7 -14.82 -11.03 1.29
CA LYS A 7 -15.13 -10.97 -0.15
C LYS A 7 -14.21 -10.07 -0.97
N LEU A 8 -13.72 -8.98 -0.37
CA LEU A 8 -12.72 -8.08 -0.95
C LEU A 8 -11.29 -8.44 -0.57
N LYS A 9 -11.05 -8.98 0.63
CA LYS A 9 -9.71 -9.39 1.09
C LYS A 9 -9.05 -10.39 0.12
N ARG A 10 -9.84 -11.35 -0.42
CA ARG A 10 -9.41 -12.29 -1.47
C ARG A 10 -9.01 -11.64 -2.79
N GLU A 11 -9.61 -10.50 -3.14
CA GLU A 11 -9.27 -9.73 -4.34
C GLU A 11 -8.04 -8.84 -4.11
N ALA A 12 -7.89 -8.29 -2.90
CA ALA A 12 -6.79 -7.42 -2.52
C ALA A 12 -5.46 -8.16 -2.37
N GLU A 13 -5.46 -9.40 -1.86
CA GLU A 13 -4.21 -10.16 -1.63
C GLU A 13 -3.38 -10.33 -2.91
N ARG A 14 -4.07 -10.38 -4.06
CA ARG A 14 -3.47 -10.39 -5.40
C ARG A 14 -2.89 -9.03 -5.80
N ALA A 15 -3.52 -7.93 -5.39
CA ALA A 15 -3.07 -6.57 -5.71
C ALA A 15 -1.62 -6.33 -5.24
N LEU A 16 -1.32 -6.72 -4.00
CA LEU A 16 0.03 -6.67 -3.44
C LEU A 16 0.96 -7.70 -4.10
N SER A 17 0.45 -8.89 -4.40
CA SER A 17 1.20 -9.98 -5.01
C SER A 17 1.72 -9.63 -6.41
N GLU A 18 0.90 -8.94 -7.22
CA GLU A 18 1.27 -8.44 -8.54
C GLU A 18 2.10 -7.14 -8.49
N ALA A 19 1.76 -6.21 -7.59
CA ALA A 19 2.52 -4.97 -7.38
C ALA A 19 3.95 -5.23 -6.92
N LEU A 20 4.11 -5.90 -5.78
CA LEU A 20 5.40 -6.20 -5.16
C LEU A 20 5.95 -7.56 -5.64
N SER A 21 5.49 -8.02 -6.81
CA SER A 21 5.96 -9.25 -7.46
C SER A 21 7.50 -9.28 -7.56
N GLU A 22 8.12 -8.15 -7.93
CA GLU A 22 9.58 -8.06 -8.01
C GLU A 22 10.29 -8.03 -6.66
N PHE A 23 9.64 -7.57 -5.59
CA PHE A 23 10.21 -7.58 -4.25
C PHE A 23 10.21 -9.00 -3.69
N GLU A 24 9.15 -9.77 -3.92
CA GLU A 24 9.08 -11.20 -3.58
C GLU A 24 10.04 -12.04 -4.45
N LYS A 25 10.16 -11.73 -5.76
CA LYS A 25 11.14 -12.33 -6.69
C LYS A 25 12.59 -12.18 -6.19
N GLN A 26 12.91 -11.00 -5.64
CA GLN A 26 14.20 -10.66 -5.04
C GLN A 26 14.39 -11.22 -3.61
N GLY A 27 13.33 -11.74 -2.98
CA GLY A 27 13.35 -12.17 -1.58
C GLY A 27 13.39 -11.02 -0.58
N LYS A 28 13.00 -9.81 -0.99
CA LYS A 28 12.83 -8.65 -0.10
C LYS A 28 11.60 -8.81 0.79
N ILE A 29 10.51 -9.35 0.20
CA ILE A 29 9.20 -9.46 0.87
C ILE A 29 8.63 -10.89 0.87
N THR A 30 7.70 -11.18 1.78
CA THR A 30 7.03 -12.49 1.92
C THR A 30 5.57 -12.45 1.43
N PRO A 31 5.01 -13.57 0.91
CA PRO A 31 3.61 -13.61 0.49
C PRO A 31 2.63 -13.41 1.66
N GLU A 32 2.99 -13.82 2.87
CA GLU A 32 2.20 -13.59 4.09
C GLU A 32 2.12 -12.09 4.43
N THR A 33 3.21 -11.34 4.25
CA THR A 33 3.20 -9.88 4.46
C THR A 33 2.40 -9.19 3.35
N LEU A 34 2.56 -9.58 2.09
CA LEU A 34 1.74 -9.05 0.99
C LEU A 34 0.24 -9.25 1.24
N LYS A 35 -0.16 -10.38 1.83
CA LYS A 35 -1.55 -10.63 2.25
C LYS A 35 -1.98 -9.73 3.41
N ARG A 36 -1.11 -9.47 4.39
CA ARG A 36 -1.37 -8.58 5.54
C ARG A 36 -1.58 -7.11 5.13
N LEU A 37 -0.78 -6.63 4.18
CA LEU A 37 -0.90 -5.30 3.58
C LEU A 37 -2.22 -5.15 2.81
N ALA A 38 -2.56 -6.15 1.99
CA ALA A 38 -3.81 -6.19 1.24
C ALA A 38 -5.09 -6.35 2.10
N GLU A 39 -5.02 -7.03 3.25
CA GLU A 39 -6.13 -7.07 4.21
C GLU A 39 -6.64 -5.68 4.63
N GLU A 40 -5.76 -4.68 4.70
CA GLU A 40 -6.12 -3.28 4.98
C GLU A 40 -6.76 -2.56 3.77
N ILE A 41 -6.34 -2.90 2.55
CA ILE A 41 -6.92 -2.40 1.29
C ILE A 41 -8.39 -2.77 1.17
N ALA A 42 -8.74 -4.02 1.47
CA ALA A 42 -10.10 -4.50 1.36
C ALA A 42 -11.06 -3.68 2.23
N GLU A 43 -10.65 -3.34 3.45
CA GLU A 43 -11.43 -2.48 4.36
C GLU A 43 -11.54 -1.03 3.87
N ALA A 44 -10.49 -0.49 3.23
CA ALA A 44 -10.53 0.83 2.61
C ALA A 44 -11.45 0.86 1.38
N ALA A 45 -11.42 -0.20 0.56
CA ALA A 45 -12.30 -0.33 -0.59
C ALA A 45 -13.78 -0.52 -0.19
N LEU A 46 -14.05 -1.27 0.88
CA LEU A 46 -15.37 -1.38 1.51
C LEU A 46 -15.83 -0.03 2.10
N ALA A 47 -14.93 0.81 2.60
CA ALA A 47 -15.24 2.19 2.99
C ALA A 47 -15.62 3.07 1.79
N GLN A 48 -14.95 2.89 0.65
CA GLN A 48 -15.30 3.57 -0.62
C GLN A 48 -16.69 3.15 -1.11
N GLN A 49 -17.08 1.89 -0.90
CA GLN A 49 -18.44 1.35 -1.10
C GLN A 49 -19.53 2.16 -0.35
N GLN A 50 -19.21 2.70 0.83
CA GLN A 50 -20.09 3.54 1.65
C GLN A 50 -19.82 5.07 1.55
N GLY A 51 -18.69 5.48 0.95
CA GLY A 51 -18.24 6.87 0.90
C GLY A 51 -17.72 7.41 2.24
N ASP A 52 -17.17 6.55 3.12
CA ASP A 52 -16.74 6.91 4.48
C ASP A 52 -15.31 7.49 4.48
N SER A 53 -15.18 8.80 4.24
CA SER A 53 -13.88 9.48 4.06
C SER A 53 -12.88 9.22 5.19
N GLU A 54 -13.31 9.26 6.45
CA GLU A 54 -12.43 9.07 7.62
C GLU A 54 -11.79 7.67 7.66
N ARG A 55 -12.52 6.66 7.20
CA ARG A 55 -12.05 5.27 7.14
C ARG A 55 -10.94 5.08 6.11
N LEU A 56 -11.03 5.75 4.97
CA LEU A 56 -10.02 5.69 3.91
C LEU A 56 -8.69 6.22 4.43
N GLU A 57 -8.72 7.36 5.13
CA GLU A 57 -7.51 7.98 5.68
C GLU A 57 -6.87 7.07 6.73
N LYS A 58 -7.66 6.51 7.65
CA LYS A 58 -7.19 5.61 8.71
C LYS A 58 -6.61 4.31 8.15
N ALA A 59 -7.33 3.63 7.26
CA ALA A 59 -6.92 2.33 6.70
C ALA A 59 -5.74 2.46 5.72
N ALA A 60 -5.69 3.53 4.92
CA ALA A 60 -4.56 3.80 4.03
C ALA A 60 -3.28 4.15 4.81
N ARG A 61 -3.40 4.92 5.91
CA ARG A 61 -2.28 5.24 6.79
C ARG A 61 -1.76 3.98 7.50
N ARG A 62 -2.66 3.15 8.03
CA ARG A 62 -2.32 1.85 8.64
C ARG A 62 -1.52 0.96 7.70
N PHE A 63 -1.99 0.86 6.45
CA PHE A 63 -1.34 0.11 5.37
C PHE A 63 0.05 0.68 5.04
N ALA A 64 0.14 1.99 4.80
CA ALA A 64 1.38 2.61 4.34
C ALA A 64 2.46 2.65 5.45
N GLU A 65 2.05 2.74 6.72
CA GLU A 65 2.93 2.59 7.88
C GLU A 65 3.46 1.14 7.99
N THR A 66 2.58 0.15 7.84
CA THR A 66 2.91 -1.28 7.95
C THR A 66 3.85 -1.72 6.81
N LEU A 67 3.52 -1.34 5.58
CA LEU A 67 4.30 -1.62 4.37
C LEU A 67 5.74 -1.09 4.50
N LEU A 68 5.92 0.12 5.01
CA LEU A 68 7.25 0.72 5.22
C LEU A 68 8.18 -0.17 6.05
N ARG A 69 7.69 -0.84 7.11
CA ARG A 69 8.52 -1.77 7.90
C ARG A 69 8.93 -2.98 7.08
N ALA A 70 8.00 -3.56 6.30
CA ALA A 70 8.26 -4.73 5.45
C ALA A 70 9.32 -4.44 4.38
N LEU A 71 9.31 -3.22 3.83
CA LEU A 71 10.30 -2.78 2.86
C LEU A 71 11.65 -2.45 3.52
N LYS A 72 11.64 -1.68 4.61
CA LYS A 72 12.88 -1.21 5.27
C LYS A 72 13.66 -2.37 5.90
N GLU A 73 12.99 -3.41 6.38
CA GLU A 73 13.67 -4.61 6.90
C GLU A 73 14.36 -5.45 5.80
N SER A 74 14.06 -5.18 4.53
CA SER A 74 14.76 -5.71 3.35
C SER A 74 15.96 -4.83 2.91
N GLY A 75 16.29 -3.80 3.69
CA GLY A 75 17.31 -2.80 3.38
C GLY A 75 16.85 -1.71 2.40
N ALA A 76 15.55 -1.56 2.14
CA ALA A 76 15.03 -0.61 1.16
C ALA A 76 15.25 0.87 1.57
N SER A 77 15.47 1.73 0.57
CA SER A 77 15.59 3.19 0.70
C SER A 77 14.38 3.89 0.05
N ALA A 78 14.28 5.22 0.17
CA ALA A 78 13.15 6.00 -0.36
C ALA A 78 12.83 5.72 -1.84
N GLU A 79 13.84 5.43 -2.66
CA GLU A 79 13.69 5.05 -4.07
C GLU A 79 12.96 3.71 -4.28
N GLU A 80 13.21 2.72 -3.42
CA GLU A 80 12.52 1.43 -3.40
C GLU A 80 11.13 1.54 -2.79
N ILE A 81 10.96 2.33 -1.72
CA ILE A 81 9.66 2.61 -1.10
C ILE A 81 8.73 3.32 -2.11
N GLU A 82 9.22 4.35 -2.79
CA GLU A 82 8.43 5.11 -3.77
C GLU A 82 8.04 4.27 -4.99
N GLU A 83 8.90 3.33 -5.42
CA GLU A 83 8.52 2.32 -6.42
C GLU A 83 7.47 1.36 -5.86
N ALA A 84 7.64 0.85 -4.64
CA ALA A 84 6.77 -0.18 -4.07
C ALA A 84 5.33 0.32 -3.91
N ILE A 85 5.13 1.48 -3.26
CA ILE A 85 3.79 2.05 -3.05
C ILE A 85 3.05 2.23 -4.37
N GLU A 86 3.76 2.74 -5.38
CA GLU A 86 3.17 3.10 -6.64
C GLU A 86 2.72 1.87 -7.43
N ARG A 87 3.38 0.71 -7.25
CA ARG A 87 2.94 -0.57 -7.80
C ARG A 87 1.58 -0.97 -7.25
N ILE A 88 1.31 -0.77 -5.94
CA ILE A 88 -0.04 -0.97 -5.37
C ILE A 88 -1.02 -0.02 -6.05
N ARG A 89 -0.68 1.26 -6.24
CA ARG A 89 -1.58 2.23 -6.88
C ARG A 89 -1.96 1.79 -8.31
N LYS A 90 -1.03 1.22 -9.08
CA LYS A 90 -1.33 0.69 -10.42
C LYS A 90 -2.15 -0.61 -10.34
N ALA A 91 -1.80 -1.50 -9.41
CA ALA A 91 -2.52 -2.77 -9.18
C ALA A 91 -3.96 -2.54 -8.74
N LEU A 92 -4.20 -1.51 -7.92
CA LEU A 92 -5.51 -1.06 -7.51
C LEU A 92 -6.28 -0.44 -8.69
N SER A 93 -5.62 0.44 -9.45
CA SER A 93 -6.21 1.15 -10.60
C SER A 93 -6.56 0.21 -11.76
N LYS A 94 -5.88 -0.94 -11.84
CA LYS A 94 -6.08 -2.03 -12.80
C LYS A 94 -6.76 -3.27 -12.18
N ALA A 95 -7.26 -3.16 -10.95
CA ALA A 95 -7.77 -4.31 -10.18
C ALA A 95 -8.99 -5.00 -10.83
N PRO A 96 -9.24 -6.30 -10.51
CA PRO A 96 -10.47 -7.01 -10.92
C PRO A 96 -11.72 -6.49 -10.18
N SER A 97 -11.58 -5.95 -8.97
CA SER A 97 -12.65 -5.31 -8.20
C SER A 97 -12.88 -3.85 -8.64
N PRO A 98 -14.14 -3.38 -8.73
CA PRO A 98 -14.45 -1.97 -8.94
C PRO A 98 -14.14 -1.10 -7.71
N GLN A 99 -14.27 -1.63 -6.49
CA GLN A 99 -13.98 -0.86 -5.28
C GLN A 99 -12.48 -0.62 -5.11
N LEU A 100 -11.63 -1.57 -5.56
CA LEU A 100 -10.18 -1.37 -5.59
C LEU A 100 -9.78 -0.34 -6.66
N GLN A 101 -10.49 -0.28 -7.80
CA GLN A 101 -10.28 0.75 -8.83
C GLN A 101 -10.66 2.15 -8.31
N LYS A 102 -11.78 2.29 -7.59
CA LYS A 102 -12.18 3.56 -6.93
C LYS A 102 -11.24 3.93 -5.77
N LEU A 103 -10.70 2.94 -5.04
CA LEU A 103 -9.71 3.16 -3.99
C LEU A 103 -8.40 3.76 -4.53
N ALA A 104 -7.88 3.25 -5.66
CA ALA A 104 -6.68 3.80 -6.31
C ALA A 104 -6.82 5.29 -6.69
N ASN A 105 -8.06 5.72 -6.97
CA ASN A 105 -8.43 7.07 -7.39
C ASN A 105 -8.92 7.96 -6.23
N SER A 106 -9.00 7.42 -5.01
CA SER A 106 -9.53 8.09 -3.82
C SER A 106 -8.48 9.05 -3.24
N PRO A 107 -8.79 10.34 -3.01
CA PRO A 107 -7.84 11.28 -2.43
C PRO A 107 -7.51 10.95 -0.97
N GLN A 108 -8.47 10.45 -0.20
CA GLN A 108 -8.25 10.12 1.21
C GLN A 108 -7.23 8.99 1.38
N TRP A 109 -7.30 7.99 0.50
CA TRP A 109 -6.29 6.92 0.40
C TRP A 109 -4.96 7.44 -0.18
N GLN A 110 -4.99 8.15 -1.31
CA GLN A 110 -3.79 8.63 -1.99
C GLN A 110 -2.98 9.64 -1.16
N THR A 111 -3.63 10.45 -0.31
CA THR A 111 -2.96 11.38 0.60
C THR A 111 -2.13 10.64 1.67
N ALA A 112 -2.68 9.57 2.26
CA ALA A 112 -1.98 8.77 3.27
C ALA A 112 -0.69 8.13 2.73
N LEU A 113 -0.68 7.79 1.43
CA LEU A 113 0.51 7.28 0.76
C LEU A 113 1.66 8.31 0.76
N GLN A 114 1.36 9.60 0.54
CA GLN A 114 2.39 10.64 0.48
C GLN A 114 3.16 10.74 1.81
N GLU A 115 2.46 10.53 2.94
CA GLU A 115 3.04 10.56 4.29
C GLU A 115 4.08 9.45 4.49
N ALA A 116 3.93 8.34 3.78
CA ALA A 116 4.86 7.22 3.81
C ALA A 116 6.11 7.44 2.94
N ILE A 117 5.95 8.00 1.74
CA ILE A 117 7.09 8.34 0.87
C ILE A 117 7.93 9.47 1.46
N LYS A 118 7.31 10.55 1.96
CA LYS A 118 8.04 11.65 2.61
C LYS A 118 8.74 11.21 3.90
N LYS A 119 8.20 10.22 4.62
CA LYS A 119 8.87 9.57 5.77
C LYS A 119 10.16 8.85 5.33
N ALA A 120 10.10 7.99 4.31
CA ALA A 120 11.28 7.27 3.82
C ALA A 120 12.35 8.22 3.22
N ARG A 121 11.92 9.30 2.56
CA ARG A 121 12.78 10.37 2.00
C ARG A 121 13.63 11.12 3.04
N GLN A 122 13.33 10.99 4.34
CA GLN A 122 14.19 11.50 5.42
C GLN A 122 15.57 10.81 5.45
N GLU A 123 15.65 9.52 5.11
CA GLU A 123 16.89 8.73 5.17
C GLU A 123 17.73 8.81 3.89
N LYS A 124 17.11 8.91 2.71
CA LYS A 124 17.79 9.06 1.40
C LYS A 124 16.92 9.80 0.39
N LYS A 125 17.54 10.57 -0.52
CA LYS A 125 16.89 11.31 -1.62
C LYS A 125 17.77 11.39 -2.86
N GLU A 126 17.21 11.82 -3.99
CA GLU A 126 17.91 12.03 -5.26
C GLU A 126 18.48 13.46 -5.44
N LYS A 127 18.34 14.32 -4.41
CA LYS A 127 18.76 15.73 -4.37
C LYS A 127 18.15 16.60 -5.48
N GLY A 128 16.92 16.26 -5.91
CA GLY A 128 16.11 17.07 -6.83
C GLY A 128 15.55 18.36 -6.19
N SER A 129 14.95 19.22 -7.00
CA SER A 129 14.42 20.52 -6.57
C SER A 129 13.26 20.39 -5.57
N LEU A 130 13.41 20.98 -4.38
CA LEU A 130 12.42 20.99 -3.29
C LEU A 130 12.62 22.23 -2.41
N GLU A 131 11.53 22.79 -1.88
CA GLU A 131 11.53 23.98 -1.00
C GLU A 131 10.41 23.94 0.05
N HIS A 132 10.55 24.76 1.10
CA HIS A 132 9.59 24.96 2.19
C HIS A 132 8.89 26.33 2.10
N HIS A 133 7.82 26.53 2.88
CA HIS A 133 7.19 27.85 3.02
C HIS A 133 8.18 28.86 3.61
N HIS A 134 8.25 30.06 3.02
CA HIS A 134 9.12 31.15 3.47
C HIS A 134 8.31 32.22 4.23
N HIS A 135 8.86 32.69 5.36
CA HIS A 135 8.22 33.59 6.33
C HIS A 135 6.94 33.02 6.97
N HIS A 136 6.41 33.74 7.98
CA HIS A 136 5.19 33.38 8.73
C HIS A 136 3.89 33.92 8.10
N HIS A 137 3.99 34.74 7.05
CA HIS A 137 2.87 35.42 6.36
C HIS A 137 2.93 35.22 4.83
N GLY A 1 -27.38 -5.35 -0.05
CA GLY A 1 -26.00 -5.51 -0.58
C GLY A 1 -25.05 -6.04 0.49
N ASP A 2 -24.02 -6.78 0.09
CA ASP A 2 -23.04 -7.37 1.00
C ASP A 2 -21.93 -6.38 1.40
N GLU A 3 -21.74 -6.19 2.71
CA GLU A 3 -20.73 -5.27 3.29
C GLU A 3 -19.59 -6.01 4.03
N ASP A 4 -19.44 -7.32 3.82
CA ASP A 4 -18.34 -8.11 4.40
C ASP A 4 -17.00 -7.76 3.73
N LYS A 5 -15.89 -7.87 4.47
CA LYS A 5 -14.54 -7.55 4.00
C LYS A 5 -13.90 -8.70 3.23
N GLU A 6 -14.21 -9.97 3.54
CA GLU A 6 -13.45 -11.13 3.03
C GLU A 6 -13.49 -11.29 1.50
N LYS A 7 -14.61 -10.92 0.87
CA LYS A 7 -14.80 -10.91 -0.59
C LYS A 7 -13.90 -9.91 -1.33
N LEU A 8 -13.53 -8.84 -0.64
CA LEU A 8 -12.52 -7.87 -1.07
C LEU A 8 -11.10 -8.24 -0.61
N LYS A 9 -10.95 -8.90 0.55
CA LYS A 9 -9.62 -9.34 1.04
C LYS A 9 -8.93 -10.28 0.04
N ARG A 10 -9.68 -11.23 -0.51
CA ARG A 10 -9.20 -12.18 -1.54
C ARG A 10 -8.79 -11.52 -2.86
N GLU A 11 -9.39 -10.38 -3.21
CA GLU A 11 -9.01 -9.57 -4.37
C GLU A 11 -7.81 -8.67 -4.07
N ALA A 12 -7.73 -8.11 -2.86
CA ALA A 12 -6.65 -7.23 -2.44
C ALA A 12 -5.33 -8.00 -2.22
N GLU A 13 -5.34 -9.20 -1.61
CA GLU A 13 -4.12 -9.97 -1.34
C GLU A 13 -3.32 -10.26 -2.63
N ARG A 14 -4.04 -10.40 -3.76
CA ARG A 14 -3.46 -10.53 -5.10
C ARG A 14 -2.91 -9.22 -5.62
N ALA A 15 -3.55 -8.10 -5.32
CA ALA A 15 -3.08 -6.76 -5.70
C ALA A 15 -1.67 -6.49 -5.15
N LEU A 16 -1.41 -6.81 -3.87
CA LEU A 16 -0.07 -6.76 -3.28
C LEU A 16 0.88 -7.77 -3.92
N SER A 17 0.39 -8.97 -4.21
CA SER A 17 1.18 -10.06 -4.78
C SER A 17 1.73 -9.75 -6.18
N GLU A 18 0.93 -9.11 -7.03
CA GLU A 18 1.34 -8.64 -8.36
C GLU A 18 2.14 -7.32 -8.31
N ALA A 19 1.79 -6.42 -7.40
CA ALA A 19 2.50 -5.16 -7.18
C ALA A 19 3.94 -5.39 -6.69
N LEU A 20 4.07 -6.06 -5.54
CA LEU A 20 5.35 -6.36 -4.90
C LEU A 20 5.95 -7.70 -5.38
N SER A 21 5.53 -8.16 -6.57
CA SER A 21 6.07 -9.35 -7.26
C SER A 21 7.60 -9.40 -7.27
N GLU A 22 8.27 -8.30 -7.64
CA GLU A 22 9.73 -8.25 -7.63
C GLU A 22 10.35 -8.33 -6.23
N PHE A 23 9.66 -7.88 -5.18
CA PHE A 23 10.15 -7.92 -3.80
C PHE A 23 10.04 -9.35 -3.25
N GLU A 24 8.93 -10.03 -3.46
CA GLU A 24 8.75 -11.43 -3.04
C GLU A 24 9.69 -12.38 -3.79
N LYS A 25 9.84 -12.19 -5.11
CA LYS A 25 10.74 -13.00 -5.96
C LYS A 25 12.22 -12.89 -5.58
N GLN A 26 12.62 -11.72 -5.08
CA GLN A 26 13.94 -11.45 -4.50
C GLN A 26 14.10 -11.90 -3.04
N GLY A 27 13.00 -12.26 -2.37
CA GLY A 27 12.99 -12.59 -0.94
C GLY A 27 13.10 -11.36 -0.03
N LYS A 28 12.76 -10.17 -0.54
CA LYS A 28 12.64 -8.94 0.27
C LYS A 28 11.40 -8.98 1.16
N ILE A 29 10.31 -9.52 0.63
CA ILE A 29 8.99 -9.59 1.30
C ILE A 29 8.40 -11.02 1.30
N THR A 30 7.46 -11.30 2.21
CA THR A 30 6.77 -12.60 2.33
C THR A 30 5.32 -12.54 1.83
N PRO A 31 4.74 -13.65 1.31
CA PRO A 31 3.34 -13.68 0.87
C PRO A 31 2.35 -13.48 2.04
N GLU A 32 2.72 -13.91 3.25
CA GLU A 32 1.93 -13.65 4.47
C GLU A 32 1.91 -12.15 4.84
N THR A 33 3.00 -11.42 4.60
CA THR A 33 3.00 -9.96 4.77
C THR A 33 2.22 -9.26 3.66
N LEU A 34 2.39 -9.69 2.41
CA LEU A 34 1.61 -9.12 1.28
C LEU A 34 0.09 -9.28 1.50
N LYS A 35 -0.34 -10.40 2.09
CA LYS A 35 -1.72 -10.61 2.54
C LYS A 35 -2.09 -9.60 3.64
N ARG A 36 -1.26 -9.47 4.69
CA ARG A 36 -1.49 -8.58 5.84
C ARG A 36 -1.67 -7.11 5.41
N LEU A 37 -0.89 -6.64 4.45
CA LEU A 37 -0.97 -5.30 3.87
C LEU A 37 -2.30 -5.10 3.14
N ALA A 38 -2.68 -6.07 2.29
CA ALA A 38 -3.89 -5.97 1.48
C ALA A 38 -5.20 -6.16 2.25
N GLU A 39 -5.17 -6.89 3.37
CA GLU A 39 -6.33 -6.97 4.29
C GLU A 39 -6.83 -5.58 4.73
N GLU A 40 -5.93 -4.59 4.87
CA GLU A 40 -6.29 -3.20 5.17
C GLU A 40 -6.79 -2.42 3.93
N ILE A 41 -6.31 -2.77 2.73
CA ILE A 41 -6.87 -2.25 1.46
C ILE A 41 -8.31 -2.72 1.28
N ALA A 42 -8.62 -3.97 1.60
CA ALA A 42 -9.98 -4.49 1.48
C ALA A 42 -10.98 -3.69 2.33
N GLU A 43 -10.61 -3.37 3.57
CA GLU A 43 -11.40 -2.49 4.46
C GLU A 43 -11.57 -1.09 3.86
N ALA A 44 -10.51 -0.53 3.28
CA ALA A 44 -10.53 0.78 2.64
C ALA A 44 -11.38 0.77 1.34
N ALA A 45 -11.28 -0.28 0.52
CA ALA A 45 -12.02 -0.41 -0.74
C ALA A 45 -13.54 -0.52 -0.46
N LEU A 46 -13.89 -1.28 0.58
CA LEU A 46 -15.24 -1.35 1.16
C LEU A 46 -15.74 0.04 1.61
N ALA A 47 -14.89 0.83 2.28
CA ALA A 47 -15.20 2.21 2.67
C ALA A 47 -15.50 3.13 1.48
N GLN A 48 -14.87 2.91 0.32
CA GLN A 48 -15.14 3.70 -0.89
C GLN A 48 -16.55 3.45 -1.46
N GLN A 49 -17.08 2.22 -1.44
CA GLN A 49 -18.49 1.97 -1.81
C GLN A 49 -19.49 2.47 -0.77
N GLN A 50 -19.07 2.55 0.50
CA GLN A 50 -19.83 3.19 1.59
C GLN A 50 -19.75 4.73 1.59
N GLY A 51 -18.78 5.32 0.85
CA GLY A 51 -18.51 6.76 0.85
C GLY A 51 -17.97 7.31 2.18
N ASP A 52 -17.33 6.47 3.01
CA ASP A 52 -16.92 6.80 4.37
C ASP A 52 -15.46 7.30 4.41
N SER A 53 -15.27 8.61 4.21
CA SER A 53 -13.95 9.25 4.07
C SER A 53 -12.98 8.95 5.22
N GLU A 54 -13.46 8.96 6.47
CA GLU A 54 -12.62 8.79 7.66
C GLU A 54 -11.95 7.41 7.71
N ARG A 55 -12.64 6.38 7.21
CA ARG A 55 -12.15 5.00 7.14
C ARG A 55 -10.95 4.86 6.21
N LEU A 56 -10.99 5.53 5.05
CA LEU A 56 -9.92 5.49 4.06
C LEU A 56 -8.63 6.02 4.67
N GLU A 57 -8.70 7.15 5.36
CA GLU A 57 -7.51 7.78 5.96
C GLU A 57 -6.91 6.90 7.06
N LYS A 58 -7.77 6.31 7.92
CA LYS A 58 -7.37 5.40 8.99
C LYS A 58 -6.69 4.13 8.44
N ALA A 59 -7.31 3.46 7.48
CA ALA A 59 -6.81 2.18 6.95
C ALA A 59 -5.61 2.37 6.01
N ALA A 60 -5.61 3.40 5.18
CA ALA A 60 -4.49 3.71 4.27
C ALA A 60 -3.22 4.11 5.03
N ARG A 61 -3.35 4.90 6.11
CA ARG A 61 -2.22 5.26 6.97
C ARG A 61 -1.63 4.03 7.63
N ARG A 62 -2.48 3.16 8.21
CA ARG A 62 -2.03 1.92 8.87
C ARG A 62 -1.32 0.99 7.88
N PHE A 63 -1.89 0.82 6.68
CA PHE A 63 -1.29 0.06 5.58
C PHE A 63 0.09 0.60 5.21
N ALA A 64 0.19 1.91 4.96
CA ALA A 64 1.41 2.52 4.45
C ALA A 64 2.52 2.55 5.52
N GLU A 65 2.14 2.67 6.80
CA GLU A 65 3.06 2.54 7.95
C GLU A 65 3.59 1.11 8.10
N THR A 66 2.72 0.10 8.04
CA THR A 66 3.07 -1.32 8.17
C THR A 66 3.92 -1.82 6.98
N LEU A 67 3.55 -1.42 5.76
CA LEU A 67 4.31 -1.70 4.53
C LEU A 67 5.75 -1.19 4.64
N LEU A 68 5.93 0.04 5.14
CA LEU A 68 7.25 0.64 5.35
C LEU A 68 8.17 -0.24 6.19
N ARG A 69 7.67 -0.87 7.26
CA ARG A 69 8.47 -1.82 8.07
C ARG A 69 8.87 -3.03 7.24
N ALA A 70 7.94 -3.65 6.52
CA ALA A 70 8.21 -4.85 5.72
C ALA A 70 9.28 -4.61 4.64
N LEU A 71 9.27 -3.41 4.04
CA LEU A 71 10.27 -3.01 3.06
C LEU A 71 11.62 -2.71 3.73
N LYS A 72 11.63 -1.95 4.82
CA LYS A 72 12.87 -1.56 5.54
C LYS A 72 13.57 -2.77 6.18
N GLU A 73 12.82 -3.78 6.62
CA GLU A 73 13.34 -5.09 7.07
C GLU A 73 14.25 -5.75 6.02
N SER A 74 13.94 -5.52 4.74
CA SER A 74 14.72 -6.00 3.59
C SER A 74 15.93 -5.13 3.22
N GLY A 75 16.18 -4.05 3.96
CA GLY A 75 17.20 -3.04 3.67
C GLY A 75 16.80 -2.03 2.59
N ALA A 76 15.50 -1.85 2.31
CA ALA A 76 15.03 -0.94 1.25
C ALA A 76 15.31 0.54 1.55
N SER A 77 15.50 1.32 0.47
CA SER A 77 15.69 2.78 0.48
C SER A 77 14.50 3.51 -0.14
N ALA A 78 14.46 4.85 -0.09
CA ALA A 78 13.36 5.66 -0.61
C ALA A 78 12.98 5.34 -2.07
N GLU A 79 13.97 4.97 -2.90
CA GLU A 79 13.76 4.51 -4.29
C GLU A 79 12.93 3.22 -4.40
N GLU A 80 13.13 2.27 -3.49
CA GLU A 80 12.34 1.03 -3.39
C GLU A 80 10.98 1.27 -2.73
N ILE A 81 10.92 2.08 -1.67
CA ILE A 81 9.66 2.41 -0.99
C ILE A 81 8.70 3.12 -1.95
N GLU A 82 9.16 4.17 -2.65
CA GLU A 82 8.34 4.93 -3.61
C GLU A 82 7.86 4.06 -4.78
N GLU A 83 8.70 3.15 -5.30
CA GLU A 83 8.27 2.14 -6.27
C GLU A 83 7.20 1.21 -5.68
N ALA A 84 7.37 0.73 -4.44
CA ALA A 84 6.52 -0.32 -3.89
C ALA A 84 5.08 0.16 -3.72
N ILE A 85 4.87 1.33 -3.11
CA ILE A 85 3.52 1.86 -2.90
C ILE A 85 2.80 2.11 -4.24
N GLU A 86 3.54 2.62 -5.23
CA GLU A 86 3.01 2.92 -6.55
C GLU A 86 2.57 1.66 -7.29
N ARG A 87 3.21 0.50 -7.04
CA ARG A 87 2.80 -0.78 -7.61
C ARG A 87 1.41 -1.21 -7.10
N ILE A 88 1.09 -1.01 -5.81
CA ILE A 88 -0.28 -1.19 -5.29
C ILE A 88 -1.22 -0.23 -6.01
N ARG A 89 -0.84 1.04 -6.17
CA ARG A 89 -1.65 2.06 -6.83
C ARG A 89 -1.97 1.66 -8.28
N LYS A 90 -1.03 1.06 -9.03
CA LYS A 90 -1.28 0.56 -10.39
C LYS A 90 -2.15 -0.70 -10.38
N ALA A 91 -1.89 -1.63 -9.46
CA ALA A 91 -2.67 -2.87 -9.32
C ALA A 91 -4.14 -2.58 -8.98
N LEU A 92 -4.40 -1.57 -8.15
CA LEU A 92 -5.74 -1.09 -7.83
C LEU A 92 -6.37 -0.33 -9.01
N SER A 93 -5.61 0.55 -9.67
CA SER A 93 -6.07 1.35 -10.82
C SER A 93 -6.47 0.46 -12.01
N LYS A 94 -5.80 -0.69 -12.14
CA LYS A 94 -6.02 -1.74 -13.15
C LYS A 94 -6.78 -2.95 -12.62
N ALA A 95 -7.33 -2.88 -11.39
CA ALA A 95 -7.95 -4.03 -10.73
C ALA A 95 -9.20 -4.55 -11.46
N PRO A 96 -9.57 -5.85 -11.28
CA PRO A 96 -10.87 -6.37 -11.74
C PRO A 96 -12.04 -5.86 -10.89
N SER A 97 -11.81 -5.53 -9.61
CA SER A 97 -12.80 -4.95 -8.70
C SER A 97 -13.03 -3.46 -9.00
N PRO A 98 -14.28 -2.98 -9.03
CA PRO A 98 -14.60 -1.56 -9.09
C PRO A 98 -14.29 -0.83 -7.77
N GLN A 99 -14.39 -1.49 -6.61
CA GLN A 99 -14.02 -0.91 -5.32
C GLN A 99 -12.51 -0.65 -5.25
N LEU A 100 -11.70 -1.56 -5.80
CA LEU A 100 -10.23 -1.37 -5.86
C LEU A 100 -9.84 -0.30 -6.90
N GLN A 101 -10.56 -0.18 -8.02
CA GLN A 101 -10.39 0.93 -8.96
C GLN A 101 -10.72 2.29 -8.31
N LYS A 102 -11.80 2.36 -7.51
CA LYS A 102 -12.12 3.55 -6.68
C LYS A 102 -11.07 3.82 -5.62
N LEU A 103 -10.43 2.79 -5.05
CA LEU A 103 -9.38 2.91 -4.04
C LEU A 103 -8.12 3.59 -4.60
N ALA A 104 -7.66 3.19 -5.78
CA ALA A 104 -6.56 3.87 -6.48
C ALA A 104 -6.87 5.34 -6.80
N ASN A 105 -8.15 5.68 -7.05
CA ASN A 105 -8.62 7.04 -7.34
C ASN A 105 -9.04 7.81 -6.07
N SER A 106 -8.80 7.30 -4.86
CA SER A 106 -9.31 7.87 -3.61
C SER A 106 -8.30 8.86 -3.00
N PRO A 107 -8.65 10.15 -2.81
CA PRO A 107 -7.74 11.14 -2.24
C PRO A 107 -7.44 10.88 -0.77
N GLN A 108 -8.40 10.36 -0.01
CA GLN A 108 -8.19 10.05 1.41
C GLN A 108 -7.13 8.95 1.61
N TRP A 109 -7.16 7.95 0.73
CA TRP A 109 -6.11 6.91 0.62
C TRP A 109 -4.79 7.50 0.08
N GLN A 110 -4.82 8.19 -1.07
CA GLN A 110 -3.65 8.75 -1.73
C GLN A 110 -2.88 9.74 -0.83
N THR A 111 -3.58 10.49 0.02
CA THR A 111 -2.96 11.41 0.98
C THR A 111 -2.14 10.65 2.03
N ALA A 112 -2.67 9.55 2.58
CA ALA A 112 -1.96 8.72 3.55
C ALA A 112 -0.69 8.08 2.95
N LEU A 113 -0.71 7.78 1.64
CA LEU A 113 0.48 7.29 0.94
C LEU A 113 1.61 8.32 0.95
N GLN A 114 1.30 9.61 0.78
CA GLN A 114 2.30 10.69 0.79
C GLN A 114 3.15 10.66 2.07
N GLU A 115 2.51 10.37 3.21
CA GLU A 115 3.14 10.36 4.53
C GLU A 115 4.19 9.24 4.65
N ALA A 116 3.98 8.15 3.92
CA ALA A 116 4.90 7.01 3.90
C ALA A 116 6.11 7.24 2.98
N ILE A 117 5.89 7.80 1.79
CA ILE A 117 6.99 8.14 0.88
C ILE A 117 7.86 9.25 1.45
N LYS A 118 7.28 10.34 1.99
CA LYS A 118 8.07 11.44 2.59
C LYS A 118 8.91 10.99 3.80
N LYS A 119 8.41 10.02 4.58
CA LYS A 119 9.13 9.42 5.71
C LYS A 119 10.42 8.71 5.28
N ALA A 120 10.41 7.99 4.15
CA ALA A 120 11.61 7.40 3.56
C ALA A 120 12.49 8.44 2.82
N ARG A 121 11.86 9.36 2.08
CA ARG A 121 12.49 10.46 1.31
C ARG A 121 13.38 11.39 2.16
N GLN A 122 13.14 11.46 3.47
CA GLN A 122 13.99 12.17 4.45
C GLN A 122 15.47 11.71 4.40
N GLU A 123 15.77 10.49 3.94
CA GLU A 123 17.13 9.97 3.73
C GLU A 123 17.78 10.48 2.43
N LYS A 124 17.06 11.28 1.62
CA LYS A 124 17.48 11.89 0.34
C LYS A 124 17.90 10.92 -0.77
N LYS A 125 17.52 9.64 -0.68
CA LYS A 125 17.78 8.59 -1.68
C LYS A 125 16.76 8.60 -2.83
N GLU A 126 16.41 9.78 -3.32
CA GLU A 126 15.33 10.03 -4.28
C GLU A 126 15.66 9.50 -5.70
N LYS A 127 16.85 9.82 -6.21
CA LYS A 127 17.44 9.31 -7.46
C LYS A 127 16.55 9.42 -8.72
N GLY A 128 15.65 10.41 -8.76
CA GLY A 128 14.68 10.59 -9.85
C GLY A 128 15.31 11.03 -11.18
N SER A 129 14.92 10.39 -12.28
CA SER A 129 15.34 10.70 -13.66
C SER A 129 14.31 10.23 -14.71
N LEU A 130 14.38 10.80 -15.92
CA LEU A 130 13.54 10.44 -17.07
C LEU A 130 14.33 10.66 -18.38
N GLU A 131 14.26 9.70 -19.31
CA GLU A 131 14.86 9.76 -20.64
C GLU A 131 13.86 9.31 -21.72
N HIS A 132 13.79 10.05 -22.84
CA HIS A 132 12.89 9.79 -23.96
C HIS A 132 13.45 10.37 -25.28
N HIS A 133 13.08 9.79 -26.42
CA HIS A 133 13.44 10.34 -27.74
C HIS A 133 12.68 11.63 -28.08
N HIS A 134 13.21 12.42 -29.03
CA HIS A 134 12.53 13.61 -29.55
C HIS A 134 11.41 13.22 -30.54
N HIS A 135 10.34 14.01 -30.60
CA HIS A 135 9.20 13.78 -31.50
C HIS A 135 9.43 14.38 -32.90
N HIS A 136 8.97 13.68 -33.94
CA HIS A 136 9.20 14.05 -35.35
C HIS A 136 7.92 13.93 -36.19
N HIS A 137 7.73 14.88 -37.12
CA HIS A 137 6.58 15.03 -38.04
C HIS A 137 5.20 14.86 -37.34
N GLY A 1 -12.99 -17.41 5.36
CA GLY A 1 -14.21 -17.26 6.19
C GLY A 1 -15.43 -16.92 5.35
N ASP A 2 -16.47 -16.38 5.98
CA ASP A 2 -17.75 -16.01 5.36
C ASP A 2 -18.27 -14.67 5.92
N GLU A 3 -17.81 -13.56 5.33
CA GLU A 3 -18.14 -12.19 5.72
C GLU A 3 -18.09 -11.24 4.51
N ASP A 4 -18.85 -10.15 4.51
CA ASP A 4 -18.94 -9.19 3.39
C ASP A 4 -17.62 -8.43 3.09
N LYS A 5 -16.58 -8.61 3.90
CA LYS A 5 -15.21 -8.10 3.64
C LYS A 5 -14.29 -9.11 2.96
N GLU A 6 -14.56 -10.41 3.07
CA GLU A 6 -13.76 -11.48 2.45
C GLU A 6 -13.74 -11.38 0.92
N LYS A 7 -14.88 -11.00 0.34
CA LYS A 7 -15.07 -10.76 -1.10
C LYS A 7 -14.15 -9.71 -1.70
N LEU A 8 -13.71 -8.77 -0.89
CA LEU A 8 -12.67 -7.78 -1.20
C LEU A 8 -11.27 -8.21 -0.74
N LYS A 9 -11.13 -8.89 0.41
CA LYS A 9 -9.83 -9.36 0.94
C LYS A 9 -9.14 -10.29 -0.05
N ARG A 10 -9.88 -11.23 -0.64
CA ARG A 10 -9.38 -12.17 -1.67
C ARG A 10 -8.88 -11.50 -2.95
N GLU A 11 -9.43 -10.33 -3.28
CA GLU A 11 -8.99 -9.52 -4.44
C GLU A 11 -7.79 -8.64 -4.08
N ALA A 12 -7.75 -8.11 -2.84
CA ALA A 12 -6.65 -7.28 -2.37
C ALA A 12 -5.38 -8.09 -2.09
N GLU A 13 -5.46 -9.30 -1.51
CA GLU A 13 -4.28 -10.12 -1.19
C GLU A 13 -3.44 -10.41 -2.45
N ARG A 14 -4.14 -10.52 -3.59
CA ARG A 14 -3.57 -10.62 -4.94
C ARG A 14 -2.90 -9.33 -5.39
N ALA A 15 -3.53 -8.19 -5.11
CA ALA A 15 -3.08 -6.87 -5.51
C ALA A 15 -1.64 -6.57 -5.07
N LEU A 16 -1.30 -6.92 -3.82
CA LEU A 16 0.07 -6.81 -3.31
C LEU A 16 1.01 -7.85 -3.93
N SER A 17 0.54 -9.07 -4.17
CA SER A 17 1.35 -10.13 -4.77
C SER A 17 1.80 -9.81 -6.21
N GLU A 18 0.93 -9.20 -7.01
CA GLU A 18 1.26 -8.75 -8.37
C GLU A 18 2.01 -7.42 -8.41
N ALA A 19 1.66 -6.47 -7.53
CA ALA A 19 2.41 -5.21 -7.38
C ALA A 19 3.84 -5.42 -6.90
N LEU A 20 4.01 -6.03 -5.74
CA LEU A 20 5.31 -6.24 -5.10
C LEU A 20 5.95 -7.58 -5.55
N SER A 21 5.52 -8.09 -6.70
CA SER A 21 6.11 -9.26 -7.38
C SER A 21 7.64 -9.16 -7.49
N GLU A 22 8.17 -7.96 -7.75
CA GLU A 22 9.62 -7.73 -7.84
C GLU A 22 10.35 -7.89 -6.49
N PHE A 23 9.71 -7.48 -5.40
CA PHE A 23 10.24 -7.55 -4.04
C PHE A 23 10.22 -8.98 -3.49
N GLU A 24 9.14 -9.73 -3.73
CA GLU A 24 9.06 -11.15 -3.34
C GLU A 24 10.02 -12.03 -4.17
N LYS A 25 10.15 -11.76 -5.48
CA LYS A 25 11.09 -12.42 -6.41
C LYS A 25 12.56 -12.23 -6.00
N GLN A 26 12.88 -11.05 -5.48
CA GLN A 26 14.18 -10.70 -4.89
C GLN A 26 14.39 -11.24 -3.46
N GLY A 27 13.35 -11.75 -2.79
CA GLY A 27 13.39 -12.15 -1.38
C GLY A 27 13.44 -10.97 -0.40
N LYS A 28 13.03 -9.77 -0.82
CA LYS A 28 12.86 -8.60 0.05
C LYS A 28 11.65 -8.75 0.97
N ILE A 29 10.55 -9.31 0.44
CA ILE A 29 9.24 -9.35 1.11
C ILE A 29 8.64 -10.77 1.20
N THR A 30 7.73 -11.00 2.15
CA THR A 30 7.09 -12.31 2.41
C THR A 30 5.63 -12.34 1.96
N PRO A 31 5.08 -13.52 1.55
CA PRO A 31 3.70 -13.61 1.09
C PRO A 31 2.67 -13.32 2.19
N GLU A 32 2.98 -13.63 3.45
CA GLU A 32 2.13 -13.29 4.59
C GLU A 32 2.07 -11.77 4.81
N THR A 33 3.20 -11.05 4.64
CA THR A 33 3.20 -9.58 4.73
C THR A 33 2.43 -8.95 3.57
N LEU A 34 2.57 -9.47 2.36
CA LEU A 34 1.80 -9.02 1.20
C LEU A 34 0.28 -9.14 1.43
N LYS A 35 -0.17 -10.24 2.04
CA LYS A 35 -1.58 -10.43 2.44
C LYS A 35 -1.98 -9.50 3.59
N ARG A 36 -1.08 -9.17 4.53
CA ARG A 36 -1.34 -8.32 5.71
C ARG A 36 -1.50 -6.85 5.33
N LEU A 37 -0.75 -6.40 4.34
CA LEU A 37 -0.86 -5.09 3.69
C LEU A 37 -2.22 -4.95 2.97
N ALA A 38 -2.61 -5.98 2.22
CA ALA A 38 -3.88 -6.07 1.51
C ALA A 38 -5.13 -6.19 2.40
N GLU A 39 -5.04 -6.78 3.59
CA GLU A 39 -6.14 -6.75 4.57
C GLU A 39 -6.64 -5.32 4.88
N GLU A 40 -5.75 -4.31 4.88
CA GLU A 40 -6.14 -2.90 5.05
C GLU A 40 -6.77 -2.31 3.78
N ILE A 41 -6.33 -2.76 2.59
CA ILE A 41 -6.88 -2.34 1.30
C ILE A 41 -8.34 -2.79 1.14
N ALA A 42 -8.67 -4.04 1.49
CA ALA A 42 -10.05 -4.52 1.41
C ALA A 42 -10.99 -3.69 2.29
N GLU A 43 -10.55 -3.31 3.49
CA GLU A 43 -11.28 -2.40 4.40
C GLU A 43 -11.45 -0.99 3.80
N ALA A 44 -10.43 -0.47 3.12
CA ALA A 44 -10.47 0.86 2.49
C ALA A 44 -11.36 0.88 1.23
N ALA A 45 -11.40 -0.22 0.47
CA ALA A 45 -12.29 -0.40 -0.68
C ALA A 45 -13.75 -0.59 -0.24
N LEU A 46 -13.95 -1.31 0.87
CA LEU A 46 -15.26 -1.38 1.55
C LEU A 46 -15.76 0.01 1.95
N ALA A 47 -14.86 0.86 2.48
CA ALA A 47 -15.17 2.25 2.82
C ALA A 47 -15.58 3.09 1.61
N GLN A 48 -15.06 2.80 0.41
CA GLN A 48 -15.45 3.49 -0.81
C GLN A 48 -16.90 3.21 -1.23
N GLN A 49 -17.38 1.96 -1.12
CA GLN A 49 -18.80 1.65 -1.38
C GLN A 49 -19.73 2.16 -0.25
N GLN A 50 -19.21 2.33 0.96
CA GLN A 50 -19.92 2.99 2.08
C GLN A 50 -19.88 4.53 2.02
N GLY A 51 -18.95 5.12 1.25
CA GLY A 51 -18.70 6.57 1.19
C GLY A 51 -18.10 7.17 2.48
N ASP A 52 -17.34 6.39 3.26
CA ASP A 52 -16.84 6.76 4.58
C ASP A 52 -15.39 7.28 4.52
N SER A 53 -15.21 8.59 4.38
CA SER A 53 -13.90 9.24 4.18
C SER A 53 -12.89 8.97 5.30
N GLU A 54 -13.33 8.93 6.56
CA GLU A 54 -12.43 8.77 7.73
C GLU A 54 -11.75 7.39 7.74
N ARG A 55 -12.45 6.36 7.23
CA ARG A 55 -11.92 5.00 7.13
C ARG A 55 -10.76 4.90 6.14
N LEU A 56 -10.87 5.58 5.00
CA LEU A 56 -9.84 5.58 3.96
C LEU A 56 -8.51 6.08 4.52
N GLU A 57 -8.55 7.19 5.25
CA GLU A 57 -7.35 7.82 5.78
C GLU A 57 -6.67 6.94 6.83
N LYS A 58 -7.46 6.36 7.75
CA LYS A 58 -6.97 5.46 8.79
C LYS A 58 -6.36 4.17 8.20
N ALA A 59 -7.07 3.50 7.29
CA ALA A 59 -6.64 2.25 6.68
C ALA A 59 -5.42 2.45 5.75
N ALA A 60 -5.42 3.51 4.93
CA ALA A 60 -4.30 3.83 4.04
C ALA A 60 -3.03 4.21 4.81
N ARG A 61 -3.16 4.96 5.91
CA ARG A 61 -2.05 5.29 6.82
C ARG A 61 -1.52 4.02 7.48
N ARG A 62 -2.39 3.16 8.02
CA ARG A 62 -1.98 1.91 8.68
C ARG A 62 -1.24 0.97 7.70
N PHE A 63 -1.72 0.90 6.45
CA PHE A 63 -1.05 0.20 5.35
C PHE A 63 0.34 0.77 5.06
N ALA A 64 0.46 2.08 4.87
CA ALA A 64 1.73 2.76 4.63
C ALA A 64 2.73 2.58 5.79
N GLU A 65 2.27 2.66 7.04
CA GLU A 65 3.10 2.45 8.23
C GLU A 65 3.66 1.03 8.26
N THR A 66 2.83 0.00 7.99
CA THR A 66 3.26 -1.40 7.91
C THR A 66 4.19 -1.65 6.72
N LEU A 67 3.85 -1.11 5.55
CA LEU A 67 4.56 -1.33 4.30
C LEU A 67 6.01 -0.87 4.38
N LEU A 68 6.22 0.35 4.90
CA LEU A 68 7.55 0.91 5.12
C LEU A 68 8.46 0.00 5.94
N ARG A 69 7.97 -0.66 7.01
CA ARG A 69 8.81 -1.61 7.78
C ARG A 69 9.16 -2.83 6.95
N ALA A 70 8.21 -3.39 6.19
CA ALA A 70 8.42 -4.56 5.35
C ALA A 70 9.49 -4.34 4.28
N LEU A 71 9.50 -3.14 3.70
CA LEU A 71 10.49 -2.73 2.71
C LEU A 71 11.83 -2.39 3.37
N LYS A 72 11.83 -1.57 4.42
CA LYS A 72 13.06 -1.06 5.05
C LYS A 72 13.85 -2.17 5.73
N GLU A 73 13.17 -3.17 6.29
CA GLU A 73 13.86 -4.29 6.94
C GLU A 73 14.61 -5.19 5.93
N SER A 74 14.28 -5.08 4.63
CA SER A 74 15.04 -5.70 3.53
C SER A 74 16.26 -4.87 3.07
N GLY A 75 16.44 -3.68 3.64
CA GLY A 75 17.47 -2.70 3.29
C GLY A 75 17.03 -1.62 2.29
N ALA A 76 15.73 -1.50 1.98
CA ALA A 76 15.24 -0.59 0.95
C ALA A 76 15.50 0.90 1.25
N SER A 77 15.64 1.72 0.21
CA SER A 77 15.81 3.18 0.27
C SER A 77 14.58 3.90 -0.27
N ALA A 78 14.51 5.24 -0.12
CA ALA A 78 13.35 6.04 -0.53
C ALA A 78 12.91 5.82 -1.99
N GLU A 79 13.87 5.48 -2.86
CA GLU A 79 13.62 5.09 -4.26
C GLU A 79 12.86 3.76 -4.42
N GLU A 80 13.18 2.76 -3.61
CA GLU A 80 12.52 1.45 -3.58
C GLU A 80 11.16 1.53 -2.85
N ILE A 81 11.06 2.36 -1.79
CA ILE A 81 9.78 2.68 -1.14
C ILE A 81 8.82 3.32 -2.15
N GLU A 82 9.25 4.37 -2.88
CA GLU A 82 8.38 5.04 -3.86
C GLU A 82 7.99 4.10 -5.03
N GLU A 83 8.92 3.28 -5.53
CA GLU A 83 8.63 2.24 -6.52
C GLU A 83 7.60 1.23 -6.02
N ALA A 84 7.64 0.86 -4.74
CA ALA A 84 6.76 -0.18 -4.21
C ALA A 84 5.31 0.28 -4.17
N ILE A 85 5.03 1.45 -3.57
CA ILE A 85 3.67 1.95 -3.40
C ILE A 85 2.98 2.19 -4.75
N GLU A 86 3.76 2.66 -5.73
CA GLU A 86 3.26 2.91 -7.09
C GLU A 86 2.76 1.64 -7.79
N ARG A 87 3.31 0.47 -7.45
CA ARG A 87 2.85 -0.82 -7.99
C ARG A 87 1.46 -1.19 -7.45
N ILE A 88 1.20 -0.97 -6.15
CA ILE A 88 -0.15 -1.15 -5.56
C ILE A 88 -1.14 -0.20 -6.24
N ARG A 89 -0.74 1.05 -6.53
CA ARG A 89 -1.55 2.03 -7.25
C ARG A 89 -1.97 1.52 -8.63
N LYS A 90 -1.10 0.81 -9.36
CA LYS A 90 -1.45 0.17 -10.65
C LYS A 90 -2.36 -1.04 -10.46
N ALA A 91 -2.07 -1.88 -9.48
CA ALA A 91 -2.85 -3.09 -9.19
C ALA A 91 -4.29 -2.77 -8.78
N LEU A 92 -4.50 -1.70 -8.01
CA LEU A 92 -5.83 -1.23 -7.65
C LEU A 92 -6.51 -0.52 -8.83
N SER A 93 -5.80 0.34 -9.57
CA SER A 93 -6.34 1.11 -10.71
C SER A 93 -6.76 0.21 -11.87
N LYS A 94 -6.11 -0.95 -12.02
CA LYS A 94 -6.39 -1.99 -13.01
C LYS A 94 -7.08 -3.23 -12.40
N ALA A 95 -7.56 -3.14 -11.16
CA ALA A 95 -8.17 -4.27 -10.45
C ALA A 95 -9.46 -4.78 -11.13
N PRO A 96 -9.85 -6.06 -10.94
CA PRO A 96 -11.14 -6.58 -11.39
C PRO A 96 -12.32 -6.03 -10.57
N SER A 97 -12.10 -5.66 -9.30
CA SER A 97 -13.10 -5.04 -8.42
C SER A 97 -13.28 -3.54 -8.73
N PRO A 98 -14.52 -3.03 -8.82
CA PRO A 98 -14.78 -1.59 -8.90
C PRO A 98 -14.48 -0.85 -7.59
N GLN A 99 -14.64 -1.48 -6.43
CA GLN A 99 -14.27 -0.89 -5.14
C GLN A 99 -12.75 -0.67 -5.05
N LEU A 100 -11.94 -1.59 -5.58
CA LEU A 100 -10.48 -1.42 -5.65
C LEU A 100 -10.07 -0.35 -6.68
N GLN A 101 -10.77 -0.24 -7.81
CA GLN A 101 -10.55 0.84 -8.79
C GLN A 101 -10.88 2.23 -8.21
N LYS A 102 -11.99 2.34 -7.47
CA LYS A 102 -12.36 3.58 -6.75
C LYS A 102 -11.37 3.92 -5.63
N LEU A 103 -10.78 2.92 -4.97
CA LEU A 103 -9.74 3.11 -3.97
C LEU A 103 -8.44 3.67 -4.56
N ALA A 104 -7.94 3.15 -5.69
CA ALA A 104 -6.78 3.73 -6.39
C ALA A 104 -7.00 5.20 -6.78
N ASN A 105 -8.25 5.59 -7.07
CA ASN A 105 -8.65 6.96 -7.41
C ASN A 105 -9.09 7.81 -6.19
N SER A 106 -8.99 7.29 -4.96
CA SER A 106 -9.44 7.99 -3.75
C SER A 106 -8.40 8.99 -3.28
N PRO A 107 -8.75 10.26 -3.01
CA PRO A 107 -7.81 11.24 -2.45
C PRO A 107 -7.45 10.93 -1.00
N GLN A 108 -8.39 10.42 -0.20
CA GLN A 108 -8.14 10.13 1.22
C GLN A 108 -7.08 9.02 1.38
N TRP A 109 -7.18 7.98 0.54
CA TRP A 109 -6.18 6.92 0.43
C TRP A 109 -4.86 7.44 -0.18
N GLN A 110 -4.91 8.12 -1.33
CA GLN A 110 -3.71 8.61 -2.02
C GLN A 110 -2.92 9.65 -1.20
N THR A 111 -3.58 10.45 -0.35
CA THR A 111 -2.89 11.41 0.53
C THR A 111 -2.03 10.70 1.58
N ALA A 112 -2.52 9.63 2.22
CA ALA A 112 -1.76 8.84 3.18
C ALA A 112 -0.51 8.19 2.56
N LEU A 113 -0.55 7.90 1.25
CA LEU A 113 0.62 7.39 0.52
C LEU A 113 1.74 8.43 0.42
N GLN A 114 1.42 9.72 0.25
CA GLN A 114 2.43 10.79 0.18
C GLN A 114 3.30 10.83 1.45
N GLU A 115 2.66 10.55 2.61
CA GLU A 115 3.30 10.57 3.92
C GLU A 115 4.36 9.47 4.04
N ALA A 116 4.22 8.39 3.27
CA ALA A 116 5.13 7.26 3.30
C ALA A 116 6.46 7.53 2.59
N ILE A 117 6.42 8.12 1.39
CA ILE A 117 7.63 8.41 0.61
C ILE A 117 8.46 9.48 1.34
N LYS A 118 7.82 10.56 1.80
CA LYS A 118 8.51 11.62 2.56
C LYS A 118 9.07 11.11 3.91
N LYS A 119 8.43 10.12 4.55
CA LYS A 119 8.99 9.44 5.74
C LYS A 119 10.29 8.69 5.44
N ALA A 120 10.40 7.98 4.32
CA ALA A 120 11.64 7.36 3.88
C ALA A 120 12.71 8.42 3.52
N ARG A 121 12.29 9.47 2.79
CA ARG A 121 13.10 10.63 2.39
C ARG A 121 13.68 11.44 3.57
N GLN A 122 13.03 11.39 4.73
CA GLN A 122 13.47 12.07 5.96
C GLN A 122 14.75 11.47 6.56
N GLU A 123 14.99 10.15 6.39
CA GLU A 123 16.18 9.47 6.94
C GLU A 123 17.16 8.91 5.89
N LYS A 124 16.75 8.81 4.61
CA LYS A 124 17.60 8.40 3.47
C LYS A 124 17.49 9.39 2.30
N LYS A 125 18.60 9.51 1.54
CA LYS A 125 18.72 10.37 0.36
C LYS A 125 17.97 9.83 -0.87
N GLU A 126 17.91 10.65 -1.92
CA GLU A 126 17.33 10.37 -3.24
C GLU A 126 15.80 10.11 -3.25
N LYS A 127 15.23 9.91 -4.45
CA LYS A 127 13.80 9.72 -4.73
C LYS A 127 13.61 8.79 -5.95
N GLY A 128 12.49 8.07 -6.02
CA GLY A 128 12.23 7.03 -7.04
C GLY A 128 11.94 7.59 -8.43
N SER A 129 10.89 8.41 -8.56
CA SER A 129 10.51 9.09 -9.81
C SER A 129 11.15 10.48 -9.97
N LEU A 130 11.85 10.97 -8.93
CA LEU A 130 12.42 12.32 -8.82
C LEU A 130 11.37 13.40 -9.17
N GLU A 131 11.65 14.29 -10.12
CA GLU A 131 10.76 15.34 -10.64
C GLU A 131 11.11 15.63 -12.12
N HIS A 132 10.13 16.11 -12.90
CA HIS A 132 10.28 16.42 -14.34
C HIS A 132 9.83 17.87 -14.66
N HIS A 133 10.36 18.44 -15.74
CA HIS A 133 10.21 19.85 -16.12
C HIS A 133 9.84 20.05 -17.60
N HIS A 134 9.28 21.21 -17.94
CA HIS A 134 8.90 21.61 -19.30
C HIS A 134 9.07 23.14 -19.52
N HIS A 135 8.94 23.58 -20.78
CA HIS A 135 8.98 24.99 -21.17
C HIS A 135 7.75 25.78 -20.69
N HIS A 136 7.80 27.11 -20.79
CA HIS A 136 6.66 27.99 -20.48
C HIS A 136 5.45 27.75 -21.41
N HIS A 137 4.24 27.98 -20.89
CA HIS A 137 2.95 27.78 -21.56
C HIS A 137 2.03 28.99 -21.38
N GLY A 1 -22.73 -0.45 6.50
CA GLY A 1 -21.86 -0.32 7.69
C GLY A 1 -20.63 -1.20 7.56
N ASP A 2 -20.49 -2.18 8.45
CA ASP A 2 -19.42 -3.18 8.46
C ASP A 2 -19.99 -4.55 8.04
N GLU A 3 -19.74 -4.96 6.78
CA GLU A 3 -20.38 -6.10 6.15
C GLU A 3 -19.50 -6.81 5.10
N ASP A 4 -19.67 -8.12 4.98
CA ASP A 4 -18.87 -9.07 4.18
C ASP A 4 -17.35 -9.03 4.44
N LYS A 5 -16.65 -8.05 3.86
CA LYS A 5 -15.18 -7.84 3.81
C LYS A 5 -14.36 -8.98 3.18
N GLU A 6 -14.71 -10.24 3.40
CA GLU A 6 -13.99 -11.43 2.92
C GLU A 6 -13.86 -11.48 1.38
N LYS A 7 -14.87 -11.01 0.63
CA LYS A 7 -14.82 -10.90 -0.85
C LYS A 7 -13.70 -9.99 -1.33
N LEU A 8 -13.41 -8.96 -0.56
CA LEU A 8 -12.45 -7.91 -0.88
C LEU A 8 -11.03 -8.24 -0.39
N LYS A 9 -10.90 -8.98 0.72
CA LYS A 9 -9.58 -9.44 1.22
C LYS A 9 -8.86 -10.31 0.19
N ARG A 10 -9.57 -11.27 -0.40
CA ARG A 10 -9.06 -12.17 -1.46
C ARG A 10 -8.78 -11.47 -2.80
N GLU A 11 -9.50 -10.39 -3.09
CA GLU A 11 -9.24 -9.52 -4.24
C GLU A 11 -8.01 -8.63 -4.00
N ALA A 12 -7.82 -8.13 -2.78
CA ALA A 12 -6.73 -7.24 -2.40
C ALA A 12 -5.38 -7.97 -2.28
N GLU A 13 -5.31 -9.16 -1.67
CA GLU A 13 -4.03 -9.88 -1.45
C GLU A 13 -3.26 -10.10 -2.76
N ARG A 14 -4.01 -10.25 -3.87
CA ARG A 14 -3.50 -10.32 -5.23
C ARG A 14 -2.84 -9.02 -5.68
N ALA A 15 -3.49 -7.91 -5.38
CA ALA A 15 -3.02 -6.56 -5.77
C ALA A 15 -1.60 -6.29 -5.25
N LEU A 16 -1.30 -6.65 -4.00
CA LEU A 16 0.05 -6.57 -3.44
C LEU A 16 1.00 -7.59 -4.08
N SER A 17 0.52 -8.80 -4.31
CA SER A 17 1.32 -9.90 -4.88
C SER A 17 1.85 -9.60 -6.28
N GLU A 18 1.00 -9.01 -7.13
CA GLU A 18 1.36 -8.57 -8.49
C GLU A 18 2.11 -7.23 -8.52
N ALA A 19 1.76 -6.28 -7.64
CA ALA A 19 2.49 -5.03 -7.47
C ALA A 19 3.94 -5.26 -7.03
N LEU A 20 4.14 -5.89 -5.87
CA LEU A 20 5.45 -6.15 -5.28
C LEU A 20 6.08 -7.47 -5.77
N SER A 21 5.64 -7.96 -6.93
CA SER A 21 6.16 -9.15 -7.61
C SER A 21 7.69 -9.14 -7.76
N GLU A 22 8.30 -7.98 -8.05
CA GLU A 22 9.77 -7.87 -8.09
C GLU A 22 10.43 -7.93 -6.72
N PHE A 23 9.79 -7.43 -5.66
CA PHE A 23 10.35 -7.41 -4.30
C PHE A 23 10.33 -8.81 -3.70
N GLU A 24 9.27 -9.58 -3.91
CA GLU A 24 9.18 -10.98 -3.47
C GLU A 24 10.18 -11.88 -4.24
N LYS A 25 10.30 -11.68 -5.56
CA LYS A 25 11.23 -12.42 -6.44
C LYS A 25 12.70 -12.22 -6.08
N GLN A 26 13.04 -11.03 -5.60
CA GLN A 26 14.36 -10.66 -5.06
C GLN A 26 14.57 -11.08 -3.59
N GLY A 27 13.52 -11.53 -2.91
CA GLY A 27 13.56 -11.88 -1.48
C GLY A 27 13.59 -10.67 -0.54
N LYS A 28 13.19 -9.49 -1.04
CA LYS A 28 13.00 -8.28 -0.22
C LYS A 28 11.76 -8.39 0.67
N ILE A 29 10.70 -8.99 0.14
CA ILE A 29 9.40 -9.13 0.82
C ILE A 29 8.86 -10.57 0.85
N THR A 30 7.90 -10.85 1.73
CA THR A 30 7.27 -12.18 1.92
C THR A 30 5.79 -12.19 1.48
N PRO A 31 5.25 -13.34 1.02
CA PRO A 31 3.83 -13.46 0.67
C PRO A 31 2.90 -13.25 1.89
N GLU A 32 3.36 -13.60 3.09
CA GLU A 32 2.63 -13.36 4.34
C GLU A 32 2.41 -11.87 4.59
N THR A 33 3.45 -11.04 4.43
CA THR A 33 3.32 -9.59 4.60
C THR A 33 2.59 -8.94 3.42
N LEU A 34 2.74 -9.43 2.19
CA LEU A 34 1.95 -8.95 1.05
C LEU A 34 0.43 -9.13 1.27
N LYS A 35 0.01 -10.25 1.87
CA LYS A 35 -1.37 -10.44 2.34
C LYS A 35 -1.72 -9.47 3.47
N ARG A 36 -0.84 -9.28 4.46
CA ARG A 36 -1.06 -8.45 5.67
C ARG A 36 -1.31 -6.98 5.31
N LEU A 37 -0.63 -6.51 4.27
CA LEU A 37 -0.78 -5.19 3.67
C LEU A 37 -2.15 -5.03 2.99
N ALA A 38 -2.52 -6.00 2.15
CA ALA A 38 -3.79 -5.95 1.43
C ALA A 38 -5.05 -6.25 2.29
N GLU A 39 -4.90 -6.93 3.43
CA GLU A 39 -5.97 -7.04 4.42
C GLU A 39 -6.53 -5.69 4.90
N GLU A 40 -5.70 -4.62 4.93
CA GLU A 40 -6.19 -3.25 5.15
C GLU A 40 -6.92 -2.69 3.92
N ILE A 41 -6.45 -3.00 2.71
CA ILE A 41 -7.01 -2.48 1.46
C ILE A 41 -8.46 -2.90 1.31
N ALA A 42 -8.79 -4.14 1.72
CA ALA A 42 -10.17 -4.62 1.76
C ALA A 42 -11.08 -3.71 2.60
N GLU A 43 -10.66 -3.33 3.80
CA GLU A 43 -11.37 -2.37 4.67
C GLU A 43 -11.52 -0.99 3.99
N ALA A 44 -10.48 -0.48 3.35
CA ALA A 44 -10.50 0.83 2.70
C ALA A 44 -11.42 0.84 1.46
N ALA A 45 -11.43 -0.24 0.70
CA ALA A 45 -12.27 -0.41 -0.48
C ALA A 45 -13.75 -0.59 -0.12
N LEU A 46 -14.05 -1.34 0.94
CA LEU A 46 -15.39 -1.43 1.56
C LEU A 46 -15.88 -0.07 2.07
N ALA A 47 -14.97 0.81 2.50
CA ALA A 47 -15.28 2.19 2.85
C ALA A 47 -15.56 3.09 1.64
N GLN A 48 -14.86 2.89 0.52
CA GLN A 48 -14.99 3.71 -0.70
C GLN A 48 -16.33 3.50 -1.44
N GLN A 49 -16.90 2.30 -1.41
CA GLN A 49 -18.28 2.08 -1.92
C GLN A 49 -19.35 2.80 -1.08
N GLN A 50 -19.07 3.07 0.20
CA GLN A 50 -19.94 3.80 1.14
C GLN A 50 -19.63 5.30 1.24
N GLY A 51 -18.45 5.75 0.78
CA GLY A 51 -17.98 7.13 0.91
C GLY A 51 -17.56 7.54 2.34
N ASP A 52 -17.11 6.59 3.17
CA ASP A 52 -16.69 6.84 4.55
C ASP A 52 -15.25 7.42 4.59
N SER A 53 -15.11 8.73 4.35
CA SER A 53 -13.81 9.42 4.22
C SER A 53 -12.84 9.15 5.37
N GLU A 54 -13.32 9.16 6.61
CA GLU A 54 -12.48 8.95 7.81
C GLU A 54 -11.86 7.54 7.88
N ARG A 55 -12.54 6.51 7.34
CA ARG A 55 -12.00 5.15 7.27
C ARG A 55 -10.79 5.07 6.34
N LEU A 56 -10.87 5.72 5.18
CA LEU A 56 -9.82 5.68 4.17
C LEU A 56 -8.51 6.24 4.72
N GLU A 57 -8.58 7.36 5.43
CA GLU A 57 -7.40 8.04 5.97
C GLU A 57 -6.74 7.22 7.08
N LYS A 58 -7.56 6.63 7.97
CA LYS A 58 -7.09 5.78 9.07
C LYS A 58 -6.48 4.48 8.58
N ALA A 59 -7.15 3.81 7.64
CA ALA A 59 -6.71 2.54 7.05
C ALA A 59 -5.46 2.74 6.17
N ALA A 60 -5.47 3.70 5.24
CA ALA A 60 -4.38 3.89 4.28
C ALA A 60 -3.05 4.26 4.96
N ARG A 61 -3.11 5.06 6.04
CA ARG A 61 -1.95 5.38 6.90
C ARG A 61 -1.40 4.13 7.56
N ARG A 62 -2.26 3.28 8.11
CA ARG A 62 -1.87 2.04 8.79
C ARG A 62 -1.17 1.07 7.84
N PHE A 63 -1.70 0.91 6.63
CA PHE A 63 -1.06 0.16 5.54
C PHE A 63 0.30 0.75 5.18
N ALA A 64 0.37 2.06 4.94
CA ALA A 64 1.58 2.71 4.45
C ALA A 64 2.70 2.69 5.51
N GLU A 65 2.35 2.72 6.81
CA GLU A 65 3.29 2.49 7.90
C GLU A 65 3.85 1.06 7.87
N THR A 66 2.99 0.03 7.83
CA THR A 66 3.43 -1.37 7.80
C THR A 66 4.24 -1.68 6.54
N LEU A 67 3.86 -1.11 5.40
CA LEU A 67 4.53 -1.28 4.12
C LEU A 67 5.97 -0.75 4.17
N LEU A 68 6.15 0.48 4.66
CA LEU A 68 7.48 1.06 4.90
C LEU A 68 8.36 0.18 5.79
N ARG A 69 7.79 -0.40 6.86
CA ARG A 69 8.52 -1.29 7.78
C ARG A 69 8.96 -2.58 7.05
N ALA A 70 8.12 -3.13 6.18
CA ALA A 70 8.44 -4.32 5.38
C ALA A 70 9.50 -4.07 4.30
N LEU A 71 9.45 -2.90 3.66
CA LEU A 71 10.40 -2.50 2.63
C LEU A 71 11.75 -2.12 3.24
N LYS A 72 11.75 -1.28 4.29
CA LYS A 72 12.98 -0.74 4.89
C LYS A 72 13.83 -1.84 5.52
N GLU A 73 13.20 -2.87 6.10
CA GLU A 73 13.95 -4.01 6.68
C GLU A 73 14.66 -4.85 5.62
N SER A 74 14.30 -4.70 4.34
CA SER A 74 15.02 -5.29 3.20
C SER A 74 16.22 -4.47 2.72
N GLY A 75 16.48 -3.31 3.34
CA GLY A 75 17.47 -2.32 2.91
C GLY A 75 16.94 -1.33 1.85
N ALA A 76 15.61 -1.17 1.71
CA ALA A 76 15.03 -0.23 0.74
C ALA A 76 15.27 1.25 1.08
N SER A 77 15.42 2.06 0.03
CA SER A 77 15.56 3.52 0.07
C SER A 77 14.26 4.19 -0.40
N ALA A 78 14.17 5.52 -0.29
CA ALA A 78 13.02 6.31 -0.76
C ALA A 78 12.65 6.02 -2.23
N GLU A 79 13.62 5.64 -3.07
CA GLU A 79 13.38 5.25 -4.47
C GLU A 79 12.68 3.89 -4.63
N GLU A 80 12.99 2.91 -3.77
CA GLU A 80 12.34 1.60 -3.73
C GLU A 80 10.97 1.68 -3.07
N ILE A 81 10.82 2.49 -2.01
CA ILE A 81 9.51 2.80 -1.43
C ILE A 81 8.62 3.47 -2.48
N GLU A 82 9.10 4.51 -3.17
CA GLU A 82 8.32 5.24 -4.19
C GLU A 82 7.89 4.32 -5.35
N GLU A 83 8.76 3.40 -5.81
CA GLU A 83 8.37 2.36 -6.75
C GLU A 83 7.31 1.41 -6.17
N ALA A 84 7.46 0.96 -4.91
CA ALA A 84 6.58 -0.05 -4.33
C ALA A 84 5.15 0.46 -4.20
N ILE A 85 4.93 1.64 -3.61
CA ILE A 85 3.58 2.18 -3.39
C ILE A 85 2.84 2.39 -4.73
N GLU A 86 3.57 2.86 -5.73
CA GLU A 86 3.06 3.09 -7.07
C GLU A 86 2.54 1.80 -7.71
N ARG A 87 3.20 0.65 -7.47
CA ARG A 87 2.79 -0.65 -7.98
C ARG A 87 1.44 -1.06 -7.40
N ILE A 88 1.18 -0.85 -6.09
CA ILE A 88 -0.16 -1.06 -5.51
C ILE A 88 -1.15 -0.14 -6.21
N ARG A 89 -0.85 1.15 -6.38
CA ARG A 89 -1.77 2.10 -7.03
C ARG A 89 -2.14 1.67 -8.45
N LYS A 90 -1.19 1.12 -9.24
CA LYS A 90 -1.48 0.61 -10.58
C LYS A 90 -2.28 -0.70 -10.52
N ALA A 91 -1.93 -1.60 -9.60
CA ALA A 91 -2.63 -2.88 -9.41
C ALA A 91 -4.08 -2.68 -8.95
N LEU A 92 -4.32 -1.69 -8.10
CA LEU A 92 -5.65 -1.29 -7.66
C LEU A 92 -6.43 -0.61 -8.80
N SER A 93 -5.78 0.27 -9.57
CA SER A 93 -6.38 1.00 -10.69
C SER A 93 -6.73 0.08 -11.87
N LYS A 94 -5.99 -1.02 -12.02
CA LYS A 94 -6.18 -2.10 -13.01
C LYS A 94 -6.85 -3.35 -12.41
N ALA A 95 -7.37 -3.27 -11.19
CA ALA A 95 -7.87 -4.44 -10.46
C ALA A 95 -9.10 -5.09 -11.13
N PRO A 96 -9.36 -6.40 -10.88
CA PRO A 96 -10.61 -7.05 -11.30
C PRO A 96 -11.84 -6.53 -10.52
N SER A 97 -11.63 -6.00 -9.31
CA SER A 97 -12.66 -5.47 -8.42
C SER A 97 -12.93 -3.97 -8.66
N PRO A 98 -14.19 -3.53 -8.77
CA PRO A 98 -14.55 -2.13 -8.88
C PRO A 98 -14.37 -1.35 -7.56
N GLN A 99 -14.48 -2.00 -6.39
CA GLN A 99 -14.20 -1.35 -5.11
C GLN A 99 -12.71 -0.96 -5.01
N LEU A 100 -11.82 -1.82 -5.51
CA LEU A 100 -10.38 -1.56 -5.56
C LEU A 100 -10.02 -0.48 -6.60
N GLN A 101 -10.74 -0.42 -7.73
CA GLN A 101 -10.57 0.65 -8.73
C GLN A 101 -10.96 2.03 -8.17
N LYS A 102 -12.05 2.13 -7.39
CA LYS A 102 -12.41 3.36 -6.67
C LYS A 102 -11.37 3.76 -5.63
N LEU A 103 -10.78 2.78 -4.92
CA LEU A 103 -9.75 3.03 -3.92
C LEU A 103 -8.45 3.59 -4.53
N ALA A 104 -7.98 3.06 -5.67
CA ALA A 104 -6.81 3.61 -6.36
C ALA A 104 -6.98 5.09 -6.74
N ASN A 105 -8.22 5.50 -7.02
CA ASN A 105 -8.61 6.87 -7.38
C ASN A 105 -9.04 7.73 -6.17
N SER A 106 -8.96 7.21 -4.94
CA SER A 106 -9.43 7.91 -3.73
C SER A 106 -8.40 8.95 -3.29
N PRO A 107 -8.79 10.21 -3.04
CA PRO A 107 -7.90 11.21 -2.47
C PRO A 107 -7.56 10.92 -1.01
N GLN A 108 -8.51 10.39 -0.23
CA GLN A 108 -8.32 10.12 1.18
C GLN A 108 -7.22 9.07 1.40
N TRP A 109 -7.26 8.02 0.58
CA TRP A 109 -6.21 6.98 0.50
C TRP A 109 -4.91 7.53 -0.10
N GLN A 110 -4.95 8.19 -1.27
CA GLN A 110 -3.75 8.71 -1.95
C GLN A 110 -3.00 9.77 -1.11
N THR A 111 -3.70 10.54 -0.28
CA THR A 111 -3.07 11.49 0.65
C THR A 111 -2.21 10.76 1.69
N ALA A 112 -2.72 9.69 2.32
CA ALA A 112 -1.96 8.90 3.29
C ALA A 112 -0.69 8.27 2.69
N LEU A 113 -0.74 7.93 1.39
CA LEU A 113 0.42 7.42 0.66
C LEU A 113 1.53 8.47 0.57
N GLN A 114 1.19 9.75 0.32
CA GLN A 114 2.20 10.82 0.17
C GLN A 114 3.07 10.96 1.43
N GLU A 115 2.44 10.79 2.60
CA GLU A 115 3.10 10.90 3.90
C GLU A 115 4.13 9.79 4.10
N ALA A 116 3.91 8.62 3.47
CA ALA A 116 4.83 7.51 3.53
C ALA A 116 6.05 7.67 2.59
N ILE A 117 5.85 8.12 1.35
CA ILE A 117 6.98 8.41 0.46
C ILE A 117 7.85 9.54 1.01
N LYS A 118 7.24 10.62 1.52
CA LYS A 118 8.00 11.75 2.10
C LYS A 118 8.74 11.38 3.40
N LYS A 119 8.18 10.45 4.20
CA LYS A 119 8.86 9.84 5.36
C LYS A 119 10.10 9.03 4.95
N ALA A 120 9.99 8.21 3.91
CA ALA A 120 11.07 7.32 3.45
C ALA A 120 12.37 8.06 3.06
N ARG A 121 12.27 9.33 2.64
CA ARG A 121 13.42 10.22 2.38
C ARG A 121 14.29 10.42 3.63
N GLN A 122 13.66 10.61 4.78
CA GLN A 122 14.30 10.76 6.09
C GLN A 122 14.64 9.41 6.75
N GLU A 123 13.77 8.42 6.58
CA GLU A 123 13.87 7.05 7.14
C GLU A 123 14.83 6.13 6.33
N LYS A 124 15.46 6.66 5.27
CA LYS A 124 16.34 5.97 4.32
C LYS A 124 17.41 5.08 4.98
N LYS A 125 17.58 3.87 4.44
CA LYS A 125 18.64 2.90 4.73
C LYS A 125 19.06 2.16 3.46
N GLU A 126 20.25 1.57 3.45
CA GLU A 126 20.77 0.72 2.37
C GLU A 126 21.02 -0.75 2.82
N LYS A 127 21.44 -0.94 4.07
CA LYS A 127 21.80 -2.21 4.74
C LYS A 127 23.00 -2.98 4.15
N GLY A 128 23.08 -3.10 2.83
CA GLY A 128 24.19 -3.73 2.09
C GLY A 128 23.92 -3.86 0.58
N SER A 129 24.98 -4.15 -0.18
CA SER A 129 25.00 -4.22 -1.66
C SER A 129 24.57 -2.92 -2.36
N LEU A 130 24.51 -2.95 -3.70
CA LEU A 130 24.15 -1.84 -4.59
C LEU A 130 23.43 -2.35 -5.85
N GLU A 131 22.54 -1.53 -6.42
CA GLU A 131 21.78 -1.83 -7.64
C GLU A 131 21.91 -0.75 -8.72
N HIS A 132 21.64 -1.12 -9.98
CA HIS A 132 21.66 -0.25 -11.15
C HIS A 132 20.58 -0.67 -12.16
N HIS A 133 19.67 0.24 -12.51
CA HIS A 133 18.54 -0.02 -13.40
C HIS A 133 18.76 0.52 -14.83
N HIS A 134 18.39 -0.26 -15.84
CA HIS A 134 18.49 0.07 -17.26
C HIS A 134 17.37 1.00 -17.76
N HIS A 135 17.60 1.70 -18.88
CA HIS A 135 16.55 2.43 -19.59
C HIS A 135 15.63 1.45 -20.35
N HIS A 136 14.32 1.60 -20.20
CA HIS A 136 13.31 0.70 -20.79
C HIS A 136 13.07 0.95 -22.28
N HIS A 137 12.54 -0.07 -22.98
CA HIS A 137 12.23 -0.07 -24.42
C HIS A 137 10.90 -0.80 -24.70
N GLY A 1 -14.09 -16.89 1.60
CA GLY A 1 -15.46 -16.97 1.06
C GLY A 1 -15.94 -15.62 0.56
N ASP A 2 -17.16 -15.23 0.94
CA ASP A 2 -17.87 -14.05 0.39
C ASP A 2 -18.55 -13.17 1.47
N GLU A 3 -18.07 -13.25 2.72
CA GLU A 3 -18.56 -12.41 3.83
C GLU A 3 -18.08 -10.95 3.73
N ASP A 4 -18.67 -10.05 4.53
CA ASP A 4 -18.35 -8.62 4.56
C ASP A 4 -16.85 -8.38 4.84
N LYS A 5 -16.23 -7.46 4.06
CA LYS A 5 -14.78 -7.23 3.91
C LYS A 5 -13.99 -8.43 3.37
N GLU A 6 -14.31 -9.67 3.77
CA GLU A 6 -13.63 -10.89 3.33
C GLU A 6 -13.72 -11.12 1.81
N LYS A 7 -14.87 -10.81 1.20
CA LYS A 7 -15.09 -10.81 -0.25
C LYS A 7 -14.11 -9.94 -1.04
N LEU A 8 -13.69 -8.83 -0.43
CA LEU A 8 -12.65 -7.94 -0.96
C LEU A 8 -11.23 -8.37 -0.56
N LYS A 9 -11.05 -8.90 0.65
CA LYS A 9 -9.74 -9.35 1.18
C LYS A 9 -9.04 -10.33 0.22
N ARG A 10 -9.80 -11.29 -0.32
CA ARG A 10 -9.33 -12.28 -1.31
C ARG A 10 -8.92 -11.67 -2.67
N GLU A 11 -9.51 -10.54 -3.06
CA GLU A 11 -9.13 -9.78 -4.26
C GLU A 11 -7.95 -8.82 -4.01
N ALA A 12 -7.84 -8.27 -2.79
CA ALA A 12 -6.75 -7.39 -2.41
C ALA A 12 -5.42 -8.13 -2.26
N GLU A 13 -5.40 -9.31 -1.63
CA GLU A 13 -4.15 -10.07 -1.39
C GLU A 13 -3.34 -10.32 -2.67
N ARG A 14 -4.05 -10.45 -3.81
CA ARG A 14 -3.48 -10.54 -5.16
C ARG A 14 -2.89 -9.24 -5.65
N ALA A 15 -3.53 -8.11 -5.35
CA ALA A 15 -3.09 -6.77 -5.76
C ALA A 15 -1.66 -6.47 -5.26
N LEU A 16 -1.35 -6.82 -4.01
CA LEU A 16 0.01 -6.75 -3.47
C LEU A 16 0.93 -7.80 -4.10
N SER A 17 0.43 -9.00 -4.37
CA SER A 17 1.20 -10.10 -4.98
C SER A 17 1.75 -9.73 -6.36
N GLU A 18 0.93 -9.04 -7.15
CA GLU A 18 1.30 -8.58 -8.50
C GLU A 18 2.06 -7.25 -8.51
N ALA A 19 1.69 -6.31 -7.65
CA ALA A 19 2.41 -5.04 -7.50
C ALA A 19 3.84 -5.24 -6.99
N LEU A 20 3.99 -5.89 -5.84
CA LEU A 20 5.28 -6.12 -5.20
C LEU A 20 5.91 -7.44 -5.67
N SER A 21 5.49 -7.94 -6.84
CA SER A 21 6.08 -9.08 -7.53
C SER A 21 7.60 -8.90 -7.70
N GLU A 22 8.03 -7.68 -8.05
CA GLU A 22 9.45 -7.32 -8.21
C GLU A 22 10.26 -7.48 -6.90
N PHE A 23 9.63 -7.20 -5.76
CA PHE A 23 10.26 -7.26 -4.44
C PHE A 23 10.29 -8.70 -3.90
N GLU A 24 9.24 -9.49 -4.13
CA GLU A 24 9.21 -10.92 -3.79
C GLU A 24 10.16 -11.74 -4.68
N LYS A 25 10.25 -11.41 -5.98
CA LYS A 25 11.23 -11.97 -6.95
C LYS A 25 12.68 -11.75 -6.50
N GLN A 26 12.96 -10.58 -5.94
CA GLN A 26 14.26 -10.20 -5.36
C GLN A 26 14.50 -10.77 -3.96
N GLY A 27 13.49 -11.36 -3.31
CA GLY A 27 13.57 -11.83 -1.92
C GLY A 27 13.57 -10.70 -0.88
N LYS A 28 13.16 -9.49 -1.26
CA LYS A 28 12.99 -8.36 -0.33
C LYS A 28 11.75 -8.54 0.55
N ILE A 29 10.67 -9.07 -0.02
CA ILE A 29 9.36 -9.20 0.67
C ILE A 29 8.80 -10.63 0.67
N THR A 30 7.89 -10.94 1.59
CA THR A 30 7.28 -12.28 1.77
C THR A 30 5.80 -12.29 1.37
N PRO A 31 5.25 -13.42 0.87
CA PRO A 31 3.84 -13.52 0.47
C PRO A 31 2.88 -13.35 1.67
N GLU A 32 3.29 -13.77 2.87
CA GLU A 32 2.51 -13.57 4.11
C GLU A 32 2.41 -12.08 4.48
N THR A 33 3.47 -11.29 4.26
CA THR A 33 3.40 -9.83 4.41
C THR A 33 2.56 -9.20 3.31
N LEU A 34 2.70 -9.62 2.06
CA LEU A 34 1.88 -9.08 0.97
C LEU A 34 0.37 -9.27 1.23
N LYS A 35 -0.03 -10.37 1.87
CA LYS A 35 -1.41 -10.57 2.36
C LYS A 35 -1.76 -9.54 3.43
N ARG A 36 -0.92 -9.36 4.47
CA ARG A 36 -1.18 -8.44 5.61
C ARG A 36 -1.44 -7.00 5.15
N LEU A 37 -0.65 -6.53 4.18
CA LEU A 37 -0.80 -5.21 3.58
C LEU A 37 -2.15 -5.06 2.87
N ALA A 38 -2.56 -6.06 2.09
CA ALA A 38 -3.81 -6.02 1.36
C ALA A 38 -5.08 -6.22 2.21
N GLU A 39 -4.97 -6.88 3.38
CA GLU A 39 -6.09 -6.91 4.35
C GLU A 39 -6.59 -5.49 4.72
N GLU A 40 -5.68 -4.51 4.78
CA GLU A 40 -6.01 -3.10 5.03
C GLU A 40 -6.63 -2.41 3.80
N ILE A 41 -6.25 -2.82 2.58
CA ILE A 41 -6.87 -2.37 1.32
C ILE A 41 -8.33 -2.76 1.25
N ALA A 42 -8.67 -4.00 1.60
CA ALA A 42 -10.05 -4.47 1.55
C ALA A 42 -10.98 -3.65 2.44
N GLU A 43 -10.52 -3.27 3.63
CA GLU A 43 -11.26 -2.36 4.54
C GLU A 43 -11.45 -0.96 3.91
N ALA A 44 -10.41 -0.43 3.26
CA ALA A 44 -10.45 0.89 2.62
C ALA A 44 -11.37 0.90 1.39
N ALA A 45 -11.29 -0.13 0.56
CA ALA A 45 -12.11 -0.30 -0.62
C ALA A 45 -13.61 -0.50 -0.28
N LEU A 46 -13.92 -1.21 0.82
CA LEU A 46 -15.29 -1.33 1.34
C LEU A 46 -15.84 0.02 1.85
N ALA A 47 -14.97 0.87 2.42
CA ALA A 47 -15.33 2.23 2.80
C ALA A 47 -15.66 3.14 1.59
N GLN A 48 -15.02 2.91 0.44
CA GLN A 48 -15.21 3.73 -0.78
C GLN A 48 -16.59 3.53 -1.44
N GLN A 49 -17.19 2.33 -1.36
CA GLN A 49 -18.57 2.13 -1.84
C GLN A 49 -19.62 2.82 -0.95
N GLN A 50 -19.31 3.01 0.34
CA GLN A 50 -20.16 3.75 1.29
C GLN A 50 -19.82 5.26 1.38
N GLY A 51 -18.64 5.68 0.91
CA GLY A 51 -18.16 7.06 0.97
C GLY A 51 -17.65 7.51 2.35
N ASP A 52 -17.15 6.59 3.19
CA ASP A 52 -16.71 6.87 4.56
C ASP A 52 -15.27 7.42 4.59
N SER A 53 -15.11 8.73 4.38
CA SER A 53 -13.80 9.37 4.18
C SER A 53 -12.78 9.09 5.30
N GLU A 54 -13.19 9.13 6.56
CA GLU A 54 -12.28 8.91 7.70
C GLU A 54 -11.64 7.50 7.71
N ARG A 55 -12.34 6.49 7.18
CA ARG A 55 -11.85 5.11 7.12
C ARG A 55 -10.72 4.94 6.12
N LEU A 56 -10.83 5.61 4.98
CA LEU A 56 -9.83 5.59 3.92
C LEU A 56 -8.50 6.12 4.45
N GLU A 57 -8.54 7.23 5.17
CA GLU A 57 -7.34 7.87 5.71
C GLU A 57 -6.64 6.96 6.72
N LYS A 58 -7.41 6.43 7.70
CA LYS A 58 -6.88 5.53 8.73
C LYS A 58 -6.34 4.22 8.14
N ALA A 59 -7.10 3.54 7.28
CA ALA A 59 -6.70 2.26 6.70
C ALA A 59 -5.53 2.39 5.71
N ALA A 60 -5.48 3.47 4.91
CA ALA A 60 -4.37 3.75 4.00
C ALA A 60 -3.07 4.09 4.75
N ARG A 61 -3.16 4.86 5.84
CA ARG A 61 -2.01 5.19 6.71
C ARG A 61 -1.51 3.92 7.40
N ARG A 62 -2.40 3.11 7.99
CA ARG A 62 -2.09 1.81 8.60
C ARG A 62 -1.34 0.88 7.62
N PHE A 63 -1.82 0.79 6.38
CA PHE A 63 -1.20 0.04 5.28
C PHE A 63 0.22 0.53 4.98
N ALA A 64 0.37 1.83 4.76
CA ALA A 64 1.65 2.42 4.37
C ALA A 64 2.68 2.32 5.51
N GLU A 65 2.25 2.43 6.76
CA GLU A 65 3.12 2.27 7.94
C GLU A 65 3.71 0.87 8.03
N THR A 66 2.93 -0.20 7.87
CA THR A 66 3.45 -1.59 7.89
C THR A 66 4.21 -1.93 6.62
N LEU A 67 3.80 -1.40 5.46
CA LEU A 67 4.48 -1.63 4.20
C LEU A 67 5.92 -1.11 4.26
N LEU A 68 6.09 0.12 4.74
CA LEU A 68 7.41 0.72 4.96
C LEU A 68 8.33 -0.16 5.80
N ARG A 69 7.82 -0.84 6.85
CA ARG A 69 8.67 -1.75 7.65
C ARG A 69 9.12 -2.95 6.81
N ALA A 70 8.22 -3.58 6.06
CA ALA A 70 8.56 -4.73 5.23
C ALA A 70 9.63 -4.42 4.17
N LEU A 71 9.58 -3.20 3.63
CA LEU A 71 10.57 -2.71 2.67
C LEU A 71 11.90 -2.38 3.38
N LYS A 72 11.85 -1.64 4.50
CA LYS A 72 13.05 -1.22 5.26
C LYS A 72 13.80 -2.43 5.87
N GLU A 73 13.08 -3.48 6.27
CA GLU A 73 13.64 -4.77 6.70
C GLU A 73 14.57 -5.39 5.64
N SER A 74 14.27 -5.14 4.37
CA SER A 74 15.06 -5.58 3.22
C SER A 74 16.25 -4.67 2.87
N GLY A 75 16.46 -3.60 3.65
CA GLY A 75 17.46 -2.56 3.39
C GLY A 75 17.01 -1.48 2.39
N ALA A 76 15.71 -1.35 2.11
CA ALA A 76 15.21 -0.38 1.13
C ALA A 76 15.39 1.10 1.58
N SER A 77 15.59 1.98 0.59
CA SER A 77 15.67 3.45 0.75
C SER A 77 14.50 4.12 0.03
N ALA A 78 14.35 5.45 0.16
CA ALA A 78 13.20 6.21 -0.36
C ALA A 78 12.89 5.93 -1.85
N GLU A 79 13.91 5.68 -2.66
CA GLU A 79 13.83 5.29 -4.07
C GLU A 79 13.17 3.93 -4.33
N GLU A 80 13.35 2.95 -3.44
CA GLU A 80 12.68 1.65 -3.48
C GLU A 80 11.27 1.74 -2.90
N ILE A 81 11.09 2.48 -1.79
CA ILE A 81 9.78 2.74 -1.18
C ILE A 81 8.85 3.42 -2.22
N GLU A 82 9.30 4.48 -2.89
CA GLU A 82 8.47 5.21 -3.85
C GLU A 82 8.10 4.38 -5.09
N GLU A 83 8.95 3.44 -5.48
CA GLU A 83 8.66 2.46 -6.54
C GLU A 83 7.65 1.40 -6.07
N ALA A 84 7.71 0.97 -4.80
CA ALA A 84 6.83 -0.06 -4.27
C ALA A 84 5.37 0.40 -4.19
N ILE A 85 5.11 1.55 -3.57
CA ILE A 85 3.73 2.06 -3.37
C ILE A 85 3.02 2.30 -4.71
N GLU A 86 3.77 2.78 -5.70
CA GLU A 86 3.25 3.07 -7.05
C GLU A 86 2.67 1.83 -7.72
N ARG A 87 3.29 0.65 -7.52
CA ARG A 87 2.83 -0.62 -8.07
C ARG A 87 1.47 -1.00 -7.51
N ILE A 88 1.22 -0.82 -6.20
CA ILE A 88 -0.12 -1.04 -5.60
C ILE A 88 -1.12 -0.11 -6.26
N ARG A 89 -0.80 1.17 -6.47
CA ARG A 89 -1.70 2.13 -7.11
C ARG A 89 -2.11 1.69 -8.52
N LYS A 90 -1.19 1.09 -9.30
CA LYS A 90 -1.52 0.55 -10.63
C LYS A 90 -2.33 -0.74 -10.53
N ALA A 91 -1.99 -1.64 -9.61
CA ALA A 91 -2.71 -2.89 -9.38
C ALA A 91 -4.14 -2.65 -8.89
N LEU A 92 -4.34 -1.63 -8.07
CA LEU A 92 -5.65 -1.18 -7.62
C LEU A 92 -6.43 -0.53 -8.77
N SER A 93 -5.78 0.33 -9.57
CA SER A 93 -6.39 1.04 -10.71
C SER A 93 -6.79 0.09 -11.85
N LYS A 94 -6.08 -1.04 -11.95
CA LYS A 94 -6.32 -2.14 -12.91
C LYS A 94 -7.01 -3.36 -12.27
N ALA A 95 -7.49 -3.24 -11.03
CA ALA A 95 -8.01 -4.37 -10.25
C ALA A 95 -9.28 -5.01 -10.88
N PRO A 96 -9.56 -6.29 -10.60
CA PRO A 96 -10.83 -6.93 -10.97
C PRO A 96 -12.04 -6.37 -10.20
N SER A 97 -11.84 -5.87 -8.98
CA SER A 97 -12.88 -5.24 -8.16
C SER A 97 -13.09 -3.76 -8.52
N PRO A 98 -14.35 -3.29 -8.62
CA PRO A 98 -14.67 -1.87 -8.76
C PRO A 98 -14.40 -1.07 -7.47
N GLN A 99 -14.51 -1.69 -6.29
CA GLN A 99 -14.15 -1.05 -5.02
C GLN A 99 -12.64 -0.78 -4.95
N LEU A 100 -11.81 -1.70 -5.45
CA LEU A 100 -10.35 -1.49 -5.52
C LEU A 100 -9.96 -0.44 -6.58
N GLN A 101 -10.70 -0.37 -7.70
CA GLN A 101 -10.52 0.69 -8.71
C GLN A 101 -10.87 2.09 -8.15
N LYS A 102 -11.96 2.21 -7.38
CA LYS A 102 -12.31 3.45 -6.67
C LYS A 102 -11.30 3.83 -5.59
N LEU A 103 -10.67 2.85 -4.93
CA LEU A 103 -9.62 3.07 -3.94
C LEU A 103 -8.36 3.69 -4.57
N ALA A 104 -7.90 3.18 -5.72
CA ALA A 104 -6.74 3.73 -6.43
C ALA A 104 -6.92 5.21 -6.80
N ASN A 105 -8.16 5.62 -7.07
CA ASN A 105 -8.54 6.99 -7.44
C ASN A 105 -9.02 7.83 -6.24
N SER A 106 -8.96 7.31 -5.01
CA SER A 106 -9.44 7.98 -3.80
C SER A 106 -8.40 8.97 -3.29
N PRO A 107 -8.76 10.25 -3.03
CA PRO A 107 -7.83 11.23 -2.47
C PRO A 107 -7.49 10.92 -1.01
N GLN A 108 -8.43 10.37 -0.25
CA GLN A 108 -8.24 10.12 1.18
C GLN A 108 -7.18 9.02 1.41
N TRP A 109 -7.23 7.99 0.56
CA TRP A 109 -6.21 6.93 0.48
C TRP A 109 -4.89 7.46 -0.14
N GLN A 110 -4.94 8.12 -1.30
CA GLN A 110 -3.73 8.61 -1.99
C GLN A 110 -2.94 9.65 -1.16
N THR A 111 -3.61 10.46 -0.33
CA THR A 111 -2.95 11.42 0.57
C THR A 111 -2.11 10.69 1.63
N ALA A 112 -2.65 9.62 2.24
CA ALA A 112 -1.93 8.82 3.24
C ALA A 112 -0.65 8.18 2.67
N LEU A 113 -0.67 7.83 1.38
CA LEU A 113 0.51 7.31 0.68
C LEU A 113 1.65 8.33 0.63
N GLN A 114 1.35 9.62 0.41
CA GLN A 114 2.37 10.67 0.34
C GLN A 114 3.18 10.77 1.65
N GLU A 115 2.50 10.58 2.78
CA GLU A 115 3.10 10.61 4.12
C GLU A 115 4.13 9.50 4.29
N ALA A 116 3.94 8.37 3.61
CA ALA A 116 4.86 7.25 3.66
C ALA A 116 6.13 7.46 2.83
N ILE A 117 6.02 7.98 1.61
CA ILE A 117 7.19 8.30 0.78
C ILE A 117 8.02 9.42 1.40
N LYS A 118 7.39 10.49 1.89
CA LYS A 118 8.12 11.57 2.58
C LYS A 118 8.73 11.11 3.90
N LYS A 119 8.12 10.17 4.63
CA LYS A 119 8.74 9.50 5.81
C LYS A 119 10.01 8.73 5.43
N ALA A 120 10.02 8.01 4.30
CA ALA A 120 11.22 7.32 3.82
C ALA A 120 12.31 8.31 3.36
N ARG A 121 11.94 9.44 2.75
CA ARG A 121 12.88 10.54 2.42
C ARG A 121 13.47 11.21 3.65
N GLN A 122 12.71 11.34 4.75
CA GLN A 122 13.22 11.85 6.05
C GLN A 122 14.34 10.97 6.66
N GLU A 123 14.47 9.70 6.27
CA GLU A 123 15.61 8.85 6.66
C GLU A 123 16.92 9.21 5.94
N LYS A 124 16.83 9.94 4.80
CA LYS A 124 17.96 10.37 3.96
C LYS A 124 18.27 11.87 4.11
N LYS A 125 17.23 12.71 4.22
CA LYS A 125 17.30 14.18 4.29
C LYS A 125 17.98 14.68 5.57
N GLU A 126 18.92 15.62 5.43
CA GLU A 126 19.51 16.35 6.53
C GLU A 126 18.60 17.53 6.96
N LYS A 127 18.33 17.66 8.26
CA LYS A 127 17.46 18.70 8.84
C LYS A 127 17.95 19.15 10.23
N GLY A 128 17.81 20.44 10.52
CA GLY A 128 18.07 21.04 11.84
C GLY A 128 16.81 21.22 12.71
N SER A 129 17.02 21.44 14.01
CA SER A 129 15.98 21.79 14.98
C SER A 129 15.77 23.31 15.08
N LEU A 130 14.57 23.74 15.51
CA LEU A 130 14.25 25.16 15.71
C LEU A 130 14.98 25.71 16.95
N GLU A 131 15.70 26.82 16.79
CA GLU A 131 16.50 27.42 17.86
C GLU A 131 15.63 28.02 18.98
N HIS A 132 16.05 27.83 20.23
CA HIS A 132 15.31 28.21 21.46
C HIS A 132 13.87 27.63 21.58
N HIS A 133 13.53 26.59 20.80
CA HIS A 133 12.22 25.92 20.77
C HIS A 133 12.32 24.41 21.11
N HIS A 134 13.24 24.06 22.01
CA HIS A 134 13.39 22.70 22.55
C HIS A 134 12.16 22.27 23.40
N HIS A 135 11.93 20.95 23.52
CA HIS A 135 10.75 20.37 24.17
C HIS A 135 10.64 20.71 25.68
N HIS A 136 11.79 20.84 26.36
CA HIS A 136 11.88 21.15 27.80
C HIS A 136 13.01 22.15 28.09
N HIS A 137 12.91 22.87 29.22
CA HIS A 137 13.87 23.86 29.70
C HIS A 137 14.55 23.46 31.03
#